data_8P4Q
#
_entry.id   8P4Q
#
_cell.length_a   123.980
_cell.length_b   131.680
_cell.length_c   182.495
_cell.angle_alpha   90.000
_cell.angle_beta   90.000
_cell.angle_gamma   90.000
#
_symmetry.space_group_name_H-M   'P 21 21 21'
#
loop_
_entity.id
_entity.type
_entity.pdbx_description
1 polymer 'IMP dehydrogenase subunit'
2 non-polymer 'INOSINIC ACID'
3 non-polymer "XANTHOSINE-5'-MONOPHOSPHATE"
4 water water
#
_entity_poly.entity_id   1
_entity_poly.type   'polypeptide(L)'
_entity_poly.pdbx_seq_one_letter_code
;GSHMNITIGRGKTARRAYGIDEIALVPGVRTLDPALADTRWKVGAIEREIPIIASAMDGVVDSRMAVLLSELGALGVVNL
EGIQTRYEDPNPILDRIASVGKTEFVGLMQELYAEPIKPELITKRIQEIQAAGGIAAVSLTPVGASKYASTVAEAGADLL
FIQATVVSTAHLSPESVESLDLVKLCQEMPMPVVLGNCVTYEVSLELMRAGAAAVLVGIGPGAACTSRGVLGVGVPQPTA
IADCAAARDDYLQETGRYVPVIADGGIITGGDICKCIACGADAVMIGSPIARAAEAPGRGFHWGMATPSPVLPRGTRINV
GTTGTIREILVGPAKLDDGTHNLLGAIKTSMGTLGAKDMKEMQQVDVVIAPSLLTEGKVYQKAQQLGMGK
;
_entity_poly.pdbx_strand_id   A,B,C,D,E,F,G,H
#
# COMPACT_ATOMS: atom_id res chain seq x y z
N GLY A 1 -17.49 -4.97 10.52
CA GLY A 1 -16.20 -4.24 10.51
C GLY A 1 -15.03 -5.18 10.37
N SER A 2 -13.91 -4.60 9.90
CA SER A 2 -12.68 -5.36 9.69
C SER A 2 -11.50 -4.40 9.81
N HIS A 3 -10.33 -4.96 10.12
CA HIS A 3 -9.11 -4.16 10.17
C HIS A 3 -8.52 -3.88 8.80
N MET A 4 -9.08 -4.44 7.74
CA MET A 4 -8.70 -4.13 6.37
C MET A 4 -9.85 -3.35 5.76
N ASN A 5 -9.55 -2.17 5.20
CA ASN A 5 -10.57 -1.26 4.74
C ASN A 5 -10.12 -0.60 3.42
N ILE A 6 -10.11 -1.39 2.36
CA ILE A 6 -10.06 -0.83 1.01
C ILE A 6 -11.27 0.06 0.80
N THR A 7 -11.10 1.15 0.07
CA THR A 7 -12.17 2.12 -0.13
C THR A 7 -12.97 1.77 -1.38
N ILE A 8 -14.26 1.48 -1.20
CA ILE A 8 -15.17 1.43 -2.34
C ILE A 8 -15.61 2.83 -2.72
N GLY A 9 -16.08 3.59 -1.74
CA GLY A 9 -16.40 5.00 -1.90
C GLY A 9 -16.38 5.64 -0.53
N ARG A 10 -16.73 6.93 -0.51
CA ARG A 10 -16.80 7.64 0.76
C ARG A 10 -17.74 6.90 1.72
N GLY A 11 -17.21 6.56 2.89
CA GLY A 11 -18.01 5.91 3.91
C GLY A 11 -18.33 4.46 3.68
N LYS A 12 -17.74 3.82 2.66
CA LYS A 12 -17.94 2.40 2.42
C LYS A 12 -16.60 1.76 2.10
N THR A 13 -16.17 0.84 2.95
CA THR A 13 -14.90 0.14 2.81
C THR A 13 -15.16 -1.34 2.58
N ALA A 14 -14.08 -2.05 2.24
CA ALA A 14 -14.15 -3.49 1.99
C ALA A 14 -12.79 -4.09 2.26
N ARG A 15 -12.75 -5.42 2.35
CA ARG A 15 -11.49 -6.15 2.43
C ARG A 15 -11.40 -7.11 1.26
N ARG A 16 -10.18 -7.32 0.78
CA ARG A 16 -9.93 -8.20 -0.36
C ARG A 16 -10.00 -9.64 0.10
N ALA A 17 -10.75 -10.45 -0.65
CA ALA A 17 -10.85 -11.89 -0.44
C ALA A 17 -10.43 -12.60 -1.72
N TYR A 18 -9.69 -13.70 -1.56
CA TYR A 18 -9.07 -14.41 -2.67
C TYR A 18 -9.73 -15.76 -2.91
N GLY A 19 -9.93 -16.09 -4.18
CA GLY A 19 -10.56 -17.34 -4.56
C GLY A 19 -9.56 -18.45 -4.82
N ILE A 20 -10.10 -19.67 -4.91
CA ILE A 20 -9.29 -20.84 -5.19
C ILE A 20 -8.47 -20.62 -6.47
N ASP A 21 -9.07 -19.98 -7.46
CA ASP A 21 -8.44 -19.78 -8.75
C ASP A 21 -7.41 -18.64 -8.74
N GLU A 22 -7.15 -18.02 -7.59
CA GLU A 22 -6.21 -16.92 -7.51
C GLU A 22 -4.91 -17.27 -6.79
N ILE A 23 -4.80 -18.47 -6.21
CA ILE A 23 -3.66 -18.79 -5.37
C ILE A 23 -2.96 -20.04 -5.92
N ALA A 24 -1.74 -20.25 -5.43
CA ALA A 24 -0.93 -21.41 -5.79
C ALA A 24 0.02 -21.71 -4.62
N LEU A 25 0.52 -22.94 -4.60
CA LEU A 25 1.37 -23.42 -3.53
C LEU A 25 2.83 -23.43 -3.94
N VAL A 26 3.70 -23.07 -3.02
CA VAL A 26 5.13 -22.88 -3.27
C VAL A 26 5.89 -24.02 -2.60
N PRO A 27 6.82 -24.68 -3.29
CA PRO A 27 7.66 -25.67 -2.62
C PRO A 27 8.38 -25.07 -1.42
N GLY A 28 8.66 -25.93 -0.45
CA GLY A 28 9.36 -25.57 0.75
C GLY A 28 10.82 -25.91 0.70
N VAL A 29 11.38 -26.29 1.85
CA VAL A 29 12.81 -26.57 1.93
C VAL A 29 13.14 -28.00 1.52
N ARG A 30 12.16 -28.90 1.51
CA ARG A 30 12.41 -30.30 1.22
C ARG A 30 11.25 -30.89 0.44
N THR A 31 11.52 -32.01 -0.23
CA THR A 31 10.51 -32.87 -0.82
C THR A 31 10.44 -34.18 -0.06
N LEU A 32 9.38 -34.95 -0.28
CA LEU A 32 9.26 -36.27 0.35
C LEU A 32 8.46 -37.19 -0.55
N ASP A 33 8.67 -38.47 -0.36
CA ASP A 33 7.99 -39.48 -1.15
C ASP A 33 6.49 -39.47 -0.84
N PRO A 34 5.62 -39.41 -1.86
CA PRO A 34 4.18 -39.32 -1.57
C PRO A 34 3.68 -40.45 -0.67
N ALA A 35 4.31 -41.62 -0.71
CA ALA A 35 3.85 -42.71 0.15
C ALA A 35 3.94 -42.37 1.62
N LEU A 36 4.76 -41.39 1.99
CA LEU A 36 4.91 -40.98 3.37
C LEU A 36 3.91 -39.92 3.81
N ALA A 37 3.12 -39.39 2.90
CA ALA A 37 2.21 -38.29 3.21
C ALA A 37 1.00 -38.81 3.96
N ASP A 38 0.80 -38.32 5.18
CA ASP A 38 -0.31 -38.71 6.03
C ASP A 38 -1.49 -37.77 5.79
N THR A 39 -2.58 -38.31 5.27
CA THR A 39 -3.73 -37.52 4.87
C THR A 39 -4.92 -37.67 5.81
N ARG A 40 -4.72 -38.28 6.98
CA ARG A 40 -5.84 -38.57 7.86
C ARG A 40 -6.46 -37.29 8.44
N TRP A 41 -7.75 -37.39 8.76
CA TRP A 41 -8.44 -36.41 9.58
C TRP A 41 -9.37 -37.16 10.53
N LYS A 42 -9.98 -36.42 11.45
CA LYS A 42 -10.83 -37.02 12.46
C LYS A 42 -11.96 -36.08 12.84
N VAL A 43 -13.17 -36.63 12.94
CA VAL A 43 -14.33 -35.90 13.43
C VAL A 43 -14.98 -36.74 14.52
N GLY A 44 -15.18 -36.14 15.69
CA GLY A 44 -15.61 -36.94 16.84
C GLY A 44 -14.57 -38.01 17.15
N ALA A 45 -15.02 -39.25 17.22
CA ALA A 45 -14.11 -40.38 17.39
C ALA A 45 -13.89 -41.17 16.10
N ILE A 46 -14.30 -40.61 14.96
CA ILE A 46 -14.23 -41.32 13.68
C ILE A 46 -12.99 -40.84 12.94
N GLU A 47 -12.02 -41.73 12.79
CA GLU A 47 -10.84 -41.45 11.98
C GLU A 47 -11.08 -41.88 10.54
N ARG A 48 -10.59 -41.08 9.60
CA ARG A 48 -10.75 -41.35 8.17
C ARG A 48 -9.41 -41.14 7.47
N GLU A 49 -9.03 -42.11 6.63
CA GLU A 49 -7.79 -42.00 5.88
C GLU A 49 -7.90 -40.98 4.75
N ILE A 50 -9.06 -40.83 4.15
CA ILE A 50 -9.27 -39.91 3.04
C ILE A 50 -9.99 -38.67 3.59
N PRO A 51 -9.39 -37.46 3.51
CA PRO A 51 -10.00 -36.25 4.06
C PRO A 51 -11.05 -35.62 3.15
N ILE A 52 -12.00 -36.44 2.68
CA ILE A 52 -13.03 -36.02 1.74
C ILE A 52 -14.38 -36.48 2.24
N ILE A 53 -15.37 -35.61 2.17
CA ILE A 53 -16.75 -35.93 2.49
C ILE A 53 -17.61 -35.62 1.26
N ALA A 54 -18.45 -36.57 0.87
CA ALA A 54 -19.37 -36.33 -0.23
C ALA A 54 -20.52 -35.45 0.25
N SER A 55 -20.82 -34.41 -0.51
CA SER A 55 -21.87 -33.47 -0.13
C SER A 55 -23.22 -34.18 -0.01
N ALA A 56 -24.06 -33.62 0.86
CA ALA A 56 -25.43 -34.12 1.08
C ALA A 56 -26.31 -33.61 -0.05
N MET A 57 -26.17 -34.25 -1.21
CA MET A 57 -26.85 -33.83 -2.43
C MET A 57 -27.36 -35.05 -3.16
N ASP A 58 -28.58 -34.95 -3.71
CA ASP A 58 -29.27 -36.13 -4.21
C ASP A 58 -28.63 -36.70 -5.47
N GLY A 59 -27.86 -35.90 -6.19
CA GLY A 59 -27.10 -36.44 -7.30
C GLY A 59 -25.80 -37.11 -6.91
N VAL A 60 -25.41 -36.99 -5.64
CA VAL A 60 -24.11 -37.41 -5.18
C VAL A 60 -24.20 -38.65 -4.29
N VAL A 61 -25.05 -38.61 -3.27
CA VAL A 61 -25.05 -39.62 -2.22
C VAL A 61 -26.43 -40.23 -2.10
N ASP A 62 -26.50 -41.56 -2.25
CA ASP A 62 -27.60 -42.38 -1.79
C ASP A 62 -27.02 -43.39 -0.81
N SER A 63 -27.85 -44.35 -0.39
CA SER A 63 -27.40 -45.32 0.60
C SER A 63 -26.20 -46.11 0.09
N ARG A 64 -26.23 -46.53 -1.18
CA ARG A 64 -25.12 -47.30 -1.71
C ARG A 64 -23.84 -46.46 -1.73
N MET A 65 -23.92 -45.22 -2.23
CA MET A 65 -22.73 -44.38 -2.27
C MET A 65 -22.15 -44.15 -0.88
N ALA A 66 -23.02 -43.91 0.11
CA ALA A 66 -22.55 -43.70 1.47
C ALA A 66 -21.72 -44.89 1.94
N VAL A 67 -22.14 -46.11 1.60
CA VAL A 67 -21.41 -47.29 2.01
C VAL A 67 -20.09 -47.40 1.24
N LEU A 68 -20.15 -47.20 -0.08
CA LEU A 68 -18.93 -47.27 -0.88
C LEU A 68 -17.89 -46.28 -0.40
N LEU A 69 -18.31 -45.05 -0.09
CA LEU A 69 -17.38 -44.04 0.40
C LEU A 69 -16.76 -44.45 1.73
N SER A 70 -17.59 -44.99 2.64
CA SER A 70 -17.09 -45.42 3.94
CA SER A 70 -17.08 -45.43 3.94
C SER A 70 -16.05 -46.53 3.78
N GLU A 71 -16.31 -47.48 2.88
CA GLU A 71 -15.38 -48.58 2.66
C GLU A 71 -14.03 -48.08 2.13
N LEU A 72 -14.04 -47.03 1.32
CA LEU A 72 -12.79 -46.53 0.76
C LEU A 72 -11.99 -45.68 1.74
N GLY A 73 -12.55 -45.35 2.89
CA GLY A 73 -11.90 -44.49 3.85
C GLY A 73 -12.40 -43.07 3.87
N ALA A 74 -13.50 -42.78 3.19
CA ALA A 74 -14.08 -41.45 3.14
C ALA A 74 -15.43 -41.45 3.82
N LEU A 75 -16.27 -40.46 3.49
CA LEU A 75 -17.58 -40.33 4.09
C LEU A 75 -18.56 -39.77 3.07
N GLY A 76 -19.81 -40.14 3.23
CA GLY A 76 -20.88 -39.55 2.44
C GLY A 76 -22.06 -39.20 3.32
N VAL A 77 -22.67 -38.05 3.05
CA VAL A 77 -23.78 -37.54 3.85
C VAL A 77 -25.07 -37.65 3.04
N VAL A 78 -26.06 -38.31 3.62
CA VAL A 78 -27.40 -38.40 3.03
C VAL A 78 -28.22 -37.20 3.49
N ASN A 79 -28.79 -36.47 2.53
CA ASN A 79 -29.66 -35.33 2.85
C ASN A 79 -31.05 -35.84 3.22
N LEU A 80 -31.43 -35.67 4.49
CA LEU A 80 -32.70 -36.18 4.97
C LEU A 80 -33.90 -35.33 4.56
N GLU A 81 -33.70 -34.25 3.82
CA GLU A 81 -34.80 -33.46 3.29
C GLU A 81 -34.89 -33.55 1.78
N GLY A 82 -34.16 -34.48 1.17
CA GLY A 82 -34.22 -34.72 -0.25
C GLY A 82 -35.09 -35.90 -0.64
N ILE A 83 -34.82 -36.42 -1.84
CA ILE A 83 -35.65 -37.49 -2.40
C ILE A 83 -35.54 -38.76 -1.57
N GLN A 84 -34.42 -38.94 -0.85
CA GLN A 84 -34.20 -40.20 -0.16
C GLN A 84 -35.20 -40.42 0.97
N THR A 85 -35.72 -39.33 1.55
CA THR A 85 -36.72 -39.44 2.61
C THR A 85 -38.14 -39.09 2.14
N ARG A 86 -38.31 -38.62 0.91
CA ARG A 86 -39.64 -38.30 0.41
C ARG A 86 -40.24 -39.40 -0.45
N TYR A 87 -39.43 -40.33 -0.92
CA TYR A 87 -39.92 -41.43 -1.74
C TYR A 87 -39.29 -42.74 -1.29
N GLU A 88 -40.12 -43.78 -1.17
CA GLU A 88 -39.58 -45.11 -0.86
C GLU A 88 -38.64 -45.58 -1.97
N ASP A 89 -38.98 -45.29 -3.22
CA ASP A 89 -38.17 -45.66 -4.38
C ASP A 89 -37.64 -44.41 -5.06
N PRO A 90 -36.43 -43.96 -4.74
CA PRO A 90 -35.93 -42.72 -5.36
C PRO A 90 -35.49 -42.87 -6.81
N ASN A 91 -35.21 -44.09 -7.26
CA ASN A 91 -34.61 -44.25 -8.59
C ASN A 91 -35.48 -43.72 -9.72
N PRO A 92 -36.76 -44.07 -9.82
CA PRO A 92 -37.57 -43.47 -10.89
C PRO A 92 -37.62 -41.96 -10.82
N ILE A 93 -37.57 -41.39 -9.61
CA ILE A 93 -37.58 -39.94 -9.46
C ILE A 93 -36.27 -39.35 -9.96
N LEU A 94 -35.15 -39.95 -9.55
CA LEU A 94 -33.86 -39.49 -10.05
C LEU A 94 -33.76 -39.64 -11.55
N ASP A 95 -34.34 -40.71 -12.11
CA ASP A 95 -34.37 -40.87 -13.56
C ASP A 95 -35.05 -39.69 -14.23
N ARG A 96 -36.20 -39.28 -13.69
CA ARG A 96 -36.93 -38.16 -14.28
C ARG A 96 -36.13 -36.87 -14.21
N ILE A 97 -35.53 -36.61 -13.04
CA ILE A 97 -34.75 -35.39 -12.87
C ILE A 97 -33.60 -35.35 -13.88
N ALA A 98 -32.95 -36.48 -14.09
CA ALA A 98 -31.82 -36.54 -15.01
C ALA A 98 -32.25 -36.59 -16.47
N SER A 99 -33.49 -37.02 -16.74
CA SER A 99 -33.93 -37.21 -18.12
C SER A 99 -34.60 -35.98 -18.71
N VAL A 100 -35.09 -35.05 -17.90
CA VAL A 100 -35.82 -33.90 -18.43
C VAL A 100 -34.83 -32.90 -19.00
N GLY A 101 -35.33 -32.00 -19.86
CA GLY A 101 -34.48 -31.05 -20.54
C GLY A 101 -34.10 -29.86 -19.68
N LYS A 102 -33.21 -29.03 -20.25
CA LYS A 102 -32.63 -27.91 -19.50
C LYS A 102 -33.68 -26.87 -19.11
N THR A 103 -34.67 -26.65 -19.97
CA THR A 103 -35.66 -25.61 -19.66
C THR A 103 -36.75 -26.09 -18.72
N GLU A 104 -36.71 -27.35 -18.28
CA GLU A 104 -37.80 -27.94 -17.53
C GLU A 104 -37.43 -28.46 -16.15
N PHE A 105 -36.15 -28.62 -15.82
CA PHE A 105 -35.80 -29.32 -14.59
C PHE A 105 -36.17 -28.52 -13.34
N VAL A 106 -36.18 -27.18 -13.43
CA VAL A 106 -36.56 -26.40 -12.26
C VAL A 106 -38.01 -26.71 -11.88
N GLY A 107 -38.92 -26.57 -12.83
CA GLY A 107 -40.33 -26.82 -12.53
C GLY A 107 -40.60 -28.24 -12.09
N LEU A 108 -39.92 -29.21 -12.71
CA LEU A 108 -40.09 -30.60 -12.30
C LEU A 108 -39.63 -30.81 -10.87
N MET A 109 -38.45 -30.27 -10.52
CA MET A 109 -37.94 -30.45 -9.16
CA MET A 109 -37.93 -30.44 -9.16
C MET A 109 -38.82 -29.75 -8.15
N GLN A 110 -39.34 -28.57 -8.48
CA GLN A 110 -40.27 -27.89 -7.59
C GLN A 110 -41.48 -28.78 -7.28
N GLU A 111 -41.94 -29.55 -8.27
CA GLU A 111 -43.05 -30.47 -8.05
C GLU A 111 -42.60 -31.68 -7.25
N LEU A 112 -41.53 -32.36 -7.69
CA LEU A 112 -41.15 -33.63 -7.07
C LEU A 112 -40.76 -33.45 -5.61
N TYR A 113 -40.03 -32.38 -5.29
CA TYR A 113 -39.57 -32.18 -3.92
C TYR A 113 -40.68 -31.69 -2.99
N ALA A 114 -41.88 -31.43 -3.52
CA ALA A 114 -43.00 -31.08 -2.66
C ALA A 114 -43.62 -32.30 -1.97
N GLU A 115 -43.32 -33.50 -2.44
CA GLU A 115 -43.77 -34.71 -1.76
C GLU A 115 -43.28 -34.68 -0.31
N PRO A 116 -44.17 -34.87 0.67
CA PRO A 116 -43.75 -34.69 2.07
C PRO A 116 -42.69 -35.70 2.49
N ILE A 117 -41.87 -35.28 3.46
CA ILE A 117 -40.90 -36.18 4.07
C ILE A 117 -41.63 -37.26 4.85
N LYS A 118 -41.12 -38.49 4.74
CA LYS A 118 -41.62 -39.63 5.49
C LYS A 118 -40.64 -39.92 6.60
N PRO A 119 -40.94 -39.59 7.86
CA PRO A 119 -39.95 -39.78 8.93
C PRO A 119 -39.42 -41.20 9.04
N GLU A 120 -40.24 -42.20 8.73
CA GLU A 120 -39.78 -43.59 8.79
C GLU A 120 -38.62 -43.84 7.84
N LEU A 121 -38.55 -43.11 6.73
CA LEU A 121 -37.45 -43.31 5.80
C LEU A 121 -36.14 -42.77 6.35
N ILE A 122 -36.19 -41.76 7.23
CA ILE A 122 -34.99 -41.31 7.92
C ILE A 122 -34.34 -42.49 8.63
N THR A 123 -35.14 -43.21 9.43
CA THR A 123 -34.64 -44.40 10.12
C THR A 123 -34.15 -45.45 9.13
N LYS A 124 -34.91 -45.68 8.06
CA LYS A 124 -34.57 -46.73 7.10
C LYS A 124 -33.21 -46.47 6.45
N ARG A 125 -33.00 -45.25 5.95
CA ARG A 125 -31.73 -44.95 5.28
C ARG A 125 -30.56 -45.13 6.22
N ILE A 126 -30.66 -44.57 7.43
CA ILE A 126 -29.60 -44.71 8.42
C ILE A 126 -29.32 -46.18 8.69
N GLN A 127 -30.38 -46.96 8.90
CA GLN A 127 -30.19 -48.34 9.33
C GLN A 127 -29.68 -49.22 8.20
N GLU A 128 -30.13 -48.98 6.97
CA GLU A 128 -29.64 -49.79 5.85
C GLU A 128 -28.19 -49.47 5.51
N ILE A 129 -27.76 -48.22 5.73
CA ILE A 129 -26.36 -47.89 5.54
C ILE A 129 -25.50 -48.64 6.56
N GLN A 130 -25.90 -48.60 7.83
CA GLN A 130 -25.11 -49.26 8.87
C GLN A 130 -25.17 -50.77 8.73
N ALA A 131 -26.32 -51.33 8.35
CA ALA A 131 -26.42 -52.77 8.16
C ALA A 131 -25.46 -53.25 7.07
N ALA A 132 -25.20 -52.41 6.07
CA ALA A 132 -24.24 -52.74 5.03
C ALA A 132 -22.80 -52.44 5.44
N GLY A 133 -22.59 -52.02 6.68
CA GLY A 133 -21.25 -51.76 7.17
C GLY A 133 -20.74 -50.36 6.96
N GLY A 134 -21.61 -49.42 6.60
CA GLY A 134 -21.19 -48.07 6.31
C GLY A 134 -21.39 -47.14 7.49
N ILE A 135 -20.67 -46.02 7.46
CA ILE A 135 -20.85 -44.95 8.43
C ILE A 135 -22.04 -44.12 7.99
N ALA A 136 -23.03 -43.97 8.86
CA ALA A 136 -24.26 -43.25 8.52
C ALA A 136 -24.11 -41.80 8.93
N ALA A 137 -23.89 -40.94 7.95
CA ALA A 137 -23.85 -39.49 8.15
C ALA A 137 -25.04 -38.88 7.43
N VAL A 138 -25.78 -38.01 8.12
CA VAL A 138 -27.03 -37.46 7.60
C VAL A 138 -27.05 -35.96 7.86
N SER A 139 -27.79 -35.24 7.01
CA SER A 139 -27.88 -33.80 7.11
C SER A 139 -29.33 -33.35 7.26
N LEU A 140 -29.49 -32.24 7.98
CA LEU A 140 -30.76 -31.55 8.12
C LEU A 140 -30.48 -30.05 8.10
N THR A 141 -31.46 -29.28 7.62
CA THR A 141 -31.42 -27.85 7.81
C THR A 141 -31.78 -27.54 9.27
N PRO A 142 -31.47 -26.32 9.72
CA PRO A 142 -31.87 -25.95 11.10
C PRO A 142 -33.35 -26.19 11.38
N VAL A 143 -34.23 -25.79 10.46
CA VAL A 143 -35.66 -26.07 10.64
C VAL A 143 -35.91 -27.57 10.66
N GLY A 144 -35.23 -28.31 9.78
CA GLY A 144 -35.38 -29.75 9.78
C GLY A 144 -34.97 -30.39 11.10
N ALA A 145 -33.91 -29.86 11.72
CA ALA A 145 -33.44 -30.40 12.99
C ALA A 145 -34.48 -30.20 14.09
N SER A 146 -35.17 -29.06 14.09
CA SER A 146 -36.19 -28.83 15.10
C SER A 146 -37.29 -29.88 15.02
N LYS A 147 -37.49 -30.47 13.84
CA LYS A 147 -38.56 -31.43 13.64
C LYS A 147 -38.09 -32.88 13.72
N TYR A 148 -36.87 -33.19 13.25
CA TYR A 148 -36.48 -34.58 13.07
C TYR A 148 -35.20 -34.98 13.81
N ALA A 149 -34.58 -34.08 14.57
CA ALA A 149 -33.31 -34.42 15.21
C ALA A 149 -33.47 -35.62 16.14
N SER A 150 -34.59 -35.69 16.88
CA SER A 150 -34.80 -36.83 17.77
C SER A 150 -34.94 -38.12 17.00
N THR A 151 -35.54 -38.08 15.81
CA THR A 151 -35.62 -39.28 14.97
C THR A 151 -34.23 -39.77 14.59
N VAL A 152 -33.34 -38.84 14.24
CA VAL A 152 -31.97 -39.21 13.91
C VAL A 152 -31.28 -39.83 15.13
N ALA A 153 -31.48 -39.24 16.30
CA ALA A 153 -30.89 -39.79 17.52
C ALA A 153 -31.43 -41.19 17.81
N GLU A 154 -32.75 -41.36 17.74
CA GLU A 154 -33.34 -42.68 17.99
C GLU A 154 -32.84 -43.71 16.99
N ALA A 155 -32.63 -43.29 15.74
CA ALA A 155 -32.13 -44.20 14.71
C ALA A 155 -30.66 -44.56 14.91
N GLY A 156 -29.92 -43.73 15.63
CA GLY A 156 -28.52 -44.04 15.89
C GLY A 156 -27.55 -43.70 14.78
N ALA A 157 -27.75 -42.57 14.10
CA ALA A 157 -26.80 -42.15 13.09
C ALA A 157 -25.43 -41.90 13.71
N ASP A 158 -24.39 -42.11 12.90
CA ASP A 158 -23.03 -41.91 13.38
C ASP A 158 -22.63 -40.44 13.39
N LEU A 159 -23.14 -39.65 12.46
CA LEU A 159 -22.83 -38.23 12.37
C LEU A 159 -24.06 -37.48 11.92
N LEU A 160 -24.28 -36.31 12.50
CA LEU A 160 -25.35 -35.41 12.10
C LEU A 160 -24.74 -34.11 11.58
N PHE A 161 -25.13 -33.72 10.37
CA PHE A 161 -24.72 -32.45 9.78
C PHE A 161 -25.91 -31.49 9.79
N ILE A 162 -25.78 -30.38 10.50
CA ILE A 162 -26.74 -29.29 10.42
C ILE A 162 -26.19 -28.29 9.40
N GLN A 163 -26.87 -28.16 8.27
CA GLN A 163 -26.35 -27.37 7.16
C GLN A 163 -27.42 -26.47 6.59
N ALA A 164 -27.17 -25.16 6.66
CA ALA A 164 -27.93 -24.15 5.96
C ALA A 164 -26.97 -23.39 5.05
N THR A 165 -27.51 -22.77 4.00
CA THR A 165 -26.67 -21.96 3.12
C THR A 165 -25.85 -20.97 3.93
N VAL A 166 -26.49 -20.31 4.88
CA VAL A 166 -25.81 -19.41 5.82
C VAL A 166 -26.41 -19.67 7.20
N VAL A 167 -25.56 -20.10 8.14
CA VAL A 167 -26.00 -20.40 9.50
C VAL A 167 -25.29 -19.49 10.47
N SER A 168 -25.95 -19.21 11.59
CA SER A 168 -25.34 -18.54 12.72
C SER A 168 -25.93 -19.13 14.00
N THR A 169 -25.22 -18.93 15.12
CA THR A 169 -25.79 -19.29 16.40
C THR A 169 -26.93 -18.36 16.80
N ALA A 170 -27.00 -17.18 16.20
CA ALA A 170 -28.03 -16.19 16.49
C ALA A 170 -28.92 -16.07 15.26
N HIS A 171 -30.19 -16.47 15.40
CA HIS A 171 -31.15 -16.40 14.32
C HIS A 171 -32.46 -15.82 14.84
N LEU A 172 -32.98 -14.80 14.14
CA LEU A 172 -34.25 -14.12 14.53
C LEU A 172 -35.41 -14.80 13.82
N SER A 173 -36.09 -15.76 14.47
CA SER A 173 -37.27 -16.46 13.91
C SER A 173 -38.48 -15.52 13.96
N PRO A 174 -39.52 -15.73 13.14
CA PRO A 174 -40.73 -14.89 13.17
C PRO A 174 -41.63 -15.26 14.36
N VAL A 177 -42.31 -18.82 15.84
CA VAL A 177 -41.30 -19.87 15.70
C VAL A 177 -40.24 -19.75 16.80
N GLU A 178 -39.72 -20.90 17.22
CA GLU A 178 -38.60 -20.97 18.15
C GLU A 178 -37.35 -21.33 17.36
N SER A 179 -36.34 -20.46 17.41
CA SER A 179 -35.12 -20.75 16.68
C SER A 179 -34.40 -21.95 17.28
N LEU A 180 -33.68 -22.67 16.44
CA LEU A 180 -32.95 -23.85 16.88
C LEU A 180 -31.84 -23.46 17.85
N ASP A 181 -31.85 -24.06 19.03
CA ASP A 181 -30.82 -23.85 20.04
C ASP A 181 -29.68 -24.80 19.72
N LEU A 182 -28.62 -24.29 19.09
CA LEU A 182 -27.53 -25.16 18.69
C LEU A 182 -26.74 -25.69 19.88
N VAL A 183 -26.65 -24.90 20.95
CA VAL A 183 -25.99 -25.40 22.16
C VAL A 183 -26.72 -26.63 22.69
N LYS A 184 -28.04 -26.53 22.84
CA LYS A 184 -28.83 -27.66 23.33
C LYS A 184 -28.75 -28.84 22.37
N LEU A 185 -28.81 -28.57 21.06
CA LEU A 185 -28.73 -29.67 20.10
C LEU A 185 -27.47 -30.49 20.29
N CYS A 186 -26.32 -29.82 20.32
CA CYS A 186 -25.06 -30.55 20.44
C CYS A 186 -24.97 -31.29 21.77
N GLN A 187 -25.53 -30.72 22.82
CA GLN A 187 -25.49 -31.38 24.13
C GLN A 187 -26.39 -32.60 24.17
N GLU A 188 -27.56 -32.54 23.54
CA GLU A 188 -28.53 -33.62 23.64
C GLU A 188 -28.30 -34.71 22.62
N MET A 189 -27.72 -34.41 21.47
CA MET A 189 -27.51 -35.43 20.45
C MET A 189 -26.47 -36.42 20.95
N PRO A 190 -26.71 -37.74 20.84
CA PRO A 190 -25.69 -38.70 21.29
C PRO A 190 -24.50 -38.84 20.34
N MET A 191 -24.54 -38.22 19.16
CA MET A 191 -23.46 -38.36 18.20
C MET A 191 -22.84 -37.00 17.90
N PRO A 192 -21.68 -36.95 17.23
CA PRO A 192 -21.10 -35.65 16.86
C PRO A 192 -21.99 -34.91 15.89
N VAL A 193 -22.05 -33.59 16.04
CA VAL A 193 -22.88 -32.72 15.22
C VAL A 193 -21.97 -31.73 14.51
N VAL A 194 -21.99 -31.77 13.17
CA VAL A 194 -21.25 -30.83 12.33
C VAL A 194 -22.19 -29.68 11.97
N LEU A 195 -21.68 -28.46 12.00
CA LEU A 195 -22.51 -27.27 11.80
C LEU A 195 -21.97 -26.42 10.66
N GLY A 196 -22.88 -25.86 9.86
CA GLY A 196 -22.51 -24.96 8.79
C GLY A 196 -23.74 -24.42 8.10
N ASN A 197 -23.53 -23.55 7.11
CA ASN A 197 -22.22 -23.12 6.68
C ASN A 197 -21.93 -21.67 7.08
N CYS A 198 -20.65 -21.33 7.18
CA CYS A 198 -20.22 -19.97 7.51
C CYS A 198 -18.97 -19.64 6.71
N VAL A 199 -18.54 -18.38 6.79
CA VAL A 199 -17.32 -17.96 6.10
C VAL A 199 -16.53 -16.98 6.93
N THR A 200 -16.94 -16.73 8.18
CA THR A 200 -16.29 -15.74 9.02
C THR A 200 -15.72 -16.34 10.30
N TYR A 201 -14.63 -15.72 10.77
CA TYR A 201 -14.06 -16.06 12.07
C TYR A 201 -15.12 -16.01 13.16
N GLU A 202 -15.90 -14.93 13.19
CA GLU A 202 -16.81 -14.69 14.31
C GLU A 202 -17.85 -15.80 14.42
N VAL A 203 -18.45 -16.18 13.30
CA VAL A 203 -19.51 -17.20 13.34
C VAL A 203 -18.92 -18.57 13.63
N SER A 204 -17.83 -18.93 12.92
CA SER A 204 -17.23 -20.24 13.14
C SER A 204 -16.82 -20.42 14.58
N LEU A 205 -16.26 -19.38 15.21
CA LEU A 205 -15.88 -19.50 16.62
C LEU A 205 -17.09 -19.77 17.50
N GLU A 206 -18.22 -19.12 17.22
CA GLU A 206 -19.42 -19.35 18.02
C GLU A 206 -20.00 -20.73 17.80
N LEU A 207 -19.91 -21.24 16.56
CA LEU A 207 -20.35 -22.61 16.29
C LEU A 207 -19.50 -23.61 17.08
N MET A 208 -18.20 -23.36 17.15
CA MET A 208 -17.32 -24.19 17.95
C MET A 208 -17.68 -24.15 19.42
N ARG A 209 -17.89 -22.95 19.94
CA ARG A 209 -18.25 -22.80 21.34
C ARG A 209 -19.60 -23.44 21.65
N ALA A 210 -20.48 -23.54 20.64
CA ALA A 210 -21.77 -24.21 20.84
C ALA A 210 -21.66 -25.73 20.91
N GLY A 211 -20.52 -26.29 20.52
CA GLY A 211 -20.31 -27.72 20.65
C GLY A 211 -20.14 -28.47 19.34
N ALA A 212 -19.85 -27.73 18.26
CA ALA A 212 -19.70 -28.37 16.96
C ALA A 212 -18.53 -29.35 16.97
N ALA A 213 -18.75 -30.51 16.33
CA ALA A 213 -17.66 -31.45 16.09
C ALA A 213 -16.82 -31.05 14.89
N ALA A 214 -17.33 -30.18 14.03
CA ALA A 214 -16.65 -29.66 12.86
C ALA A 214 -17.50 -28.52 12.32
N VAL A 215 -16.90 -27.66 11.51
CA VAL A 215 -17.59 -26.54 10.91
C VAL A 215 -17.41 -26.60 9.39
N LEU A 216 -18.50 -26.37 8.67
CA LEU A 216 -18.50 -26.39 7.22
C LEU A 216 -18.33 -24.96 6.72
N VAL A 217 -17.33 -24.75 5.87
CA VAL A 217 -16.95 -23.42 5.40
C VAL A 217 -17.28 -23.31 3.92
N GLY A 218 -18.07 -22.31 3.57
CA GLY A 218 -18.36 -22.02 2.19
C GLY A 218 -19.77 -21.55 1.94
N ILE A 219 -19.90 -20.46 1.18
CA ILE A 219 -21.21 -19.94 0.77
C ILE A 219 -21.13 -19.70 -0.73
N GLY A 220 -21.70 -20.60 -1.52
CA GLY A 220 -21.90 -20.36 -2.93
C GLY A 220 -20.80 -20.75 -3.91
N PRO A 221 -19.70 -21.38 -3.48
CA PRO A 221 -18.67 -21.76 -4.45
C PRO A 221 -19.04 -22.99 -5.29
N GLY A 222 -20.16 -23.65 -4.97
CA GLY A 222 -20.41 -24.96 -5.55
C GLY A 222 -20.69 -24.91 -7.05
N ALA A 223 -20.40 -26.03 -7.70
CA ALA A 223 -20.54 -26.11 -9.15
C ALA A 223 -21.99 -26.00 -9.61
N ALA A 224 -22.94 -26.45 -8.77
CA ALA A 224 -24.36 -26.39 -9.11
C ALA A 224 -25.11 -25.39 -8.22
N CYS A 225 -24.41 -24.40 -7.69
CA CYS A 225 -24.99 -23.43 -6.79
CA CYS A 225 -24.98 -23.43 -6.80
C CYS A 225 -25.06 -22.07 -7.47
N THR A 226 -26.16 -21.35 -7.21
CA THR A 226 -26.36 -20.02 -7.75
C THR A 226 -26.67 -18.98 -6.68
N SER A 227 -26.49 -19.32 -5.40
CA SER A 227 -26.78 -18.35 -4.34
C SER A 227 -26.01 -17.05 -4.50
N ARG A 228 -24.78 -17.11 -5.02
CA ARG A 228 -24.00 -15.90 -5.17
C ARG A 228 -24.63 -14.97 -6.19
N GLY A 229 -25.24 -15.53 -7.23
CA GLY A 229 -25.93 -14.72 -8.22
C GLY A 229 -27.29 -14.26 -7.75
N VAL A 230 -27.98 -15.11 -6.98
CA VAL A 230 -29.33 -14.77 -6.52
C VAL A 230 -29.27 -13.76 -5.39
N LEU A 231 -28.31 -13.90 -4.48
CA LEU A 231 -28.25 -13.08 -3.27
C LEU A 231 -27.07 -12.13 -3.22
N GLY A 232 -26.02 -12.38 -4.00
CA GLY A 232 -24.83 -11.56 -3.90
C GLY A 232 -23.99 -11.82 -2.68
N VAL A 233 -24.25 -12.91 -1.96
CA VAL A 233 -23.60 -13.23 -0.70
C VAL A 233 -22.51 -14.26 -0.94
N GLY A 234 -21.36 -14.06 -0.30
CA GLY A 234 -20.29 -15.04 -0.35
C GLY A 234 -18.90 -14.47 -0.10
N VAL A 235 -18.01 -15.30 0.42
CA VAL A 235 -16.60 -14.96 0.55
C VAL A 235 -15.80 -16.07 -0.12
N PRO A 236 -14.93 -15.76 -1.09
CA PRO A 236 -14.16 -16.82 -1.74
C PRO A 236 -13.45 -17.73 -0.74
N GLN A 237 -13.22 -18.97 -1.16
CA GLN A 237 -12.89 -20.03 -0.19
C GLN A 237 -11.58 -19.82 0.53
N PRO A 238 -10.45 -19.56 -0.15
CA PRO A 238 -9.18 -19.39 0.60
C PRO A 238 -9.29 -18.44 1.78
N THR A 239 -9.92 -17.28 1.57
CA THR A 239 -10.10 -16.33 2.66
C THR A 239 -11.02 -16.89 3.74
N ALA A 240 -12.15 -17.47 3.33
CA ALA A 240 -13.09 -18.04 4.30
C ALA A 240 -12.43 -19.14 5.11
N ILE A 241 -11.71 -20.05 4.44
CA ILE A 241 -11.06 -21.15 5.14
C ILE A 241 -10.08 -20.63 6.17
N ALA A 242 -9.23 -19.67 5.77
CA ALA A 242 -8.21 -19.16 6.68
C ALA A 242 -8.83 -18.50 7.90
N ASP A 243 -9.87 -17.67 7.70
CA ASP A 243 -10.52 -17.02 8.83
C ASP A 243 -11.10 -18.05 9.80
N CYS A 244 -11.73 -19.11 9.28
CA CYS A 244 -12.35 -20.10 10.14
C CYS A 244 -11.30 -21.02 10.76
N ALA A 245 -10.18 -21.23 10.07
CA ALA A 245 -9.08 -21.96 10.69
C ALA A 245 -8.48 -21.18 11.86
N ALA A 246 -8.42 -19.86 11.75
CA ALA A 246 -7.94 -19.05 12.87
C ALA A 246 -8.86 -19.18 14.08
N ALA A 247 -10.17 -19.23 13.84
CA ALA A 247 -11.12 -19.47 14.93
C ALA A 247 -10.86 -20.82 15.58
N ARG A 248 -10.63 -21.85 14.77
CA ARG A 248 -10.30 -23.17 15.30
C ARG A 248 -9.09 -23.09 16.23
N ASP A 249 -8.04 -22.40 15.79
CA ASP A 249 -6.81 -22.33 16.58
C ASP A 249 -7.04 -21.56 17.87
N ASP A 250 -7.86 -20.50 17.84
CA ASP A 250 -8.15 -19.76 19.05
C ASP A 250 -9.04 -20.59 20.00
N TYR A 251 -10.02 -21.30 19.45
CA TYR A 251 -10.85 -22.16 20.29
C TYR A 251 -10.03 -23.27 20.93
N LEU A 252 -9.07 -23.83 20.18
CA LEU A 252 -8.18 -24.84 20.73
C LEU A 252 -7.37 -24.28 21.89
N GLN A 253 -6.82 -23.08 21.72
CA GLN A 253 -6.09 -22.45 22.82
C GLN A 253 -6.99 -22.20 24.02
N GLU A 254 -8.23 -21.78 23.76
CA GLU A 254 -9.12 -21.44 24.87
C GLU A 254 -9.53 -22.69 25.65
N THR A 255 -9.86 -23.77 24.95
CA THR A 255 -10.50 -24.93 25.56
C THR A 255 -9.71 -26.23 25.47
N GLY A 256 -8.73 -26.31 24.57
CA GLY A 256 -8.05 -27.57 24.33
C GLY A 256 -8.79 -28.53 23.42
N ARG A 257 -9.94 -28.13 22.89
CA ARG A 257 -10.72 -28.96 21.99
C ARG A 257 -10.44 -28.57 20.55
N TYR A 258 -10.20 -29.55 19.70
CA TYR A 258 -9.90 -29.34 18.30
C TYR A 258 -11.17 -29.53 17.47
N VAL A 259 -11.56 -28.51 16.73
CA VAL A 259 -12.75 -28.56 15.88
C VAL A 259 -12.33 -28.45 14.42
N PRO A 260 -12.30 -29.54 13.66
CA PRO A 260 -11.81 -29.46 12.27
C PRO A 260 -12.64 -28.51 11.40
N VAL A 261 -11.95 -27.89 10.45
CA VAL A 261 -12.56 -26.98 9.48
C VAL A 261 -12.65 -27.72 8.15
N ILE A 262 -13.87 -27.77 7.60
CA ILE A 262 -14.16 -28.49 6.36
C ILE A 262 -14.44 -27.46 5.27
N ALA A 263 -13.60 -27.42 4.24
CA ALA A 263 -13.83 -26.56 3.09
C ALA A 263 -14.87 -27.21 2.18
N ASP A 264 -15.99 -26.53 1.98
CA ASP A 264 -17.18 -27.12 1.36
C ASP A 264 -17.46 -26.46 0.01
N GLY A 265 -17.17 -27.17 -1.07
CA GLY A 265 -17.68 -26.83 -2.38
C GLY A 265 -16.65 -26.11 -3.25
N GLY A 266 -16.96 -26.06 -4.54
CA GLY A 266 -16.14 -25.37 -5.52
C GLY A 266 -14.89 -26.09 -5.94
N ILE A 267 -14.75 -27.36 -5.56
CA ILE A 267 -13.56 -28.13 -5.85
C ILE A 267 -13.82 -29.03 -7.05
N ILE A 268 -12.92 -28.98 -8.03
CA ILE A 268 -13.02 -29.79 -9.22
C ILE A 268 -11.89 -30.81 -9.28
N THR A 269 -10.68 -30.40 -8.93
CA THR A 269 -9.48 -31.19 -9.11
C THR A 269 -8.80 -31.44 -7.77
N GLY A 270 -7.84 -32.36 -7.78
CA GLY A 270 -7.00 -32.54 -6.61
C GLY A 270 -6.26 -31.27 -6.23
N GLY A 271 -5.87 -30.48 -7.24
CA GLY A 271 -5.18 -29.24 -6.97
C GLY A 271 -6.04 -28.27 -6.18
N ASP A 272 -7.33 -28.21 -6.49
CA ASP A 272 -8.25 -27.39 -5.70
C ASP A 272 -8.29 -27.86 -4.25
N ILE A 273 -8.29 -29.17 -4.03
CA ILE A 273 -8.27 -29.70 -2.67
C ILE A 273 -7.04 -29.22 -1.93
N CYS A 274 -5.87 -29.37 -2.55
CA CYS A 274 -4.61 -29.02 -1.90
C CYS A 274 -4.56 -27.54 -1.53
N LYS A 275 -5.07 -26.68 -2.42
CA LYS A 275 -5.13 -25.27 -2.11
C LYS A 275 -5.99 -25.01 -0.87
N CYS A 276 -7.11 -25.72 -0.75
CA CYS A 276 -7.98 -25.52 0.41
C CYS A 276 -7.29 -25.99 1.70
N ILE A 277 -6.58 -27.12 1.65
CA ILE A 277 -5.85 -27.58 2.81
C ILE A 277 -4.77 -26.58 3.20
N ALA A 278 -4.04 -26.07 2.20
CA ALA A 278 -2.96 -25.13 2.48
C ALA A 278 -3.46 -23.89 3.19
N CYS A 279 -4.72 -23.51 2.97
CA CYS A 279 -5.29 -22.34 3.62
C CYS A 279 -5.89 -22.66 4.99
N GLY A 280 -5.85 -23.93 5.41
CA GLY A 280 -6.23 -24.26 6.77
C GLY A 280 -7.23 -25.38 6.94
N ALA A 281 -7.76 -25.90 5.84
CA ALA A 281 -8.79 -26.91 5.96
C ALA A 281 -8.21 -28.23 6.48
N ASP A 282 -8.96 -28.88 7.35
CA ASP A 282 -8.64 -30.23 7.80
C ASP A 282 -9.20 -31.31 6.88
N ALA A 283 -10.24 -30.99 6.12
CA ALA A 283 -10.85 -31.90 5.17
C ALA A 283 -11.68 -31.05 4.21
N VAL A 284 -12.16 -31.68 3.14
CA VAL A 284 -13.00 -31.00 2.16
C VAL A 284 -14.31 -31.77 1.99
N MET A 285 -15.37 -31.03 1.69
CA MET A 285 -16.65 -31.61 1.28
C MET A 285 -16.84 -31.26 -0.19
N ILE A 286 -17.03 -32.28 -1.02
CA ILE A 286 -17.13 -32.10 -2.46
C ILE A 286 -18.34 -32.86 -2.98
N GLY A 287 -18.98 -32.30 -4.01
CA GLY A 287 -20.14 -32.93 -4.62
C GLY A 287 -19.91 -33.29 -6.07
N SER A 288 -19.62 -32.29 -6.91
CA SER A 288 -19.55 -32.55 -8.35
C SER A 288 -18.51 -33.60 -8.70
N PRO A 289 -17.33 -33.64 -8.08
CA PRO A 289 -16.37 -34.69 -8.47
C PRO A 289 -16.86 -36.10 -8.21
N ILE A 290 -17.74 -36.28 -7.22
CA ILE A 290 -18.25 -37.60 -6.88
C ILE A 290 -19.52 -37.93 -7.66
N ALA A 291 -20.28 -36.90 -8.07
CA ALA A 291 -21.40 -37.12 -8.97
C ALA A 291 -20.95 -37.70 -10.31
N ARG A 292 -19.67 -37.63 -10.62
CA ARG A 292 -19.13 -38.21 -11.85
C ARG A 292 -18.83 -39.69 -11.73
N ALA A 293 -19.13 -40.29 -10.58
CA ALA A 293 -18.91 -41.71 -10.40
C ALA A 293 -19.99 -42.54 -11.09
N ALA A 294 -19.60 -43.72 -11.56
CA ALA A 294 -20.57 -44.63 -12.16
C ALA A 294 -21.71 -44.96 -11.21
N GLU A 295 -21.44 -45.00 -9.90
CA GLU A 295 -22.43 -45.34 -8.90
C GLU A 295 -23.23 -44.15 -8.41
N ALA A 296 -22.99 -42.95 -8.92
CA ALA A 296 -23.65 -41.76 -8.41
C ALA A 296 -25.14 -41.79 -8.76
N PRO A 297 -26.02 -41.44 -7.81
CA PRO A 297 -27.47 -41.49 -8.10
C PRO A 297 -27.92 -40.45 -9.11
N GLY A 298 -27.09 -39.45 -9.42
CA GLY A 298 -27.47 -38.41 -10.36
C GLY A 298 -27.49 -38.83 -11.81
N ARG A 299 -26.99 -40.03 -12.12
CA ARG A 299 -26.97 -40.55 -13.50
C ARG A 299 -26.23 -39.59 -14.43
N GLY A 300 -25.15 -38.99 -13.92
CA GLY A 300 -24.37 -38.05 -14.69
C GLY A 300 -24.75 -36.60 -14.52
N PHE A 301 -25.81 -36.30 -13.79
CA PHE A 301 -26.23 -34.94 -13.50
C PHE A 301 -26.00 -34.62 -12.03
N HIS A 302 -25.96 -33.32 -11.74
CA HIS A 302 -25.61 -32.81 -10.43
C HIS A 302 -26.37 -31.51 -10.22
N TRP A 303 -27.18 -31.44 -9.16
CA TRP A 303 -28.02 -30.28 -8.95
C TRP A 303 -27.94 -29.80 -7.50
N GLY A 304 -28.13 -28.50 -7.33
CA GLY A 304 -28.15 -27.92 -6.00
C GLY A 304 -29.43 -28.25 -5.28
N MET A 305 -29.31 -28.45 -3.98
CA MET A 305 -30.45 -28.80 -3.16
C MET A 305 -31.37 -27.63 -2.86
N ALA A 306 -31.02 -26.43 -3.33
CA ALA A 306 -31.92 -25.29 -3.31
C ALA A 306 -32.57 -25.05 -4.65
N THR A 307 -32.20 -25.80 -5.68
CA THR A 307 -32.91 -25.73 -6.95
C THR A 307 -34.40 -25.97 -6.81
N PRO A 308 -34.88 -26.91 -6.00
CA PRO A 308 -36.32 -27.19 -5.93
C PRO A 308 -37.13 -26.16 -5.14
N SER A 309 -36.53 -25.07 -4.69
CA SER A 309 -37.29 -24.08 -3.94
C SER A 309 -38.53 -23.67 -4.73
N PRO A 310 -39.73 -23.74 -4.14
CA PRO A 310 -40.93 -23.36 -4.91
C PRO A 310 -41.02 -21.87 -5.19
N VAL A 311 -40.25 -21.02 -4.53
CA VAL A 311 -40.40 -19.58 -4.71
C VAL A 311 -39.12 -18.94 -5.25
N LEU A 312 -37.95 -19.48 -4.89
CA LEU A 312 -36.68 -18.86 -5.24
C LEU A 312 -35.58 -19.92 -5.31
N PRO A 313 -35.45 -20.58 -6.46
CA PRO A 313 -34.34 -21.52 -6.64
C PRO A 313 -32.99 -20.84 -6.49
N ARG A 314 -32.09 -21.50 -5.75
CA ARG A 314 -30.72 -21.02 -5.59
C ARG A 314 -29.71 -22.07 -6.01
N GLY A 315 -30.12 -22.99 -6.88
CA GLY A 315 -29.21 -23.93 -7.50
C GLY A 315 -29.65 -24.23 -8.91
N THR A 316 -28.84 -25.00 -9.62
CA THR A 316 -29.15 -25.42 -10.97
C THR A 316 -28.75 -26.88 -11.14
N ARG A 317 -29.11 -27.46 -12.28
CA ARG A 317 -28.74 -28.82 -12.63
C ARG A 317 -27.74 -28.77 -13.77
N ILE A 318 -26.53 -29.29 -13.53
CA ILE A 318 -25.50 -29.32 -14.55
C ILE A 318 -25.24 -30.76 -14.96
N ASN A 319 -24.71 -30.91 -16.17
CA ASN A 319 -24.31 -32.21 -16.71
C ASN A 319 -22.82 -32.38 -16.45
N VAL A 320 -22.48 -33.22 -15.47
CA VAL A 320 -21.07 -33.48 -15.15
C VAL A 320 -20.54 -34.74 -15.81
N GLY A 321 -21.42 -35.59 -16.34
CA GLY A 321 -20.99 -36.81 -17.01
C GLY A 321 -20.59 -37.89 -16.02
N THR A 322 -20.07 -38.98 -16.57
CA THR A 322 -19.62 -40.13 -15.79
C THR A 322 -18.25 -40.54 -16.30
N THR A 323 -17.24 -40.41 -15.44
CA THR A 323 -15.85 -40.58 -15.87
C THR A 323 -15.17 -41.81 -15.32
N GLY A 324 -15.75 -42.46 -14.30
CA GLY A 324 -15.14 -43.65 -13.74
C GLY A 324 -15.89 -44.08 -12.50
N THR A 325 -15.37 -45.14 -11.87
CA THR A 325 -15.93 -45.61 -10.62
C THR A 325 -15.52 -44.67 -9.49
N ILE A 326 -16.28 -44.72 -8.39
CA ILE A 326 -15.92 -43.92 -7.23
C ILE A 326 -14.56 -44.31 -6.70
N ARG A 327 -14.20 -45.59 -6.82
CA ARG A 327 -12.85 -46.01 -6.44
C ARG A 327 -11.80 -45.30 -7.27
N GLU A 328 -11.98 -45.30 -8.60
CA GLU A 328 -11.04 -44.61 -9.48
C GLU A 328 -10.94 -43.13 -9.13
N ILE A 329 -12.07 -42.50 -8.84
CA ILE A 329 -12.08 -41.06 -8.55
C ILE A 329 -11.28 -40.76 -7.29
N LEU A 330 -11.43 -41.60 -6.27
CA LEU A 330 -10.80 -41.30 -4.99
C LEU A 330 -9.38 -41.84 -4.88
N VAL A 331 -9.15 -43.09 -5.30
CA VAL A 331 -7.86 -43.74 -5.11
C VAL A 331 -7.25 -44.26 -6.40
N GLY A 332 -7.88 -44.03 -7.55
CA GLY A 332 -7.29 -44.38 -8.82
C GLY A 332 -7.30 -45.87 -9.10
N PRO A 333 -6.47 -46.32 -10.07
CA PRO A 333 -5.54 -45.51 -10.88
C PRO A 333 -6.28 -44.54 -11.80
N ALA A 334 -5.70 -43.36 -12.02
CA ALA A 334 -6.32 -42.33 -12.84
C ALA A 334 -6.01 -42.55 -14.31
N LYS A 335 -7.07 -42.61 -15.14
CA LYS A 335 -6.96 -42.68 -16.58
C LYS A 335 -7.00 -41.31 -17.24
N LEU A 336 -7.22 -40.24 -16.48
CA LEU A 336 -7.44 -38.91 -17.02
C LEU A 336 -6.24 -38.01 -16.74
N ASP A 337 -6.19 -36.90 -17.49
CA ASP A 337 -5.07 -35.98 -17.48
C ASP A 337 -5.33 -34.72 -16.67
N ASP A 338 -6.47 -34.60 -16.00
CA ASP A 338 -6.92 -33.32 -15.46
C ASP A 338 -7.00 -33.30 -13.94
N GLY A 339 -6.55 -34.36 -13.26
CA GLY A 339 -6.56 -34.36 -11.82
C GLY A 339 -7.91 -34.54 -11.17
N THR A 340 -8.90 -35.04 -11.91
CA THR A 340 -10.21 -35.31 -11.33
C THR A 340 -10.37 -36.76 -10.88
N HIS A 341 -9.37 -37.60 -11.12
CA HIS A 341 -9.33 -38.97 -10.60
C HIS A 341 -8.15 -39.13 -9.64
N ASN A 342 -8.19 -40.20 -8.86
CA ASN A 342 -7.18 -40.47 -7.85
C ASN A 342 -6.90 -39.22 -7.00
N LEU A 343 -7.98 -38.68 -6.42
CA LEU A 343 -7.86 -37.46 -5.63
C LEU A 343 -6.91 -37.67 -4.45
N LEU A 344 -6.99 -38.82 -3.79
CA LEU A 344 -6.07 -39.08 -2.69
C LEU A 344 -4.63 -39.10 -3.18
N GLY A 345 -4.37 -39.74 -4.31
CA GLY A 345 -3.03 -39.72 -4.88
C GLY A 345 -2.56 -38.34 -5.25
N ALA A 346 -3.47 -37.48 -5.71
CA ALA A 346 -3.11 -36.10 -6.00
C ALA A 346 -2.70 -35.36 -4.74
N ILE A 347 -3.46 -35.52 -3.65
CA ILE A 347 -3.11 -34.87 -2.39
C ILE A 347 -1.74 -35.32 -1.92
N LYS A 348 -1.51 -36.64 -1.90
CA LYS A 348 -0.25 -37.18 -1.42
C LYS A 348 0.91 -36.76 -2.31
N THR A 349 0.70 -36.75 -3.63
CA THR A 349 1.75 -36.30 -4.53
C THR A 349 2.06 -34.83 -4.30
N SER A 350 1.02 -34.00 -4.16
CA SER A 350 1.24 -32.58 -3.89
C SER A 350 1.98 -32.37 -2.58
N MET A 351 1.51 -33.00 -1.51
CA MET A 351 2.22 -32.93 -0.23
C MET A 351 3.67 -33.32 -0.40
N GLY A 352 3.93 -34.33 -1.25
CA GLY A 352 5.30 -34.73 -1.51
C GLY A 352 6.13 -33.62 -2.11
N THR A 353 5.61 -32.97 -3.15
CA THR A 353 6.37 -31.91 -3.80
C THR A 353 6.62 -30.73 -2.85
N LEU A 354 5.76 -30.57 -1.85
CA LEU A 354 5.85 -29.45 -0.92
C LEU A 354 6.58 -29.82 0.37
N GLY A 355 6.88 -31.09 0.59
CA GLY A 355 7.54 -31.50 1.80
C GLY A 355 6.66 -31.56 3.02
N ALA A 356 5.35 -31.73 2.84
CA ALA A 356 4.40 -31.78 3.96
C ALA A 356 4.18 -33.24 4.35
N LYS A 357 4.59 -33.60 5.56
CA LYS A 357 4.47 -34.98 6.02
C LYS A 357 3.03 -35.34 6.40
N ASP A 358 2.26 -34.36 6.87
CA ASP A 358 0.88 -34.62 7.28
C ASP A 358 0.05 -33.37 6.99
N MET A 359 -1.26 -33.47 7.27
CA MET A 359 -2.18 -32.41 6.89
C MET A 359 -1.86 -31.12 7.63
N LYS A 360 -1.41 -31.22 8.89
CA LYS A 360 -1.05 -30.02 9.63
C LYS A 360 0.13 -29.31 8.97
N GLU A 361 1.12 -30.07 8.49
CA GLU A 361 2.21 -29.47 7.74
C GLU A 361 1.72 -28.90 6.42
N MET A 362 0.74 -29.55 5.79
CA MET A 362 0.20 -29.04 4.53
C MET A 362 -0.44 -27.67 4.74
N GLN A 363 -1.07 -27.46 5.89
CA GLN A 363 -1.69 -26.18 6.24
C GLN A 363 -0.66 -25.07 6.42
N GLN A 364 0.63 -25.40 6.50
CA GLN A 364 1.67 -24.40 6.70
C GLN A 364 2.43 -24.06 5.42
N VAL A 365 2.04 -24.62 4.28
CA VAL A 365 2.80 -24.36 3.07
C VAL A 365 2.61 -22.92 2.62
N ASP A 366 3.67 -22.36 2.01
CA ASP A 366 3.64 -21.00 1.51
C ASP A 366 2.73 -20.89 0.30
N VAL A 367 2.04 -19.76 0.18
CA VAL A 367 1.07 -19.51 -0.86
C VAL A 367 1.46 -18.24 -1.61
N VAL A 368 1.23 -18.23 -2.92
CA VAL A 368 1.37 -17.03 -3.72
C VAL A 368 0.02 -16.66 -4.28
N ILE A 369 -0.22 -15.36 -4.42
CA ILE A 369 -1.32 -14.85 -5.22
C ILE A 369 -0.86 -14.89 -6.67
N ALA A 370 -1.47 -15.77 -7.47
CA ALA A 370 -0.95 -16.08 -8.80
C ALA A 370 -2.11 -16.37 -9.74
N PRO A 371 -2.83 -15.33 -10.16
CA PRO A 371 -3.89 -15.55 -11.16
C PRO A 371 -3.38 -16.21 -12.43
N SER A 372 -2.10 -16.03 -12.76
CA SER A 372 -1.53 -16.62 -13.97
C SER A 372 -1.28 -18.12 -13.83
N LEU A 373 -1.46 -18.70 -12.65
CA LEU A 373 -1.24 -20.13 -12.48
C LEU A 373 -2.07 -20.93 -13.48
N LEU A 374 -3.28 -20.46 -13.76
CA LEU A 374 -4.23 -21.18 -14.60
C LEU A 374 -4.19 -20.73 -16.05
N THR A 375 -3.35 -19.75 -16.40
CA THR A 375 -3.28 -19.23 -17.75
C THR A 375 -1.93 -19.42 -18.42
N GLU A 376 -0.83 -19.34 -17.68
CA GLU A 376 0.49 -19.42 -18.27
C GLU A 376 0.62 -20.66 -19.14
N GLY A 377 0.80 -20.42 -20.44
CA GLY A 377 1.08 -21.50 -21.38
C GLY A 377 -0.08 -22.38 -21.75
N LYS A 378 -1.30 -22.10 -21.30
CA LYS A 378 -2.40 -23.04 -21.44
C LYS A 378 -3.28 -22.74 -22.65
N VAL A 379 -2.76 -22.01 -23.64
CA VAL A 379 -3.59 -21.63 -24.78
C VAL A 379 -4.08 -22.87 -25.53
N TYR A 380 -3.20 -23.85 -25.76
CA TYR A 380 -3.63 -25.04 -26.49
C TYR A 380 -4.64 -25.84 -25.68
N GLN A 381 -4.37 -26.05 -24.39
CA GLN A 381 -5.29 -26.82 -23.56
C GLN A 381 -6.67 -26.19 -23.53
N LYS A 382 -6.73 -24.86 -23.44
CA LYS A 382 -8.02 -24.18 -23.44
C LYS A 382 -8.75 -24.37 -24.75
N ALA A 383 -8.04 -24.18 -25.87
CA ALA A 383 -8.68 -24.25 -27.19
C ALA A 383 -9.15 -25.67 -27.51
N GLN A 384 -8.39 -26.68 -27.11
CA GLN A 384 -8.69 -28.06 -27.44
C GLN A 384 -9.42 -28.79 -26.33
N GLN A 385 -9.78 -28.11 -25.25
CA GLN A 385 -10.52 -28.71 -24.13
C GLN A 385 -9.82 -29.97 -23.62
N LEU A 386 -8.55 -29.82 -23.29
CA LEU A 386 -7.71 -30.87 -22.77
C LEU A 386 -7.08 -30.42 -21.45
N GLY A 387 -6.78 -31.39 -20.59
CA GLY A 387 -6.12 -31.12 -19.34
C GLY A 387 -6.82 -30.06 -18.50
N MET A 388 -6.10 -28.98 -18.19
CA MET A 388 -6.63 -27.91 -17.37
C MET A 388 -7.67 -27.07 -18.10
N GLY A 389 -7.83 -27.27 -19.39
CA GLY A 389 -8.79 -26.51 -20.16
C GLY A 389 -10.13 -27.19 -20.38
N LYS A 390 -10.41 -28.28 -19.67
CA LYS A 390 -11.67 -28.99 -19.90
C LYS A 390 -12.82 -28.33 -19.14
N GLY B 1 -10.17 16.56 -8.52
CA GLY B 1 -9.18 16.11 -7.52
C GLY B 1 -9.77 15.10 -6.56
N SER B 2 -8.91 14.33 -5.91
CA SER B 2 -9.36 13.29 -4.99
C SER B 2 -8.30 13.05 -3.94
N HIS B 3 -8.73 12.48 -2.81
CA HIS B 3 -7.82 12.09 -1.74
C HIS B 3 -7.10 10.78 -2.03
N MET B 4 -7.47 10.08 -3.10
CA MET B 4 -6.78 8.89 -3.56
C MET B 4 -6.14 9.18 -4.92
N ASN B 5 -4.84 8.86 -5.06
CA ASN B 5 -4.09 9.22 -6.25
C ASN B 5 -3.16 8.08 -6.66
N ILE B 6 -3.74 6.99 -7.17
CA ILE B 6 -2.96 6.01 -7.91
C ILE B 6 -2.30 6.69 -9.09
N THR B 7 -1.07 6.30 -9.40
CA THR B 7 -0.31 6.93 -10.46
C THR B 7 -0.57 6.24 -11.79
N ILE B 8 -1.12 6.97 -12.75
CA ILE B 8 -1.15 6.49 -14.13
C ILE B 8 0.19 6.76 -14.81
N GLY B 9 0.67 7.99 -14.70
CA GLY B 9 2.00 8.38 -15.13
C GLY B 9 2.38 9.65 -14.39
N ARG B 10 3.57 10.17 -14.74
CA ARG B 10 4.01 11.42 -14.14
C ARG B 10 2.95 12.50 -14.34
N GLY B 11 2.52 13.11 -13.25
CA GLY B 11 1.54 14.18 -13.35
C GLY B 11 0.12 13.78 -13.66
N LYS B 12 -0.20 12.49 -13.65
CA LYS B 12 -1.58 12.03 -13.86
C LYS B 12 -1.90 10.91 -12.88
N THR B 13 -2.87 11.16 -12.01
CA THR B 13 -3.29 10.20 -10.99
C THR B 13 -4.73 9.78 -11.23
N ALA B 14 -5.16 8.77 -10.48
CA ALA B 14 -6.52 8.26 -10.57
C ALA B 14 -6.87 7.59 -9.25
N ARG B 15 -8.15 7.30 -9.07
CA ARG B 15 -8.61 6.53 -7.92
C ARG B 15 -9.30 5.26 -8.41
N ARG B 16 -9.13 4.19 -7.64
CA ARG B 16 -9.72 2.90 -7.99
C ARG B 16 -11.21 2.92 -7.72
N ALA B 17 -11.99 2.49 -8.71
CA ALA B 17 -13.43 2.35 -8.58
C ALA B 17 -13.81 0.90 -8.86
N TYR B 18 -14.76 0.39 -8.09
CA TYR B 18 -15.11 -1.02 -8.13
C TYR B 18 -16.49 -1.21 -8.72
N GLY B 19 -16.61 -2.23 -9.58
CA GLY B 19 -17.87 -2.52 -10.25
C GLY B 19 -18.70 -3.55 -9.50
N ILE B 20 -19.96 -3.65 -9.93
CA ILE B 20 -20.89 -4.60 -9.31
C ILE B 20 -20.30 -6.01 -9.33
N ASP B 21 -19.62 -6.38 -10.42
CA ASP B 21 -19.09 -7.72 -10.58
C ASP B 21 -17.83 -7.97 -9.77
N GLU B 22 -17.37 -6.99 -8.99
CA GLU B 22 -16.13 -7.15 -8.23
C GLU B 22 -16.32 -7.31 -6.74
N ILE B 23 -17.55 -7.21 -6.22
CA ILE B 23 -17.77 -7.20 -4.79
C ILE B 23 -18.74 -8.32 -4.41
N ALA B 24 -18.79 -8.61 -3.11
CA ALA B 24 -19.68 -9.60 -2.55
C ALA B 24 -20.01 -9.22 -1.11
N LEU B 25 -21.09 -9.77 -0.59
CA LEU B 25 -21.59 -9.43 0.74
C LEU B 25 -21.25 -10.52 1.74
N VAL B 26 -20.89 -10.11 2.95
CA VAL B 26 -20.38 -11.00 3.99
C VAL B 26 -21.44 -11.13 5.07
N PRO B 27 -21.78 -12.35 5.50
CA PRO B 27 -22.71 -12.48 6.65
C PRO B 27 -22.19 -11.73 7.86
N GLY B 28 -23.13 -11.27 8.68
CA GLY B 28 -22.85 -10.58 9.92
C GLY B 28 -22.93 -11.48 11.13
N VAL B 29 -23.38 -10.91 12.24
CA VAL B 29 -23.40 -11.66 13.50
C VAL B 29 -24.62 -12.55 13.61
N ARG B 30 -25.68 -12.27 12.84
CA ARG B 30 -26.91 -13.01 12.96
C ARG B 30 -27.54 -13.20 11.60
N THR B 31 -28.44 -14.18 11.52
CA THR B 31 -29.36 -14.37 10.40
C THR B 31 -30.79 -14.06 10.87
N LEU B 32 -31.69 -13.91 9.91
CA LEU B 32 -33.09 -13.69 10.25
C LEU B 32 -33.98 -14.24 9.14
N ASP B 33 -35.21 -14.54 9.50
CA ASP B 33 -36.18 -15.09 8.57
C ASP B 33 -36.50 -14.06 7.49
N PRO B 34 -36.45 -14.44 6.21
CA PRO B 34 -36.72 -13.45 5.15
C PRO B 34 -38.05 -12.73 5.30
N ALA B 35 -39.05 -13.39 5.91
CA ALA B 35 -40.35 -12.74 6.08
C ALA B 35 -40.28 -11.50 6.95
N LEU B 36 -39.22 -11.37 7.75
CA LEU B 36 -39.04 -10.20 8.61
C LEU B 36 -38.30 -9.06 7.94
N ALA B 37 -37.78 -9.26 6.72
CA ALA B 37 -36.97 -8.25 6.06
C ALA B 37 -37.86 -7.15 5.49
N ASP B 38 -37.64 -5.92 5.95
CA ASP B 38 -38.40 -4.76 5.52
C ASP B 38 -37.69 -4.12 4.34
N THR B 39 -38.35 -4.13 3.17
CA THR B 39 -37.75 -3.68 1.92
C THR B 39 -38.29 -2.33 1.46
N ARG B 40 -39.04 -1.63 2.30
CA ARG B 40 -39.72 -0.41 1.87
C ARG B 40 -38.73 0.73 1.58
N TRP B 41 -39.14 1.63 0.68
CA TRP B 41 -38.49 2.91 0.48
C TRP B 41 -39.57 3.95 0.30
N LYS B 42 -39.17 5.22 0.22
CA LYS B 42 -40.13 6.29 0.13
C LYS B 42 -39.52 7.42 -0.67
N VAL B 43 -40.29 7.99 -1.60
CA VAL B 43 -39.92 9.20 -2.32
C VAL B 43 -41.08 10.18 -2.17
N GLY B 44 -40.80 11.40 -1.71
CA GLY B 44 -41.88 12.31 -1.37
C GLY B 44 -42.74 11.70 -0.28
N ALA B 45 -44.04 11.62 -0.53
CA ALA B 45 -44.96 10.95 0.38
C ALA B 45 -45.39 9.58 -0.13
N ILE B 46 -44.70 9.04 -1.13
CA ILE B 46 -45.07 7.79 -1.76
C ILE B 46 -44.22 6.68 -1.16
N GLU B 47 -44.84 5.81 -0.38
CA GLU B 47 -44.19 4.62 0.15
C GLU B 47 -44.39 3.46 -0.82
N ARG B 48 -43.36 2.65 -0.98
CA ARG B 48 -43.39 1.51 -1.88
C ARG B 48 -42.79 0.31 -1.18
N GLU B 49 -43.49 -0.83 -1.25
CA GLU B 49 -42.99 -2.05 -0.62
C GLU B 49 -41.80 -2.63 -1.38
N ILE B 50 -41.76 -2.47 -2.70
CA ILE B 50 -40.69 -3.01 -3.54
C ILE B 50 -39.76 -1.85 -3.90
N PRO B 51 -38.46 -1.88 -3.50
CA PRO B 51 -37.54 -0.77 -3.80
C PRO B 51 -36.98 -0.84 -5.22
N ILE B 52 -37.87 -0.98 -6.20
CA ILE B 52 -37.48 -1.12 -7.60
C ILE B 52 -38.32 -0.16 -8.43
N ILE B 53 -37.66 0.54 -9.35
CA ILE B 53 -38.30 1.43 -10.32
C ILE B 53 -37.93 0.94 -11.71
N ALA B 54 -38.93 0.82 -12.58
CA ALA B 54 -38.68 0.48 -13.98
C ALA B 54 -38.17 1.70 -14.72
N SER B 55 -37.07 1.52 -15.47
CA SER B 55 -36.46 2.62 -16.19
C SER B 55 -37.43 3.25 -17.18
N ALA B 56 -37.23 4.54 -17.45
CA ALA B 56 -38.04 5.28 -18.42
C ALA B 56 -37.53 4.96 -19.82
N MET B 57 -37.89 3.77 -20.30
CA MET B 57 -37.42 3.25 -21.57
C MET B 57 -38.58 2.58 -22.29
N ASP B 58 -38.66 2.79 -23.61
CA ASP B 58 -39.85 2.42 -24.36
C ASP B 58 -40.03 0.91 -24.49
N GLY B 59 -38.96 0.13 -24.32
CA GLY B 59 -39.12 -1.30 -24.26
C GLY B 59 -39.55 -1.84 -22.92
N VAL B 60 -39.57 -0.99 -21.89
CA VAL B 60 -39.81 -1.39 -20.52
C VAL B 60 -41.18 -0.93 -20.02
N VAL B 61 -41.50 0.34 -20.21
CA VAL B 61 -42.65 0.96 -19.57
C VAL B 61 -43.56 1.58 -20.63
N ASP B 62 -44.81 1.13 -20.66
CA ASP B 62 -45.92 1.83 -21.27
C ASP B 62 -46.98 2.02 -20.18
N SER B 63 -48.18 2.47 -20.57
CA SER B 63 -49.21 2.71 -19.57
C SER B 63 -49.59 1.44 -18.84
N ARG B 64 -49.72 0.32 -19.55
CA ARG B 64 -50.10 -0.94 -18.90
C ARG B 64 -49.06 -1.34 -17.87
N MET B 65 -47.78 -1.33 -18.25
CA MET B 65 -46.72 -1.71 -17.32
C MET B 65 -46.70 -0.81 -16.10
N ALA B 66 -46.85 0.51 -16.30
CA ALA B 66 -46.83 1.44 -15.18
C ALA B 66 -47.88 1.07 -14.15
N VAL B 67 -49.07 0.67 -14.61
CA VAL B 67 -50.15 0.29 -13.69
C VAL B 67 -49.81 -1.03 -13.02
N LEU B 68 -49.38 -2.02 -13.79
CA LEU B 68 -49.03 -3.32 -13.22
C LEU B 68 -47.93 -3.19 -12.18
N LEU B 69 -46.91 -2.38 -12.46
CA LEU B 69 -45.84 -2.19 -11.50
C LEU B 69 -46.35 -1.54 -10.23
N SER B 70 -47.21 -0.53 -10.37
CA SER B 70 -47.75 0.16 -9.20
CA SER B 70 -47.75 0.16 -9.20
C SER B 70 -48.58 -0.78 -8.33
N GLU B 71 -49.43 -1.59 -8.96
CA GLU B 71 -50.27 -2.52 -8.20
C GLU B 71 -49.42 -3.49 -7.38
N LEU B 72 -48.26 -3.88 -7.89
CA LEU B 72 -47.40 -4.83 -7.20
C LEU B 72 -46.60 -4.21 -6.07
N GLY B 73 -46.61 -2.89 -5.94
CA GLY B 73 -45.81 -2.23 -4.93
C GLY B 73 -44.53 -1.59 -5.43
N ALA B 74 -44.35 -1.50 -6.75
CA ALA B 74 -43.19 -0.88 -7.35
C ALA B 74 -43.60 0.37 -8.11
N LEU B 75 -42.78 0.79 -9.06
CA LEU B 75 -43.02 1.99 -9.84
C LEU B 75 -42.51 1.79 -11.25
N GLY B 76 -43.14 2.48 -12.20
CA GLY B 76 -42.66 2.54 -13.57
C GLY B 76 -42.68 3.96 -14.09
N VAL B 77 -41.64 4.37 -14.80
CA VAL B 77 -41.51 5.74 -15.30
C VAL B 77 -41.72 5.73 -16.80
N VAL B 78 -42.66 6.54 -17.28
CA VAL B 78 -42.90 6.72 -18.71
C VAL B 78 -42.02 7.85 -19.22
N ASN B 79 -41.26 7.57 -20.28
CA ASN B 79 -40.39 8.57 -20.90
C ASN B 79 -41.24 9.44 -21.82
N LEU B 80 -41.36 10.72 -21.46
CA LEU B 80 -42.21 11.64 -22.22
C LEU B 80 -41.55 12.15 -23.50
N GLU B 81 -40.32 11.73 -23.81
CA GLU B 81 -39.69 12.05 -25.08
C GLU B 81 -39.53 10.82 -25.97
N GLY B 82 -40.16 9.71 -25.62
CA GLY B 82 -40.17 8.52 -26.44
C GLY B 82 -41.42 8.41 -27.30
N ILE B 83 -41.68 7.19 -27.78
CA ILE B 83 -42.79 7.00 -28.69
C ILE B 83 -44.15 7.17 -28.01
N GLN B 84 -44.20 7.04 -26.68
CA GLN B 84 -45.50 7.10 -26.00
C GLN B 84 -46.14 8.48 -26.15
N THR B 85 -45.34 9.53 -26.32
CA THR B 85 -45.87 10.87 -26.53
C THR B 85 -45.78 11.33 -27.99
N ARG B 86 -45.15 10.54 -28.86
CA ARG B 86 -45.04 10.89 -30.27
C ARG B 86 -46.07 10.17 -31.13
N TYR B 87 -46.69 9.12 -30.63
CA TYR B 87 -47.68 8.37 -31.39
C TYR B 87 -48.89 8.07 -30.51
N GLU B 88 -50.08 8.29 -31.05
CA GLU B 88 -51.29 7.94 -30.30
C GLU B 88 -51.35 6.44 -30.03
N ASP B 89 -51.03 5.63 -31.04
CA ASP B 89 -50.95 4.18 -30.90
C ASP B 89 -49.52 3.73 -31.13
N PRO B 90 -48.73 3.51 -30.07
CA PRO B 90 -47.32 3.10 -30.28
C PRO B 90 -47.15 1.67 -30.76
N ASN B 91 -48.18 0.84 -30.70
CA ASN B 91 -47.99 -0.58 -30.96
C ASN B 91 -47.43 -0.87 -32.35
N PRO B 92 -47.95 -0.27 -33.43
CA PRO B 92 -47.32 -0.51 -34.74
C PRO B 92 -45.86 -0.09 -34.78
N ILE B 93 -45.50 0.94 -34.03
CA ILE B 93 -44.11 1.38 -33.98
C ILE B 93 -43.25 0.37 -33.24
N LEU B 94 -43.72 -0.08 -32.07
CA LEU B 94 -43.01 -1.11 -31.33
C LEU B 94 -42.88 -2.39 -32.15
N ASP B 95 -43.92 -2.73 -32.90
CA ASP B 95 -43.85 -3.89 -33.79
C ASP B 95 -42.70 -3.75 -34.77
N ARG B 96 -42.56 -2.58 -35.39
CA ARG B 96 -41.49 -2.39 -36.38
C ARG B 96 -40.11 -2.47 -35.72
N ILE B 97 -39.93 -1.83 -34.56
CA ILE B 97 -38.63 -1.87 -33.89
C ILE B 97 -38.21 -3.30 -33.61
N ALA B 98 -39.17 -4.15 -33.24
CA ALA B 98 -38.86 -5.54 -32.91
C ALA B 98 -38.64 -6.41 -34.13
N SER B 99 -39.12 -6.00 -35.31
CA SER B 99 -39.08 -6.85 -36.49
C SER B 99 -37.83 -6.67 -37.34
N VAL B 100 -37.13 -5.53 -37.22
CA VAL B 100 -35.98 -5.27 -38.09
C VAL B 100 -34.75 -5.99 -37.56
N GLY B 101 -33.77 -6.17 -38.45
CA GLY B 101 -32.54 -6.86 -38.12
C GLY B 101 -31.53 -6.02 -37.38
N LYS B 102 -30.41 -6.66 -37.04
CA LYS B 102 -29.39 -6.01 -36.22
C LYS B 102 -28.82 -4.77 -36.90
N THR B 103 -28.64 -4.83 -38.22
CA THR B 103 -28.02 -3.75 -38.95
C THR B 103 -28.99 -2.63 -39.32
N GLU B 104 -30.25 -2.73 -38.92
CA GLU B 104 -31.26 -1.79 -39.40
C GLU B 104 -31.94 -0.98 -38.31
N PHE B 105 -31.84 -1.38 -37.04
CA PHE B 105 -32.68 -0.73 -36.03
C PHE B 105 -32.21 0.69 -35.73
N VAL B 106 -30.91 0.98 -35.86
CA VAL B 106 -30.44 2.34 -35.58
C VAL B 106 -31.09 3.32 -36.55
N GLY B 107 -30.96 3.06 -37.85
CA GLY B 107 -31.55 3.95 -38.85
C GLY B 107 -33.06 4.06 -38.71
N LEU B 108 -33.71 2.95 -38.41
CA LEU B 108 -35.16 2.97 -38.20
C LEU B 108 -35.53 3.86 -37.02
N MET B 109 -34.85 3.68 -35.88
CA MET B 109 -35.20 4.46 -34.71
CA MET B 109 -35.18 4.46 -34.70
C MET B 109 -34.92 5.94 -34.93
N GLN B 110 -33.82 6.28 -35.61
CA GLN B 110 -33.56 7.68 -35.91
C GLN B 110 -34.71 8.31 -36.66
N GLU B 111 -35.35 7.53 -37.54
CA GLU B 111 -36.52 8.02 -38.26
C GLU B 111 -37.74 8.07 -37.35
N LEU B 112 -38.07 6.96 -36.70
CA LEU B 112 -39.31 6.88 -35.94
C LEU B 112 -39.35 7.89 -34.79
N TYR B 113 -38.23 8.08 -34.08
CA TYR B 113 -38.23 9.01 -32.97
C TYR B 113 -38.16 10.47 -33.39
N ALA B 114 -38.06 10.75 -34.70
CA ALA B 114 -38.13 12.12 -35.19
C ALA B 114 -39.55 12.66 -35.25
N GLU B 115 -40.56 11.80 -35.18
CA GLU B 115 -41.94 12.26 -35.12
C GLU B 115 -42.11 13.20 -33.93
N PRO B 116 -42.64 14.41 -34.13
CA PRO B 116 -42.68 15.39 -33.03
C PRO B 116 -43.52 14.91 -31.86
N ILE B 117 -43.14 15.39 -30.67
CA ILE B 117 -43.92 15.12 -29.47
C ILE B 117 -45.27 15.79 -29.58
N LYS B 118 -46.32 15.09 -29.15
CA LYS B 118 -47.65 15.64 -29.07
C LYS B 118 -47.97 15.97 -27.62
N PRO B 119 -47.99 17.26 -27.25
CA PRO B 119 -48.18 17.60 -25.82
C PRO B 119 -49.43 17.00 -25.22
N GLU B 120 -50.50 16.86 -25.99
CA GLU B 120 -51.73 16.28 -25.46
C GLU B 120 -51.50 14.85 -24.97
N LEU B 121 -50.55 14.14 -25.58
CA LEU B 121 -50.32 12.76 -25.15
C LEU B 121 -49.60 12.71 -23.80
N ILE B 122 -48.80 13.72 -23.46
CA ILE B 122 -48.24 13.79 -22.12
C ILE B 122 -49.35 13.71 -21.09
N THR B 123 -50.38 14.55 -21.25
CA THR B 123 -51.52 14.52 -20.35
C THR B 123 -52.22 13.16 -20.40
N LYS B 124 -52.42 12.62 -21.59
CA LYS B 124 -53.20 11.40 -21.72
C LYS B 124 -52.54 10.24 -20.97
N ARG B 125 -51.24 10.04 -21.18
CA ARG B 125 -50.54 8.93 -20.52
C ARG B 125 -50.62 9.06 -19.01
N ILE B 126 -50.36 10.25 -18.48
CA ILE B 126 -50.39 10.45 -17.03
C ILE B 126 -51.76 10.09 -16.48
N GLN B 127 -52.82 10.62 -17.09
CA GLN B 127 -54.16 10.50 -16.53
C GLN B 127 -54.74 9.10 -16.74
N GLU B 128 -54.43 8.44 -17.86
CA GLU B 128 -54.94 7.08 -18.03
C GLU B 128 -54.27 6.10 -17.08
N ILE B 129 -52.99 6.34 -16.75
CA ILE B 129 -52.34 5.52 -15.73
C ILE B 129 -53.03 5.70 -14.39
N GLN B 130 -53.28 6.96 -14.00
CA GLN B 130 -53.91 7.23 -12.72
C GLN B 130 -55.36 6.75 -12.72
N ALA B 131 -56.07 6.91 -13.84
CA ALA B 131 -57.45 6.45 -13.90
C ALA B 131 -57.54 4.94 -13.69
N ALA B 132 -56.53 4.20 -14.10
CA ALA B 132 -56.48 2.76 -13.88
C ALA B 132 -55.96 2.39 -12.50
N GLY B 133 -55.72 3.38 -11.64
CA GLY B 133 -55.26 3.13 -10.29
C GLY B 133 -53.76 3.08 -10.11
N GLY B 134 -52.99 3.51 -11.10
CA GLY B 134 -51.55 3.46 -11.02
C GLY B 134 -50.94 4.80 -10.62
N ILE B 135 -49.72 4.73 -10.11
CA ILE B 135 -48.94 5.93 -9.81
C ILE B 135 -48.27 6.38 -11.09
N ALA B 136 -48.50 7.63 -11.49
CA ALA B 136 -48.00 8.16 -12.75
C ALA B 136 -46.66 8.85 -12.51
N ALA B 137 -45.57 8.17 -12.89
CA ALA B 137 -44.23 8.73 -12.86
C ALA B 137 -43.73 8.90 -14.29
N VAL B 138 -43.18 10.08 -14.60
CA VAL B 138 -42.79 10.43 -15.95
C VAL B 138 -41.41 11.06 -15.93
N SER B 139 -40.70 10.97 -17.06
CA SER B 139 -39.35 11.48 -17.16
C SER B 139 -39.22 12.47 -18.30
N LEU B 140 -38.32 13.44 -18.11
CA LEU B 140 -37.94 14.39 -19.14
C LEU B 140 -36.45 14.66 -19.02
N THR B 141 -35.82 14.98 -20.16
CA THR B 141 -34.47 15.52 -20.13
C THR B 141 -34.51 16.96 -19.65
N PRO B 142 -33.36 17.52 -19.24
CA PRO B 142 -33.35 18.94 -18.86
C PRO B 142 -33.94 19.87 -19.91
N VAL B 143 -33.58 19.67 -21.19
CA VAL B 143 -34.16 20.49 -22.25
C VAL B 143 -35.65 20.24 -22.36
N GLY B 144 -36.06 18.97 -22.25
CA GLY B 144 -37.47 18.66 -22.30
C GLY B 144 -38.24 19.32 -21.17
N ALA B 145 -37.64 19.39 -19.99
CA ALA B 145 -38.31 20.02 -18.86
C ALA B 145 -38.55 21.49 -19.11
N SER B 146 -37.59 22.17 -19.75
CA SER B 146 -37.76 23.59 -20.04
C SER B 146 -38.97 23.83 -20.93
N LYS B 147 -39.37 22.82 -21.71
CA LYS B 147 -40.49 22.96 -22.63
C LYS B 147 -41.79 22.39 -22.08
N TYR B 148 -41.73 21.31 -21.30
CA TYR B 148 -42.93 20.57 -20.95
C TYR B 148 -43.16 20.41 -19.45
N ALA B 149 -42.32 21.01 -18.60
CA ALA B 149 -42.49 20.80 -17.17
C ALA B 149 -43.86 21.30 -16.70
N SER B 150 -44.31 22.45 -17.21
CA SER B 150 -45.62 22.96 -16.83
C SER B 150 -46.74 22.05 -17.33
N THR B 151 -46.56 21.43 -18.49
CA THR B 151 -47.55 20.45 -18.96
C THR B 151 -47.67 19.29 -17.97
N VAL B 152 -46.55 18.80 -17.46
CA VAL B 152 -46.58 17.72 -16.48
C VAL B 152 -47.30 18.17 -15.21
N ALA B 153 -47.01 19.38 -14.75
CA ALA B 153 -47.68 19.90 -13.55
C ALA B 153 -49.18 20.01 -13.77
N GLU B 154 -49.59 20.58 -14.90
CA GLU B 154 -51.01 20.72 -15.20
C GLU B 154 -51.70 19.37 -15.30
N ALA B 155 -50.99 18.35 -15.79
CA ALA B 155 -51.56 17.01 -15.89
C ALA B 155 -51.70 16.33 -14.54
N GLY B 156 -50.93 16.76 -13.54
CA GLY B 156 -51.02 16.20 -12.21
C GLY B 156 -50.29 14.89 -12.02
N ALA B 157 -49.11 14.75 -12.62
CA ALA B 157 -48.31 13.55 -12.40
C ALA B 157 -47.90 13.41 -10.94
N ASP B 158 -47.71 12.17 -10.50
CA ASP B 158 -47.33 11.90 -9.12
C ASP B 158 -45.84 12.12 -8.89
N LEU B 159 -45.00 11.83 -9.89
CA LEU B 159 -43.56 11.99 -9.78
C LEU B 159 -43.00 12.45 -11.11
N LEU B 160 -42.02 13.36 -11.06
CA LEU B 160 -41.31 13.83 -12.24
C LEU B 160 -39.84 13.45 -12.10
N PHE B 161 -39.31 12.77 -13.11
CA PHE B 161 -37.90 12.42 -13.19
C PHE B 161 -37.23 13.30 -14.24
N ILE B 162 -36.28 14.13 -13.83
CA ILE B 162 -35.43 14.86 -14.76
C ILE B 162 -34.15 14.05 -14.91
N GLN B 163 -33.93 13.47 -16.08
CA GLN B 163 -32.86 12.51 -16.29
C GLN B 163 -32.08 12.85 -17.55
N ALA B 164 -30.79 13.13 -17.38
CA ALA B 164 -29.83 13.22 -18.47
C ALA B 164 -28.73 12.21 -18.22
N THR B 165 -28.05 11.79 -19.29
CA THR B 165 -26.94 10.86 -19.13
C THR B 165 -25.96 11.36 -18.08
N VAL B 166 -25.64 12.65 -18.13
CA VAL B 166 -24.82 13.30 -17.10
C VAL B 166 -25.46 14.65 -16.82
N VAL B 167 -25.89 14.86 -15.58
CA VAL B 167 -26.54 16.10 -15.18
C VAL B 167 -25.67 16.78 -14.13
N SER B 168 -25.76 18.10 -14.08
CA SER B 168 -25.17 18.89 -13.00
C SER B 168 -26.09 20.07 -12.72
N THR B 169 -25.92 20.65 -11.53
CA THR B 169 -26.62 21.91 -11.24
C THR B 169 -26.02 23.06 -12.03
N ALA B 170 -24.79 22.91 -12.51
CA ALA B 170 -24.11 23.94 -13.29
C ALA B 170 -23.95 23.43 -14.72
N HIS B 171 -24.62 24.07 -15.65
CA HIS B 171 -24.55 23.72 -17.06
C HIS B 171 -24.35 24.99 -17.86
N LEU B 172 -23.34 25.00 -18.75
CA LEU B 172 -23.02 26.17 -19.60
C LEU B 172 -23.75 26.04 -20.93
N SER B 173 -24.94 26.64 -21.07
CA SER B 173 -25.74 26.60 -22.32
C SER B 173 -25.06 27.48 -23.38
N PRO B 174 -25.30 27.23 -24.69
CA PRO B 174 -24.66 28.00 -25.76
C PRO B 174 -25.32 29.37 -25.96
N VAL B 177 -28.93 30.77 -24.90
CA VAL B 177 -29.82 29.81 -24.28
C VAL B 177 -29.73 29.92 -22.76
N GLU B 178 -30.85 29.67 -22.09
CA GLU B 178 -30.91 29.70 -20.63
C GLU B 178 -30.93 28.27 -20.11
N SER B 179 -29.94 27.91 -19.29
CA SER B 179 -29.89 26.58 -18.72
C SER B 179 -31.06 26.39 -17.75
N LEU B 180 -31.49 25.14 -17.60
CA LEU B 180 -32.58 24.83 -16.70
C LEU B 180 -32.16 25.13 -15.26
N ASP B 181 -32.97 25.95 -14.59
CA ASP B 181 -32.74 26.29 -13.19
C ASP B 181 -33.40 25.21 -12.33
N LEU B 182 -32.59 24.27 -11.84
CA LEU B 182 -33.14 23.14 -11.11
C LEU B 182 -33.70 23.56 -9.75
N VAL B 183 -33.14 24.60 -9.13
CA VAL B 183 -33.70 25.10 -7.88
C VAL B 183 -35.13 25.59 -8.11
N LYS B 184 -35.34 26.41 -9.14
CA LYS B 184 -36.67 26.90 -9.45
C LYS B 184 -37.61 25.75 -9.81
N LEU B 185 -37.13 24.79 -10.60
CA LEU B 185 -37.97 23.67 -10.99
C LEU B 185 -38.54 22.94 -9.78
N CYS B 186 -37.67 22.54 -8.85
CA CYS B 186 -38.13 21.78 -7.69
C CYS B 186 -39.08 22.60 -6.84
N GLN B 187 -38.83 23.91 -6.74
CA GLN B 187 -39.69 24.77 -5.93
C GLN B 187 -41.06 24.95 -6.59
N GLU B 188 -41.09 25.06 -7.91
CA GLU B 188 -42.33 25.35 -8.61
C GLU B 188 -43.16 24.11 -8.93
N MET B 189 -42.54 22.95 -9.11
CA MET B 189 -43.30 21.75 -9.45
C MET B 189 -44.13 21.33 -8.24
N PRO B 190 -45.41 20.99 -8.42
CA PRO B 190 -46.23 20.57 -7.28
C PRO B 190 -45.95 19.15 -6.79
N MET B 191 -45.13 18.38 -7.48
CA MET B 191 -44.86 17.00 -7.09
C MET B 191 -43.37 16.80 -6.82
N PRO B 192 -42.97 15.67 -6.23
CA PRO B 192 -41.55 15.42 -6.04
C PRO B 192 -40.82 15.34 -7.36
N VAL B 193 -39.58 15.83 -7.39
CA VAL B 193 -38.76 15.85 -8.58
C VAL B 193 -37.48 15.06 -8.29
N VAL B 194 -37.27 13.99 -9.05
CA VAL B 194 -36.05 13.18 -8.98
C VAL B 194 -35.08 13.68 -10.04
N LEU B 195 -33.81 13.78 -9.69
CA LEU B 195 -32.80 14.36 -10.57
C LEU B 195 -31.67 13.36 -10.80
N GLY B 196 -31.19 13.31 -12.04
CA GLY B 196 -30.05 12.48 -12.39
C GLY B 196 -29.67 12.69 -13.84
N ASN B 197 -28.61 12.01 -14.27
CA ASN B 197 -27.82 11.11 -13.43
C ASN B 197 -26.44 11.67 -13.09
N CYS B 198 -25.87 11.18 -11.99
CA CYS B 198 -24.55 11.58 -11.53
C CYS B 198 -23.84 10.38 -10.93
N VAL B 199 -22.57 10.56 -10.60
CA VAL B 199 -21.80 9.48 -9.99
C VAL B 199 -20.84 10.01 -8.94
N THR B 200 -20.93 11.29 -8.61
CA THR B 200 -20.00 11.91 -7.68
C THR B 200 -20.72 12.50 -6.46
N TYR B 201 -20.01 12.48 -5.33
CA TYR B 201 -20.47 13.15 -4.12
C TYR B 201 -20.81 14.61 -4.39
N GLU B 202 -19.91 15.31 -5.08
CA GLU B 202 -20.07 16.75 -5.26
C GLU B 202 -21.35 17.10 -6.01
N VAL B 203 -21.64 16.39 -7.11
CA VAL B 203 -22.82 16.71 -7.91
C VAL B 203 -24.08 16.28 -7.17
N SER B 204 -24.09 15.06 -6.63
CA SER B 204 -25.29 14.59 -5.92
C SER B 204 -25.64 15.51 -4.76
N LEU B 205 -24.63 15.99 -4.03
CA LEU B 205 -24.92 16.90 -2.93
C LEU B 205 -25.58 18.17 -3.42
N GLU B 206 -25.11 18.71 -4.55
CA GLU B 206 -25.72 19.93 -5.08
C GLU B 206 -27.13 19.66 -5.58
N LEU B 207 -27.36 18.50 -6.18
CA LEU B 207 -28.72 18.14 -6.61
C LEU B 207 -29.66 18.06 -5.42
N MET B 208 -29.19 17.52 -4.31
CA MET B 208 -29.97 17.49 -3.08
C MET B 208 -30.28 18.90 -2.58
N ARG B 209 -29.26 19.75 -2.55
CA ARG B 209 -29.45 21.13 -2.11
C ARG B 209 -30.40 21.88 -3.02
N ALA B 210 -30.50 21.48 -4.30
CA ALA B 210 -31.43 22.12 -5.21
C ALA B 210 -32.88 21.72 -4.96
N GLY B 211 -33.12 20.67 -4.19
CA GLY B 211 -34.48 20.29 -3.82
C GLY B 211 -34.91 18.94 -4.36
N ALA B 212 -33.96 18.13 -4.79
CA ALA B 212 -34.32 16.82 -5.34
C ALA B 212 -35.00 15.96 -4.28
N ALA B 213 -36.05 15.26 -4.71
CA ALA B 213 -36.68 14.25 -3.86
C ALA B 213 -35.91 12.94 -3.86
N ALA B 214 -35.03 12.74 -4.82
CA ALA B 214 -34.19 11.56 -4.93
C ALA B 214 -33.15 11.85 -6.00
N VAL B 215 -32.07 11.08 -5.98
CA VAL B 215 -30.98 11.25 -6.95
C VAL B 215 -30.75 9.92 -7.64
N LEU B 216 -30.61 9.95 -8.96
CA LEU B 216 -30.34 8.77 -9.77
C LEU B 216 -28.84 8.68 -10.01
N VAL B 217 -28.26 7.53 -9.65
CA VAL B 217 -26.81 7.32 -9.71
C VAL B 217 -26.51 6.32 -10.81
N GLY B 218 -25.63 6.71 -11.74
CA GLY B 218 -25.16 5.79 -12.75
C GLY B 218 -24.95 6.42 -14.11
N ILE B 219 -23.79 6.16 -14.70
CA ILE B 219 -23.48 6.62 -16.04
C ILE B 219 -22.95 5.43 -16.81
N GLY B 220 -23.79 4.84 -17.66
CA GLY B 220 -23.34 3.86 -18.62
C GLY B 220 -23.33 2.39 -18.23
N PRO B 221 -23.77 2.00 -17.03
CA PRO B 221 -23.76 0.57 -16.68
C PRO B 221 -24.84 -0.23 -17.39
N GLY B 222 -25.79 0.41 -18.06
CA GLY B 222 -26.98 -0.28 -18.53
C GLY B 222 -26.70 -1.31 -19.60
N ALA B 223 -27.59 -2.30 -19.67
CA ALA B 223 -27.41 -3.41 -20.59
C ALA B 223 -27.54 -2.98 -22.05
N ALA B 224 -28.32 -1.93 -22.32
CA ALA B 224 -28.50 -1.45 -23.68
C ALA B 224 -27.86 -0.08 -23.90
N CYS B 225 -26.87 0.27 -23.09
CA CYS B 225 -26.20 1.56 -23.17
CA CYS B 225 -26.20 1.56 -23.17
C CYS B 225 -24.80 1.39 -23.73
N THR B 226 -24.38 2.36 -24.55
CA THR B 226 -23.03 2.36 -25.11
C THR B 226 -22.30 3.66 -24.82
N SER B 227 -22.82 4.50 -23.92
CA SER B 227 -22.17 5.77 -23.61
C SER B 227 -20.74 5.60 -23.14
N ARG B 228 -20.45 4.52 -22.41
CA ARG B 228 -19.08 4.31 -21.93
C ARG B 228 -18.12 4.07 -23.08
N GLY B 229 -18.58 3.41 -24.14
CA GLY B 229 -17.74 3.18 -25.31
C GLY B 229 -17.66 4.41 -26.19
N VAL B 230 -18.76 5.16 -26.28
CA VAL B 230 -18.80 6.32 -27.16
C VAL B 230 -18.04 7.49 -26.57
N LEU B 231 -18.16 7.68 -25.25
CA LEU B 231 -17.60 8.86 -24.59
C LEU B 231 -16.47 8.55 -23.63
N GLY B 232 -16.34 7.32 -23.17
CA GLY B 232 -15.33 6.99 -22.18
C GLY B 232 -15.65 7.47 -20.79
N VAL B 233 -16.88 7.91 -20.54
CA VAL B 233 -17.28 8.49 -19.26
C VAL B 233 -18.00 7.43 -18.43
N GLY B 234 -17.70 7.40 -17.13
CA GLY B 234 -18.41 6.53 -16.23
C GLY B 234 -17.63 6.16 -14.97
N VAL B 235 -18.37 5.88 -13.89
CA VAL B 235 -17.78 5.37 -12.66
C VAL B 235 -18.57 4.12 -12.28
N PRO B 236 -17.93 2.96 -12.09
CA PRO B 236 -18.68 1.75 -11.74
C PRO B 236 -19.58 1.97 -10.52
N GLN B 237 -20.66 1.20 -10.48
CA GLN B 237 -21.80 1.55 -9.62
C GLN B 237 -21.47 1.49 -8.13
N PRO B 238 -20.87 0.42 -7.59
CA PRO B 238 -20.58 0.42 -6.14
C PRO B 238 -19.90 1.70 -5.66
N THR B 239 -18.87 2.16 -6.37
CA THR B 239 -18.18 3.38 -5.98
C THR B 239 -19.08 4.61 -6.11
N ALA B 240 -19.78 4.73 -7.24
CA ALA B 240 -20.68 5.86 -7.43
C ALA B 240 -21.77 5.88 -6.37
N ILE B 241 -22.37 4.72 -6.10
CA ILE B 241 -23.44 4.66 -5.11
C ILE B 241 -22.95 5.11 -3.75
N ALA B 242 -21.79 4.59 -3.33
CA ALA B 242 -21.26 4.94 -2.02
C ALA B 242 -20.96 6.43 -1.92
N ASP B 243 -20.36 7.01 -2.95
CA ASP B 243 -20.06 8.43 -2.92
C ASP B 243 -21.34 9.26 -2.78
N CYS B 244 -22.40 8.88 -3.50
CA CYS B 244 -23.63 9.66 -3.47
C CYS B 244 -24.42 9.41 -2.19
N ALA B 245 -24.33 8.20 -1.62
CA ALA B 245 -24.92 7.95 -0.32
C ALA B 245 -24.23 8.76 0.77
N ALA B 246 -22.92 8.97 0.64
CA ALA B 246 -22.21 9.82 1.58
C ALA B 246 -22.74 11.25 1.51
N ALA B 247 -23.04 11.73 0.30
CA ALA B 247 -23.65 13.04 0.14
C ALA B 247 -25.02 13.09 0.81
N ARG B 248 -25.83 12.04 0.62
CA ARG B 248 -27.12 11.97 1.29
C ARG B 248 -26.97 12.13 2.79
N ASP B 249 -26.02 11.39 3.38
CA ASP B 249 -25.86 11.42 4.83
C ASP B 249 -25.39 12.78 5.31
N ASP B 250 -24.51 13.43 4.55
CA ASP B 250 -24.08 14.78 4.93
C ASP B 250 -25.20 15.80 4.76
N TYR B 251 -25.97 15.68 3.68
CA TYR B 251 -27.11 16.58 3.50
C TYR B 251 -28.15 16.37 4.59
N LEU B 252 -28.35 15.11 5.00
CA LEU B 252 -29.26 14.84 6.12
C LEU B 252 -28.76 15.51 7.39
N GLN B 253 -27.46 15.40 7.67
CA GLN B 253 -26.90 16.06 8.84
C GLN B 253 -27.07 17.58 8.73
N GLU B 254 -26.89 18.12 7.53
CA GLU B 254 -26.97 19.57 7.37
C GLU B 254 -28.39 20.08 7.56
N THR B 255 -29.37 19.39 6.97
CA THR B 255 -30.72 19.92 6.85
C THR B 255 -31.79 19.10 7.56
N GLY B 256 -31.52 17.84 7.89
CA GLY B 256 -32.54 16.98 8.41
C GLY B 256 -33.44 16.36 7.37
N ARG B 257 -33.21 16.65 6.08
CA ARG B 257 -34.01 16.10 4.99
C ARG B 257 -33.30 14.90 4.39
N TYR B 258 -34.05 13.81 4.19
CA TYR B 258 -33.52 12.57 3.64
C TYR B 258 -33.84 12.50 2.16
N VAL B 259 -32.79 12.39 1.33
CA VAL B 259 -32.95 12.30 -0.11
C VAL B 259 -32.48 10.92 -0.57
N PRO B 260 -33.39 10.00 -0.88
CA PRO B 260 -32.96 8.64 -1.24
C PRO B 260 -32.05 8.62 -2.47
N VAL B 261 -31.14 7.66 -2.46
CA VAL B 261 -30.20 7.43 -3.55
C VAL B 261 -30.67 6.20 -4.33
N ILE B 262 -30.85 6.36 -5.65
CA ILE B 262 -31.36 5.32 -6.52
C ILE B 262 -30.24 4.85 -7.43
N ALA B 263 -29.85 3.57 -7.29
CA ALA B 263 -28.85 2.99 -8.18
C ALA B 263 -29.50 2.61 -9.51
N ASP B 264 -29.02 3.20 -10.60
CA ASP B 264 -29.71 3.13 -11.89
C ASP B 264 -28.87 2.37 -12.91
N GLY B 265 -29.30 1.15 -13.22
CA GLY B 265 -28.82 0.45 -14.39
C GLY B 265 -27.77 -0.60 -14.07
N GLY B 266 -27.55 -1.48 -15.05
CA GLY B 266 -26.55 -2.51 -14.96
C GLY B 266 -26.93 -3.69 -14.10
N ILE B 267 -28.19 -3.78 -13.69
CA ILE B 267 -28.65 -4.84 -12.80
C ILE B 267 -29.33 -5.92 -13.61
N ILE B 268 -28.91 -7.16 -13.42
CA ILE B 268 -29.49 -8.31 -14.09
C ILE B 268 -30.21 -9.23 -13.10
N THR B 269 -29.62 -9.43 -11.92
CA THR B 269 -30.08 -10.42 -10.95
C THR B 269 -30.43 -9.76 -9.63
N GLY B 270 -31.11 -10.54 -8.78
CA GLY B 270 -31.34 -10.09 -7.41
C GLY B 270 -30.05 -9.82 -6.68
N GLY B 271 -29.01 -10.62 -6.95
CA GLY B 271 -27.72 -10.39 -6.32
C GLY B 271 -27.14 -9.04 -6.66
N ASP B 272 -27.29 -8.61 -7.92
CA ASP B 272 -26.85 -7.29 -8.32
C ASP B 272 -27.58 -6.21 -7.53
N ILE B 273 -28.89 -6.39 -7.31
CA ILE B 273 -29.65 -5.43 -6.52
C ILE B 273 -29.09 -5.34 -5.11
N CYS B 274 -28.90 -6.49 -4.47
CA CYS B 274 -28.45 -6.50 -3.08
C CYS B 274 -27.09 -5.84 -2.93
N LYS B 275 -26.19 -6.08 -3.89
CA LYS B 275 -24.89 -5.43 -3.86
C LYS B 275 -25.04 -3.91 -3.90
N CYS B 276 -25.97 -3.41 -4.72
CA CYS B 276 -26.15 -1.96 -4.81
C CYS B 276 -26.73 -1.39 -3.52
N ILE B 277 -27.68 -2.09 -2.89
CA ILE B 277 -28.20 -1.62 -1.61
C ILE B 277 -27.09 -1.60 -0.58
N ALA B 278 -26.27 -2.67 -0.53
CA ALA B 278 -25.21 -2.77 0.45
C ALA B 278 -24.24 -1.59 0.35
N CYS B 279 -24.08 -1.02 -0.83
CA CYS B 279 -23.20 0.12 -1.05
C CYS B 279 -23.87 1.45 -0.76
N GLY B 280 -25.14 1.45 -0.40
CA GLY B 280 -25.80 2.65 0.07
C GLY B 280 -27.10 3.01 -0.59
N ALA B 281 -27.51 2.26 -1.62
CA ALA B 281 -28.70 2.61 -2.37
C ALA B 281 -29.96 2.39 -1.53
N ASP B 282 -30.90 3.33 -1.64
CA ASP B 282 -32.21 3.19 -1.03
C ASP B 282 -33.20 2.44 -1.94
N ALA B 283 -32.94 2.43 -3.24
CA ALA B 283 -33.77 1.71 -4.20
C ALA B 283 -32.93 1.57 -5.46
N VAL B 284 -33.42 0.77 -6.40
CA VAL B 284 -32.76 0.56 -7.67
C VAL B 284 -33.73 0.89 -8.80
N MET B 285 -33.17 1.38 -9.90
CA MET B 285 -33.89 1.57 -11.16
C MET B 285 -33.34 0.57 -12.16
N ILE B 286 -34.20 -0.28 -12.71
CA ILE B 286 -33.78 -1.34 -13.60
C ILE B 286 -34.64 -1.33 -14.86
N GLY B 287 -34.02 -1.69 -15.97
CA GLY B 287 -34.73 -1.75 -17.23
C GLY B 287 -34.79 -3.13 -17.84
N SER B 288 -33.62 -3.70 -18.13
CA SER B 288 -33.58 -4.96 -18.85
C SER B 288 -34.31 -6.09 -18.13
N PRO B 289 -34.22 -6.24 -16.80
CA PRO B 289 -34.95 -7.34 -16.15
C PRO B 289 -36.45 -7.25 -16.31
N ILE B 290 -36.99 -6.04 -16.46
CA ILE B 290 -38.43 -5.86 -16.60
C ILE B 290 -38.86 -5.89 -18.06
N ALA B 291 -37.96 -5.56 -18.99
CA ALA B 291 -38.26 -5.75 -20.41
C ALA B 291 -38.49 -7.21 -20.76
N ARG B 292 -38.09 -8.13 -19.89
CA ARG B 292 -38.29 -9.55 -20.11
C ARG B 292 -39.67 -10.03 -19.69
N ALA B 293 -40.54 -9.12 -19.22
CA ALA B 293 -41.88 -9.48 -18.80
C ALA B 293 -42.79 -9.72 -20.01
N ALA B 294 -43.74 -10.64 -19.83
CA ALA B 294 -44.72 -10.89 -20.88
C ALA B 294 -45.46 -9.63 -21.26
N GLU B 295 -45.67 -8.71 -20.32
CA GLU B 295 -46.42 -7.49 -20.57
C GLU B 295 -45.55 -6.34 -21.06
N ALA B 296 -44.24 -6.54 -21.20
CA ALA B 296 -43.35 -5.45 -21.57
C ALA B 296 -43.60 -5.02 -23.02
N PRO B 297 -43.63 -3.71 -23.29
CA PRO B 297 -43.89 -3.25 -24.66
C PRO B 297 -42.79 -3.57 -25.66
N GLY B 298 -41.60 -3.95 -25.20
CA GLY B 298 -40.49 -4.19 -26.11
C GLY B 298 -40.61 -5.44 -26.96
N ARG B 299 -41.58 -6.29 -26.70
CA ARG B 299 -41.77 -7.53 -27.45
C ARG B 299 -40.52 -8.39 -27.42
N GLY B 300 -39.85 -8.40 -26.27
CA GLY B 300 -38.64 -9.17 -26.11
C GLY B 300 -37.36 -8.43 -26.41
N PHE B 301 -37.45 -7.18 -26.89
CA PHE B 301 -36.29 -6.35 -27.15
C PHE B 301 -36.21 -5.23 -26.12
N HIS B 302 -35.02 -4.66 -26.01
CA HIS B 302 -34.71 -3.63 -25.01
C HIS B 302 -33.64 -2.74 -25.62
N TRP B 303 -33.93 -1.45 -25.72
CA TRP B 303 -33.03 -0.52 -26.39
C TRP B 303 -32.83 0.74 -25.56
N GLY B 304 -31.66 1.33 -25.68
CA GLY B 304 -31.37 2.58 -25.00
C GLY B 304 -32.07 3.75 -25.68
N MET B 305 -32.48 4.70 -24.86
CA MET B 305 -33.21 5.87 -25.34
C MET B 305 -32.32 6.90 -26.01
N ALA B 306 -31.01 6.66 -26.06
CA ALA B 306 -30.09 7.44 -26.86
C ALA B 306 -29.74 6.76 -28.18
N THR B 307 -30.22 5.54 -28.39
CA THR B 307 -30.07 4.91 -29.70
C THR B 307 -30.61 5.78 -30.83
N PRO B 308 -31.75 6.45 -30.70
CA PRO B 308 -32.32 7.21 -31.82
C PRO B 308 -31.63 8.54 -32.12
N SER B 309 -30.55 8.89 -31.43
CA SER B 309 -29.87 10.14 -31.70
C SER B 309 -29.56 10.26 -33.19
N PRO B 310 -29.97 11.34 -33.85
CA PRO B 310 -29.71 11.44 -35.30
C PRO B 310 -28.25 11.63 -35.65
N VAL B 311 -27.40 12.00 -34.69
CA VAL B 311 -26.00 12.31 -35.02
C VAL B 311 -25.02 11.37 -34.33
N LEU B 312 -25.36 10.91 -33.12
CA LEU B 312 -24.43 10.10 -32.32
C LEU B 312 -25.21 9.20 -31.38
N PRO B 313 -25.65 8.04 -31.87
CA PRO B 313 -26.32 7.08 -30.98
C PRO B 313 -25.41 6.66 -29.83
N ARG B 314 -25.98 6.62 -28.63
CA ARG B 314 -25.29 6.15 -27.44
C ARG B 314 -26.03 5.00 -26.76
N GLY B 315 -26.84 4.27 -27.52
CA GLY B 315 -27.48 3.07 -27.03
C GLY B 315 -27.58 2.06 -28.16
N THR B 316 -28.03 0.86 -27.80
CA THR B 316 -28.23 -0.20 -28.78
C THR B 316 -29.53 -0.94 -28.44
N ARG B 317 -29.94 -1.82 -29.34
CA ARG B 317 -31.12 -2.67 -29.13
C ARG B 317 -30.65 -4.10 -28.92
N ILE B 318 -30.93 -4.64 -27.75
CA ILE B 318 -30.56 -6.02 -27.43
C ILE B 318 -31.82 -6.87 -27.34
N ASN B 319 -31.63 -8.17 -27.55
CA ASN B 319 -32.69 -9.17 -27.43
C ASN B 319 -32.59 -9.79 -26.04
N VAL B 320 -33.51 -9.41 -25.15
CA VAL B 320 -33.53 -9.96 -23.80
C VAL B 320 -34.51 -11.12 -23.65
N GLY B 321 -35.43 -11.31 -24.61
CA GLY B 321 -36.39 -12.39 -24.53
C GLY B 321 -37.52 -12.09 -23.55
N THR B 322 -38.33 -13.13 -23.33
CA THR B 322 -39.47 -13.06 -22.43
C THR B 322 -39.46 -14.30 -21.54
N THR B 323 -39.28 -14.08 -20.23
CA THR B 323 -39.08 -15.17 -19.29
C THR B 323 -40.23 -15.39 -18.32
N GLY B 324 -41.17 -14.45 -18.22
CA GLY B 324 -42.29 -14.63 -17.32
C GLY B 324 -43.10 -13.36 -17.23
N THR B 325 -44.14 -13.42 -16.39
CA THR B 325 -44.94 -12.23 -16.13
C THR B 325 -44.18 -11.27 -15.23
N ILE B 326 -44.59 -10.00 -15.25
CA ILE B 326 -43.96 -9.03 -14.37
C ILE B 326 -44.17 -9.41 -12.91
N ARG B 327 -45.32 -10.03 -12.59
CA ARG B 327 -45.53 -10.52 -11.23
C ARG B 327 -44.48 -11.54 -10.85
N GLU B 328 -44.25 -12.54 -11.72
CA GLU B 328 -43.23 -13.55 -11.47
C GLU B 328 -41.86 -12.91 -11.32
N ILE B 329 -41.55 -11.92 -12.17
CA ILE B 329 -40.23 -11.30 -12.12
C ILE B 329 -40.03 -10.58 -10.80
N LEU B 330 -41.05 -9.90 -10.30
CA LEU B 330 -40.88 -9.09 -9.10
C LEU B 330 -41.12 -9.85 -7.80
N VAL B 331 -42.19 -10.65 -7.72
CA VAL B 331 -42.57 -11.31 -6.47
C VAL B 331 -42.73 -12.82 -6.63
N GLY B 332 -42.43 -13.38 -7.80
CA GLY B 332 -42.43 -14.81 -7.97
C GLY B 332 -43.83 -15.39 -8.03
N PRO B 333 -43.92 -16.72 -7.86
CA PRO B 333 -42.82 -17.67 -7.64
C PRO B 333 -41.85 -17.74 -8.83
N ALA B 334 -40.58 -17.97 -8.54
CA ALA B 334 -39.55 -17.96 -9.57
C ALA B 334 -39.51 -19.30 -10.29
N LYS B 335 -39.55 -19.25 -11.62
CA LYS B 335 -39.41 -20.44 -12.46
C LYS B 335 -37.98 -20.71 -12.89
N LEU B 336 -37.05 -19.79 -12.62
CA LEU B 336 -35.70 -19.86 -13.14
C LEU B 336 -34.68 -20.10 -12.03
N ASP B 337 -33.47 -20.47 -12.45
CA ASP B 337 -32.38 -20.82 -11.56
C ASP B 337 -31.34 -19.71 -11.41
N ASP B 338 -31.55 -18.56 -12.02
CA ASP B 338 -30.48 -17.57 -12.20
C ASP B 338 -30.73 -16.27 -11.44
N GLY B 339 -31.75 -16.21 -10.60
CA GLY B 339 -31.99 -15.03 -9.81
C GLY B 339 -32.55 -13.85 -10.57
N THR B 340 -33.11 -14.06 -11.76
CA THR B 340 -33.76 -12.99 -12.51
C THR B 340 -35.26 -12.92 -12.28
N HIS B 341 -35.82 -13.86 -11.53
CA HIS B 341 -37.22 -13.83 -11.12
C HIS B 341 -37.32 -13.67 -9.61
N ASN B 342 -38.51 -13.29 -9.15
CA ASN B 342 -38.79 -13.04 -7.74
C ASN B 342 -37.70 -12.15 -7.11
N LEU B 343 -37.50 -10.99 -7.73
CA LEU B 343 -36.46 -10.08 -7.27
C LEU B 343 -36.70 -9.65 -5.82
N LEU B 344 -37.96 -9.42 -5.45
CA LEU B 344 -38.25 -9.06 -4.07
C LEU B 344 -37.88 -10.19 -3.12
N GLY B 345 -38.23 -11.43 -3.48
CA GLY B 345 -37.86 -12.57 -2.65
C GLY B 345 -36.35 -12.72 -2.52
N ALA B 346 -35.63 -12.41 -3.60
CA ALA B 346 -34.17 -12.48 -3.53
C ALA B 346 -33.63 -11.45 -2.54
N ILE B 347 -34.15 -10.22 -2.59
CA ILE B 347 -33.70 -9.19 -1.65
C ILE B 347 -33.95 -9.64 -0.22
N LYS B 348 -35.18 -10.07 0.09
CA LYS B 348 -35.50 -10.45 1.46
C LYS B 348 -34.70 -11.67 1.90
N THR B 349 -34.50 -12.62 0.99
CA THR B 349 -33.69 -13.80 1.32
C THR B 349 -32.25 -13.40 1.59
N SER B 350 -31.68 -12.54 0.76
CA SER B 350 -30.32 -12.06 0.99
C SER B 350 -30.23 -11.33 2.33
N MET B 351 -31.14 -10.38 2.55
CA MET B 351 -31.19 -9.69 3.84
C MET B 351 -31.27 -10.67 4.99
N GLY B 352 -32.02 -11.75 4.80
CA GLY B 352 -32.12 -12.78 5.82
C GLY B 352 -30.78 -13.43 6.13
N THR B 353 -30.05 -13.83 5.07
CA THR B 353 -28.75 -14.47 5.28
C THR B 353 -27.77 -13.51 5.94
N LEU B 354 -27.96 -12.21 5.76
CA LEU B 354 -27.05 -11.21 6.28
C LEU B 354 -27.49 -10.62 7.61
N GLY B 355 -28.71 -10.92 8.06
CA GLY B 355 -29.20 -10.37 9.29
C GLY B 355 -29.65 -8.93 9.21
N ALA B 356 -30.00 -8.45 8.02
CA ALA B 356 -30.44 -7.07 7.84
C ALA B 356 -31.96 -7.03 7.95
N LYS B 357 -32.45 -6.37 8.99
CA LYS B 357 -33.89 -6.30 9.25
C LYS B 357 -34.58 -5.34 8.31
N ASP B 358 -33.89 -4.30 7.84
CA ASP B 358 -34.47 -3.32 6.94
C ASP B 358 -33.38 -2.81 6.00
N MET B 359 -33.79 -1.94 5.07
CA MET B 359 -32.88 -1.49 4.03
C MET B 359 -31.69 -0.72 4.62
N LYS B 360 -31.92 0.06 5.67
CA LYS B 360 -30.81 0.79 6.28
C LYS B 360 -29.78 -0.18 6.86
N GLU B 361 -30.23 -1.28 7.48
CA GLU B 361 -29.27 -2.27 7.95
C GLU B 361 -28.58 -2.94 6.76
N MET B 362 -29.29 -3.15 5.66
CA MET B 362 -28.67 -3.75 4.49
C MET B 362 -27.54 -2.86 3.97
N GLN B 363 -27.69 -1.54 4.07
CA GLN B 363 -26.66 -0.61 3.66
C GLN B 363 -25.43 -0.68 4.55
N GLN B 364 -25.51 -1.37 5.68
CA GLN B 364 -24.38 -1.48 6.60
C GLN B 364 -23.66 -2.82 6.51
N VAL B 365 -24.07 -3.72 5.61
CA VAL B 365 -23.46 -5.05 5.59
C VAL B 365 -22.01 -4.95 5.14
N ASP B 366 -21.17 -5.86 5.65
CA ASP B 366 -19.77 -5.87 5.25
C ASP B 366 -19.63 -6.36 3.81
N VAL B 367 -18.65 -5.79 3.11
CA VAL B 367 -18.41 -6.06 1.70
C VAL B 367 -16.98 -6.54 1.53
N VAL B 368 -16.78 -7.50 0.62
CA VAL B 368 -15.45 -7.93 0.23
C VAL B 368 -15.24 -7.63 -1.25
N ILE B 369 -14.01 -7.29 -1.60
CA ILE B 369 -13.59 -7.25 -3.01
C ILE B 369 -13.27 -8.68 -3.40
N ALA B 370 -14.09 -9.25 -4.28
CA ALA B 370 -14.05 -10.69 -4.56
C ALA B 370 -14.41 -10.93 -6.01
N PRO B 371 -13.49 -10.65 -6.94
CA PRO B 371 -13.76 -10.98 -8.35
C PRO B 371 -14.08 -12.45 -8.56
N SER B 372 -13.61 -13.33 -7.68
CA SER B 372 -13.88 -14.76 -7.81
C SER B 372 -15.29 -15.16 -7.43
N LEU B 373 -16.10 -14.23 -6.91
CA LEU B 373 -17.48 -14.58 -6.57
C LEU B 373 -18.20 -15.17 -7.78
N LEU B 374 -17.92 -14.65 -8.97
CA LEU B 374 -18.64 -15.06 -10.18
C LEU B 374 -17.91 -16.13 -10.98
N THR B 375 -16.74 -16.56 -10.54
CA THR B 375 -15.96 -17.56 -11.26
C THR B 375 -15.73 -18.84 -10.47
N GLU B 376 -15.59 -18.75 -9.15
CA GLU B 376 -15.27 -19.91 -8.33
C GLU B 376 -16.26 -21.04 -8.57
N GLY B 377 -15.76 -22.17 -9.09
CA GLY B 377 -16.54 -23.37 -9.26
C GLY B 377 -17.54 -23.35 -10.39
N LYS B 378 -17.57 -22.31 -11.21
CA LYS B 378 -18.65 -22.12 -12.18
C LYS B 378 -18.29 -22.60 -13.59
N VAL B 379 -17.31 -23.50 -13.73
CA VAL B 379 -16.89 -23.92 -15.06
C VAL B 379 -18.05 -24.59 -15.81
N TYR B 380 -18.80 -25.47 -15.13
CA TYR B 380 -19.91 -26.15 -15.79
C TYR B 380 -21.01 -25.15 -16.17
N GLN B 381 -21.38 -24.27 -15.23
CA GLN B 381 -22.45 -23.32 -15.50
C GLN B 381 -22.11 -22.44 -16.70
N LYS B 382 -20.86 -21.99 -16.80
CA LYS B 382 -20.46 -21.17 -17.93
C LYS B 382 -20.53 -21.97 -19.23
N ALA B 383 -19.98 -23.18 -19.22
CA ALA B 383 -19.92 -23.97 -20.45
C ALA B 383 -21.30 -24.36 -20.94
N GLN B 384 -22.21 -24.66 -20.02
CA GLN B 384 -23.55 -25.13 -20.38
C GLN B 384 -24.59 -24.02 -20.34
N GLN B 385 -24.19 -22.79 -20.07
CA GLN B 385 -25.10 -21.64 -20.05
C GLN B 385 -26.30 -21.92 -19.15
N LEU B 386 -26.00 -22.30 -17.91
CA LEU B 386 -27.00 -22.55 -16.89
C LEU B 386 -26.66 -21.71 -15.68
N GLY B 387 -27.69 -21.40 -14.89
CA GLY B 387 -27.53 -20.64 -13.67
C GLY B 387 -26.83 -19.31 -13.86
N MET B 388 -25.69 -19.13 -13.18
CA MET B 388 -24.95 -17.88 -13.25
C MET B 388 -24.19 -17.72 -14.57
N GLY B 389 -24.17 -18.74 -15.42
CA GLY B 389 -23.47 -18.67 -16.67
C GLY B 389 -24.32 -18.36 -17.88
N LYS B 390 -25.56 -17.92 -17.70
CA LYS B 390 -26.42 -17.71 -18.86
C LYS B 390 -26.13 -16.35 -19.51
N GLY C 1 15.50 2.54 -14.26
CA GLY C 1 15.07 2.80 -12.85
C GLY C 1 13.80 3.63 -12.78
N SER C 2 13.11 3.55 -11.64
CA SER C 2 11.86 4.27 -11.46
C SER C 2 11.63 4.54 -9.99
N HIS C 3 10.77 5.52 -9.71
CA HIS C 3 10.36 5.82 -8.34
C HIS C 3 9.29 4.87 -7.82
N MET C 4 8.75 4.00 -8.68
CA MET C 4 7.81 2.96 -8.28
C MET C 4 8.46 1.60 -8.51
N ASN C 5 8.44 0.75 -7.47
CA ASN C 5 9.16 -0.52 -7.52
C ASN C 5 8.32 -1.62 -6.88
N ILE C 6 7.26 -2.02 -7.58
CA ILE C 6 6.58 -3.28 -7.29
C ILE C 6 7.59 -4.41 -7.43
N THR C 7 7.49 -5.41 -6.56
CA THR C 7 8.44 -6.50 -6.56
C THR C 7 7.94 -7.64 -7.45
N ILE C 8 8.72 -7.96 -8.49
CA ILE C 8 8.50 -9.18 -9.24
C ILE C 8 9.14 -10.36 -8.52
N GLY C 9 10.41 -10.20 -8.14
CA GLY C 9 11.11 -11.16 -7.32
C GLY C 9 12.28 -10.44 -6.68
N ARG C 10 13.06 -11.21 -5.91
CA ARG C 10 14.25 -10.62 -5.30
C ARG C 10 15.12 -9.99 -6.38
N GLY C 11 15.44 -8.71 -6.19
CA GLY C 11 16.31 -8.00 -7.13
C GLY C 11 15.70 -7.61 -8.45
N LYS C 12 14.39 -7.76 -8.64
CA LYS C 12 13.73 -7.31 -9.86
C LYS C 12 12.42 -6.63 -9.50
N THR C 13 12.30 -5.36 -9.84
CA THR C 13 11.12 -4.55 -9.58
C THR C 13 10.47 -4.11 -10.88
N ALA C 14 9.28 -3.53 -10.74
CA ALA C 14 8.52 -3.04 -11.89
C ALA C 14 7.60 -1.94 -11.38
N ARG C 15 7.02 -1.19 -12.33
CA ARG C 15 5.98 -0.23 -12.03
C ARG C 15 4.72 -0.58 -12.81
N ARG C 16 3.57 -0.31 -12.19
CA ARG C 16 2.28 -0.61 -12.81
C ARG C 16 1.97 0.41 -13.90
N ALA C 17 1.57 -0.09 -15.07
CA ALA C 17 1.14 0.74 -16.18
C ALA C 17 -0.28 0.35 -16.56
N TYR C 18 -1.11 1.33 -16.89
CA TYR C 18 -2.52 1.13 -17.13
C TYR C 18 -2.87 1.32 -18.60
N GLY C 19 -3.75 0.44 -19.11
CA GLY C 19 -4.15 0.49 -20.50
C GLY C 19 -5.42 1.28 -20.71
N ILE C 20 -5.70 1.57 -21.99
CA ILE C 20 -6.93 2.30 -22.32
C ILE C 20 -8.14 1.58 -21.76
N ASP C 21 -8.13 0.24 -21.79
CA ASP C 21 -9.28 -0.54 -21.34
C ASP C 21 -9.40 -0.63 -19.83
N GLU C 22 -8.52 0.04 -19.09
CA GLU C 22 -8.54 -0.04 -17.63
C GLU C 22 -9.03 1.25 -16.95
N ILE C 23 -9.27 2.32 -17.69
CA ILE C 23 -9.55 3.62 -17.10
C ILE C 23 -10.89 4.14 -17.59
N ALA C 24 -11.39 5.16 -16.89
CA ALA C 24 -12.64 5.83 -17.25
C ALA C 24 -12.57 7.28 -16.76
N LEU C 25 -13.41 8.12 -17.35
CA LEU C 25 -13.42 9.55 -17.07
C LEU C 25 -14.60 9.90 -16.16
N VAL C 26 -14.36 10.82 -15.24
CA VAL C 26 -15.30 11.17 -14.18
C VAL C 26 -15.84 12.57 -14.45
N PRO C 27 -17.16 12.78 -14.41
CA PRO C 27 -17.68 14.14 -14.52
C PRO C 27 -17.09 15.08 -13.48
N GLY C 28 -17.00 16.35 -13.84
CA GLY C 28 -16.48 17.39 -12.97
C GLY C 28 -17.57 18.18 -12.29
N VAL C 29 -17.30 19.47 -12.06
CA VAL C 29 -18.25 20.31 -11.34
C VAL C 29 -19.34 20.85 -12.25
N ARG C 30 -19.16 20.82 -13.57
CA ARG C 30 -20.14 21.39 -14.49
C ARG C 30 -20.22 20.57 -15.77
N THR C 31 -21.32 20.73 -16.47
CA THR C 31 -21.49 20.26 -17.84
C THR C 31 -21.56 21.45 -18.78
N LEU C 32 -21.41 21.19 -20.08
CA LEU C 32 -21.52 22.25 -21.06
C LEU C 32 -22.02 21.68 -22.38
N ASP C 33 -22.63 22.54 -23.18
CA ASP C 33 -23.16 22.14 -24.47
C ASP C 33 -22.03 21.68 -25.38
N PRO C 34 -22.16 20.51 -26.03
CA PRO C 34 -21.06 20.02 -26.89
C PRO C 34 -20.64 21.01 -27.97
N ALA C 35 -21.55 21.85 -28.44
CA ALA C 35 -21.20 22.82 -29.48
C ALA C 35 -20.12 23.80 -29.02
N LEU C 36 -19.94 23.95 -27.70
CA LEU C 36 -18.95 24.87 -27.17
C LEU C 36 -17.58 24.23 -26.97
N ALA C 37 -17.45 22.93 -27.20
CA ALA C 37 -16.21 22.22 -26.93
C ALA C 37 -15.20 22.49 -28.05
N ASP C 38 -14.06 23.07 -27.68
CA ASP C 38 -12.99 23.42 -28.61
C ASP C 38 -12.01 22.25 -28.72
N THR C 39 -11.93 21.65 -29.90
CA THR C 39 -11.13 20.45 -30.13
C THR C 39 -9.85 20.72 -30.91
N ARG C 40 -9.47 21.98 -31.13
CA ARG C 40 -8.33 22.26 -31.99
C ARG C 40 -7.01 21.82 -31.34
N TRP C 41 -6.05 21.52 -32.21
CA TRP C 41 -4.65 21.36 -31.85
C TRP C 41 -3.81 22.02 -32.93
N LYS C 42 -2.50 22.08 -32.69
CA LYS C 42 -1.61 22.79 -33.60
C LYS C 42 -0.24 22.13 -33.58
N VAL C 43 0.31 21.94 -34.78
CA VAL C 43 1.66 21.45 -34.95
C VAL C 43 2.40 22.39 -35.90
N GLY C 44 3.55 22.87 -35.46
CA GLY C 44 4.22 23.92 -36.22
C GLY C 44 3.32 25.13 -36.32
N ALA C 45 3.08 25.58 -37.55
CA ALA C 45 2.13 26.67 -37.81
C ALA C 45 0.80 26.17 -38.37
N ILE C 46 0.55 24.86 -38.30
CA ILE C 46 -0.64 24.26 -38.89
C ILE C 46 -1.64 24.02 -37.78
N GLU C 47 -2.75 24.77 -37.80
CA GLU C 47 -3.86 24.55 -36.89
C GLU C 47 -4.85 23.59 -37.52
N ARG C 48 -5.43 22.72 -36.70
CA ARG C 48 -6.38 21.72 -37.16
C ARG C 48 -7.57 21.69 -36.21
N GLU C 49 -8.78 21.70 -36.79
CA GLU C 49 -9.99 21.64 -35.97
C GLU C 49 -10.22 20.24 -35.39
N ILE C 50 -9.82 19.20 -36.10
CA ILE C 50 -10.00 17.82 -35.65
C ILE C 50 -8.66 17.31 -35.14
N PRO C 51 -8.55 16.91 -33.85
CA PRO C 51 -7.27 16.43 -33.30
C PRO C 51 -6.97 14.98 -33.65
N ILE C 52 -7.08 14.64 -34.93
CA ILE C 52 -6.91 13.27 -35.40
C ILE C 52 -5.95 13.28 -36.58
N ILE C 53 -5.00 12.35 -36.58
CA ILE C 53 -4.08 12.14 -37.69
C ILE C 53 -4.23 10.70 -38.16
N ALA C 54 -4.37 10.50 -39.47
CA ALA C 54 -4.41 9.16 -40.02
C ALA C 54 -3.00 8.59 -40.08
N SER C 55 -2.85 7.37 -39.56
CA SER C 55 -1.55 6.72 -39.51
C SER C 55 -0.95 6.57 -40.91
N ALA C 56 0.39 6.55 -40.96
CA ALA C 56 1.11 6.34 -42.21
C ALA C 56 1.14 4.86 -42.53
N MET C 57 -0.01 4.35 -42.99
CA MET C 57 -0.18 2.93 -43.26
C MET C 57 -0.92 2.78 -44.59
N ASP C 58 -0.49 1.82 -45.41
CA ASP C 58 -0.95 1.76 -46.79
C ASP C 58 -2.42 1.39 -46.92
N GLY C 59 -3.01 0.78 -45.90
CA GLY C 59 -4.44 0.55 -45.91
C GLY C 59 -5.26 1.74 -45.50
N VAL C 60 -4.61 2.79 -45.01
CA VAL C 60 -5.29 3.94 -44.43
C VAL C 60 -5.18 5.17 -45.33
N VAL C 61 -3.97 5.52 -45.75
CA VAL C 61 -3.71 6.80 -46.39
C VAL C 61 -3.05 6.58 -47.75
N ASP C 62 -3.68 7.12 -48.79
CA ASP C 62 -3.06 7.38 -50.07
C ASP C 62 -3.22 8.88 -50.34
N SER C 63 -2.88 9.32 -51.56
CA SER C 63 -2.93 10.74 -51.86
C SER C 63 -4.34 11.29 -51.71
N ARG C 64 -5.35 10.57 -52.22
CA ARG C 64 -6.73 11.04 -52.10
C ARG C 64 -7.15 11.15 -50.64
N MET C 65 -6.88 10.11 -49.85
CA MET C 65 -7.28 10.16 -48.44
C MET C 65 -6.65 11.35 -47.73
N ALA C 66 -5.36 11.62 -48.00
CA ALA C 66 -4.68 12.74 -47.37
C ALA C 66 -5.42 14.04 -47.65
N VAL C 67 -5.91 14.21 -48.87
CA VAL C 67 -6.65 15.42 -49.23
C VAL C 67 -8.00 15.46 -48.53
N LEU C 68 -8.75 14.36 -48.57
CA LEU C 68 -10.05 14.33 -47.90
C LEU C 68 -9.89 14.64 -46.42
N LEU C 69 -8.87 14.08 -45.77
CA LEU C 69 -8.66 14.37 -44.36
C LEU C 69 -8.33 15.83 -44.13
N SER C 70 -7.52 16.42 -45.00
CA SER C 70 -7.15 17.82 -44.85
CA SER C 70 -7.15 17.82 -44.85
C SER C 70 -8.36 18.73 -44.97
N GLU C 71 -9.26 18.45 -45.93
CA GLU C 71 -10.43 19.29 -46.12
C GLU C 71 -11.39 19.20 -44.94
N LEU C 72 -11.47 18.05 -44.28
CA LEU C 72 -12.36 17.87 -43.15
C LEU C 72 -11.83 18.53 -41.87
N GLY C 73 -10.58 19.00 -41.89
CA GLY C 73 -9.97 19.57 -40.72
C GLY C 73 -9.04 18.66 -39.97
N ALA C 74 -8.70 17.50 -40.55
CA ALA C 74 -7.80 16.53 -39.94
C ALA C 74 -6.52 16.45 -40.77
N LEU C 75 -5.80 15.34 -40.63
CA LEU C 75 -4.53 15.17 -41.32
C LEU C 75 -4.30 13.69 -41.65
N GLY C 76 -3.57 13.46 -42.72
CA GLY C 76 -3.16 12.11 -43.07
C GLY C 76 -1.71 12.09 -43.52
N VAL C 77 -1.00 11.04 -43.10
CA VAL C 77 0.41 10.89 -43.38
C VAL C 77 0.60 9.76 -44.39
N VAL C 78 1.30 10.07 -45.48
CA VAL C 78 1.69 9.08 -46.48
C VAL C 78 3.02 8.46 -46.08
N ASN C 79 3.07 7.14 -46.01
CA ASN C 79 4.31 6.42 -45.69
C ASN C 79 5.17 6.36 -46.94
N LEU C 80 6.31 7.05 -46.92
CA LEU C 80 7.17 7.11 -48.10
C LEU C 80 8.01 5.84 -48.30
N GLU C 81 7.88 4.85 -47.42
CA GLU C 81 8.55 3.57 -47.60
C GLU C 81 7.57 2.44 -47.90
N GLY C 82 6.31 2.78 -48.19
CA GLY C 82 5.28 1.82 -48.52
C GLY C 82 5.07 1.70 -50.00
N ILE C 83 3.89 1.18 -50.37
CA ILE C 83 3.58 0.90 -51.77
C ILE C 83 3.46 2.18 -52.59
N GLN C 84 3.17 3.32 -51.94
CA GLN C 84 2.89 4.56 -52.68
C GLN C 84 4.12 5.07 -53.41
N THR C 85 5.32 4.78 -52.89
CA THR C 85 6.56 5.22 -53.53
C THR C 85 7.29 4.11 -54.27
N ARG C 86 6.80 2.88 -54.18
CA ARG C 86 7.42 1.75 -54.87
C ARG C 86 6.70 1.37 -56.16
N TYR C 87 5.47 1.83 -56.34
CA TYR C 87 4.72 1.51 -57.54
C TYR C 87 4.06 2.76 -58.10
N GLU C 88 4.17 2.94 -59.42
CA GLU C 88 3.53 4.08 -60.06
C GLU C 88 2.02 4.05 -59.86
N ASP C 89 1.41 2.87 -60.05
CA ASP C 89 -0.01 2.67 -59.83
C ASP C 89 -0.19 1.66 -58.71
N PRO C 90 -0.44 2.09 -57.47
CA PRO C 90 -0.55 1.11 -56.38
C PRO C 90 -1.84 0.29 -56.39
N ASN C 91 -2.85 0.70 -57.16
CA ASN C 91 -4.16 0.05 -57.01
C ASN C 91 -4.11 -1.44 -57.30
N PRO C 92 -3.51 -1.91 -58.39
CA PRO C 92 -3.42 -3.38 -58.59
C PRO C 92 -2.72 -4.09 -57.44
N ILE C 93 -1.75 -3.43 -56.81
CA ILE C 93 -1.04 -4.03 -55.67
C ILE C 93 -1.97 -4.11 -54.47
N LEU C 94 -2.69 -3.02 -54.18
CA LEU C 94 -3.66 -3.04 -53.10
C LEU C 94 -4.75 -4.07 -53.35
N ASP C 95 -5.16 -4.23 -54.62
CA ASP C 95 -6.15 -5.26 -54.96
C ASP C 95 -5.66 -6.64 -54.54
N ARG C 96 -4.39 -6.97 -54.85
CA ARG C 96 -3.86 -8.28 -54.50
C ARG C 96 -3.80 -8.48 -53.00
N ILE C 97 -3.34 -7.47 -52.26
CA ILE C 97 -3.25 -7.62 -50.81
C ILE C 97 -4.61 -7.95 -50.21
N ALA C 98 -5.67 -7.35 -50.74
CA ALA C 98 -6.99 -7.54 -50.18
C ALA C 98 -7.63 -8.85 -50.54
N SER C 99 -7.25 -9.44 -51.66
CA SER C 99 -7.90 -10.64 -52.17
C SER C 99 -7.25 -11.93 -51.71
N VAL C 100 -6.00 -11.89 -51.28
CA VAL C 100 -5.30 -13.11 -50.91
C VAL C 100 -5.84 -13.60 -49.58
N GLY C 101 -5.62 -14.90 -49.32
CA GLY C 101 -6.17 -15.51 -48.13
C GLY C 101 -5.36 -15.24 -46.89
N LYS C 102 -5.91 -15.70 -45.77
CA LYS C 102 -5.31 -15.42 -44.47
C LYS C 102 -3.91 -16.02 -44.35
N THR C 103 -3.71 -17.20 -44.91
CA THR C 103 -2.42 -17.89 -44.76
C THR C 103 -1.37 -17.42 -45.75
N GLU C 104 -1.69 -16.48 -46.62
CA GLU C 104 -0.80 -16.11 -47.71
C GLU C 104 -0.39 -14.65 -47.74
N PHE C 105 -1.07 -13.76 -46.98
CA PHE C 105 -0.82 -12.34 -47.17
C PHE C 105 0.58 -11.94 -46.69
N VAL C 106 1.13 -12.65 -45.69
CA VAL C 106 2.46 -12.31 -45.21
C VAL C 106 3.49 -12.50 -46.32
N GLY C 107 3.52 -13.70 -46.91
CA GLY C 107 4.48 -13.97 -47.98
C GLY C 107 4.29 -13.04 -49.16
N LEU C 108 3.04 -12.71 -49.50
CA LEU C 108 2.78 -11.79 -50.59
C LEU C 108 3.37 -10.41 -50.30
N MET C 109 3.12 -9.88 -49.10
CA MET C 109 3.62 -8.55 -48.80
CA MET C 109 3.62 -8.54 -48.78
C MET C 109 5.14 -8.52 -48.77
N GLN C 110 5.76 -9.59 -48.24
CA GLN C 110 7.21 -9.66 -48.25
C GLN C 110 7.75 -9.52 -49.66
N GLU C 111 7.04 -10.07 -50.65
CA GLU C 111 7.44 -9.93 -52.04
C GLU C 111 7.13 -8.53 -52.56
N LEU C 112 5.88 -8.08 -52.40
CA LEU C 112 5.45 -6.83 -53.01
C LEU C 112 6.25 -5.65 -52.49
N TYR C 113 6.52 -5.61 -51.18
CA TYR C 113 7.25 -4.49 -50.59
C TYR C 113 8.75 -4.56 -50.86
N ALA C 114 9.23 -5.60 -51.55
CA ALA C 114 10.62 -5.65 -51.97
C ALA C 114 10.90 -4.80 -53.19
N GLU C 115 9.88 -4.39 -53.93
CA GLU C 115 10.07 -3.50 -55.07
C GLU C 115 10.76 -2.21 -54.60
N PRO C 116 11.87 -1.82 -55.21
CA PRO C 116 12.62 -0.67 -54.69
C PRO C 116 11.82 0.62 -54.72
N ILE C 117 12.13 1.51 -53.78
CA ILE C 117 11.53 2.84 -53.75
C ILE C 117 12.00 3.64 -54.95
N LYS C 118 11.07 4.41 -55.56
CA LYS C 118 11.40 5.35 -56.62
C LYS C 118 11.42 6.76 -56.04
N PRO C 119 12.59 7.38 -55.88
CA PRO C 119 12.63 8.71 -55.26
C PRO C 119 11.73 9.71 -55.96
N GLU C 120 11.55 9.59 -57.29
CA GLU C 120 10.68 10.50 -58.01
C GLU C 120 9.26 10.43 -57.50
N LEU C 121 8.84 9.25 -57.02
CA LEU C 121 7.46 9.13 -56.55
C LEU C 121 7.27 9.84 -55.21
N ILE C 122 8.32 9.95 -54.40
CA ILE C 122 8.25 10.76 -53.18
C ILE C 122 7.80 12.18 -53.54
N THR C 123 8.47 12.78 -54.52
CA THR C 123 8.11 14.13 -54.94
C THR C 123 6.68 14.17 -55.47
N LYS C 124 6.31 13.21 -56.32
CA LYS C 124 4.99 13.28 -56.96
C LYS C 124 3.88 13.23 -55.92
N ARG C 125 3.96 12.29 -54.97
CA ARG C 125 2.90 12.17 -53.97
C ARG C 125 2.73 13.47 -53.21
N ILE C 126 3.85 14.07 -52.79
CA ILE C 126 3.78 15.36 -52.09
C ILE C 126 3.10 16.40 -52.97
N GLN C 127 3.52 16.49 -54.24
CA GLN C 127 3.04 17.58 -55.08
C GLN C 127 1.59 17.38 -55.52
N GLU C 128 1.18 16.14 -55.76
CA GLU C 128 -0.21 15.89 -56.15
C GLU C 128 -1.16 16.13 -54.99
N ILE C 129 -0.74 15.86 -53.75
CA ILE C 129 -1.56 16.21 -52.60
C ILE C 129 -1.68 17.72 -52.47
N GLN C 130 -0.57 18.44 -52.56
CA GLN C 130 -0.61 19.89 -52.40
C GLN C 130 -1.33 20.55 -53.56
N ALA C 131 -1.15 20.05 -54.78
CA ALA C 131 -1.85 20.62 -55.92
C ALA C 131 -3.37 20.51 -55.76
N ALA C 132 -3.84 19.47 -55.09
CA ALA C 132 -5.25 19.31 -54.80
C ALA C 132 -5.71 20.09 -53.58
N GLY C 133 -4.84 20.88 -52.98
CA GLY C 133 -5.20 21.70 -51.83
C GLY C 133 -5.04 21.02 -50.49
N GLY C 134 -4.37 19.89 -50.42
CA GLY C 134 -4.21 19.17 -49.19
C GLY C 134 -2.88 19.44 -48.50
N ILE C 135 -2.85 19.16 -47.20
CA ILE C 135 -1.60 19.24 -46.44
C ILE C 135 -0.81 17.97 -46.67
N ALA C 136 0.42 18.11 -47.14
CA ALA C 136 1.26 16.95 -47.47
C ALA C 136 2.11 16.60 -46.25
N ALA C 137 1.71 15.55 -45.55
CA ALA C 137 2.47 15.00 -44.45
C ALA C 137 2.99 13.62 -44.85
N VAL C 138 4.28 13.38 -44.65
CA VAL C 138 4.92 12.17 -45.10
C VAL C 138 5.78 11.62 -43.98
N SER C 139 5.98 10.31 -43.99
CA SER C 139 6.73 9.61 -42.95
C SER C 139 7.89 8.84 -43.55
N LEU C 140 8.96 8.74 -42.77
CA LEU C 140 10.12 7.93 -43.08
C LEU C 140 10.61 7.30 -41.78
N THR C 141 11.23 6.13 -41.89
CA THR C 141 11.98 5.59 -40.77
C THR C 141 13.28 6.36 -40.62
N PRO C 142 13.95 6.24 -39.47
CA PRO C 142 15.26 6.89 -39.32
C PRO C 142 16.23 6.56 -40.45
N VAL C 143 16.31 5.28 -40.85
CA VAL C 143 17.19 4.92 -41.95
C VAL C 143 16.70 5.56 -43.24
N GLY C 144 15.39 5.59 -43.45
CA GLY C 144 14.85 6.23 -44.64
C GLY C 144 15.18 7.70 -44.72
N ALA C 145 15.17 8.39 -43.57
CA ALA C 145 15.50 9.82 -43.56
C ALA C 145 16.93 10.06 -44.00
N SER C 146 17.86 9.20 -43.59
CA SER C 146 19.25 9.35 -43.99
C SER C 146 19.38 9.30 -45.51
N LYS C 147 18.47 8.63 -46.20
CA LYS C 147 18.53 8.49 -47.64
C LYS C 147 17.65 9.47 -48.39
N TYR C 148 16.49 9.84 -47.85
CA TYR C 148 15.48 10.57 -48.61
C TYR C 148 15.03 11.88 -47.99
N ALA C 149 15.62 12.30 -46.86
CA ALA C 149 15.16 13.52 -46.21
C ALA C 149 15.32 14.73 -47.15
N SER C 150 16.44 14.80 -47.87
CA SER C 150 16.65 15.93 -48.78
C SER C 150 15.63 15.93 -49.91
N THR C 151 15.21 14.76 -50.37
CA THR C 151 14.16 14.70 -51.38
C THR C 151 12.87 15.30 -50.84
N VAL C 152 12.52 14.98 -49.61
CA VAL C 152 11.32 15.54 -48.98
C VAL C 152 11.45 17.05 -48.84
N ALA C 153 12.64 17.52 -48.42
CA ALA C 153 12.84 18.96 -48.27
C ALA C 153 12.69 19.68 -49.60
N GLU C 154 13.35 19.18 -50.65
CA GLU C 154 13.26 19.81 -51.97
C GLU C 154 11.84 19.79 -52.50
N ALA C 155 11.08 18.74 -52.21
CA ALA C 155 9.70 18.67 -52.68
C ALA C 155 8.79 19.63 -51.94
N GLY C 156 9.19 20.07 -50.75
CA GLY C 156 8.40 21.04 -50.03
C GLY C 156 7.21 20.47 -49.28
N ALA C 157 7.36 19.31 -48.68
CA ALA C 157 6.30 18.75 -47.86
C ALA C 157 6.00 19.67 -46.69
N ASP C 158 4.74 19.63 -46.23
CA ASP C 158 4.32 20.47 -45.11
C ASP C 158 4.77 19.91 -43.78
N LEU C 159 4.82 18.59 -43.64
CA LEU C 159 5.25 17.96 -42.40
C LEU C 159 6.04 16.70 -42.70
N LEU C 160 7.08 16.46 -41.91
CA LEU C 160 7.87 15.24 -41.97
C LEU C 160 7.72 14.49 -40.66
N PHE C 161 7.32 13.21 -40.75
CA PHE C 161 7.24 12.32 -39.60
C PHE C 161 8.38 11.32 -39.67
N ILE C 162 9.26 11.33 -38.68
CA ILE C 162 10.27 10.29 -38.51
C ILE C 162 9.70 9.30 -37.50
N GLN C 163 9.39 8.10 -37.96
CA GLN C 163 8.67 7.13 -37.13
C GLN C 163 9.35 5.78 -37.20
N ALA C 164 9.83 5.31 -36.05
CA ALA C 164 10.27 3.94 -35.86
C ALA C 164 9.43 3.31 -34.76
N THR C 165 9.34 1.98 -34.79
CA THR C 165 8.62 1.28 -33.72
C THR C 165 9.11 1.75 -32.36
N VAL C 166 10.42 1.88 -32.19
CA VAL C 166 11.02 2.43 -30.99
C VAL C 166 12.17 3.34 -31.42
N VAL C 167 12.09 4.62 -31.08
CA VAL C 167 13.11 5.59 -31.45
C VAL C 167 13.74 6.16 -30.19
N SER C 168 15.00 6.56 -30.32
CA SER C 168 15.70 7.33 -29.29
C SER C 168 16.63 8.31 -29.98
N THR C 169 17.05 9.34 -29.25
CA THR C 169 18.09 10.24 -29.75
C THR C 169 19.45 9.57 -29.78
N ALA C 170 19.63 8.49 -29.04
CA ALA C 170 20.90 7.75 -29.00
C ALA C 170 20.67 6.38 -29.62
N HIS C 171 21.35 6.11 -30.74
CA HIS C 171 21.26 4.85 -31.44
C HIS C 171 22.66 4.37 -31.77
N LEU C 172 22.96 3.11 -31.44
CA LEU C 172 24.30 2.50 -31.70
C LEU C 172 24.25 1.81 -33.06
N SER C 173 24.68 2.48 -34.13
CA SER C 173 24.71 1.89 -35.50
C SER C 173 25.84 0.86 -35.59
N PRO C 174 25.81 -0.09 -36.54
CA PRO C 174 26.88 -1.06 -36.71
C PRO C 174 28.12 -0.45 -37.40
N VAL C 177 28.83 2.67 -39.81
CA VAL C 177 27.56 3.30 -40.11
C VAL C 177 27.34 4.49 -39.19
N GLU C 178 26.79 5.57 -39.74
CA GLU C 178 26.52 6.79 -38.99
C GLU C 178 25.03 6.85 -38.65
N SER C 179 24.73 6.91 -37.37
CA SER C 179 23.33 7.02 -36.94
C SER C 179 22.75 8.37 -37.33
N LEU C 180 21.44 8.41 -37.52
CA LEU C 180 20.77 9.65 -37.88
C LEU C 180 20.89 10.67 -36.74
N ASP C 181 21.42 11.85 -37.07
CA ASP C 181 21.53 12.96 -36.12
C ASP C 181 20.20 13.70 -36.12
N LEU C 182 19.36 13.43 -35.12
CA LEU C 182 18.03 14.02 -35.11
C LEU C 182 18.10 15.53 -34.88
N VAL C 183 19.09 16.01 -34.13
CA VAL C 183 19.25 17.44 -33.94
C VAL C 183 19.51 18.14 -35.27
N LYS C 184 20.46 17.61 -36.05
CA LYS C 184 20.75 18.20 -37.35
C LYS C 184 19.53 18.12 -38.26
N LEU C 185 18.81 17.00 -38.25
CA LEU C 185 17.64 16.86 -39.11
C LEU C 185 16.63 17.96 -38.83
N CYS C 186 16.26 18.15 -37.56
CA CYS C 186 15.27 19.16 -37.24
C CYS C 186 15.77 20.55 -37.57
N GLN C 187 17.07 20.79 -37.39
CA GLN C 187 17.62 22.11 -37.70
C GLN C 187 17.64 22.36 -39.20
N GLU C 188 17.94 21.33 -39.99
CA GLU C 188 18.13 21.51 -41.43
C GLU C 188 16.85 21.37 -42.25
N MET C 189 15.89 20.57 -41.81
CA MET C 189 14.68 20.40 -42.59
C MET C 189 13.88 21.70 -42.62
N PRO C 190 13.38 22.10 -43.80
CA PRO C 190 12.63 23.37 -43.87
C PRO C 190 11.23 23.31 -43.27
N MET C 191 10.73 22.15 -42.87
CA MET C 191 9.41 22.09 -42.27
C MET C 191 9.44 21.49 -40.88
N PRO C 192 8.32 21.53 -40.13
CA PRO C 192 8.28 20.88 -38.81
C PRO C 192 8.50 19.37 -38.94
N VAL C 193 9.20 18.80 -37.95
CA VAL C 193 9.55 17.38 -37.95
C VAL C 193 8.96 16.73 -36.70
N VAL C 194 8.07 15.76 -36.91
CA VAL C 194 7.49 14.96 -35.83
C VAL C 194 8.33 13.71 -35.64
N LEU C 195 8.59 13.34 -34.39
CA LEU C 195 9.48 12.24 -34.05
C LEU C 195 8.76 11.21 -33.19
N GLY C 196 9.03 9.94 -33.46
CA GLY C 196 8.48 8.86 -32.65
C GLY C 196 9.02 7.52 -33.14
N ASN C 197 8.63 6.45 -32.46
CA ASN C 197 7.75 6.49 -31.29
C ASN C 197 8.49 6.20 -29.97
N CYS C 198 7.92 6.67 -28.87
CA CYS C 198 8.48 6.44 -27.54
C CYS C 198 7.35 6.25 -26.56
N VAL C 199 7.70 5.88 -25.33
CA VAL C 199 6.70 5.71 -24.28
C VAL C 199 7.21 6.19 -22.93
N THR C 200 8.39 6.81 -22.89
CA THR C 200 8.98 7.22 -21.63
C THR C 200 9.22 8.73 -21.57
N TYR C 201 9.15 9.26 -20.35
CA TYR C 201 9.49 10.66 -20.11
C TYR C 201 10.89 10.98 -20.64
N GLU C 202 11.86 10.13 -20.36
CA GLU C 202 13.24 10.44 -20.68
C GLU C 202 13.44 10.61 -22.19
N VAL C 203 12.91 9.69 -22.98
CA VAL C 203 13.13 9.76 -24.42
C VAL C 203 12.34 10.92 -25.03
N SER C 204 11.06 11.05 -24.66
CA SER C 204 10.26 12.13 -25.23
C SER C 204 10.87 13.49 -24.96
N LEU C 205 11.40 13.70 -23.75
CA LEU C 205 12.04 14.97 -23.44
C LEU C 205 13.25 15.22 -24.34
N GLU C 206 14.05 14.18 -24.59
CA GLU C 206 15.21 14.36 -25.45
C GLU C 206 14.78 14.62 -26.89
N LEU C 207 13.71 13.97 -27.33
CA LEU C 207 13.18 14.28 -28.67
C LEU C 207 12.75 15.73 -28.77
N MET C 208 12.11 16.25 -27.73
CA MET C 208 11.73 17.67 -27.72
C MET C 208 12.97 18.56 -27.75
N ARG C 209 13.96 18.24 -26.93
CA ARG C 209 15.20 19.03 -26.92
C ARG C 209 15.92 18.94 -28.26
N ALA C 210 15.72 17.85 -29.01
CA ALA C 210 16.34 17.75 -30.32
C ALA C 210 15.66 18.63 -31.35
N GLY C 211 14.46 19.13 -31.06
CA GLY C 211 13.78 20.05 -31.96
C GLY C 211 12.49 19.51 -32.53
N ALA C 212 11.94 18.46 -31.92
CA ALA C 212 10.71 17.86 -32.44
C ALA C 212 9.57 18.86 -32.42
N ALA C 213 8.78 18.87 -33.49
CA ALA C 213 7.55 19.65 -33.52
C ALA C 213 6.40 18.94 -32.81
N ALA C 214 6.52 17.64 -32.57
CA ALA C 214 5.55 16.83 -31.85
C ALA C 214 6.20 15.47 -31.62
N VAL C 215 5.67 14.73 -30.65
CA VAL C 215 6.19 13.40 -30.33
C VAL C 215 5.05 12.40 -30.43
N LEU C 216 5.33 11.26 -31.05
CA LEU C 216 4.37 10.17 -31.21
C LEU C 216 4.57 9.16 -30.09
N VAL C 217 3.51 8.88 -29.35
CA VAL C 217 3.58 8.02 -28.16
C VAL C 217 2.83 6.73 -28.46
N GLY C 218 3.52 5.61 -28.27
CA GLY C 218 2.89 4.31 -28.40
C GLY C 218 3.81 3.28 -29.02
N ILE C 219 3.88 2.10 -28.38
CA ILE C 219 4.66 0.97 -28.90
C ILE C 219 3.75 -0.25 -28.82
N GLY C 220 3.17 -0.65 -29.95
CA GLY C 220 2.47 -1.91 -30.07
C GLY C 220 0.99 -1.97 -29.75
N PRO C 221 0.34 -0.86 -29.41
CA PRO C 221 -1.10 -0.94 -29.11
C PRO C 221 -1.98 -1.12 -30.33
N GLY C 222 -1.42 -1.04 -31.54
CA GLY C 222 -2.22 -0.95 -32.74
C GLY C 222 -3.01 -2.21 -33.03
N ALA C 223 -4.12 -2.00 -33.75
CA ALA C 223 -5.02 -3.12 -34.06
C ALA C 223 -4.38 -4.14 -34.99
N ALA C 224 -3.45 -3.72 -35.85
CA ALA C 224 -2.77 -4.62 -36.77
C ALA C 224 -1.29 -4.82 -36.43
N CYS C 225 -0.92 -4.58 -35.17
CA CYS C 225 0.47 -4.63 -34.73
CA CYS C 225 0.47 -4.64 -34.74
C CYS C 225 0.69 -5.84 -33.84
N THR C 226 1.84 -6.49 -34.00
CA THR C 226 2.19 -7.65 -33.20
C THR C 226 3.55 -7.53 -32.52
N SER C 227 4.15 -6.32 -32.52
CA SER C 227 5.46 -6.15 -31.89
C SER C 227 5.45 -6.58 -30.42
N ARG C 228 4.34 -6.37 -29.71
CA ARG C 228 4.30 -6.76 -28.31
C ARG C 228 4.43 -8.27 -28.14
N GLY C 229 3.86 -9.04 -29.06
CA GLY C 229 3.97 -10.48 -29.00
C GLY C 229 5.32 -10.98 -29.49
N VAL C 230 5.87 -10.30 -30.50
CA VAL C 230 7.12 -10.73 -31.09
C VAL C 230 8.30 -10.34 -30.20
N LEU C 231 8.24 -9.16 -29.60
CA LEU C 231 9.37 -8.62 -28.85
C LEU C 231 9.13 -8.50 -27.36
N GLY C 232 7.86 -8.49 -26.92
CA GLY C 232 7.57 -8.32 -25.52
C GLY C 232 7.73 -6.90 -25.01
N VAL C 233 7.88 -5.94 -25.91
CA VAL C 233 8.16 -4.55 -25.57
C VAL C 233 6.88 -3.74 -25.67
N GLY C 234 6.67 -2.85 -24.70
CA GLY C 234 5.55 -1.93 -24.74
C GLY C 234 5.13 -1.39 -23.39
N VAL C 235 4.54 -0.19 -23.39
CA VAL C 235 3.95 0.39 -22.20
C VAL C 235 2.52 0.81 -22.56
N PRO C 236 1.50 0.34 -21.85
CA PRO C 236 0.11 0.72 -22.19
C PRO C 236 -0.06 2.23 -22.30
N GLN C 237 -1.06 2.64 -23.08
CA GLN C 237 -1.11 4.02 -23.58
C GLN C 237 -1.32 5.04 -22.47
N PRO C 238 -2.32 4.92 -21.59
CA PRO C 238 -2.51 5.94 -20.56
C PRO C 238 -1.23 6.29 -19.80
N THR C 239 -0.47 5.28 -19.39
CA THR C 239 0.79 5.53 -18.70
C THR C 239 1.80 6.21 -19.62
N ALA C 240 1.96 5.67 -20.83
CA ALA C 240 2.92 6.26 -21.77
C ALA C 240 2.57 7.70 -22.08
N ILE C 241 1.29 7.97 -22.35
CA ILE C 241 0.86 9.33 -22.69
C ILE C 241 1.15 10.28 -21.54
N ALA C 242 0.79 9.88 -20.32
CA ALA C 242 0.98 10.76 -19.18
C ALA C 242 2.46 11.06 -18.93
N ASP C 243 3.32 10.04 -19.02
CA ASP C 243 4.75 10.28 -18.83
C ASP C 243 5.28 11.27 -19.87
N CYS C 244 4.85 11.14 -21.12
CA CYS C 244 5.36 12.01 -22.18
C CYS C 244 4.72 13.40 -22.11
N ALA C 245 3.48 13.49 -21.64
CA ALA C 245 2.90 14.81 -21.38
C ALA C 245 3.65 15.53 -20.27
N ALA C 246 4.14 14.79 -19.26
CA ALA C 246 4.95 15.40 -18.22
C ALA C 246 6.25 15.97 -18.80
N ALA C 247 6.86 15.26 -19.75
CA ALA C 247 8.03 15.78 -20.42
C ALA C 247 7.70 17.07 -21.18
N ARG C 248 6.58 17.07 -21.90
CA ARG C 248 6.14 18.28 -22.59
C ARG C 248 6.05 19.46 -21.65
N ASP C 249 5.42 19.26 -20.48
CA ASP C 249 5.22 20.36 -19.55
C ASP C 249 6.54 20.84 -18.97
N ASP C 250 7.47 19.92 -18.70
CA ASP C 250 8.78 20.32 -18.20
C ASP C 250 9.59 21.02 -19.28
N TYR C 251 9.51 20.54 -20.53
CA TYR C 251 10.19 21.22 -21.62
C TYR C 251 9.61 22.62 -21.86
N LEU C 252 8.29 22.76 -21.72
CA LEU C 252 7.68 24.09 -21.82
C LEU C 252 8.22 25.03 -20.75
N GLN C 253 8.31 24.54 -19.51
CA GLN C 253 8.84 25.36 -18.44
C GLN C 253 10.29 25.76 -18.72
N GLU C 254 11.07 24.83 -19.26
CA GLU C 254 12.48 25.11 -19.49
C GLU C 254 12.68 26.13 -20.60
N THR C 255 11.94 25.99 -21.71
CA THR C 255 12.23 26.73 -22.92
C THR C 255 11.10 27.63 -23.40
N GLY C 256 9.88 27.43 -22.94
CA GLY C 256 8.75 28.16 -23.47
C GLY C 256 8.19 27.61 -24.77
N ARG C 257 8.73 26.51 -25.28
CA ARG C 257 8.27 25.91 -26.52
C ARG C 257 7.33 24.77 -26.18
N TYR C 258 6.17 24.74 -26.85
CA TYR C 258 5.15 23.72 -26.64
C TYR C 258 5.29 22.65 -27.71
N VAL C 259 5.51 21.41 -27.30
CA VAL C 259 5.66 20.29 -28.22
C VAL C 259 4.49 19.32 -28.01
N PRO C 260 3.50 19.31 -28.90
CA PRO C 260 2.33 18.46 -28.67
C PRO C 260 2.66 16.98 -28.59
N VAL C 261 1.88 16.27 -27.78
CA VAL C 261 2.00 14.83 -27.60
C VAL C 261 0.88 14.14 -28.36
N ILE C 262 1.24 13.22 -29.24
CA ILE C 262 0.28 12.51 -30.08
C ILE C 262 0.19 11.07 -29.61
N ALA C 263 -0.98 10.66 -29.15
CA ALA C 263 -1.21 9.28 -28.76
C ALA C 263 -1.46 8.46 -30.01
N ASP C 264 -0.61 7.48 -30.27
CA ASP C 264 -0.57 6.78 -31.55
C ASP C 264 -0.99 5.33 -31.37
N GLY C 265 -2.20 5.00 -31.83
CA GLY C 265 -2.57 3.62 -32.05
C GLY C 265 -3.44 3.06 -30.95
N GLY C 266 -4.08 1.93 -31.24
CA GLY C 266 -4.90 1.23 -30.29
C GLY C 266 -6.26 1.81 -30.05
N ILE C 267 -6.68 2.78 -30.86
CA ILE C 267 -7.94 3.48 -30.67
C ILE C 267 -8.97 2.91 -31.63
N ILE C 268 -10.13 2.53 -31.10
CA ILE C 268 -11.22 2.00 -31.89
C ILE C 268 -12.42 2.94 -31.90
N THR C 269 -12.74 3.53 -30.75
CA THR C 269 -13.96 4.30 -30.55
C THR C 269 -13.62 5.73 -30.15
N GLY C 270 -14.65 6.59 -30.21
CA GLY C 270 -14.49 7.93 -29.68
C GLY C 270 -14.12 7.93 -28.21
N GLY C 271 -14.65 6.98 -27.45
CA GLY C 271 -14.30 6.88 -26.05
C GLY C 271 -12.82 6.62 -25.84
N ASP C 272 -12.22 5.78 -26.69
CA ASP C 272 -10.78 5.56 -26.62
C ASP C 272 -10.01 6.85 -26.86
N ILE C 273 -10.47 7.67 -27.81
CA ILE C 273 -9.82 8.96 -28.05
C ILE C 273 -9.87 9.80 -26.78
N CYS C 274 -11.07 9.93 -26.21
CA CYS C 274 -11.25 10.81 -25.05
C CYS C 274 -10.37 10.38 -23.88
N LYS C 275 -10.26 9.06 -23.66
CA LYS C 275 -9.38 8.56 -22.61
C LYS C 275 -7.94 9.00 -22.84
N CYS C 276 -7.49 8.97 -24.09
CA CYS C 276 -6.12 9.36 -24.40
C CYS C 276 -5.91 10.84 -24.16
N ILE C 277 -6.88 11.68 -24.55
CA ILE C 277 -6.73 13.11 -24.29
C ILE C 277 -6.70 13.37 -22.79
N ALA C 278 -7.59 12.72 -22.04
CA ALA C 278 -7.64 12.94 -20.59
C ALA C 278 -6.31 12.64 -19.92
N CYS C 279 -5.53 11.72 -20.49
CA CYS C 279 -4.23 11.38 -19.93
C CYS C 279 -3.11 12.29 -20.41
N GLY C 280 -3.41 13.25 -21.29
CA GLY C 280 -2.44 14.27 -21.63
C GLY C 280 -2.20 14.50 -23.11
N ALA C 281 -2.83 13.70 -23.96
CA ALA C 281 -2.58 13.82 -25.38
C ALA C 281 -3.20 15.10 -25.94
N ASP C 282 -2.45 15.76 -26.83
CA ASP C 282 -2.95 16.90 -27.58
C ASP C 282 -3.68 16.47 -28.85
N ALA C 283 -3.38 15.28 -29.36
CA ALA C 283 -4.03 14.74 -30.54
C ALA C 283 -3.78 13.24 -30.55
N VAL C 284 -4.48 12.54 -31.44
CA VAL C 284 -4.32 11.10 -31.60
C VAL C 284 -3.98 10.80 -33.05
N MET C 285 -3.19 9.75 -33.24
CA MET C 285 -2.94 9.16 -34.55
C MET C 285 -3.65 7.80 -34.58
N ILE C 286 -4.53 7.60 -35.54
CA ILE C 286 -5.32 6.39 -35.62
C ILE C 286 -5.28 5.83 -37.04
N GLY C 287 -5.33 4.51 -37.13
CA GLY C 287 -5.31 3.85 -38.41
C GLY C 287 -6.56 3.05 -38.70
N SER C 288 -6.84 2.05 -37.87
CA SER C 288 -7.93 1.14 -38.17
C SER C 288 -9.27 1.84 -38.29
N PRO C 289 -9.61 2.84 -37.47
CA PRO C 289 -10.93 3.49 -37.65
C PRO C 289 -11.08 4.17 -39.00
N ILE C 290 -9.98 4.63 -39.60
CA ILE C 290 -10.05 5.31 -40.88
C ILE C 290 -9.92 4.32 -42.04
N ALA C 291 -9.29 3.17 -41.80
CA ALA C 291 -9.27 2.11 -42.81
C ALA C 291 -10.67 1.59 -43.12
N ARG C 292 -11.64 1.87 -42.25
CA ARG C 292 -13.01 1.45 -42.48
C ARG C 292 -13.78 2.42 -43.38
N ALA C 293 -13.13 3.47 -43.87
CA ALA C 293 -13.79 4.42 -44.74
C ALA C 293 -13.95 3.86 -46.15
N ALA C 294 -15.03 4.28 -46.81
CA ALA C 294 -15.27 3.86 -48.19
C ALA C 294 -14.11 4.24 -49.09
N GLU C 295 -13.44 5.35 -48.81
CA GLU C 295 -12.35 5.84 -49.63
C GLU C 295 -10.99 5.25 -49.24
N ALA C 296 -10.92 4.41 -48.22
CA ALA C 296 -9.65 3.90 -47.74
C ALA C 296 -9.01 2.98 -48.78
N PRO C 297 -7.71 3.11 -49.03
CA PRO C 297 -7.05 2.25 -50.04
C PRO C 297 -7.01 0.78 -49.64
N GLY C 298 -7.27 0.43 -48.38
CA GLY C 298 -7.18 -0.94 -47.95
C GLY C 298 -8.28 -1.85 -48.43
N ARG C 299 -9.34 -1.29 -49.03
CA ARG C 299 -10.46 -2.08 -49.54
C ARG C 299 -11.08 -2.93 -48.45
N GLY C 300 -11.16 -2.38 -47.24
CA GLY C 300 -11.71 -3.08 -46.10
C GLY C 300 -10.69 -3.83 -45.27
N PHE C 301 -9.44 -3.87 -45.69
CA PHE C 301 -8.37 -4.49 -44.93
C PHE C 301 -7.42 -3.43 -44.38
N HIS C 302 -6.67 -3.83 -43.36
CA HIS C 302 -5.80 -2.94 -42.61
C HIS C 302 -4.63 -3.77 -42.11
N TRP C 303 -3.41 -3.38 -42.48
CA TRP C 303 -2.23 -4.17 -42.11
C TRP C 303 -1.13 -3.29 -41.56
N GLY C 304 -0.34 -3.86 -40.66
CA GLY C 304 0.80 -3.15 -40.12
C GLY C 304 1.94 -3.06 -41.12
N MET C 305 2.65 -1.94 -41.07
CA MET C 305 3.75 -1.68 -42.00
C MET C 305 5.01 -2.46 -41.67
N ALA C 306 5.02 -3.24 -40.60
CA ALA C 306 6.10 -4.19 -40.34
C ALA C 306 5.72 -5.62 -40.74
N THR C 307 4.48 -5.85 -41.15
CA THR C 307 4.12 -7.15 -41.71
C THR C 307 5.04 -7.57 -42.86
N PRO C 308 5.45 -6.70 -43.77
CA PRO C 308 6.27 -7.12 -44.91
C PRO C 308 7.73 -7.40 -44.59
N SER C 309 8.16 -7.34 -43.33
CA SER C 309 9.55 -7.61 -43.01
C SER C 309 9.95 -8.96 -43.60
N PRO C 310 11.04 -9.03 -44.37
CA PRO C 310 11.41 -10.32 -44.99
C PRO C 310 11.90 -11.35 -43.98
N VAL C 311 12.24 -10.97 -42.75
CA VAL C 311 12.83 -11.92 -41.81
C VAL C 311 11.98 -12.06 -40.55
N LEU C 312 11.29 -11.01 -40.15
CA LEU C 312 10.56 -11.01 -38.87
C LEU C 312 9.38 -10.06 -38.93
N PRO C 313 8.25 -10.52 -39.47
CA PRO C 313 7.05 -9.67 -39.44
C PRO C 313 6.63 -9.28 -38.03
N ARG C 314 6.29 -8.01 -37.86
CA ARG C 314 5.78 -7.51 -36.59
C ARG C 314 4.41 -6.85 -36.77
N GLY C 315 3.69 -7.23 -37.83
CA GLY C 315 2.33 -6.80 -38.02
C GLY C 315 1.53 -7.91 -38.67
N THR C 316 0.23 -7.67 -38.78
CA THR C 316 -0.67 -8.60 -39.44
C THR C 316 -1.65 -7.82 -40.30
N ARG C 317 -2.42 -8.55 -41.10
CA ARG C 317 -3.49 -7.98 -41.93
C ARG C 317 -4.82 -8.39 -41.33
N ILE C 318 -5.63 -7.42 -40.89
CA ILE C 318 -6.94 -7.71 -40.34
C ILE C 318 -8.01 -7.19 -41.31
N ASN C 319 -9.19 -7.78 -41.19
CA ASN C 319 -10.37 -7.37 -41.97
C ASN C 319 -11.19 -6.44 -41.08
N VAL C 320 -11.13 -5.13 -41.36
CA VAL C 320 -11.91 -4.16 -40.60
C VAL C 320 -13.22 -3.81 -41.29
N GLY C 321 -13.39 -4.16 -42.56
CA GLY C 321 -14.60 -3.85 -43.27
C GLY C 321 -14.70 -2.40 -43.69
N THR C 322 -15.88 -2.04 -44.20
CA THR C 322 -16.18 -0.69 -44.66
C THR C 322 -17.52 -0.29 -44.07
N THR C 323 -17.52 0.73 -43.21
CA THR C 323 -18.72 1.08 -42.46
C THR C 323 -19.32 2.42 -42.86
N GLY C 324 -18.61 3.24 -43.61
CA GLY C 324 -19.14 4.52 -44.04
C GLY C 324 -18.08 5.33 -44.72
N THR C 325 -18.46 6.55 -45.09
CA THR C 325 -17.50 7.48 -45.68
C THR C 325 -16.60 8.06 -44.60
N ILE C 326 -15.44 8.57 -45.01
CA ILE C 326 -14.54 9.21 -44.05
C ILE C 326 -15.22 10.39 -43.39
N ARG C 327 -16.10 11.08 -44.11
CA ARG C 327 -16.88 12.15 -43.50
C ARG C 327 -17.76 11.62 -42.38
N GLU C 328 -18.51 10.55 -42.64
CA GLU C 328 -19.35 9.97 -41.59
C GLU C 328 -18.50 9.54 -40.40
N ILE C 329 -17.33 8.96 -40.66
CA ILE C 329 -16.49 8.45 -39.58
C ILE C 329 -16.01 9.60 -38.70
N LEU C 330 -15.61 10.72 -39.30
CA LEU C 330 -15.00 11.80 -38.54
C LEU C 330 -16.03 12.79 -37.97
N VAL C 331 -17.03 13.19 -38.76
CA VAL C 331 -17.98 14.22 -38.34
C VAL C 331 -19.42 13.77 -38.44
N GLY C 332 -19.68 12.52 -38.82
CA GLY C 332 -21.03 11.98 -38.81
C GLY C 332 -21.88 12.51 -39.95
N PRO C 333 -23.21 12.36 -39.84
CA PRO C 333 -23.95 11.75 -38.72
C PRO C 333 -23.65 10.26 -38.56
N ALA C 334 -23.67 9.75 -37.34
CA ALA C 334 -23.32 8.35 -37.07
C ALA C 334 -24.53 7.46 -37.32
N LYS C 335 -24.33 6.42 -38.12
CA LYS C 335 -25.33 5.38 -38.35
C LYS C 335 -25.19 4.19 -37.41
N LEU C 336 -24.14 4.16 -36.60
CA LEU C 336 -23.78 2.99 -35.80
C LEU C 336 -23.99 3.26 -34.31
N ASP C 337 -24.01 2.18 -33.53
CA ASP C 337 -24.28 2.24 -32.11
C ASP C 337 -23.03 2.14 -31.25
N ASP C 338 -21.84 2.06 -31.85
CA ASP C 338 -20.64 1.67 -31.12
C ASP C 338 -19.60 2.77 -31.00
N GLY C 339 -19.91 3.99 -31.43
CA GLY C 339 -18.97 5.08 -31.29
C GLY C 339 -17.80 5.07 -32.23
N THR C 340 -17.88 4.33 -33.33
CA THR C 340 -16.82 4.33 -34.32
C THR C 340 -17.06 5.32 -35.45
N HIS C 341 -18.21 5.98 -35.46
CA HIS C 341 -18.51 7.05 -36.41
C HIS C 341 -18.67 8.36 -35.66
N ASN C 342 -18.59 9.47 -36.40
CA ASN C 342 -18.69 10.81 -35.84
C ASN C 342 -17.76 10.94 -34.63
N LEU C 343 -16.47 10.62 -34.85
CA LEU C 343 -15.50 10.66 -33.77
C LEU C 343 -15.40 12.07 -33.18
N LEU C 344 -15.42 13.10 -34.03
CA LEU C 344 -15.39 14.46 -33.52
C LEU C 344 -16.61 14.76 -32.66
N GLY C 345 -17.79 14.34 -33.10
CA GLY C 345 -18.97 14.53 -32.28
C GLY C 345 -18.88 13.80 -30.95
N ALA C 346 -18.24 12.62 -30.95
CA ALA C 346 -18.04 11.90 -29.71
C ALA C 346 -17.13 12.67 -28.76
N ILE C 347 -16.03 13.23 -29.29
CA ILE C 347 -15.12 14.01 -28.47
C ILE C 347 -15.85 15.20 -27.84
N LYS C 348 -16.57 15.94 -28.67
CA LYS C 348 -17.27 17.13 -28.18
C LYS C 348 -18.35 16.77 -27.18
N THR C 349 -19.08 15.68 -27.43
CA THR C 349 -20.11 15.24 -26.50
C THR C 349 -19.50 14.82 -25.18
N SER C 350 -18.40 14.07 -25.21
CA SER C 350 -17.72 13.67 -23.99
C SER C 350 -17.23 14.89 -23.22
N MET C 351 -16.53 15.80 -23.89
CA MET C 351 -16.10 17.04 -23.25
C MET C 351 -17.28 17.77 -22.61
N GLY C 352 -18.44 17.75 -23.28
CA GLY C 352 -19.63 18.38 -22.72
C GLY C 352 -20.06 17.75 -21.41
N THR C 353 -20.13 16.42 -21.37
CA THR C 353 -20.54 15.75 -20.13
C THR C 353 -19.55 16.00 -19.01
N LEU C 354 -18.29 16.27 -19.36
CA LEU C 354 -17.23 16.44 -18.39
C LEU C 354 -16.97 17.90 -18.04
N GLY C 355 -17.56 18.84 -18.78
CA GLY C 355 -17.32 20.24 -18.53
C GLY C 355 -16.00 20.76 -19.03
N ALA C 356 -15.40 20.11 -20.03
CA ALA C 356 -14.13 20.54 -20.58
C ALA C 356 -14.40 21.47 -21.76
N LYS C 357 -14.03 22.75 -21.62
CA LYS C 357 -14.29 23.71 -22.68
C LYS C 357 -13.34 23.56 -23.86
N ASP C 358 -12.11 23.09 -23.62
CA ASP C 358 -11.13 22.93 -24.68
C ASP C 358 -10.23 21.74 -24.32
N MET C 359 -9.30 21.43 -25.23
CA MET C 359 -8.51 20.21 -25.08
C MET C 359 -7.64 20.24 -23.84
N LYS C 360 -7.09 21.41 -23.49
CA LYS C 360 -6.27 21.49 -22.28
C LYS C 360 -7.11 21.19 -21.03
N GLU C 361 -8.37 21.66 -21.00
CA GLU C 361 -9.25 21.29 -19.89
C GLU C 361 -9.56 19.81 -19.91
N MET C 362 -9.70 19.22 -21.10
CA MET C 362 -9.96 17.79 -21.19
C MET C 362 -8.80 16.99 -20.60
N GLN C 363 -7.56 17.46 -20.77
CA GLN C 363 -6.41 16.79 -20.20
C GLN C 363 -6.39 16.85 -18.67
N GLN C 364 -7.26 17.65 -18.07
CA GLN C 364 -7.31 17.80 -16.62
C GLN C 364 -8.48 17.05 -15.98
N VAL C 365 -9.26 16.29 -16.74
CA VAL C 365 -10.41 15.61 -16.16
C VAL C 365 -9.95 14.50 -15.23
N ASP C 366 -10.72 14.27 -14.17
CA ASP C 366 -10.42 13.19 -13.24
C ASP C 366 -10.64 11.82 -13.87
N VAL C 367 -9.79 10.87 -13.49
CA VAL C 367 -9.79 9.53 -14.07
C VAL C 367 -9.92 8.51 -12.95
N VAL C 368 -10.63 7.43 -13.21
CA VAL C 368 -10.70 6.30 -12.30
C VAL C 368 -10.09 5.09 -12.98
N ILE C 369 -9.44 4.24 -12.17
CA ILE C 369 -9.06 2.90 -12.59
C ILE C 369 -10.31 2.03 -12.44
N ALA C 370 -10.86 1.58 -13.56
CA ALA C 370 -12.17 0.94 -13.57
C ALA C 370 -12.21 -0.13 -14.65
N PRO C 371 -11.57 -1.28 -14.40
CA PRO C 371 -11.68 -2.38 -15.36
C PRO C 371 -13.11 -2.79 -15.67
N SER C 372 -14.04 -2.56 -14.75
CA SER C 372 -15.43 -2.92 -14.96
C SER C 372 -16.16 -1.99 -15.91
N LEU C 373 -15.52 -0.90 -16.35
CA LEU C 373 -16.19 0.01 -17.27
C LEU C 373 -16.69 -0.72 -18.50
N LEU C 374 -15.94 -1.71 -18.98
CA LEU C 374 -16.27 -2.43 -20.20
C LEU C 374 -17.03 -3.73 -19.94
N THR C 375 -17.31 -4.06 -18.68
CA THR C 375 -17.99 -5.30 -18.35
C THR C 375 -19.33 -5.12 -17.67
N GLU C 376 -19.47 -4.10 -16.83
CA GLU C 376 -20.69 -3.91 -16.07
C GLU C 376 -21.91 -3.90 -16.98
N GLY C 377 -22.77 -4.89 -16.79
CA GLY C 377 -24.05 -4.94 -17.47
C GLY C 377 -24.02 -5.31 -18.93
N LYS C 378 -22.86 -5.66 -19.49
CA LYS C 378 -22.72 -5.79 -20.93
C LYS C 378 -22.82 -7.25 -21.40
N VAL C 379 -23.45 -8.12 -20.63
CA VAL C 379 -23.51 -9.53 -20.99
C VAL C 379 -24.24 -9.72 -22.33
N TYR C 380 -25.37 -9.03 -22.51
CA TYR C 380 -26.12 -9.19 -23.76
C TYR C 380 -25.34 -8.65 -24.95
N GLN C 381 -24.76 -7.46 -24.80
CA GLN C 381 -24.02 -6.86 -25.91
C GLN C 381 -22.87 -7.75 -26.35
N LYS C 382 -22.17 -8.36 -25.39
CA LYS C 382 -21.07 -9.26 -25.72
C LYS C 382 -21.58 -10.49 -26.47
N ALA C 383 -22.64 -11.11 -25.95
CA ALA C 383 -23.14 -12.34 -26.55
C ALA C 383 -23.71 -12.10 -27.95
N GLN C 384 -24.37 -10.97 -28.15
CA GLN C 384 -25.03 -10.68 -29.41
C GLN C 384 -24.18 -9.81 -30.33
N GLN C 385 -22.96 -9.48 -29.93
CA GLN C 385 -22.04 -8.69 -30.74
C GLN C 385 -22.70 -7.38 -31.19
N LEU C 386 -23.19 -6.63 -30.21
CA LEU C 386 -23.84 -5.35 -30.42
C LEU C 386 -23.17 -4.30 -29.56
N GLY C 387 -23.23 -3.05 -30.02
CA GLY C 387 -22.69 -1.95 -29.27
C GLY C 387 -21.24 -2.12 -28.84
N MET C 388 -21.01 -2.12 -27.53
CA MET C 388 -19.66 -2.24 -27.00
C MET C 388 -19.09 -3.64 -27.14
N GLY C 389 -19.90 -4.61 -27.54
CA GLY C 389 -19.45 -5.98 -27.70
C GLY C 389 -19.11 -6.39 -29.11
N LYS C 390 -19.00 -5.44 -30.04
CA LYS C 390 -18.74 -5.83 -31.44
C LYS C 390 -17.25 -6.10 -31.64
N GLY D 1 8.09 -18.84 4.62
CA GLY D 1 8.00 -17.41 5.01
C GLY D 1 8.52 -16.47 3.94
N SER D 2 8.10 -15.21 4.01
CA SER D 2 8.49 -14.21 3.03
C SER D 2 8.45 -12.84 3.69
N HIS D 3 9.19 -11.90 3.10
CA HIS D 3 9.17 -10.52 3.57
C HIS D 3 7.94 -9.74 3.09
N MET D 4 7.12 -10.33 2.21
CA MET D 4 5.85 -9.76 1.77
C MET D 4 4.73 -10.67 2.24
N ASN D 5 3.69 -10.07 2.86
CA ASN D 5 2.62 -10.85 3.49
C ASN D 5 1.26 -10.20 3.21
N ILE D 6 0.82 -10.31 1.95
CA ILE D 6 -0.58 -10.05 1.65
C ILE D 6 -1.45 -11.00 2.46
N THR D 7 -2.59 -10.51 2.94
CA THR D 7 -3.46 -11.30 3.80
C THR D 7 -4.47 -12.08 2.97
N ILE D 8 -4.43 -13.41 3.06
CA ILE D 8 -5.52 -14.23 2.55
C ILE D 8 -6.64 -14.28 3.58
N GLY D 9 -6.31 -14.57 4.83
CA GLY D 9 -7.24 -14.49 5.93
C GLY D 9 -6.44 -14.38 7.21
N ARG D 10 -7.14 -14.35 8.33
CA ARG D 10 -6.46 -14.34 9.62
C ARG D 10 -5.49 -15.50 9.71
N GLY D 11 -4.23 -15.18 9.98
CA GLY D 11 -3.21 -16.20 10.15
C GLY D 11 -2.71 -16.86 8.89
N LYS D 12 -3.09 -16.39 7.71
CA LYS D 12 -2.58 -16.94 6.46
C LYS D 12 -2.25 -15.80 5.51
N THR D 13 -0.98 -15.70 5.13
CA THR D 13 -0.49 -14.66 4.25
C THR D 13 0.02 -15.27 2.96
N ALA D 14 0.31 -14.41 2.00
CA ALA D 14 0.83 -14.82 0.70
C ALA D 14 1.61 -13.66 0.12
N ARG D 15 2.37 -13.94 -0.94
CA ARG D 15 3.06 -12.92 -1.71
C ARG D 15 2.60 -12.97 -3.16
N ARG D 16 2.56 -11.81 -3.79
CA ARG D 16 2.11 -11.70 -5.17
C ARG D 16 3.20 -12.18 -6.12
N ALA D 17 2.84 -13.05 -7.05
CA ALA D 17 3.74 -13.54 -8.08
C ALA D 17 3.13 -13.22 -9.44
N TYR D 18 3.98 -12.80 -10.38
CA TYR D 18 3.54 -12.28 -11.66
C TYR D 18 3.88 -13.24 -12.79
N GLY D 19 2.95 -13.40 -13.71
CA GLY D 19 3.14 -14.31 -14.82
C GLY D 19 3.70 -13.65 -16.05
N ILE D 20 4.12 -14.50 -16.99
CA ILE D 20 4.68 -14.02 -18.26
C ILE D 20 3.71 -13.07 -18.93
N ASP D 21 2.41 -13.38 -18.85
CA ASP D 21 1.38 -12.59 -19.51
C ASP D 21 1.04 -11.31 -18.77
N GLU D 22 1.71 -11.00 -17.67
CA GLU D 22 1.38 -9.83 -16.87
C GLU D 22 2.41 -8.70 -16.99
N ILE D 23 3.53 -8.91 -17.67
CA ILE D 23 4.61 -7.95 -17.69
C ILE D 23 4.94 -7.54 -19.12
N ALA D 24 5.71 -6.45 -19.23
CA ALA D 24 6.18 -5.93 -20.50
C ALA D 24 7.50 -5.21 -20.28
N LEU D 25 8.27 -5.05 -21.36
CA LEU D 25 9.59 -4.44 -21.30
C LEU D 25 9.55 -3.00 -21.81
N VAL D 26 10.33 -2.14 -21.15
CA VAL D 26 10.30 -0.69 -21.39
C VAL D 26 11.59 -0.29 -22.09
N PRO D 27 11.54 0.49 -23.16
CA PRO D 27 12.78 0.99 -23.76
C PRO D 27 13.63 1.73 -22.74
N GLY D 28 14.94 1.70 -22.97
CA GLY D 28 15.91 2.36 -22.14
C GLY D 28 16.36 3.69 -22.71
N VAL D 29 17.63 4.03 -22.47
CA VAL D 29 18.15 5.31 -22.90
C VAL D 29 18.62 5.29 -24.35
N ARG D 30 18.85 4.11 -24.93
CA ARG D 30 19.37 4.01 -26.28
C ARG D 30 18.76 2.81 -26.98
N THR D 31 18.81 2.85 -28.31
CA THR D 31 18.54 1.71 -29.17
C THR D 31 19.83 1.28 -29.84
N LEU D 32 19.82 0.07 -30.41
CA LEU D 32 20.99 -0.41 -31.13
C LEU D 32 20.57 -1.37 -32.23
N ASP D 33 21.42 -1.49 -33.23
CA ASP D 33 21.15 -2.36 -34.36
C ASP D 33 21.08 -3.81 -33.89
N PRO D 34 20.03 -4.56 -34.27
CA PRO D 34 19.92 -5.95 -33.80
C PRO D 34 21.14 -6.80 -34.13
N ALA D 35 21.86 -6.48 -35.20
CA ALA D 35 23.05 -7.25 -35.56
C ALA D 35 24.13 -7.17 -34.48
N LEU D 36 24.08 -6.16 -33.61
CA LEU D 36 25.06 -6.01 -32.54
C LEU D 36 24.66 -6.75 -31.27
N ALA D 37 23.46 -7.32 -31.22
CA ALA D 37 22.96 -7.95 -30.00
C ALA D 37 23.59 -9.32 -29.81
N ASP D 38 24.30 -9.49 -28.70
CA ASP D 38 24.99 -10.74 -28.38
C ASP D 38 24.07 -11.63 -27.55
N THR D 39 23.68 -12.77 -28.12
CA THR D 39 22.70 -13.65 -27.49
C THR D 39 23.32 -14.89 -26.88
N ARG D 40 24.64 -14.94 -26.76
CA ARG D 40 25.30 -16.16 -26.32
C ARG D 40 25.00 -16.47 -24.85
N TRP D 41 25.06 -17.76 -24.52
CA TRP D 41 25.12 -18.22 -23.13
C TRP D 41 26.12 -19.36 -23.07
N LYS D 42 26.41 -19.82 -21.86
CA LYS D 42 27.44 -20.83 -21.66
C LYS D 42 27.07 -21.68 -20.45
N VAL D 43 27.21 -22.99 -20.61
CA VAL D 43 27.02 -23.95 -19.53
C VAL D 43 28.25 -24.85 -19.51
N GLY D 44 28.89 -24.95 -18.36
CA GLY D 44 30.18 -25.63 -18.31
C GLY D 44 31.14 -24.91 -19.23
N ALA D 45 31.75 -25.66 -20.14
CA ALA D 45 32.62 -25.08 -21.16
C ALA D 45 31.95 -25.00 -22.52
N ILE D 46 30.64 -25.18 -22.59
CA ILE D 46 29.92 -25.22 -23.85
C ILE D 46 29.26 -23.87 -24.07
N GLU D 47 29.76 -23.12 -25.06
CA GLU D 47 29.15 -21.87 -25.48
C GLU D 47 28.12 -22.15 -26.58
N ARG D 48 27.02 -21.42 -26.55
CA ARG D 48 25.95 -21.56 -27.54
C ARG D 48 25.51 -20.18 -28.00
N GLU D 49 25.39 -20.00 -29.32
CA GLU D 49 24.95 -18.72 -29.86
C GLU D 49 23.47 -18.47 -29.61
N ILE D 50 22.65 -19.53 -29.61
CA ILE D 50 21.21 -19.40 -29.38
C ILE D 50 20.93 -19.81 -27.94
N PRO D 51 20.38 -18.91 -27.09
CA PRO D 51 20.12 -19.24 -25.69
C PRO D 51 18.82 -20.03 -25.49
N ILE D 52 18.65 -21.09 -26.26
CA ILE D 52 17.45 -21.92 -26.26
C ILE D 52 17.86 -23.37 -26.15
N ILE D 53 17.16 -24.10 -25.29
CA ILE D 53 17.31 -25.55 -25.13
C ILE D 53 15.96 -26.19 -25.41
N ALA D 54 15.93 -27.23 -26.25
CA ALA D 54 14.72 -27.99 -26.47
C ALA D 54 14.45 -28.92 -25.30
N SER D 55 13.22 -28.89 -24.77
CA SER D 55 12.88 -29.69 -23.61
C SER D 55 13.07 -31.18 -23.86
N ALA D 56 13.34 -31.92 -22.78
CA ALA D 56 13.54 -33.36 -22.83
C ALA D 56 12.18 -34.03 -22.88
N MET D 57 11.55 -33.97 -24.05
CA MET D 57 10.21 -34.48 -24.26
C MET D 57 10.16 -35.21 -25.59
N ASP D 58 9.47 -36.34 -25.61
CA ASP D 58 9.55 -37.26 -26.75
C ASP D 58 8.88 -36.71 -28.01
N GLY D 59 7.99 -35.74 -27.87
CA GLY D 59 7.46 -35.08 -29.05
C GLY D 59 8.35 -34.00 -29.62
N VAL D 60 9.41 -33.64 -28.89
CA VAL D 60 10.26 -32.51 -29.21
C VAL D 60 11.62 -32.95 -29.71
N VAL D 61 12.28 -33.83 -28.97
CA VAL D 61 13.69 -34.16 -29.22
C VAL D 61 13.85 -35.65 -29.43
N ASP D 62 14.42 -36.02 -30.57
CA ASP D 62 15.02 -37.33 -30.78
C ASP D 62 16.49 -37.09 -31.17
N SER D 63 17.18 -38.15 -31.59
CA SER D 63 18.60 -38.00 -31.91
C SER D 63 18.81 -37.02 -33.07
N ARG D 64 17.99 -37.12 -34.11
CA ARG D 64 18.16 -36.22 -35.24
C ARG D 64 17.92 -34.77 -34.82
N MET D 65 16.83 -34.53 -34.09
CA MET D 65 16.53 -33.17 -33.63
C MET D 65 17.68 -32.61 -32.79
N ALA D 66 18.24 -33.43 -31.91
CA ALA D 66 19.37 -32.99 -31.09
C ALA D 66 20.52 -32.52 -31.98
N VAL D 67 20.78 -33.24 -33.07
CA VAL D 67 21.85 -32.83 -33.98
C VAL D 67 21.48 -31.55 -34.71
N LEU D 68 20.26 -31.49 -35.25
CA LEU D 68 19.84 -30.30 -35.96
C LEU D 68 19.93 -29.06 -35.08
N LEU D 69 19.49 -29.18 -33.82
CA LEU D 69 19.56 -28.04 -32.91
C LEU D 69 21.01 -27.63 -32.64
N SER D 70 21.88 -28.60 -32.39
CA SER D 70 23.28 -28.29 -32.13
CA SER D 70 23.29 -28.30 -32.13
C SER D 70 23.92 -27.58 -33.32
N GLU D 71 23.63 -28.05 -34.52
CA GLU D 71 24.21 -27.42 -35.71
C GLU D 71 23.83 -25.96 -35.84
N LEU D 72 22.61 -25.62 -35.43
CA LEU D 72 22.12 -24.24 -35.53
C LEU D 72 22.63 -23.34 -34.42
N GLY D 73 23.32 -23.89 -33.41
CA GLY D 73 23.79 -23.09 -32.30
C GLY D 73 22.98 -23.21 -31.02
N ALA D 74 22.05 -24.17 -30.95
CA ALA D 74 21.24 -24.37 -29.76
C ALA D 74 21.55 -25.74 -29.18
N LEU D 75 20.62 -26.28 -28.39
CA LEU D 75 20.81 -27.56 -27.74
C LEU D 75 19.48 -28.30 -27.70
N GLY D 76 19.57 -29.63 -27.65
CA GLY D 76 18.40 -30.48 -27.42
C GLY D 76 18.71 -31.56 -26.40
N VAL D 77 17.76 -31.84 -25.50
CA VAL D 77 17.96 -32.83 -24.43
C VAL D 77 17.12 -34.05 -24.74
N VAL D 78 17.75 -35.21 -24.77
CA VAL D 78 17.04 -36.48 -24.95
C VAL D 78 16.66 -37.01 -23.57
N ASN D 79 15.38 -37.30 -23.37
CA ASN D 79 14.91 -37.86 -22.11
C ASN D 79 15.21 -39.35 -22.09
N LEU D 80 16.10 -39.77 -21.18
CA LEU D 80 16.53 -41.17 -21.12
C LEU D 80 15.52 -42.09 -20.44
N GLU D 81 14.39 -41.58 -19.99
CA GLU D 81 13.33 -42.42 -19.44
C GLU D 81 12.09 -42.43 -20.32
N GLY D 82 12.19 -41.91 -21.54
CA GLY D 82 11.11 -41.97 -22.50
C GLY D 82 11.28 -43.12 -23.47
N ILE D 83 10.57 -43.02 -24.60
CA ILE D 83 10.55 -44.11 -25.57
C ILE D 83 11.89 -44.29 -26.25
N GLN D 84 12.75 -43.26 -26.27
CA GLN D 84 14.00 -43.36 -27.02
C GLN D 84 14.90 -44.44 -26.46
N THR D 85 14.81 -44.73 -25.16
CA THR D 85 15.62 -45.77 -24.54
C THR D 85 14.82 -47.05 -24.28
N ARG D 86 13.52 -47.03 -24.54
CA ARG D 86 12.69 -48.21 -24.35
C ARG D 86 12.41 -48.96 -25.65
N TYR D 87 12.63 -48.33 -26.79
CA TYR D 87 12.38 -48.95 -28.09
C TYR D 87 13.54 -48.65 -29.01
N GLU D 88 14.03 -49.68 -29.71
CA GLU D 88 15.12 -49.48 -30.67
C GLU D 88 14.67 -48.58 -31.81
N ASP D 89 13.45 -48.78 -32.32
CA ASP D 89 12.88 -47.92 -33.35
C ASP D 89 11.67 -47.22 -32.76
N PRO D 90 11.80 -45.97 -32.28
CA PRO D 90 10.64 -45.29 -31.66
C PRO D 90 9.57 -44.86 -32.66
N ASN D 91 9.88 -44.85 -33.97
CA ASN D 91 8.96 -44.25 -34.93
C ASN D 91 7.59 -44.92 -34.94
N PRO D 92 7.48 -46.25 -34.98
CA PRO D 92 6.13 -46.87 -34.89
C PRO D 92 5.40 -46.49 -33.62
N ILE D 93 6.13 -46.30 -32.52
CA ILE D 93 5.50 -45.91 -31.26
C ILE D 93 4.97 -44.48 -31.37
N LEU D 94 5.81 -43.56 -31.87
CA LEU D 94 5.38 -42.19 -32.06
C LEU D 94 4.19 -42.12 -33.03
N ASP D 95 4.18 -42.98 -34.05
CA ASP D 95 3.04 -43.02 -34.96
C ASP D 95 1.75 -43.32 -34.21
N ARG D 96 1.77 -44.32 -33.31
CA ARG D 96 0.56 -44.67 -32.58
C ARG D 96 0.12 -43.53 -31.66
N ILE D 97 1.08 -42.92 -30.94
CA ILE D 97 0.73 -41.84 -30.03
C ILE D 97 0.02 -40.71 -30.78
N ALA D 98 0.47 -40.42 -32.00
CA ALA D 98 -0.10 -39.33 -32.77
C ALA D 98 -1.42 -39.68 -33.43
N SER D 99 -1.68 -40.97 -33.67
CA SER D 99 -2.86 -41.36 -34.42
C SER D 99 -4.09 -41.67 -33.56
N VAL D 100 -3.92 -42.00 -32.30
CA VAL D 100 -5.06 -42.39 -31.48
C VAL D 100 -5.81 -41.14 -31.02
N GLY D 101 -7.07 -41.35 -30.61
CA GLY D 101 -7.94 -40.23 -30.32
C GLY D 101 -7.72 -39.61 -28.96
N LYS D 102 -8.46 -38.53 -28.71
CA LYS D 102 -8.28 -37.75 -27.48
C LYS D 102 -8.61 -38.56 -26.23
N THR D 103 -9.65 -39.40 -26.30
CA THR D 103 -10.09 -40.14 -25.13
C THR D 103 -9.25 -41.39 -24.88
N GLU D 104 -8.23 -41.65 -25.71
CA GLU D 104 -7.48 -42.90 -25.67
C GLU D 104 -5.99 -42.75 -25.41
N PHE D 105 -5.41 -41.56 -25.57
CA PHE D 105 -3.96 -41.46 -25.56
C PHE D 105 -3.37 -41.68 -24.18
N VAL D 106 -4.09 -41.33 -23.11
CA VAL D 106 -3.57 -41.57 -21.77
C VAL D 106 -3.35 -43.05 -21.53
N GLY D 107 -4.40 -43.86 -21.75
CA GLY D 107 -4.27 -45.29 -21.56
C GLY D 107 -3.20 -45.90 -22.46
N LEU D 108 -3.11 -45.43 -23.70
CA LEU D 108 -2.08 -45.92 -24.60
C LEU D 108 -0.68 -45.60 -24.07
N MET D 109 -0.45 -44.36 -23.64
CA MET D 109 0.88 -43.98 -23.17
CA MET D 109 0.87 -43.97 -23.16
C MET D 109 1.24 -44.72 -21.89
N GLN D 110 0.27 -44.91 -20.99
CA GLN D 110 0.54 -45.68 -19.77
C GLN D 110 1.06 -47.07 -20.13
N GLU D 111 0.55 -47.67 -21.21
CA GLU D 111 1.03 -48.96 -21.66
C GLU D 111 2.40 -48.85 -22.32
N LEU D 112 2.53 -47.95 -23.30
CA LEU D 112 3.75 -47.89 -24.09
C LEU D 112 4.97 -47.56 -23.24
N TYR D 113 4.82 -46.63 -22.29
CA TYR D 113 5.95 -46.23 -21.46
C TYR D 113 6.28 -47.25 -20.37
N ALA D 114 5.49 -48.31 -20.23
CA ALA D 114 5.82 -49.38 -19.29
C ALA D 114 6.89 -50.32 -19.84
N GLU D 115 7.15 -50.29 -21.14
CA GLU D 115 8.23 -51.09 -21.70
C GLU D 115 9.55 -50.72 -21.01
N PRO D 116 10.29 -51.68 -20.46
CA PRO D 116 11.46 -51.31 -19.67
C PRO D 116 12.52 -50.57 -20.48
N ILE D 117 13.27 -49.71 -19.78
CA ILE D 117 14.42 -49.03 -20.38
C ILE D 117 15.49 -50.05 -20.74
N LYS D 118 16.12 -49.86 -21.89
CA LYS D 118 17.22 -50.68 -22.33
C LYS D 118 18.50 -49.92 -22.10
N PRO D 119 19.32 -50.27 -21.09
CA PRO D 119 20.53 -49.45 -20.83
C PRO D 119 21.42 -49.27 -22.04
N GLU D 120 21.50 -50.27 -22.90
CA GLU D 120 22.33 -50.16 -24.09
C GLU D 120 21.89 -49.00 -24.99
N LEU D 121 20.59 -48.68 -24.97
CA LEU D 121 20.09 -47.58 -25.79
C LEU D 121 20.52 -46.22 -25.24
N ILE D 122 20.73 -46.11 -23.92
CA ILE D 122 21.31 -44.89 -23.37
C ILE D 122 22.63 -44.59 -24.07
N THR D 123 23.53 -45.57 -24.10
CA THR D 123 24.81 -45.41 -24.76
C THR D 123 24.62 -45.11 -26.24
N LYS D 124 23.72 -45.82 -26.91
CA LYS D 124 23.54 -45.66 -28.35
C LYS D 124 23.10 -44.25 -28.70
N ARG D 125 22.07 -43.73 -28.02
CA ARG D 125 21.57 -42.40 -28.36
C ARG D 125 22.66 -41.35 -28.20
N ILE D 126 23.39 -41.40 -27.08
CA ILE D 126 24.47 -40.44 -26.86
C ILE D 126 25.48 -40.49 -27.99
N GLN D 127 25.93 -41.69 -28.34
CA GLN D 127 27.03 -41.83 -29.29
C GLN D 127 26.59 -41.54 -30.72
N GLU D 128 25.35 -41.89 -31.08
CA GLU D 128 24.91 -41.58 -32.43
C GLU D 128 24.73 -40.08 -32.63
N ILE D 129 24.34 -39.36 -31.58
CA ILE D 129 24.29 -37.90 -31.66
C ILE D 129 25.69 -37.33 -31.85
N GLN D 130 26.64 -37.81 -31.04
CA GLN D 130 27.99 -37.28 -31.12
C GLN D 130 28.67 -37.67 -32.43
N ALA D 131 28.43 -38.91 -32.89
CA ALA D 131 29.02 -39.33 -34.16
C ALA D 131 28.53 -38.48 -35.31
N ALA D 132 27.31 -37.97 -35.22
CA ALA D 132 26.77 -37.07 -36.24
C ALA D 132 27.20 -35.62 -36.04
N GLY D 133 28.04 -35.35 -35.05
CA GLY D 133 28.52 -34.01 -34.81
C GLY D 133 27.70 -33.16 -33.88
N GLY D 134 26.77 -33.76 -33.14
CA GLY D 134 25.91 -33.01 -32.25
C GLY D 134 26.38 -33.08 -30.80
N ILE D 135 25.92 -32.10 -30.02
CA ILE D 135 26.15 -32.10 -28.58
C ILE D 135 25.10 -33.01 -27.94
N ALA D 136 25.56 -34.01 -27.19
CA ALA D 136 24.67 -35.00 -26.58
C ALA D 136 24.32 -34.54 -25.17
N ALA D 137 23.11 -34.02 -25.00
CA ALA D 137 22.57 -33.66 -23.70
C ALA D 137 21.42 -34.61 -23.38
N VAL D 138 21.43 -35.16 -22.17
CA VAL D 138 20.48 -36.20 -21.77
C VAL D 138 19.94 -35.87 -20.40
N SER D 139 18.72 -36.35 -20.12
CA SER D 139 18.05 -36.07 -18.86
C SER D 139 17.66 -37.37 -18.17
N LEU D 140 17.66 -37.30 -16.84
CA LEU D 140 17.17 -38.37 -15.98
C LEU D 140 16.45 -37.73 -14.80
N THR D 141 15.45 -38.45 -14.26
CA THR D 141 14.88 -38.08 -12.98
C THR D 141 15.87 -38.46 -11.87
N PRO D 142 15.70 -37.88 -10.67
CA PRO D 142 16.59 -38.26 -9.56
C PRO D 142 16.65 -39.77 -9.33
N VAL D 143 15.51 -40.44 -9.35
CA VAL D 143 15.51 -41.90 -9.20
C VAL D 143 16.23 -42.54 -10.38
N GLY D 144 16.03 -42.00 -11.59
CA GLY D 144 16.73 -42.51 -12.75
C GLY D 144 18.23 -42.35 -12.64
N ALA D 145 18.68 -41.22 -12.07
CA ALA D 145 20.12 -40.99 -11.92
C ALA D 145 20.76 -42.01 -10.99
N SER D 146 20.07 -42.37 -9.91
CA SER D 146 20.63 -43.38 -8.99
C SER D 146 20.87 -44.71 -9.70
N LYS D 147 20.14 -44.98 -10.77
CA LYS D 147 20.28 -46.24 -11.50
C LYS D 147 21.15 -46.14 -12.73
N TYR D 148 21.12 -45.01 -13.44
CA TYR D 148 21.75 -44.92 -14.75
C TYR D 148 22.81 -43.83 -14.89
N ALA D 149 23.12 -43.10 -13.83
CA ALA D 149 24.09 -42.01 -13.96
C ALA D 149 25.44 -42.52 -14.43
N SER D 150 25.88 -43.68 -13.91
CA SER D 150 27.17 -44.22 -14.32
C SER D 150 27.16 -44.65 -15.78
N THR D 151 26.03 -45.14 -16.29
CA THR D 151 25.93 -45.46 -17.70
C THR D 151 26.12 -44.21 -18.56
N VAL D 152 25.53 -43.09 -18.14
CA VAL D 152 25.68 -41.84 -18.88
C VAL D 152 27.15 -41.41 -18.87
N ALA D 153 27.81 -41.52 -17.72
CA ALA D 153 29.23 -41.15 -17.63
C ALA D 153 30.08 -42.04 -18.53
N GLU D 154 29.87 -43.35 -18.46
CA GLU D 154 30.67 -44.26 -19.27
C GLU D 154 30.46 -43.99 -20.76
N ALA D 155 29.25 -43.61 -21.16
CA ALA D 155 28.98 -43.30 -22.56
C ALA D 155 29.62 -41.98 -22.99
N GLY D 156 29.93 -41.10 -22.05
CA GLY D 156 30.57 -39.84 -22.39
C GLY D 156 29.65 -38.75 -22.87
N ALA D 157 28.48 -38.62 -22.25
CA ALA D 157 27.57 -37.54 -22.61
C ALA D 157 28.21 -36.20 -22.34
N ASP D 158 27.81 -35.20 -23.12
CA ASP D 158 28.37 -33.85 -22.96
C ASP D 158 27.70 -33.10 -21.81
N LEU D 159 26.41 -33.33 -21.59
CA LEU D 159 25.67 -32.67 -20.52
C LEU D 159 24.66 -33.64 -19.93
N LEU D 160 24.51 -33.59 -18.60
CA LEU D 160 23.50 -34.35 -17.88
C LEU D 160 22.53 -33.41 -17.21
N PHE D 161 21.24 -33.60 -17.48
CA PHE D 161 20.16 -32.85 -16.85
C PHE D 161 19.46 -33.78 -15.87
N ILE D 162 19.48 -33.44 -14.59
CA ILE D 162 18.66 -34.11 -13.59
C ILE D 162 17.41 -33.25 -13.40
N GLN D 163 16.26 -33.78 -13.81
CA GLN D 163 15.05 -32.99 -13.87
C GLN D 163 13.90 -33.77 -13.25
N ALA D 164 13.34 -33.21 -12.18
CA ALA D 164 12.08 -33.64 -11.59
C ALA D 164 11.12 -32.46 -11.62
N THR D 165 9.82 -32.76 -11.59
CA THR D 165 8.84 -31.68 -11.54
C THR D 165 9.17 -30.69 -10.42
N VAL D 166 9.50 -31.21 -9.23
CA VAL D 166 9.95 -30.40 -8.12
C VAL D 166 11.12 -31.12 -7.46
N VAL D 167 12.29 -30.47 -7.45
CA VAL D 167 13.50 -31.05 -6.89
C VAL D 167 13.98 -30.18 -5.74
N SER D 168 14.65 -30.82 -4.78
CA SER D 168 15.37 -30.14 -3.71
C SER D 168 16.63 -30.94 -3.41
N THR D 169 17.59 -30.29 -2.74
CA THR D 169 18.74 -31.01 -2.24
C THR D 169 18.38 -31.92 -1.07
N ALA D 170 17.25 -31.66 -0.41
CA ALA D 170 16.79 -32.43 0.74
C ALA D 170 15.52 -33.17 0.34
N HIS D 171 15.60 -34.50 0.29
CA HIS D 171 14.46 -35.33 -0.06
C HIS D 171 14.34 -36.49 0.93
N LEU D 172 13.14 -36.68 1.48
CA LEU D 172 12.87 -37.75 2.47
C LEU D 172 12.39 -39.00 1.74
N SER D 173 13.29 -39.96 1.46
CA SER D 173 12.93 -41.23 0.78
C SER D 173 12.22 -42.16 1.77
N PRO D 174 11.38 -43.11 1.31
CA PRO D 174 10.63 -43.98 2.21
C PRO D 174 11.46 -45.19 2.67
N VAL D 177 14.76 -46.83 0.84
CA VAL D 177 15.37 -46.12 -0.28
C VAL D 177 16.37 -45.08 0.22
N GLU D 178 17.41 -44.87 -0.56
CA GLU D 178 18.43 -43.85 -0.30
C GLU D 178 18.24 -42.72 -1.30
N SER D 179 18.00 -41.51 -0.80
CA SER D 179 17.81 -40.38 -1.69
C SER D 179 19.08 -40.07 -2.45
N LEU D 180 18.92 -39.50 -3.65
CA LEU D 180 20.05 -39.12 -4.48
C LEU D 180 20.85 -38.00 -3.82
N ASP D 181 22.14 -38.25 -3.64
CA ASP D 181 23.06 -37.24 -3.10
C ASP D 181 23.54 -36.37 -4.26
N LEU D 182 22.95 -35.18 -4.38
CA LEU D 182 23.29 -34.31 -5.51
C LEU D 182 24.72 -33.80 -5.44
N VAL D 183 25.25 -33.58 -4.23
CA VAL D 183 26.64 -33.15 -4.10
C VAL D 183 27.58 -34.20 -4.68
N LYS D 184 27.40 -35.47 -4.28
CA LYS D 184 28.24 -36.54 -4.80
C LYS D 184 28.07 -36.69 -6.30
N LEU D 185 26.83 -36.59 -6.80
CA LEU D 185 26.59 -36.74 -8.23
C LEU D 185 27.41 -35.73 -9.02
N CYS D 186 27.29 -34.45 -8.68
CA CYS D 186 27.99 -33.42 -9.42
C CYS D 186 29.50 -33.58 -9.31
N GLN D 187 29.98 -34.04 -8.14
CA GLN D 187 31.41 -34.24 -7.96
C GLN D 187 31.90 -35.42 -8.79
N GLU D 188 31.11 -36.48 -8.87
CA GLU D 188 31.54 -37.71 -9.53
C GLU D 188 31.30 -37.71 -11.04
N MET D 189 30.29 -37.00 -11.52
CA MET D 189 30.02 -36.99 -12.96
C MET D 189 31.14 -36.26 -13.69
N PRO D 190 31.68 -36.81 -14.78
CA PRO D 190 32.75 -36.11 -15.51
C PRO D 190 32.29 -34.94 -16.35
N MET D 191 30.98 -34.71 -16.48
CA MET D 191 30.47 -33.64 -17.31
C MET D 191 29.63 -32.68 -16.48
N PRO D 192 29.27 -31.50 -17.02
CA PRO D 192 28.40 -30.59 -16.28
C PRO D 192 27.03 -31.22 -16.02
N VAL D 193 26.48 -30.92 -14.84
CA VAL D 193 25.19 -31.46 -14.41
C VAL D 193 24.24 -30.29 -14.16
N VAL D 194 23.15 -30.25 -14.91
CA VAL D 194 22.08 -29.27 -14.73
C VAL D 194 21.02 -29.88 -13.83
N LEU D 195 20.52 -29.09 -12.88
CA LEU D 195 19.58 -29.57 -11.87
C LEU D 195 18.30 -28.75 -11.88
N GLY D 196 17.17 -29.43 -11.70
CA GLY D 196 15.88 -28.77 -11.62
C GLY D 196 14.78 -29.78 -11.37
N ASN D 197 13.54 -29.30 -11.24
CA ASN D 197 13.21 -27.88 -11.34
C ASN D 197 12.83 -27.27 -9.99
N CYS D 198 13.00 -25.96 -9.87
CA CYS D 198 12.67 -25.21 -8.66
C CYS D 198 12.12 -23.85 -9.06
N VAL D 199 11.62 -23.12 -8.06
CA VAL D 199 11.06 -21.79 -8.30
C VAL D 199 11.39 -20.83 -7.17
N THR D 200 12.24 -21.25 -6.23
CA THR D 200 12.54 -20.43 -5.07
C THR D 200 14.03 -20.12 -4.97
N TYR D 201 14.33 -18.94 -4.41
CA TYR D 201 15.69 -18.58 -4.07
C TYR D 201 16.35 -19.67 -3.22
N GLU D 202 15.64 -20.15 -2.21
CA GLU D 202 16.25 -21.04 -1.23
C GLU D 202 16.73 -22.33 -1.89
N VAL D 203 15.90 -22.94 -2.71
CA VAL D 203 16.25 -24.22 -3.33
C VAL D 203 17.33 -24.02 -4.40
N SER D 204 17.14 -23.02 -5.27
CA SER D 204 18.11 -22.81 -6.34
C SER D 204 19.50 -22.54 -5.77
N LEU D 205 19.58 -21.77 -4.68
CA LEU D 205 20.89 -21.51 -4.08
C LEU D 205 21.53 -22.81 -3.59
N GLU D 206 20.75 -23.71 -3.00
CA GLU D 206 21.30 -24.97 -2.53
C GLU D 206 21.72 -25.86 -3.69
N LEU D 207 20.96 -25.85 -4.79
CA LEU D 207 21.37 -26.59 -5.97
C LEU D 207 22.69 -26.07 -6.51
N MET D 208 22.90 -24.75 -6.51
CA MET D 208 24.18 -24.19 -6.95
C MET D 208 25.30 -24.63 -6.01
N ARG D 209 25.05 -24.57 -4.69
CA ARG D 209 26.07 -25.01 -3.73
C ARG D 209 26.38 -26.49 -3.89
N ALA D 210 25.43 -27.29 -4.38
CA ALA D 210 25.67 -28.71 -4.59
C ALA D 210 26.56 -28.97 -5.79
N GLY D 211 26.76 -27.99 -6.67
CA GLY D 211 27.66 -28.16 -7.80
C GLY D 211 27.00 -28.09 -9.15
N ALA D 212 25.78 -27.54 -9.19
CA ALA D 212 25.06 -27.46 -10.45
C ALA D 212 25.79 -26.57 -11.45
N ALA D 213 25.84 -27.03 -12.69
CA ALA D 213 26.32 -26.20 -13.79
C ALA D 213 25.27 -25.22 -14.27
N ALA D 214 24.00 -25.46 -13.94
CA ALA D 214 22.88 -24.59 -14.29
C ALA D 214 21.68 -25.08 -13.50
N VAL D 215 20.68 -24.21 -13.37
CA VAL D 215 19.45 -24.52 -12.65
C VAL D 215 18.27 -24.26 -13.57
N LEU D 216 17.33 -25.20 -13.59
CA LEU D 216 16.11 -25.10 -14.39
C LEU D 216 14.99 -24.56 -13.50
N VAL D 217 14.35 -23.49 -13.96
CA VAL D 217 13.33 -22.78 -13.20
C VAL D 217 12.00 -22.97 -13.87
N GLY D 218 11.01 -23.45 -13.10
CA GLY D 218 9.65 -23.54 -13.59
C GLY D 218 8.93 -24.77 -13.10
N ILE D 219 7.71 -24.60 -12.59
CA ILE D 219 6.86 -25.70 -12.15
C ILE D 219 5.48 -25.47 -12.76
N GLY D 220 5.16 -26.19 -13.83
CA GLY D 220 3.82 -26.23 -14.36
C GLY D 220 3.40 -25.21 -15.41
N PRO D 221 4.30 -24.33 -15.87
CA PRO D 221 3.87 -23.37 -16.92
C PRO D 221 3.73 -24.00 -18.29
N GLY D 222 4.13 -25.26 -18.46
CA GLY D 222 4.26 -25.82 -19.78
C GLY D 222 2.93 -25.99 -20.50
N ALA D 223 3.01 -25.97 -21.83
CA ALA D 223 1.82 -26.04 -22.66
C ALA D 223 1.12 -27.38 -22.58
N ALA D 224 1.87 -28.46 -22.30
CA ALA D 224 1.30 -29.79 -22.18
C ALA D 224 1.36 -30.31 -20.75
N CYS D 225 1.47 -29.42 -19.78
CA CYS D 225 1.60 -29.78 -18.37
CA CYS D 225 1.59 -29.78 -18.38
C CYS D 225 0.29 -29.49 -17.64
N THR D 226 -0.05 -30.39 -16.72
CA THR D 226 -1.25 -30.23 -15.90
C THR D 226 -0.95 -30.33 -14.41
N SER D 227 0.32 -30.30 -14.02
CA SER D 227 0.67 -30.41 -12.60
C SER D 227 0.02 -29.33 -11.76
N ARG D 228 -0.14 -28.12 -12.32
CA ARG D 228 -0.76 -27.05 -11.55
C ARG D 228 -2.21 -27.36 -11.23
N GLY D 229 -2.92 -28.02 -12.15
CA GLY D 229 -4.27 -28.42 -11.87
C GLY D 229 -4.36 -29.66 -10.99
N VAL D 230 -3.42 -30.59 -11.14
CA VAL D 230 -3.44 -31.83 -10.38
C VAL D 230 -2.98 -31.59 -8.96
N LEU D 231 -1.98 -30.73 -8.76
CA LEU D 231 -1.35 -30.54 -7.46
C LEU D 231 -1.55 -29.16 -6.84
N GLY D 232 -1.89 -28.15 -7.65
CA GLY D 232 -2.02 -26.81 -7.14
C GLY D 232 -0.71 -26.11 -6.85
N VAL D 233 0.40 -26.68 -7.30
CA VAL D 233 1.75 -26.19 -7.01
C VAL D 233 2.26 -25.38 -8.19
N GLY D 234 2.92 -24.26 -7.90
CA GLY D 234 3.57 -23.49 -8.94
C GLY D 234 3.75 -22.03 -8.60
N VAL D 235 4.78 -21.41 -9.17
CA VAL D 235 4.99 -19.98 -9.06
C VAL D 235 5.16 -19.44 -10.48
N PRO D 236 4.36 -18.46 -10.91
CA PRO D 236 4.52 -17.93 -12.28
C PRO D 236 5.97 -17.53 -12.57
N GLN D 237 6.31 -17.58 -13.86
CA GLN D 237 7.72 -17.62 -14.25
C GLN D 237 8.49 -16.35 -13.91
N PRO D 238 8.04 -15.15 -14.27
CA PRO D 238 8.84 -13.96 -13.94
C PRO D 238 9.29 -13.92 -12.49
N THR D 239 8.40 -14.21 -11.54
CA THR D 239 8.76 -14.22 -10.13
C THR D 239 9.76 -15.32 -9.81
N ALA D 240 9.51 -16.53 -10.30
CA ALA D 240 10.44 -17.63 -10.06
C ALA D 240 11.81 -17.33 -10.66
N ILE D 241 11.84 -16.82 -11.88
CA ILE D 241 13.12 -16.53 -12.53
C ILE D 241 13.90 -15.51 -11.73
N ALA D 242 13.23 -14.43 -11.32
CA ALA D 242 13.91 -13.37 -10.57
C ALA D 242 14.46 -13.90 -9.25
N ASP D 243 13.66 -14.68 -8.53
CA ASP D 243 14.15 -15.22 -7.25
C ASP D 243 15.39 -16.09 -7.46
N CYS D 244 15.39 -16.91 -8.51
CA CYS D 244 16.52 -17.81 -8.76
C CYS D 244 17.71 -17.07 -9.34
N ALA D 245 17.47 -16.02 -10.13
CA ALA D 245 18.58 -15.18 -10.57
C ALA D 245 19.23 -14.47 -9.39
N ALA D 246 18.44 -14.10 -8.38
CA ALA D 246 19.00 -13.51 -7.17
C ALA D 246 19.90 -14.50 -6.45
N ALA D 247 19.51 -15.78 -6.41
CA ALA D 247 20.37 -16.80 -5.83
C ALA D 247 21.67 -16.91 -6.60
N ARG D 248 21.58 -16.92 -7.94
CA ARG D 248 22.78 -16.96 -8.78
C ARG D 248 23.75 -15.84 -8.43
N ASP D 249 23.23 -14.61 -8.32
CA ASP D 249 24.10 -13.47 -8.05
C ASP D 249 24.73 -13.56 -6.66
N ASP D 250 23.98 -14.04 -5.67
CA ASP D 250 24.54 -14.21 -4.34
C ASP D 250 25.57 -15.34 -4.32
N TYR D 251 25.28 -16.43 -5.02
CA TYR D 251 26.26 -17.52 -5.11
C TYR D 251 27.52 -17.05 -5.82
N LEU D 252 27.37 -16.21 -6.85
CA LEU D 252 28.53 -15.65 -7.52
C LEU D 252 29.37 -14.80 -6.56
N GLN D 253 28.70 -13.95 -5.78
CA GLN D 253 29.44 -13.15 -4.80
C GLN D 253 30.17 -14.04 -3.81
N GLU D 254 29.51 -15.11 -3.37
CA GLU D 254 30.10 -15.97 -2.34
C GLU D 254 31.31 -16.73 -2.88
N THR D 255 31.20 -17.30 -4.08
CA THR D 255 32.19 -18.25 -4.55
C THR D 255 32.92 -17.81 -5.81
N GLY D 256 32.41 -16.85 -6.56
CA GLY D 256 32.99 -16.50 -7.84
C GLY D 256 32.59 -17.38 -8.99
N ARG D 257 31.71 -18.36 -8.76
CA ARG D 257 31.26 -19.28 -9.79
C ARG D 257 29.90 -18.83 -10.31
N TYR D 258 29.76 -18.81 -11.64
CA TYR D 258 28.53 -18.37 -12.28
C TYR D 258 27.70 -19.60 -12.66
N VAL D 259 26.47 -19.65 -12.15
CA VAL D 259 25.56 -20.76 -12.44
C VAL D 259 24.37 -20.23 -13.22
N PRO D 260 24.32 -20.42 -14.54
CA PRO D 260 23.21 -19.85 -15.33
C PRO D 260 21.84 -20.36 -14.89
N VAL D 261 20.85 -19.48 -15.00
CA VAL D 261 19.46 -19.77 -14.68
C VAL D 261 18.69 -19.96 -15.98
N ILE D 262 18.02 -21.09 -16.12
CA ILE D 262 17.29 -21.46 -17.33
C ILE D 262 15.80 -21.41 -17.02
N ALA D 263 15.08 -20.52 -17.68
CA ALA D 263 13.62 -20.44 -17.56
C ALA D 263 13.00 -21.54 -18.41
N ASP D 264 12.27 -22.45 -17.78
CA ASP D 264 11.82 -23.69 -18.40
C ASP D 264 10.30 -23.71 -18.53
N GLY D 265 9.82 -23.52 -19.76
CA GLY D 265 8.45 -23.84 -20.09
C GLY D 265 7.57 -22.60 -20.15
N GLY D 266 6.40 -22.78 -20.77
CA GLY D 266 5.39 -21.76 -20.87
C GLY D 266 5.63 -20.71 -21.93
N ILE D 267 6.63 -20.90 -22.79
CA ILE D 267 7.02 -19.92 -23.79
C ILE D 267 6.41 -20.31 -25.13
N ILE D 268 5.73 -19.35 -25.77
CA ILE D 268 5.12 -19.55 -27.07
C ILE D 268 5.80 -18.68 -28.13
N THR D 269 6.13 -17.45 -27.80
CA THR D 269 6.60 -16.47 -28.76
C THR D 269 7.98 -15.95 -28.38
N GLY D 270 8.60 -15.26 -29.33
CA GLY D 270 9.84 -14.57 -29.03
C GLY D 270 9.68 -13.57 -27.90
N GLY D 271 8.52 -12.92 -27.83
CA GLY D 271 8.27 -11.99 -26.74
C GLY D 271 8.28 -12.65 -25.37
N ASP D 272 7.73 -13.87 -25.29
CA ASP D 272 7.79 -14.61 -24.04
C ASP D 272 9.23 -14.88 -23.64
N ILE D 273 10.09 -15.22 -24.60
CA ILE D 273 11.50 -15.44 -24.29
C ILE D 273 12.12 -14.18 -23.72
N CYS D 274 11.92 -13.04 -24.41
CA CYS D 274 12.54 -11.79 -24.00
C CYS D 274 12.11 -11.41 -22.59
N LYS D 275 10.83 -11.60 -22.27
CA LYS D 275 10.35 -11.31 -20.92
C LYS D 275 11.08 -12.16 -19.88
N CYS D 276 11.33 -13.43 -20.18
CA CYS D 276 12.01 -14.30 -19.24
C CYS D 276 13.47 -13.85 -19.04
N ILE D 277 14.15 -13.47 -20.13
CA ILE D 277 15.51 -12.96 -19.99
C ILE D 277 15.52 -11.69 -19.15
N ALA D 278 14.57 -10.79 -19.42
CA ALA D 278 14.52 -9.52 -18.70
C ALA D 278 14.38 -9.74 -17.20
N CYS D 279 13.75 -10.84 -16.78
CA CYS D 279 13.59 -11.14 -15.37
C CYS D 279 14.77 -11.89 -14.77
N GLY D 280 15.79 -12.20 -15.58
CA GLY D 280 17.03 -12.74 -15.05
C GLY D 280 17.55 -14.00 -15.70
N ALA D 281 16.80 -14.57 -16.63
CA ALA D 281 17.19 -15.85 -17.23
C ALA D 281 18.39 -15.68 -18.14
N ASP D 282 19.31 -16.63 -18.07
CA ASP D 282 20.45 -16.71 -18.98
C ASP D 282 20.11 -17.46 -20.26
N ALA D 283 19.10 -18.31 -20.22
CA ALA D 283 18.65 -19.06 -21.38
C ALA D 283 17.25 -19.56 -21.05
N VAL D 284 16.58 -20.11 -22.07
CA VAL D 284 15.24 -20.66 -21.92
C VAL D 284 15.25 -22.10 -22.41
N MET D 285 14.41 -22.93 -21.79
CA MET D 285 14.14 -24.28 -22.26
C MET D 285 12.70 -24.30 -22.75
N ILE D 286 12.50 -24.68 -24.01
CA ILE D 286 11.17 -24.65 -24.61
C ILE D 286 10.87 -25.97 -25.29
N GLY D 287 9.59 -26.34 -25.25
CA GLY D 287 9.16 -27.58 -25.86
C GLY D 287 8.17 -27.36 -26.99
N SER D 288 7.02 -26.78 -26.69
CA SER D 288 5.97 -26.67 -27.70
C SER D 288 6.40 -25.89 -28.94
N PRO D 289 7.16 -24.80 -28.84
CA PRO D 289 7.55 -24.08 -30.07
C PRO D 289 8.37 -24.94 -31.02
N ILE D 290 9.12 -25.91 -30.49
CA ILE D 290 9.94 -26.77 -31.31
C ILE D 290 9.17 -28.02 -31.75
N ALA D 291 8.17 -28.45 -30.97
CA ALA D 291 7.30 -29.53 -31.41
C ALA D 291 6.53 -29.14 -32.66
N ARG D 292 6.46 -27.86 -32.98
CA ARG D 292 5.81 -27.40 -34.21
C ARG D 292 6.71 -27.49 -35.43
N ALA D 293 7.95 -27.98 -35.27
CA ALA D 293 8.86 -28.12 -36.39
C ALA D 293 8.50 -29.35 -37.21
N ALA D 294 8.72 -29.25 -38.52
CA ALA D 294 8.49 -30.37 -39.41
C ALA D 294 9.29 -31.59 -39.00
N GLU D 295 10.47 -31.39 -38.44
CA GLU D 295 11.33 -32.50 -38.05
C GLU D 295 11.04 -33.03 -36.64
N ALA D 296 10.08 -32.44 -35.92
CA ALA D 296 9.84 -32.88 -34.56
C ALA D 296 9.26 -34.29 -34.55
N PRO D 297 9.72 -35.16 -33.64
CA PRO D 297 9.20 -36.54 -33.63
C PRO D 297 7.74 -36.64 -33.24
N GLY D 298 7.13 -35.58 -32.71
CA GLY D 298 5.75 -35.66 -32.26
C GLY D 298 4.73 -35.70 -33.38
N ARG D 299 5.15 -35.49 -34.62
CA ARG D 299 4.24 -35.52 -35.77
C ARG D 299 3.12 -34.51 -35.61
N GLY D 300 3.43 -33.36 -35.04
CA GLY D 300 2.46 -32.32 -34.80
C GLY D 300 1.79 -32.36 -33.44
N PHE D 301 2.07 -33.36 -32.62
CA PHE D 301 1.55 -33.47 -31.27
C PHE D 301 2.68 -33.23 -30.27
N HIS D 302 2.28 -32.90 -29.05
CA HIS D 302 3.21 -32.52 -27.98
C HIS D 302 2.58 -32.95 -26.67
N TRP D 303 3.29 -33.78 -25.91
CA TRP D 303 2.73 -34.32 -24.68
C TRP D 303 3.73 -34.22 -23.54
N GLY D 304 3.18 -34.08 -22.33
CA GLY D 304 4.02 -34.05 -21.14
C GLY D 304 4.55 -35.43 -20.80
N MET D 305 5.78 -35.47 -20.26
CA MET D 305 6.40 -36.73 -19.91
C MET D 305 5.88 -37.30 -18.59
N ALA D 306 4.95 -36.62 -17.94
CA ALA D 306 4.20 -37.19 -16.82
C ALA D 306 2.82 -37.70 -17.23
N THR D 307 2.43 -37.46 -18.48
CA THR D 307 1.21 -38.07 -19.00
C THR D 307 1.17 -39.57 -18.83
N PRO D 308 2.25 -40.32 -19.06
CA PRO D 308 2.18 -41.79 -18.98
C PRO D 308 2.17 -42.36 -17.58
N SER D 309 2.12 -41.54 -16.53
CA SER D 309 2.09 -42.07 -15.17
C SER D 309 0.96 -43.09 -15.04
N PRO D 310 1.24 -44.31 -14.59
CA PRO D 310 0.16 -45.31 -14.48
C PRO D 310 -0.87 -45.00 -13.40
N VAL D 311 -0.59 -44.08 -12.48
CA VAL D 311 -1.52 -43.85 -11.37
C VAL D 311 -2.06 -42.43 -11.37
N LEU D 312 -1.26 -41.45 -11.81
CA LEU D 312 -1.64 -40.04 -11.72
C LEU D 312 -0.96 -39.24 -12.82
N PRO D 313 -1.55 -39.23 -14.02
CA PRO D 313 -0.99 -38.40 -15.10
C PRO D 313 -0.96 -36.93 -14.71
N ARG D 314 0.16 -36.27 -15.01
CA ARG D 314 0.32 -34.83 -14.79
C ARG D 314 0.69 -34.10 -16.07
N GLY D 315 0.35 -34.68 -17.22
CA GLY D 315 0.49 -34.01 -18.50
C GLY D 315 -0.63 -34.45 -19.42
N THR D 316 -0.69 -33.80 -20.59
CA THR D 316 -1.68 -34.13 -21.60
C THR D 316 -1.00 -34.11 -22.96
N ARG D 317 -1.73 -34.56 -23.98
CA ARG D 317 -1.26 -34.54 -25.35
C ARG D 317 -2.06 -33.48 -26.10
N ILE D 318 -1.38 -32.44 -26.57
CA ILE D 318 -2.03 -31.36 -27.31
C ILE D 318 -1.59 -31.44 -28.77
N ASN D 319 -2.42 -30.88 -29.64
CA ASN D 319 -2.12 -30.78 -31.06
C ASN D 319 -1.57 -29.39 -31.32
N VAL D 320 -0.25 -29.30 -31.51
CA VAL D 320 0.36 -28.00 -31.77
C VAL D 320 0.52 -27.74 -33.26
N GLY D 321 0.37 -28.75 -34.09
CA GLY D 321 0.50 -28.60 -35.52
C GLY D 321 1.95 -28.51 -35.95
N THR D 322 2.11 -28.19 -37.24
CA THR D 322 3.42 -28.05 -37.85
C THR D 322 3.41 -26.75 -38.64
N THR D 323 4.22 -25.78 -38.23
CA THR D 323 4.20 -24.45 -38.81
C THR D 323 5.42 -24.14 -39.66
N GLY D 324 6.46 -24.95 -39.59
CA GLY D 324 7.67 -24.71 -40.36
C GLY D 324 8.76 -25.66 -39.95
N THR D 325 9.92 -25.48 -40.57
CA THR D 325 11.10 -26.25 -40.21
C THR D 325 11.73 -25.70 -38.94
N ILE D 326 12.55 -26.54 -38.29
CA ILE D 326 13.25 -26.08 -37.10
C ILE D 326 14.17 -24.91 -37.44
N ARG D 327 14.72 -24.91 -38.66
CA ARG D 327 15.54 -23.78 -39.10
C ARG D 327 14.71 -22.49 -39.10
N GLU D 328 13.54 -22.54 -39.72
CA GLU D 328 12.66 -21.37 -39.76
C GLU D 328 12.26 -20.93 -38.35
N ILE D 329 11.98 -21.89 -37.46
CA ILE D 329 11.51 -21.57 -36.12
C ILE D 329 12.60 -20.85 -35.34
N LEU D 330 13.85 -21.29 -35.47
CA LEU D 330 14.92 -20.73 -34.65
C LEU D 330 15.59 -19.51 -35.26
N VAL D 331 15.91 -19.55 -36.56
CA VAL D 331 16.69 -18.50 -37.20
C VAL D 331 16.01 -17.90 -38.43
N GLY D 332 14.78 -18.31 -38.75
CA GLY D 332 14.02 -17.73 -39.82
C GLY D 332 14.54 -18.13 -41.18
N PRO D 333 14.15 -17.38 -42.23
CA PRO D 333 13.26 -16.20 -42.19
C PRO D 333 11.84 -16.57 -41.75
N ALA D 334 11.17 -15.67 -41.04
CA ALA D 334 9.84 -15.94 -40.51
C ALA D 334 8.78 -15.63 -41.56
N LYS D 335 7.91 -16.61 -41.80
CA LYS D 335 6.75 -16.44 -42.68
C LYS D 335 5.49 -16.05 -41.92
N LEU D 336 5.52 -16.02 -40.60
CA LEU D 336 4.33 -15.87 -39.78
C LEU D 336 4.30 -14.49 -39.12
N ASP D 337 3.12 -14.12 -38.65
CA ASP D 337 2.87 -12.81 -38.07
C ASP D 337 2.85 -12.81 -36.55
N ASP D 338 3.11 -13.94 -35.90
CA ASP D 338 2.80 -14.11 -34.49
C ASP D 338 4.05 -14.29 -33.62
N GLY D 339 5.24 -14.15 -34.19
CA GLY D 339 6.45 -14.24 -33.39
C GLY D 339 6.83 -15.63 -32.94
N THR D 340 6.29 -16.68 -33.57
CA THR D 340 6.66 -18.04 -33.22
C THR D 340 7.76 -18.59 -34.12
N HIS D 341 8.17 -17.85 -35.14
CA HIS D 341 9.29 -18.22 -36.00
C HIS D 341 10.42 -17.21 -35.83
N ASN D 342 11.61 -17.59 -36.28
CA ASN D 342 12.82 -16.78 -36.13
C ASN D 342 12.95 -16.26 -34.71
N LEU D 343 12.92 -17.18 -33.75
CA LEU D 343 12.99 -16.81 -32.35
C LEU D 343 14.28 -16.05 -32.04
N LEU D 344 15.39 -16.45 -32.66
CA LEU D 344 16.64 -15.73 -32.45
C LEU D 344 16.54 -14.30 -32.96
N GLY D 345 15.97 -14.12 -34.15
CA GLY D 345 15.79 -12.78 -34.67
C GLY D 345 14.89 -11.93 -33.81
N ALA D 346 13.88 -12.54 -33.18
CA ALA D 346 13.02 -11.79 -32.26
C ALA D 346 13.81 -11.32 -31.06
N ILE D 347 14.65 -12.18 -30.50
CA ILE D 347 15.45 -11.79 -29.34
C ILE D 347 16.36 -10.62 -29.70
N LYS D 348 17.10 -10.74 -30.80
CA LYS D 348 18.04 -9.69 -31.17
C LYS D 348 17.32 -8.39 -31.49
N THR D 349 16.17 -8.48 -32.18
CA THR D 349 15.40 -7.28 -32.48
C THR D 349 14.89 -6.64 -31.19
N SER D 350 14.37 -7.45 -30.27
CA SER D 350 13.91 -6.90 -29.00
C SER D 350 15.05 -6.23 -28.25
N MET D 351 16.18 -6.92 -28.11
CA MET D 351 17.36 -6.33 -27.50
C MET D 351 17.73 -5.02 -28.19
N GLY D 352 17.57 -4.98 -29.51
CA GLY D 352 17.84 -3.74 -30.25
C GLY D 352 16.96 -2.59 -29.81
N THR D 353 15.64 -2.83 -29.73
CA THR D 353 14.72 -1.78 -29.34
C THR D 353 14.98 -1.31 -27.91
N LEU D 354 15.55 -2.18 -27.07
CA LEU D 354 15.76 -1.86 -25.66
C LEU D 354 17.17 -1.35 -25.36
N GLY D 355 18.08 -1.41 -26.33
CA GLY D 355 19.43 -0.98 -26.09
C GLY D 355 20.28 -1.96 -25.32
N ALA D 356 19.93 -3.24 -25.33
CA ALA D 356 20.69 -4.26 -24.61
C ALA D 356 21.71 -4.87 -25.55
N LYS D 357 23.00 -4.63 -25.26
CA LYS D 357 24.05 -5.11 -26.15
C LYS D 357 24.28 -6.61 -26.00
N ASP D 358 24.01 -7.17 -24.82
CA ASP D 358 24.20 -8.60 -24.58
C ASP D 358 23.16 -9.06 -23.57
N MET D 359 23.18 -10.37 -23.29
CA MET D 359 22.16 -10.96 -22.44
C MET D 359 22.18 -10.37 -21.04
N LYS D 360 23.38 -10.05 -20.51
CA LYS D 360 23.43 -9.46 -19.19
C LYS D 360 22.73 -8.11 -19.16
N GLU D 361 22.91 -7.30 -20.20
CA GLU D 361 22.20 -6.03 -20.29
C GLU D 361 20.70 -6.25 -20.44
N MET D 362 20.30 -7.29 -21.17
CA MET D 362 18.89 -7.60 -21.31
C MET D 362 18.25 -7.90 -19.95
N GLN D 363 18.99 -8.58 -19.07
CA GLN D 363 18.48 -8.87 -17.75
C GLN D 363 18.27 -7.61 -16.91
N GLN D 364 18.77 -6.46 -17.37
CA GLN D 364 18.62 -5.22 -16.62
C GLN D 364 17.55 -4.30 -17.19
N VAL D 365 16.81 -4.72 -18.21
CA VAL D 365 15.83 -3.82 -18.80
C VAL D 365 14.71 -3.56 -17.81
N ASP D 366 14.14 -2.35 -17.87
CA ASP D 366 13.01 -2.01 -17.00
C ASP D 366 11.76 -2.77 -17.42
N VAL D 367 10.96 -3.13 -16.42
CA VAL D 367 9.76 -3.93 -16.61
C VAL D 367 8.57 -3.19 -16.03
N VAL D 368 7.43 -3.31 -16.70
CA VAL D 368 6.17 -2.79 -16.17
C VAL D 368 5.22 -3.97 -15.95
N ILE D 369 4.39 -3.84 -14.93
CA ILE D 369 3.22 -4.71 -14.76
C ILE D 369 2.14 -4.14 -15.67
N ALA D 370 1.78 -4.88 -16.71
CA ALA D 370 0.93 -4.35 -17.78
C ALA D 370 0.08 -5.46 -18.35
N PRO D 371 -0.96 -5.89 -17.63
CA PRO D 371 -1.88 -6.89 -18.20
C PRO D 371 -2.49 -6.47 -19.52
N SER D 372 -2.57 -5.16 -19.80
CA SER D 372 -3.15 -4.67 -21.04
C SER D 372 -2.22 -4.84 -22.24
N LEU D 373 -0.97 -5.28 -22.04
CA LEU D 373 -0.07 -5.48 -23.17
C LEU D 373 -0.68 -6.42 -24.21
N LEU D 374 -1.41 -7.43 -23.75
CA LEU D 374 -1.95 -8.45 -24.62
C LEU D 374 -3.38 -8.18 -25.05
N THR D 375 -3.99 -7.09 -24.57
CA THR D 375 -5.38 -6.80 -24.88
C THR D 375 -5.57 -5.49 -25.62
N GLU D 376 -4.78 -4.47 -25.31
CA GLU D 376 -4.95 -3.15 -25.91
C GLU D 376 -4.98 -3.24 -27.42
N GLY D 377 -6.13 -2.87 -27.99
CA GLY D 377 -6.30 -2.77 -29.43
C GLY D 377 -6.42 -4.06 -30.20
N LYS D 378 -6.48 -5.22 -29.53
CA LYS D 378 -6.35 -6.50 -30.20
C LYS D 378 -7.70 -7.18 -30.47
N VAL D 379 -8.78 -6.40 -30.51
CA VAL D 379 -10.11 -6.99 -30.67
C VAL D 379 -10.22 -7.74 -32.00
N TYR D 380 -9.72 -7.14 -33.09
CA TYR D 380 -9.79 -7.80 -34.39
C TYR D 380 -8.93 -9.06 -34.41
N GLN D 381 -7.69 -8.96 -33.91
CA GLN D 381 -6.79 -10.11 -33.93
C GLN D 381 -7.39 -11.29 -33.17
N LYS D 382 -8.02 -11.02 -32.02
CA LYS D 382 -8.65 -12.08 -31.27
C LYS D 382 -9.80 -12.71 -32.03
N ALA D 383 -10.67 -11.87 -32.61
CA ALA D 383 -11.86 -12.39 -33.27
C ALA D 383 -11.50 -13.19 -34.51
N GLN D 384 -10.48 -12.76 -35.25
CA GLN D 384 -10.10 -13.39 -36.50
C GLN D 384 -8.94 -14.37 -36.34
N GLN D 385 -8.48 -14.58 -35.11
CA GLN D 385 -7.41 -15.52 -34.82
C GLN D 385 -6.18 -15.26 -35.69
N LEU D 386 -5.71 -14.01 -35.65
CA LEU D 386 -4.53 -13.60 -36.38
C LEU D 386 -3.54 -12.95 -35.41
N GLY D 387 -2.26 -13.02 -35.76
CA GLY D 387 -1.22 -12.42 -34.94
C GLY D 387 -1.24 -12.87 -33.50
N MET D 388 -1.41 -11.91 -32.57
CA MET D 388 -1.41 -12.22 -31.14
C MET D 388 -2.69 -12.89 -30.69
N GLY D 389 -3.70 -13.01 -31.56
CA GLY D 389 -4.95 -13.65 -31.19
C GLY D 389 -5.06 -15.11 -31.60
N LYS D 390 -3.98 -15.74 -32.00
CA LYS D 390 -4.08 -17.13 -32.48
C LYS D 390 -4.09 -18.11 -31.31
N GLY E 1 6.68 16.31 -11.69
CA GLY E 1 5.93 15.03 -11.64
C GLY E 1 6.81 13.84 -11.28
N SER E 2 6.18 12.76 -10.81
CA SER E 2 6.89 11.56 -10.40
C SER E 2 5.97 10.36 -10.55
N HIS E 3 6.58 9.18 -10.61
CA HIS E 3 5.84 7.93 -10.65
C HIS E 3 5.34 7.51 -9.28
N MET E 4 5.72 8.21 -8.21
CA MET E 4 5.17 7.98 -6.87
C MET E 4 4.36 9.21 -6.46
N ASN E 5 3.13 8.99 -5.99
CA ASN E 5 2.21 10.08 -5.71
C ASN E 5 1.42 9.81 -4.42
N ILE E 6 2.11 9.89 -3.29
CA ILE E 6 1.41 10.00 -2.00
C ILE E 6 0.54 11.24 -2.02
N THR E 7 -0.64 11.15 -1.43
CA THR E 7 -1.58 12.26 -1.45
C THR E 7 -1.36 13.17 -0.23
N ILE E 8 -1.02 14.43 -0.50
CA ILE E 8 -1.04 15.45 0.56
C ILE E 8 -2.47 15.95 0.76
N GLY E 9 -3.12 16.34 -0.34
CA GLY E 9 -4.54 16.68 -0.35
C GLY E 9 -5.04 16.55 -1.77
N ARG E 10 -6.30 16.88 -1.96
CA ARG E 10 -6.87 16.85 -3.31
C ARG E 10 -6.01 17.67 -4.24
N GLY E 11 -5.57 17.05 -5.33
CA GLY E 11 -4.79 17.74 -6.35
C GLY E 11 -3.35 18.04 -5.98
N LYS E 12 -2.85 17.53 -4.87
CA LYS E 12 -1.44 17.72 -4.50
C LYS E 12 -0.87 16.42 -4.00
N THR E 13 0.13 15.90 -4.70
CA THR E 13 0.78 14.65 -4.36
C THR E 13 2.22 14.90 -3.98
N ALA E 14 2.87 13.85 -3.48
CA ALA E 14 4.27 13.91 -3.07
C ALA E 14 4.85 12.50 -3.16
N ARG E 15 6.18 12.43 -3.09
CA ARG E 15 6.87 11.16 -2.98
C ARG E 15 7.70 11.14 -1.71
N ARG E 16 7.80 9.96 -1.11
CA ARG E 16 8.54 9.78 0.13
C ARG E 16 10.04 9.80 -0.15
N ALA E 17 10.79 10.60 0.62
CA ALA E 17 12.23 10.65 0.55
C ALA E 17 12.79 10.32 1.93
N TYR E 18 13.87 9.55 1.96
CA TYR E 18 14.44 9.01 3.19
C TYR E 18 15.78 9.66 3.50
N GLY E 19 15.98 9.97 4.78
CA GLY E 19 17.21 10.60 5.22
C GLY E 19 18.27 9.61 5.69
N ILE E 20 19.49 10.14 5.86
CA ILE E 20 20.60 9.32 6.35
C ILE E 20 20.22 8.64 7.66
N ASP E 21 19.51 9.35 8.52
CA ASP E 21 19.16 8.84 9.85
C ASP E 21 17.98 7.88 9.82
N GLU E 22 17.47 7.53 8.63
CA GLU E 22 16.34 6.61 8.53
C GLU E 22 16.70 5.24 8.00
N ILE E 23 17.94 5.02 7.55
CA ILE E 23 18.31 3.79 6.88
C ILE E 23 19.46 3.11 7.61
N ALA E 24 19.67 1.84 7.25
CA ALA E 24 20.77 1.03 7.80
C ALA E 24 21.15 0.00 6.75
N LEU E 25 22.36 -0.54 6.90
CA LEU E 25 22.92 -1.49 5.94
C LEU E 25 22.85 -2.90 6.49
N VAL E 26 22.54 -3.85 5.62
CA VAL E 26 22.27 -5.23 5.99
C VAL E 26 23.44 -6.09 5.51
N PRO E 27 23.99 -6.96 6.36
CA PRO E 27 25.02 -7.89 5.89
C PRO E 27 24.54 -8.70 4.70
N GLY E 28 25.49 -9.09 3.86
CA GLY E 28 25.23 -9.90 2.69
C GLY E 28 25.52 -11.37 2.90
N VAL E 29 25.99 -12.03 1.84
CA VAL E 29 26.21 -13.46 1.92
C VAL E 29 27.57 -13.79 2.52
N ARG E 30 28.50 -12.84 2.56
CA ARG E 30 29.85 -13.10 3.02
C ARG E 30 30.40 -11.89 3.75
N THR E 31 31.43 -12.12 4.56
CA THR E 31 32.26 -11.08 5.15
C THR E 31 33.64 -11.16 4.52
N LEU E 32 34.44 -10.10 4.73
CA LEU E 32 35.81 -10.11 4.23
C LEU E 32 36.68 -9.22 5.12
N ASP E 33 37.98 -9.51 5.10
CA ASP E 33 38.93 -8.77 5.90
C ASP E 33 38.97 -7.32 5.45
N PRO E 34 38.89 -6.35 6.36
CA PRO E 34 38.88 -4.93 5.93
C PRO E 34 40.09 -4.55 5.09
N ALA E 35 41.24 -5.22 5.28
CA ALA E 35 42.42 -4.87 4.52
C ALA E 35 42.22 -5.09 3.02
N LEU E 36 41.24 -5.91 2.64
CA LEU E 36 40.97 -6.17 1.23
C LEU E 36 39.98 -5.20 0.62
N ALA E 37 39.40 -4.30 1.41
CA ALA E 37 38.37 -3.40 0.92
C ALA E 37 39.01 -2.25 0.14
N ASP E 38 38.66 -2.14 -1.14
CA ASP E 38 39.17 -1.12 -2.03
C ASP E 38 38.26 0.10 -1.98
N THR E 39 38.80 1.22 -1.49
CA THR E 39 38.02 2.44 -1.29
C THR E 39 38.31 3.51 -2.32
N ARG E 40 39.03 3.17 -3.39
CA ARG E 40 39.47 4.17 -4.35
C ARG E 40 38.29 4.76 -5.12
N TRP E 41 38.45 6.01 -5.55
CA TRP E 41 37.57 6.63 -6.53
C TRP E 41 38.42 7.44 -7.48
N LYS E 42 37.79 7.99 -8.53
CA LYS E 42 38.55 8.68 -9.56
C LYS E 42 37.70 9.81 -10.13
N VAL E 43 38.31 10.98 -10.28
CA VAL E 43 37.70 12.12 -10.94
C VAL E 43 38.67 12.60 -12.00
N GLY E 44 38.20 12.68 -13.24
CA GLY E 44 39.11 12.95 -14.34
C GLY E 44 40.15 11.85 -14.42
N ALA E 45 41.42 12.23 -14.40
CA ALA E 45 42.52 11.27 -14.36
C ALA E 45 43.15 11.17 -12.98
N ILE E 46 42.51 11.73 -11.96
CA ILE E 46 43.07 11.80 -10.61
C ILE E 46 42.45 10.67 -9.80
N GLU E 47 43.27 9.69 -9.44
CA GLU E 47 42.86 8.62 -8.54
C GLU E 47 43.16 9.01 -7.11
N ARG E 48 42.26 8.65 -6.20
CA ARG E 48 42.39 8.96 -4.78
C ARG E 48 42.08 7.71 -3.97
N GLU E 49 42.93 7.41 -2.99
CA GLU E 49 42.71 6.25 -2.14
C GLU E 49 41.56 6.47 -1.16
N ILE E 50 41.39 7.70 -0.69
CA ILE E 50 40.34 8.04 0.26
C ILE E 50 39.21 8.71 -0.49
N PRO E 51 37.97 8.15 -0.49
CA PRO E 51 36.85 8.73 -1.23
C PRO E 51 36.18 9.90 -0.48
N ILE E 52 37.00 10.83 0.00
CA ILE E 52 36.53 11.96 0.80
C ILE E 52 37.10 13.25 0.22
N ILE E 53 36.25 14.26 0.10
CA ILE E 53 36.64 15.60 -0.32
C ILE E 53 36.24 16.56 0.79
N ALA E 54 37.17 17.41 1.20
CA ALA E 54 36.85 18.44 2.18
C ALA E 54 36.08 19.56 1.49
N SER E 55 34.96 19.96 2.11
CA SER E 55 34.11 20.99 1.52
C SER E 55 34.87 22.29 1.33
N ALA E 56 34.44 23.08 0.35
CA ALA E 56 35.02 24.39 0.07
C ALA E 56 34.44 25.41 1.05
N MET E 57 34.92 25.33 2.29
CA MET E 57 34.42 26.17 3.38
C MET E 57 35.60 26.68 4.19
N ASP E 58 35.53 27.95 4.59
CA ASP E 58 36.69 28.64 5.13
C ASP E 58 37.08 28.12 6.51
N GLY E 59 36.18 27.47 7.22
CA GLY E 59 36.56 26.81 8.45
C GLY E 59 37.19 25.45 8.26
N VAL E 60 37.17 24.94 7.03
CA VAL E 60 37.57 23.58 6.74
C VAL E 60 38.88 23.54 5.96
N VAL E 61 38.97 24.31 4.88
CA VAL E 61 40.07 24.20 3.92
C VAL E 61 40.75 25.55 3.76
N ASP E 62 42.06 25.57 4.02
CA ASP E 62 42.95 26.62 3.56
C ASP E 62 44.05 25.96 2.72
N SER E 63 45.07 26.73 2.36
CA SER E 63 46.13 26.19 1.51
C SER E 63 46.85 25.03 2.18
N ARG E 64 47.18 25.18 3.45
CA ARG E 64 47.87 24.08 4.16
C ARG E 64 46.98 22.85 4.23
N MET E 65 45.71 23.02 4.61
CA MET E 65 44.80 21.88 4.70
C MET E 65 44.70 21.15 3.37
N ALA E 66 44.62 21.90 2.26
CA ALA E 66 44.53 21.27 0.95
C ALA E 66 45.70 20.35 0.70
N VAL E 67 46.90 20.76 1.11
CA VAL E 67 48.08 19.95 0.90
C VAL E 67 48.05 18.72 1.80
N LEU E 68 47.75 18.92 3.09
CA LEU E 68 47.70 17.79 4.02
C LEU E 68 46.71 16.72 3.55
N LEU E 69 45.55 17.16 3.08
CA LEU E 69 44.56 16.20 2.59
C LEU E 69 45.06 15.45 1.36
N SER E 70 45.72 16.15 0.44
CA SER E 70 46.22 15.50 -0.76
CA SER E 70 46.22 15.50 -0.76
C SER E 70 47.26 14.44 -0.42
N GLU E 71 48.15 14.73 0.56
CA GLU E 71 49.19 13.75 0.92
C GLU E 71 48.58 12.51 1.55
N LEU E 72 47.48 12.63 2.28
CA LEU E 72 46.87 11.46 2.91
C LEU E 72 46.07 10.62 1.92
N GLY E 73 45.87 11.10 0.70
CA GLY E 73 45.06 10.40 -0.28
C GLY E 73 43.67 10.94 -0.47
N ALA E 74 43.36 12.13 0.06
CA ALA E 74 42.07 12.76 -0.08
C ALA E 74 42.21 14.03 -0.90
N LEU E 75 41.25 14.94 -0.76
CA LEU E 75 41.25 16.18 -1.51
C LEU E 75 40.64 17.28 -0.65
N GLY E 76 41.06 18.50 -0.91
CA GLY E 76 40.44 19.67 -0.29
C GLY E 76 40.21 20.73 -1.33
N VAL E 77 39.05 21.39 -1.25
CA VAL E 77 38.65 22.41 -2.19
C VAL E 77 38.72 23.77 -1.52
N VAL E 78 39.47 24.69 -2.12
CA VAL E 78 39.54 26.07 -1.67
C VAL E 78 38.42 26.88 -2.32
N ASN E 79 37.62 27.55 -1.50
CA ASN E 79 36.55 28.41 -2.01
C ASN E 79 37.17 29.73 -2.45
N LEU E 80 37.16 30.00 -3.75
CA LEU E 80 37.78 31.20 -4.29
C LEU E 80 36.94 32.45 -4.08
N GLU E 81 35.78 32.33 -3.44
CA GLU E 81 34.95 33.49 -3.10
C GLU E 81 34.88 33.73 -1.60
N GLY E 82 35.72 33.06 -0.82
CA GLY E 82 35.80 33.20 0.61
C GLY E 82 36.93 34.07 1.06
N ILE E 83 37.34 33.88 2.32
CA ILE E 83 38.37 34.73 2.92
C ILE E 83 39.73 34.53 2.27
N GLN E 84 39.96 33.36 1.63
CA GLN E 84 41.30 33.07 1.10
C GLN E 84 41.67 33.97 -0.07
N THR E 85 40.69 34.46 -0.83
CA THR E 85 40.98 35.33 -1.97
C THR E 85 40.69 36.80 -1.68
N ARG E 86 40.12 37.10 -0.52
CA ARG E 86 39.82 38.47 -0.15
C ARG E 86 40.87 39.08 0.77
N TYR E 87 41.71 38.26 1.40
CA TYR E 87 42.74 38.76 2.29
C TYR E 87 44.06 38.04 2.02
N GLU E 88 45.15 38.80 1.95
CA GLU E 88 46.47 38.18 1.78
C GLU E 88 46.80 37.28 2.97
N ASP E 89 46.52 37.75 4.18
CA ASP E 89 46.72 36.97 5.39
C ASP E 89 45.37 36.69 6.03
N PRO E 90 44.77 35.52 5.80
CA PRO E 90 43.44 35.26 6.39
C PRO E 90 43.46 35.01 7.88
N ASN E 91 44.62 34.74 8.47
CA ASN E 91 44.65 34.29 9.87
C ASN E 91 44.03 35.29 10.83
N PRO E 92 44.37 36.57 10.78
CA PRO E 92 43.69 37.53 11.67
C PRO E 92 42.18 37.56 11.48
N ILE E 93 41.71 37.31 10.26
CA ILE E 93 40.27 37.31 10.00
C ILE E 93 39.62 36.11 10.67
N LEU E 94 40.22 34.93 10.49
CA LEU E 94 39.72 33.73 11.16
C LEU E 94 39.76 33.90 12.67
N ASP E 95 40.79 34.59 13.18
CA ASP E 95 40.88 34.86 14.61
C ASP E 95 39.65 35.62 15.10
N ARG E 96 39.24 36.66 14.37
CA ARG E 96 38.08 37.43 14.81
C ARG E 96 36.82 36.55 14.80
N ILE E 97 36.62 35.78 13.73
CA ILE E 97 35.43 34.94 13.62
C ILE E 97 35.34 33.98 14.81
N ALA E 98 36.48 33.45 15.23
CA ALA E 98 36.50 32.48 16.33
C ALA E 98 36.34 33.15 17.70
N SER E 99 36.56 34.45 17.80
CA SER E 99 36.56 35.11 19.09
C SER E 99 35.20 35.67 19.50
N VAL E 100 34.29 35.91 18.55
CA VAL E 100 33.02 36.55 18.87
C VAL E 100 31.99 35.50 19.31
N GLY E 101 30.94 35.99 19.96
CA GLY E 101 29.86 35.15 20.46
C GLY E 101 28.81 34.82 19.42
N LYS E 102 27.84 34.01 19.86
CA LYS E 102 26.80 33.51 18.96
C LYS E 102 25.97 34.65 18.39
N THR E 103 25.73 35.70 19.17
CA THR E 103 24.88 36.79 18.71
C THR E 103 25.61 37.76 17.81
N GLU E 104 26.90 37.54 17.54
CA GLU E 104 27.71 38.54 16.84
C GLU E 104 28.29 38.06 15.51
N PHE E 105 28.36 36.76 15.27
CA PHE E 105 29.13 36.28 14.12
C PHE E 105 28.46 36.61 12.79
N VAL E 106 27.12 36.67 12.75
CA VAL E 106 26.46 36.97 11.48
C VAL E 106 26.85 38.36 10.99
N GLY E 107 26.66 39.38 11.84
CA GLY E 107 27.01 40.73 11.45
C GLY E 107 28.48 40.89 11.12
N LEU E 108 29.35 40.22 11.88
CA LEU E 108 30.78 40.29 11.60
C LEU E 108 31.09 39.71 10.23
N MET E 109 30.59 38.51 9.93
CA MET E 109 30.91 37.88 8.65
CA MET E 109 30.90 37.88 8.65
C MET E 109 30.35 38.70 7.49
N GLN E 110 29.15 39.27 7.65
CA GLN E 110 28.60 40.11 6.59
C GLN E 110 29.55 41.25 6.26
N GLU E 111 30.22 41.79 7.28
CA GLU E 111 31.22 42.84 7.04
C GLU E 111 32.50 42.26 6.43
N LEU E 112 33.04 41.21 7.05
CA LEU E 112 34.35 40.71 6.63
C LEU E 112 34.34 40.21 5.20
N TYR E 113 33.29 39.48 4.80
CA TYR E 113 33.22 38.92 3.46
C TYR E 113 32.87 39.94 2.39
N ALA E 114 32.60 41.20 2.78
CA ALA E 114 32.37 42.25 1.81
C ALA E 114 33.67 42.78 1.19
N GLU E 115 34.80 42.49 1.79
CA GLU E 115 36.08 42.86 1.21
C GLU E 115 36.21 42.25 -0.20
N PRO E 116 36.49 43.05 -1.23
CA PRO E 116 36.47 42.50 -2.59
C PRO E 116 37.50 41.40 -2.80
N ILE E 117 37.18 40.49 -3.74
CA ILE E 117 38.10 39.44 -4.13
C ILE E 117 39.31 40.02 -4.83
N LYS E 118 40.49 39.46 -4.55
CA LYS E 118 41.72 39.81 -5.25
C LYS E 118 42.07 38.72 -6.24
N PRO E 119 41.93 38.95 -7.55
CA PRO E 119 42.21 37.88 -8.52
C PRO E 119 43.61 37.30 -8.39
N GLU E 120 44.58 38.13 -8.01
CA GLU E 120 45.95 37.63 -7.86
C GLU E 120 46.02 36.56 -6.79
N LEU E 121 45.16 36.63 -5.78
CA LEU E 121 45.16 35.62 -4.72
C LEU E 121 44.62 34.31 -5.24
N ILE E 122 43.73 34.33 -6.23
CA ILE E 122 43.29 33.10 -6.87
C ILE E 122 44.49 32.32 -7.38
N THR E 123 45.34 33.00 -8.16
CA THR E 123 46.55 32.38 -8.67
C THR E 123 47.47 31.92 -7.56
N LYS E 124 47.67 32.77 -6.54
CA LYS E 124 48.63 32.44 -5.49
C LYS E 124 48.22 31.18 -4.73
N ARG E 125 46.95 31.08 -4.34
CA ARG E 125 46.50 29.91 -3.60
C ARG E 125 46.74 28.64 -4.40
N ILE E 126 46.35 28.67 -5.69
CA ILE E 126 46.56 27.50 -6.54
C ILE E 126 48.03 27.14 -6.60
N GLN E 127 48.90 28.13 -6.80
CA GLN E 127 50.30 27.84 -7.06
C GLN E 127 51.02 27.41 -5.79
N GLU E 128 50.69 28.00 -4.64
CA GLU E 128 51.34 27.61 -3.41
C GLU E 128 50.92 26.22 -2.96
N ILE E 129 49.68 25.83 -3.26
CA ILE E 129 49.25 24.45 -2.98
C ILE E 129 50.04 23.47 -3.84
N GLN E 130 50.13 23.74 -5.14
CA GLN E 130 50.82 22.82 -6.03
C GLN E 130 52.33 22.80 -5.75
N ALA E 131 52.92 23.96 -5.44
CA ALA E 131 54.34 24.01 -5.14
C ALA E 131 54.67 23.16 -3.91
N ALA E 132 53.73 23.03 -2.98
CA ALA E 132 53.93 22.17 -1.82
C ALA E 132 53.62 20.71 -2.09
N GLY E 133 53.29 20.36 -3.33
CA GLY E 133 53.01 18.99 -3.69
C GLY E 133 51.56 18.57 -3.55
N GLY E 134 50.64 19.50 -3.38
CA GLY E 134 49.24 19.18 -3.20
C GLY E 134 48.44 19.32 -4.50
N ILE E 135 47.30 18.63 -4.53
CA ILE E 135 46.36 18.75 -5.63
C ILE E 135 45.51 20.00 -5.39
N ALA E 136 45.50 20.91 -6.36
CA ALA E 136 44.81 22.19 -6.21
C ALA E 136 43.40 22.06 -6.76
N ALA E 137 42.42 21.96 -5.86
CA ALA E 137 41.01 21.95 -6.20
C ALA E 137 40.39 23.24 -5.67
N VAL E 138 39.63 23.93 -6.51
CA VAL E 138 39.09 25.25 -6.18
C VAL E 138 37.64 25.30 -6.60
N SER E 139 36.86 26.14 -5.93
CA SER E 139 35.43 26.24 -6.17
C SER E 139 35.04 27.67 -6.51
N LEU E 140 34.02 27.78 -7.35
CA LEU E 140 33.40 29.04 -7.70
C LEU E 140 31.90 28.84 -7.82
N THR E 141 31.14 29.89 -7.54
CA THR E 141 29.72 29.89 -7.88
C THR E 141 29.57 30.09 -9.39
N PRO E 142 28.40 29.76 -9.95
CA PRO E 142 28.19 30.04 -11.38
C PRO E 142 28.52 31.47 -11.77
N VAL E 143 28.08 32.45 -10.98
CA VAL E 143 28.40 33.85 -11.28
C VAL E 143 29.90 34.08 -11.17
N GLY E 144 30.53 33.49 -10.16
CA GLY E 144 31.97 33.63 -10.00
C GLY E 144 32.74 33.04 -11.18
N ALA E 145 32.26 31.92 -11.72
CA ALA E 145 32.92 31.30 -12.86
C ALA E 145 32.89 32.22 -14.07
N SER E 146 31.77 32.91 -14.29
CA SER E 146 31.67 33.82 -15.42
C SER E 146 32.74 34.91 -15.35
N LYS E 147 33.21 35.23 -14.14
CA LYS E 147 34.19 36.29 -13.94
C LYS E 147 35.61 35.76 -13.81
N TYR E 148 35.80 34.59 -13.20
CA TYR E 148 37.14 34.15 -12.82
C TYR E 148 37.55 32.80 -13.39
N ALA E 149 36.72 32.15 -14.20
CA ALA E 149 37.07 30.82 -14.71
C ALA E 149 38.36 30.86 -15.52
N SER E 150 38.55 31.89 -16.34
CA SER E 150 39.76 32.02 -17.13
C SER E 150 40.99 32.25 -16.23
N THR E 151 40.83 32.95 -15.10
CA THR E 151 41.93 33.07 -14.16
C THR E 151 42.33 31.71 -13.61
N VAL E 152 41.35 30.88 -13.25
CA VAL E 152 41.64 29.55 -12.75
C VAL E 152 42.34 28.70 -13.81
N ALA E 153 41.88 28.79 -15.06
CA ALA E 153 42.51 28.06 -16.14
C ALA E 153 43.96 28.52 -16.34
N GLU E 154 44.18 29.84 -16.39
CA GLU E 154 45.53 30.35 -16.58
C GLU E 154 46.45 29.93 -15.44
N ALA E 155 45.92 29.85 -14.22
CA ALA E 155 46.72 29.42 -13.08
C ALA E 155 47.02 27.93 -13.11
N GLY E 156 46.22 27.15 -13.83
CA GLY E 156 46.48 25.74 -13.96
C GLY E 156 46.01 24.89 -12.80
N ALA E 157 44.83 25.19 -12.25
CA ALA E 157 44.28 24.37 -11.18
C ALA E 157 44.04 22.95 -11.67
N ASP E 158 44.13 22.00 -10.73
CA ASP E 158 43.92 20.60 -11.07
C ASP E 158 42.46 20.23 -11.21
N LEU E 159 41.58 20.86 -10.44
CA LEU E 159 40.16 20.61 -10.49
C LEU E 159 39.40 21.90 -10.25
N LEU E 160 38.30 22.08 -10.99
CA LEU E 160 37.40 23.21 -10.81
C LEU E 160 36.04 22.69 -10.37
N PHE E 161 35.55 23.21 -9.24
CA PHE E 161 34.23 22.90 -8.72
C PHE E 161 33.34 24.12 -8.94
N ILE E 162 32.29 23.96 -9.74
CA ILE E 162 31.24 24.96 -9.86
C ILE E 162 30.11 24.52 -8.93
N GLN E 163 29.90 25.28 -7.86
CA GLN E 163 28.97 24.85 -6.80
C GLN E 163 28.06 26.01 -6.43
N ALA E 164 26.76 25.80 -6.62
CA ALA E 164 25.71 26.66 -6.09
C ALA E 164 24.82 25.81 -5.20
N THR E 165 24.12 26.48 -4.28
CA THR E 165 23.18 25.76 -3.42
C THR E 165 22.26 24.89 -4.25
N VAL E 166 21.71 25.44 -5.34
CA VAL E 166 20.89 24.70 -6.29
C VAL E 166 21.31 25.14 -7.69
N VAL E 167 21.81 24.21 -8.50
CA VAL E 167 22.23 24.50 -9.86
C VAL E 167 21.41 23.69 -10.85
N SER E 168 21.26 24.24 -12.05
CA SER E 168 20.69 23.54 -13.19
C SER E 168 21.43 23.99 -14.44
N THR E 169 21.33 23.19 -15.50
CA THR E 169 21.85 23.62 -16.79
C THR E 169 21.02 24.75 -17.40
N ALA E 170 19.78 24.92 -16.96
CA ALA E 170 18.87 25.94 -17.47
C ALA E 170 18.65 26.95 -16.35
N HIS E 171 19.12 28.17 -16.56
CA HIS E 171 18.95 29.25 -15.58
C HIS E 171 18.45 30.49 -16.30
N LEU E 172 17.37 31.07 -15.78
CA LEU E 172 16.79 32.28 -16.36
C LEU E 172 17.38 33.49 -15.65
N SER E 173 18.20 34.27 -16.35
CA SER E 173 18.84 35.49 -15.79
C SER E 173 17.98 36.71 -16.10
N PRO E 174 18.20 37.86 -15.45
CA PRO E 174 17.46 39.09 -15.78
C PRO E 174 17.66 39.49 -17.24
N GLU E 175 16.74 40.28 -17.81
CA GLU E 175 16.79 40.71 -19.22
C GLU E 175 18.18 41.28 -19.55
N SER E 176 18.78 40.86 -20.67
CA SER E 176 20.10 41.36 -21.14
C SER E 176 21.24 40.70 -20.35
N VAL E 177 20.94 39.74 -19.49
CA VAL E 177 21.98 39.02 -18.67
C VAL E 177 22.13 37.61 -19.24
N GLU E 178 23.35 37.21 -19.60
CA GLU E 178 23.62 35.90 -20.18
C GLU E 178 24.02 34.93 -19.08
N SER E 179 23.24 33.86 -18.92
CA SER E 179 23.53 32.84 -17.93
C SER E 179 24.79 32.06 -18.32
N LEU E 180 25.45 31.49 -17.31
CA LEU E 180 26.64 30.70 -17.55
C LEU E 180 26.32 29.47 -18.39
N ASP E 181 27.02 29.32 -19.51
CA ASP E 181 26.88 28.18 -20.41
C ASP E 181 27.77 27.06 -19.91
N LEU E 182 27.19 26.09 -19.22
CA LEU E 182 28.00 25.02 -18.63
C LEU E 182 28.62 24.12 -19.69
N VAL E 183 27.94 23.93 -20.83
CA VAL E 183 28.54 23.13 -21.90
C VAL E 183 29.84 23.77 -22.37
N LYS E 184 29.80 25.08 -22.65
CA LYS E 184 31.01 25.77 -23.09
C LYS E 184 32.08 25.73 -22.02
N LEU E 185 31.70 25.92 -20.75
CA LEU E 185 32.69 25.90 -19.68
C LEU E 185 33.46 24.59 -19.64
N CYS E 186 32.75 23.47 -19.62
CA CYS E 186 33.43 22.18 -19.52
C CYS E 186 34.30 21.91 -20.74
N GLN E 187 33.87 22.36 -21.92
CA GLN E 187 34.67 22.17 -23.13
C GLN E 187 35.93 23.02 -23.12
N GLU E 188 35.83 24.26 -22.62
CA GLU E 188 36.94 25.19 -22.69
C GLU E 188 37.90 25.08 -21.53
N MET E 189 37.44 24.68 -20.35
CA MET E 189 38.35 24.54 -19.21
C MET E 189 39.34 23.41 -19.48
N PRO E 190 40.64 23.62 -19.25
CA PRO E 190 41.61 22.54 -19.50
C PRO E 190 41.62 21.45 -18.44
N MET E 191 40.88 21.61 -17.34
CA MET E 191 40.88 20.60 -16.28
C MET E 191 39.48 20.04 -16.09
N PRO E 192 39.32 18.95 -15.34
CA PRO E 192 37.97 18.44 -15.05
C PRO E 192 37.16 19.46 -14.27
N VAL E 193 35.86 19.52 -14.56
CA VAL E 193 34.95 20.46 -13.92
C VAL E 193 33.85 19.68 -13.21
N VAL E 194 33.77 19.84 -11.89
CA VAL E 194 32.72 19.25 -11.07
C VAL E 194 31.59 20.25 -10.94
N LEU E 195 30.35 19.78 -11.06
CA LEU E 195 29.18 20.65 -11.07
C LEU E 195 28.21 20.23 -9.97
N GLY E 196 27.61 21.22 -9.32
CA GLY E 196 26.60 20.96 -8.31
C GLY E 196 26.02 22.26 -7.80
N ASN E 197 25.06 22.16 -6.89
CA ASN E 197 24.54 20.90 -6.36
C ASN E 197 23.13 20.63 -6.91
N CYS E 198 22.73 19.36 -6.91
CA CYS E 198 21.41 18.95 -7.35
C CYS E 198 20.95 17.78 -6.49
N VAL E 199 19.69 17.39 -6.67
CA VAL E 199 19.15 16.26 -5.93
C VAL E 199 18.23 15.41 -6.80
N THR E 200 18.14 15.71 -8.09
CA THR E 200 17.21 15.00 -8.97
C THR E 200 17.95 14.31 -10.10
N TYR E 201 17.37 13.17 -10.54
CA TYR E 201 17.84 12.47 -11.73
C TYR E 201 17.91 13.41 -12.93
N GLU E 202 16.86 14.19 -13.15
CA GLU E 202 16.76 15.00 -14.36
C GLU E 202 17.91 16.00 -14.44
N VAL E 203 18.18 16.71 -13.35
CA VAL E 203 19.23 17.74 -13.39
C VAL E 203 20.61 17.09 -13.47
N SER E 204 20.86 16.08 -12.63
CA SER E 204 22.17 15.44 -12.66
C SER E 204 22.47 14.87 -14.04
N LEU E 205 21.47 14.29 -14.71
CA LEU E 205 21.71 13.76 -16.05
C LEU E 205 22.12 14.88 -17.02
N GLU E 206 21.48 16.04 -16.92
CA GLU E 206 21.84 17.15 -17.81
C GLU E 206 23.24 17.68 -17.48
N LEU E 207 23.60 17.71 -16.20
CA LEU E 207 24.95 18.12 -15.83
C LEU E 207 25.99 17.17 -16.41
N MET E 208 25.71 15.85 -16.37
CA MET E 208 26.65 14.90 -16.97
C MET E 208 26.73 15.13 -18.48
N ARG E 209 25.57 15.32 -19.14
CA ARG E 209 25.58 15.57 -20.59
C ARG E 209 26.30 16.86 -20.93
N ALA E 210 26.34 17.83 -20.00
CA ALA E 210 27.05 19.07 -20.23
C ALA E 210 28.57 18.89 -20.15
N GLY E 211 29.04 17.76 -19.61
CA GLY E 211 30.46 17.49 -19.58
C GLY E 211 31.04 17.42 -18.18
N ALA E 212 30.18 17.27 -17.18
CA ALA E 212 30.65 17.23 -15.80
C ALA E 212 31.60 16.06 -15.59
N ALA E 213 32.70 16.33 -14.88
CA ALA E 213 33.58 15.26 -14.43
C ALA E 213 33.05 14.56 -13.18
N ALA E 214 32.13 15.19 -12.47
CA ALA E 214 31.48 14.64 -11.29
C ALA E 214 30.31 15.54 -10.95
N VAL E 215 29.37 15.02 -10.18
CA VAL E 215 28.19 15.77 -9.76
C VAL E 215 28.12 15.75 -8.24
N LEU E 216 27.85 16.91 -7.65
CA LEU E 216 27.70 17.05 -6.21
C LEU E 216 26.22 16.97 -5.85
N VAL E 217 25.88 16.07 -4.95
CA VAL E 217 24.49 15.80 -4.60
C VAL E 217 24.24 16.27 -3.18
N GLY E 218 23.25 17.13 -3.01
CA GLY E 218 22.83 17.55 -1.70
C GLY E 218 22.40 19.00 -1.64
N ILE E 219 21.25 19.27 -1.01
CA ILE E 219 20.76 20.63 -0.80
C ILE E 219 20.35 20.72 0.67
N GLY E 220 21.21 21.31 1.49
CA GLY E 220 20.84 21.68 2.84
C GLY E 220 21.07 20.67 3.95
N PRO E 221 21.67 19.50 3.68
CA PRO E 221 21.91 18.55 4.79
C PRO E 221 23.04 18.95 5.71
N GLY E 222 23.80 20.00 5.37
CA GLY E 222 25.03 20.29 6.08
C GLY E 222 24.81 20.72 7.53
N ALA E 223 25.86 20.48 8.32
CA ALA E 223 25.78 20.75 9.76
C ALA E 223 25.68 22.23 10.06
N ALA E 224 26.23 23.08 9.20
CA ALA E 224 26.19 24.53 9.39
C ALA E 224 25.30 25.22 8.38
N CYS E 225 24.38 24.49 7.76
CA CYS E 225 23.52 25.02 6.71
CA CYS E 225 23.52 25.03 6.71
C CYS E 225 22.10 25.22 7.23
N THR E 226 21.47 26.30 6.78
CA THR E 226 20.09 26.60 7.16
C THR E 226 19.19 26.84 5.95
N SER E 227 19.67 26.51 4.75
CA SER E 227 18.85 26.73 3.55
C SER E 227 17.51 26.01 3.65
N ARG E 228 17.48 24.83 4.28
CA ARG E 228 16.21 24.10 4.37
C ARG E 228 15.21 24.85 5.21
N GLY E 229 15.66 25.53 6.26
CA GLY E 229 14.75 26.33 7.06
C GLY E 229 14.40 27.66 6.42
N VAL E 230 15.35 28.26 5.71
CA VAL E 230 15.10 29.56 5.09
C VAL E 230 14.22 29.41 3.85
N LEU E 231 14.43 28.35 3.06
CA LEU E 231 13.77 28.21 1.78
C LEU E 231 12.79 27.04 1.71
N GLY E 232 12.91 26.07 2.60
CA GLY E 232 12.07 24.90 2.52
C GLY E 232 12.42 23.94 1.43
N VAL E 233 13.58 24.10 0.80
CA VAL E 233 14.00 23.30 -0.35
C VAL E 233 14.95 22.22 0.12
N GLY E 234 14.79 21.01 -0.41
CA GLY E 234 15.72 19.95 -0.13
C GLY E 234 15.14 18.56 -0.30
N VAL E 235 16.01 17.60 -0.61
CA VAL E 235 15.63 16.19 -0.66
C VAL E 235 16.63 15.44 0.21
N PRO E 236 16.19 14.67 1.21
CA PRO E 236 17.14 13.93 2.05
C PRO E 236 18.10 13.11 1.22
N GLN E 237 19.28 12.88 1.77
CA GLN E 237 20.42 12.44 0.96
C GLN E 237 20.23 11.06 0.35
N PRO E 238 19.86 10.02 1.09
CA PRO E 238 19.71 8.69 0.46
C PRO E 238 18.89 8.72 -0.81
N THR E 239 17.74 9.40 -0.80
CA THR E 239 16.92 9.49 -2.01
C THR E 239 17.63 10.27 -3.11
N ALA E 240 18.21 11.43 -2.75
CA ALA E 240 18.90 12.24 -3.75
C ALA E 240 20.07 11.48 -4.37
N ILE E 241 20.86 10.80 -3.53
CA ILE E 241 22.01 10.06 -4.03
C ILE E 241 21.57 8.98 -5.01
N ALA E 242 20.55 8.21 -4.63
CA ALA E 242 20.11 7.11 -5.48
C ALA E 242 19.60 7.64 -6.82
N ASP E 243 18.80 8.71 -6.79
CA ASP E 243 18.29 9.29 -8.02
C ASP E 243 19.42 9.73 -8.94
N CYS E 244 20.46 10.35 -8.38
CA CYS E 244 21.56 10.85 -9.19
C CYS E 244 22.50 9.73 -9.62
N ALA E 245 22.65 8.69 -8.81
CA ALA E 245 23.40 7.51 -9.25
C ALA E 245 22.69 6.79 -10.40
N ALA E 246 21.35 6.78 -10.40
CA ALA E 246 20.63 6.22 -11.53
C ALA E 246 20.90 7.00 -12.81
N ALA E 247 20.99 8.33 -12.70
CA ALA E 247 21.36 9.14 -13.85
C ALA E 247 22.76 8.80 -14.34
N ARG E 248 23.70 8.64 -13.40
CA ARG E 248 25.05 8.20 -13.75
C ARG E 248 25.01 6.91 -14.55
N ASP E 249 24.24 5.92 -14.09
CA ASP E 249 24.22 4.63 -14.77
C ASP E 249 23.60 4.72 -16.15
N ASP E 250 22.55 5.54 -16.30
CA ASP E 250 21.94 5.72 -17.61
C ASP E 250 22.87 6.47 -18.55
N TYR E 251 23.56 7.50 -18.05
CA TYR E 251 24.51 8.23 -18.87
C TYR E 251 25.66 7.31 -19.29
N LEU E 252 26.10 6.44 -18.41
CA LEU E 252 27.14 5.47 -18.76
C LEU E 252 26.67 4.56 -19.89
N GLN E 253 25.44 4.06 -19.79
CA GLN E 253 24.90 3.23 -20.87
C GLN E 253 24.83 4.00 -22.17
N GLU E 254 24.42 5.27 -22.10
CA GLU E 254 24.24 6.04 -23.32
C GLU E 254 25.58 6.35 -24.00
N THR E 255 26.57 6.75 -23.22
CA THR E 255 27.80 7.31 -23.77
C THR E 255 29.05 6.53 -23.46
N GLY E 256 29.03 5.65 -22.47
CA GLY E 256 30.24 4.97 -22.03
C GLY E 256 31.12 5.77 -21.10
N ARG E 257 30.71 6.97 -20.72
CA ARG E 257 31.48 7.83 -19.83
C ARG E 257 30.92 7.70 -18.42
N TYR E 258 31.82 7.51 -17.44
CA TYR E 258 31.47 7.36 -16.04
C TYR E 258 31.64 8.69 -15.33
N VAL E 259 30.57 9.20 -14.74
CA VAL E 259 30.58 10.46 -14.01
C VAL E 259 30.29 10.20 -12.54
N PRO E 260 31.30 10.22 -11.68
CA PRO E 260 31.06 9.89 -10.27
C PRO E 260 30.06 10.82 -9.59
N VAL E 261 29.33 10.25 -8.63
CA VAL E 261 28.35 10.98 -7.83
C VAL E 261 28.94 11.21 -6.45
N ILE E 262 28.97 12.46 -6.01
CA ILE E 262 29.55 12.85 -4.74
C ILE E 262 28.43 13.26 -3.80
N ALA E 263 28.26 12.52 -2.71
CA ALA E 263 27.29 12.87 -1.69
C ALA E 263 27.88 13.97 -0.81
N ASP E 264 27.22 15.13 -0.78
CA ASP E 264 27.78 16.35 -0.21
C ASP E 264 26.97 16.78 1.02
N GLY E 265 27.56 16.62 2.20
CA GLY E 265 27.08 17.27 3.40
C GLY E 265 26.25 16.36 4.30
N GLY E 266 26.10 16.80 5.54
CA GLY E 266 25.28 16.09 6.50
C GLY E 266 25.91 14.86 7.10
N ILE E 267 27.20 14.64 6.87
CA ILE E 267 27.92 13.46 7.35
C ILE E 267 28.70 13.83 8.60
N ILE E 268 28.50 13.05 9.66
CA ILE E 268 29.20 13.24 10.92
C ILE E 268 30.13 12.07 11.22
N THR E 269 29.68 10.85 10.96
CA THR E 269 30.40 9.65 11.36
C THR E 269 30.76 8.81 10.15
N GLY E 270 31.64 7.84 10.38
CA GLY E 270 31.93 6.86 9.33
C GLY E 270 30.68 6.13 8.88
N GLY E 271 29.76 5.86 9.81
CA GLY E 271 28.52 5.20 9.44
C GLY E 271 27.70 6.03 8.46
N ASP E 272 27.67 7.35 8.66
CA ASP E 272 26.99 8.22 7.71
C ASP E 272 27.61 8.11 6.33
N ILE E 273 28.94 8.03 6.26
CA ILE E 273 29.61 7.86 4.97
C ILE E 273 29.15 6.57 4.30
N CYS E 274 29.20 5.46 5.05
CA CYS E 274 28.87 4.16 4.47
C CYS E 274 27.45 4.12 3.95
N LYS E 275 26.50 4.73 4.68
CA LYS E 275 25.13 4.77 4.19
C LYS E 275 25.04 5.49 2.86
N CYS E 276 25.81 6.58 2.71
CA CYS E 276 25.77 7.33 1.46
C CYS E 276 26.34 6.53 0.30
N ILE E 277 27.43 5.81 0.53
CA ILE E 277 27.98 4.97 -0.53
C ILE E 277 26.99 3.89 -0.91
N ALA E 278 26.36 3.26 0.09
CA ALA E 278 25.42 2.18 -0.17
C ALA E 278 24.28 2.63 -1.07
N CYS E 279 23.93 3.92 -1.01
CA CYS E 279 22.85 4.45 -1.83
C CYS E 279 23.30 4.88 -3.22
N GLY E 280 24.61 4.77 -3.52
CA GLY E 280 25.08 5.01 -4.88
C GLY E 280 26.25 5.97 -4.99
N ALA E 281 26.66 6.57 -3.89
CA ALA E 281 27.73 7.57 -3.96
C ALA E 281 29.07 6.92 -4.28
N ASP E 282 29.83 7.58 -5.15
CA ASP E 282 31.21 7.18 -5.43
C ASP E 282 32.21 7.81 -4.48
N ALA E 283 31.84 8.92 -3.86
CA ALA E 283 32.68 9.62 -2.88
C ALA E 283 31.77 10.54 -2.09
N VAL E 284 32.30 11.10 -1.01
CA VAL E 284 31.56 12.03 -0.17
C VAL E 284 32.35 13.32 -0.02
N MET E 285 31.64 14.43 0.09
CA MET E 285 32.22 15.72 0.43
C MET E 285 31.74 16.09 1.83
N ILE E 286 32.67 16.31 2.75
CA ILE E 286 32.34 16.57 4.13
C ILE E 286 33.10 17.81 4.61
N GLY E 287 32.46 18.54 5.52
CA GLY E 287 33.05 19.74 6.09
C GLY E 287 33.25 19.66 7.58
N SER E 288 32.16 19.47 8.33
CA SER E 288 32.26 19.54 9.78
C SER E 288 33.23 18.53 10.36
N PRO E 289 33.31 17.28 9.88
CA PRO E 289 34.28 16.34 10.47
C PRO E 289 35.72 16.79 10.31
N ILE E 290 36.00 17.55 9.26
CA ILE E 290 37.36 18.00 9.00
C ILE E 290 37.65 19.34 9.68
N ALA E 291 36.62 20.15 9.92
CA ALA E 291 36.78 21.36 10.72
C ALA E 291 37.21 21.04 12.15
N ARG E 292 37.04 19.80 12.59
CA ARG E 292 37.48 19.38 13.91
C ARG E 292 38.95 19.02 13.96
N ALA E 293 39.67 19.17 12.86
CA ALA E 293 41.09 18.86 12.83
C ALA E 293 41.91 19.96 13.50
N ALA E 294 43.02 19.56 14.12
CA ALA E 294 43.91 20.53 14.73
C ALA E 294 44.37 21.58 13.73
N GLU E 295 44.54 21.19 12.47
CA GLU E 295 45.02 22.08 11.43
C GLU E 295 43.92 22.87 10.74
N ALA E 296 42.66 22.68 11.12
CA ALA E 296 41.57 23.33 10.43
C ALA E 296 41.62 24.84 10.65
N PRO E 297 41.41 25.65 9.61
CA PRO E 297 41.47 27.11 9.79
C PRO E 297 40.35 27.69 10.64
N GLY E 298 39.29 26.93 10.90
CA GLY E 298 38.17 27.45 11.65
C GLY E 298 38.42 27.63 13.13
N ARG E 299 39.55 27.15 13.64
CA ARG E 299 39.89 27.28 15.05
C ARG E 299 38.81 26.69 15.95
N GLY E 300 38.25 25.57 15.52
CA GLY E 300 37.20 24.91 16.26
C GLY E 300 35.79 25.32 15.88
N PHE E 301 35.63 26.29 15.00
CA PHE E 301 34.33 26.71 14.51
C PHE E 301 34.17 26.29 13.05
N HIS E 302 32.91 26.23 12.62
CA HIS E 302 32.55 25.74 11.29
C HIS E 302 31.30 26.50 10.88
N TRP E 303 31.37 27.19 9.74
CA TRP E 303 30.27 28.04 9.31
C TRP E 303 29.97 27.83 7.84
N GLY E 304 28.69 28.01 7.49
CA GLY E 304 28.29 27.93 6.11
C GLY E 304 28.72 29.15 5.32
N MET E 305 29.04 28.92 4.06
CA MET E 305 29.51 29.99 3.19
C MET E 305 28.38 30.90 2.72
N ALA E 306 27.13 30.62 3.10
CA ALA E 306 26.03 31.55 2.90
C ALA E 306 25.71 32.34 4.16
N THR E 307 26.36 32.02 5.28
CA THR E 307 26.21 32.84 6.48
C THR E 307 26.50 34.31 6.23
N PRO E 308 27.54 34.68 5.46
CA PRO E 308 27.87 36.10 5.29
C PRO E 308 26.97 36.87 4.33
N SER E 309 25.91 36.27 3.81
CA SER E 309 25.03 36.97 2.88
C SER E 309 24.56 38.29 3.51
N PRO E 310 24.74 39.42 2.83
CA PRO E 310 24.30 40.70 3.43
C PRO E 310 22.79 40.85 3.51
N VAL E 311 22.01 40.02 2.81
CA VAL E 311 20.57 40.22 2.77
C VAL E 311 19.82 39.03 3.36
N LEU E 312 20.35 37.82 3.19
CA LEU E 312 19.64 36.61 3.60
C LEU E 312 20.63 35.50 3.93
N PRO E 313 21.16 35.49 5.15
CA PRO E 313 22.04 34.37 5.54
C PRO E 313 21.32 33.04 5.44
N ARG E 314 22.02 32.05 4.86
CA ARG E 314 21.50 30.69 4.76
C ARG E 314 22.46 29.68 5.39
N GLY E 315 23.30 30.13 6.32
CA GLY E 315 24.14 29.26 7.10
C GLY E 315 24.31 29.84 8.49
N THR E 316 24.97 29.08 9.36
CA THR E 316 25.27 29.53 10.71
C THR E 316 26.69 29.11 11.05
N ARG E 317 27.17 29.60 12.20
CA ARG E 317 28.48 29.22 12.72
C ARG E 317 28.26 28.34 13.95
N ILE E 318 28.72 27.10 13.87
CA ILE E 318 28.59 26.15 14.97
C ILE E 318 29.96 25.91 15.57
N ASN E 319 29.98 25.50 16.83
CA ASN E 319 31.20 25.15 17.54
C ASN E 319 31.36 23.64 17.47
N VAL E 320 32.29 23.18 16.63
CA VAL E 320 32.54 21.74 16.50
C VAL E 320 33.72 21.28 17.35
N GLY E 321 34.53 22.19 17.85
CA GLY E 321 35.68 21.82 18.66
C GLY E 321 36.82 21.26 17.83
N THR E 322 37.82 20.76 18.54
CA THR E 322 39.01 20.17 17.94
C THR E 322 39.29 18.85 18.65
N THR E 323 39.22 17.76 17.90
CA THR E 323 39.29 16.42 18.49
C THR E 323 40.55 15.65 18.11
N GLY E 324 41.32 16.11 17.13
CA GLY E 324 42.52 15.41 16.75
C GLY E 324 43.12 16.03 15.50
N THR E 325 44.21 15.40 15.05
CA THR E 325 44.83 15.80 13.82
C THR E 325 44.01 15.32 12.62
N ILE E 326 44.22 15.97 11.47
CA ILE E 326 43.53 15.53 10.27
C ILE E 326 43.92 14.09 9.93
N ARG E 327 45.16 13.71 10.21
CA ARG E 327 45.58 12.33 9.99
C ARG E 327 44.76 11.37 10.87
N GLU E 328 44.63 11.69 12.16
CA GLU E 328 43.81 10.84 13.04
C GLU E 328 42.37 10.77 12.55
N ILE E 329 41.82 11.89 12.11
CA ILE E 329 40.42 11.91 11.69
C ILE E 329 40.23 11.01 10.47
N LEU E 330 41.17 11.03 9.53
CA LEU E 330 40.98 10.31 8.28
C LEU E 330 41.45 8.86 8.33
N VAL E 331 42.64 8.62 8.89
CA VAL E 331 43.24 7.29 8.88
C VAL E 331 43.58 6.78 10.28
N GLY E 332 43.23 7.51 11.34
CA GLY E 332 43.42 7.04 12.69
C GLY E 332 44.86 7.09 13.14
N PRO E 333 45.19 6.37 14.21
CA PRO E 333 44.29 5.54 15.03
C PRO E 333 43.22 6.37 15.73
N ALA E 334 42.03 5.81 15.93
CA ALA E 334 40.92 6.55 16.51
C ALA E 334 41.03 6.56 18.02
N LYS E 335 40.97 7.75 18.61
CA LYS E 335 40.94 7.92 20.06
C LYS E 335 39.53 7.97 20.64
N LEU E 336 38.52 8.02 19.78
CA LEU E 336 37.15 8.27 20.19
C LEU E 336 36.26 7.05 19.98
N ASP E 337 35.10 7.09 20.63
CA ASP E 337 34.16 5.97 20.63
C ASP E 337 32.99 6.16 19.68
N ASP E 338 32.96 7.25 18.93
CA ASP E 338 31.75 7.66 18.20
C ASP E 338 31.90 7.59 16.69
N GLY E 339 33.01 7.05 16.20
CA GLY E 339 33.16 6.91 14.76
C GLY E 339 33.45 8.19 14.00
N THR E 340 33.92 9.22 14.69
CA THR E 340 34.29 10.47 14.04
C THR E 340 35.78 10.53 13.71
N HIS E 341 36.57 9.55 14.13
CA HIS E 341 37.97 9.43 13.75
C HIS E 341 38.17 8.18 12.91
N ASN E 342 39.31 8.14 12.23
CA ASN E 342 39.67 7.02 11.34
C ASN E 342 38.51 6.68 10.41
N LEU E 343 38.06 7.70 9.67
CA LEU E 343 36.92 7.52 8.78
C LEU E 343 37.20 6.46 7.73
N LEU E 344 38.42 6.43 7.19
CA LEU E 344 38.77 5.40 6.21
C LEU E 344 38.71 4.02 6.84
N GLY E 345 39.23 3.87 8.06
CA GLY E 345 39.13 2.59 8.73
C GLY E 345 37.69 2.17 8.97
N ALA E 346 36.82 3.14 9.24
CA ALA E 346 35.40 2.82 9.41
C ALA E 346 34.81 2.32 8.09
N ILE E 347 35.14 2.99 6.98
CA ILE E 347 34.61 2.55 5.68
C ILE E 347 35.06 1.13 5.40
N LYS E 348 36.35 0.86 5.54
CA LYS E 348 36.87 -0.48 5.24
C LYS E 348 36.29 -1.52 6.19
N THR E 349 36.15 -1.19 7.47
CA THR E 349 35.57 -2.12 8.42
C THR E 349 34.12 -2.41 8.09
N SER E 350 33.35 -1.37 7.73
CA SER E 350 31.97 -1.58 7.34
C SER E 350 31.88 -2.45 6.09
N MET E 351 32.65 -2.10 5.05
CA MET E 351 32.70 -2.92 3.84
C MET E 351 33.04 -4.36 4.18
N GLY E 352 33.94 -4.57 5.14
CA GLY E 352 34.27 -5.92 5.56
C GLY E 352 33.08 -6.67 6.13
N THR E 353 32.35 -6.03 7.05
CA THR E 353 31.19 -6.70 7.65
C THR E 353 30.13 -7.01 6.61
N LEU E 354 30.09 -6.25 5.51
CA LEU E 354 29.08 -6.40 4.49
C LEU E 354 29.54 -7.25 3.32
N GLY E 355 30.83 -7.58 3.26
CA GLY E 355 31.34 -8.37 2.15
C GLY E 355 31.55 -7.60 0.88
N ALA E 356 31.73 -6.29 0.95
CA ALA E 356 31.92 -5.44 -0.22
C ALA E 356 33.41 -5.29 -0.46
N LYS E 357 33.89 -5.85 -1.58
CA LYS E 357 35.31 -5.82 -1.90
C LYS E 357 35.76 -4.44 -2.39
N ASP E 358 34.88 -3.68 -3.03
CA ASP E 358 35.22 -2.37 -3.53
C ASP E 358 33.99 -1.47 -3.46
N MET E 359 34.18 -0.20 -3.84
CA MET E 359 33.12 0.78 -3.66
C MET E 359 31.88 0.43 -4.48
N LYS E 360 32.08 -0.12 -5.68
CA LYS E 360 30.93 -0.48 -6.50
C LYS E 360 30.11 -1.59 -5.83
N GLU E 361 30.80 -2.56 -5.21
CA GLU E 361 30.09 -3.58 -4.44
C GLU E 361 29.39 -2.97 -3.23
N MET E 362 30.02 -1.97 -2.59
CA MET E 362 29.38 -1.29 -1.48
C MET E 362 28.09 -0.62 -1.89
N GLN E 363 28.03 -0.09 -3.12
CA GLN E 363 26.83 0.53 -3.63
C GLN E 363 25.69 -0.47 -3.84
N GLN E 364 25.98 -1.78 -3.77
CA GLN E 364 24.96 -2.80 -3.98
C GLN E 364 24.47 -3.44 -2.68
N VAL E 365 24.93 -2.98 -1.52
CA VAL E 365 24.53 -3.62 -0.28
C VAL E 365 23.05 -3.38 -0.02
N ASP E 366 22.41 -4.35 0.63
CA ASP E 366 20.99 -4.23 0.96
C ASP E 366 20.79 -3.21 2.06
N VAL E 367 19.67 -2.49 1.99
CA VAL E 367 19.34 -1.41 2.91
C VAL E 367 17.98 -1.67 3.53
N VAL E 368 17.83 -1.31 4.81
CA VAL E 368 16.55 -1.34 5.48
C VAL E 368 16.16 0.07 5.90
N ILE E 369 14.86 0.35 5.87
CA ILE E 369 14.31 1.54 6.50
C ILE E 369 14.16 1.22 7.99
N ALA E 370 14.98 1.86 8.83
CA ALA E 370 15.12 1.46 10.22
C ALA E 370 15.38 2.68 11.08
N PRO E 371 14.35 3.49 11.33
CA PRO E 371 14.53 4.64 12.24
C PRO E 371 15.01 4.24 13.63
N SER E 372 14.74 3.01 14.06
CA SER E 372 15.18 2.56 15.39
C SER E 372 16.67 2.28 15.45
N LEU E 373 17.38 2.35 14.32
CA LEU E 373 18.82 2.08 14.33
C LEU E 373 19.54 2.96 15.32
N LEU E 374 19.12 4.21 15.45
CA LEU E 374 19.81 5.20 16.27
C LEU E 374 19.22 5.34 17.66
N THR E 375 18.16 4.61 17.98
CA THR E 375 17.50 4.71 19.28
C THR E 375 17.51 3.41 20.07
N GLU E 376 17.43 2.25 19.40
CA GLU E 376 17.38 0.97 20.08
C GLU E 376 18.50 0.81 21.09
N GLY E 377 18.13 0.71 22.36
CA GLY E 377 19.08 0.44 23.43
C GLY E 377 19.97 1.58 23.82
N LYS E 378 19.79 2.77 23.25
CA LYS E 378 20.73 3.87 23.42
C LYS E 378 20.31 4.85 24.51
N VAL E 379 19.46 4.43 25.45
CA VAL E 379 18.98 5.37 26.47
C VAL E 379 20.14 5.92 27.30
N TYR E 380 21.07 5.05 27.71
CA TYR E 380 22.20 5.52 28.52
C TYR E 380 23.10 6.45 27.71
N GLN E 381 23.44 6.06 26.48
CA GLN E 381 24.32 6.89 25.65
C GLN E 381 23.73 8.28 25.44
N LYS E 382 22.43 8.36 25.18
CA LYS E 382 21.79 9.66 24.98
C LYS E 382 21.84 10.49 26.26
N ALA E 383 21.49 9.88 27.39
CA ALA E 383 21.43 10.62 28.65
C ALA E 383 22.80 11.10 29.09
N GLN E 384 23.83 10.29 28.88
CA GLN E 384 25.18 10.60 29.33
C GLN E 384 26.04 11.23 28.24
N GLN E 385 25.49 11.48 27.05
CA GLN E 385 26.23 12.10 25.96
C GLN E 385 27.51 11.33 25.68
N LEU E 386 27.36 10.03 25.47
CA LEU E 386 28.48 9.14 25.20
C LEU E 386 28.21 8.39 23.91
N GLY E 387 29.29 7.99 23.24
CA GLY E 387 29.17 7.21 22.03
C GLY E 387 28.27 7.83 20.99
N MET E 388 27.21 7.13 20.63
CA MET E 388 26.28 7.62 19.62
C MET E 388 25.41 8.77 20.10
N GLY E 389 25.43 9.06 21.39
CA GLY E 389 24.60 10.11 21.96
C GLY E 389 25.30 11.44 22.16
N LYS E 390 26.48 11.63 21.57
CA LYS E 390 27.22 12.87 21.81
C LYS E 390 26.67 14.00 20.94
N GLY F 1 19.07 -8.89 -2.10
CA GLY F 1 17.69 -8.75 -2.60
C GLY F 1 16.64 -9.17 -1.59
N SER F 2 15.41 -8.69 -1.79
CA SER F 2 14.32 -9.00 -0.87
C SER F 2 13.00 -8.94 -1.64
N HIS F 3 11.98 -9.61 -1.07
CA HIS F 3 10.64 -9.57 -1.62
C HIS F 3 9.90 -8.28 -1.27
N MET F 4 10.48 -7.43 -0.42
CA MET F 4 9.94 -6.12 -0.11
C MET F 4 10.89 -5.06 -0.64
N ASN F 5 10.36 -4.11 -1.41
CA ASN F 5 11.18 -3.13 -2.11
C ASN F 5 10.52 -1.76 -2.01
N ILE F 6 10.53 -1.18 -0.81
CA ILE F 6 10.26 0.24 -0.67
C ILE F 6 11.31 0.99 -1.48
N THR F 7 10.90 2.09 -2.11
CA THR F 7 11.80 2.85 -2.96
C THR F 7 12.52 3.93 -2.16
N ILE F 8 13.85 3.85 -2.10
CA ILE F 8 14.64 4.98 -1.62
C ILE F 8 14.83 5.99 -2.75
N GLY F 9 15.26 5.50 -3.91
CA GLY F 9 15.33 6.30 -5.12
C GLY F 9 15.34 5.36 -6.30
N ARG F 10 15.47 5.95 -7.48
CA ARG F 10 15.59 5.16 -8.71
C ARG F 10 16.73 4.18 -8.58
N GLY F 11 16.42 2.89 -8.77
CA GLY F 11 17.44 1.86 -8.71
C GLY F 11 17.93 1.49 -7.33
N LYS F 12 17.29 1.99 -6.27
CA LYS F 12 17.67 1.62 -4.91
C LYS F 12 16.42 1.38 -4.09
N THR F 13 16.25 0.15 -3.60
CA THR F 13 15.10 -0.23 -2.79
C THR F 13 15.56 -0.59 -1.39
N ALA F 14 14.57 -0.77 -0.50
CA ALA F 14 14.84 -1.15 0.88
C ALA F 14 13.59 -1.83 1.42
N ARG F 15 13.74 -2.49 2.57
CA ARG F 15 12.61 -3.06 3.30
C ARG F 15 12.53 -2.47 4.70
N ARG F 16 11.31 -2.32 5.18
CA ARG F 16 11.08 -1.73 6.50
C ARG F 16 11.42 -2.74 7.58
N ALA F 17 12.19 -2.31 8.57
CA ALA F 17 12.54 -3.12 9.73
C ALA F 17 12.11 -2.39 10.99
N TYR F 18 11.56 -3.13 11.96
CA TYR F 18 10.95 -2.55 13.15
C TYR F 18 11.78 -2.83 14.38
N GLY F 19 11.91 -1.83 15.24
CA GLY F 19 12.68 -1.96 16.45
C GLY F 19 11.85 -2.37 17.65
N ILE F 20 12.57 -2.74 18.72
CA ILE F 20 11.92 -3.15 19.96
C ILE F 20 10.95 -2.07 20.43
N ASP F 21 11.35 -0.80 20.29
CA ASP F 21 10.55 0.32 20.77
C ASP F 21 9.37 0.66 19.87
N GLU F 22 9.13 -0.12 18.81
CA GLU F 22 8.03 0.17 17.89
C GLU F 22 6.88 -0.82 17.98
N ILE F 23 6.99 -1.87 18.78
CA ILE F 23 5.98 -2.92 18.81
C ILE F 23 5.43 -3.09 20.21
N ALA F 24 4.30 -3.80 20.28
CA ALA F 24 3.64 -4.12 21.54
C ALA F 24 2.87 -5.43 21.36
N LEU F 25 2.56 -6.07 22.49
CA LEU F 25 1.91 -7.37 22.49
C LEU F 25 0.43 -7.24 22.84
N VAL F 26 -0.38 -8.05 22.17
CA VAL F 26 -1.84 -7.96 22.25
C VAL F 26 -2.36 -9.18 23.00
N PRO F 27 -3.27 -9.00 23.97
CA PRO F 27 -3.88 -10.16 24.61
C PRO F 27 -4.54 -11.09 23.60
N GLY F 28 -4.56 -12.37 23.94
CA GLY F 28 -5.17 -13.39 23.11
C GLY F 28 -6.57 -13.74 23.58
N VAL F 29 -6.92 -15.02 23.39
CA VAL F 29 -8.27 -15.44 23.71
C VAL F 29 -8.45 -15.74 25.20
N ARG F 30 -7.36 -15.96 25.94
CA ARG F 30 -7.45 -16.35 27.33
C ARG F 30 -6.31 -15.74 28.13
N THR F 31 -6.49 -15.69 29.45
CA THR F 31 -5.43 -15.39 30.39
C THR F 31 -5.11 -16.65 31.18
N LEU F 32 -3.97 -16.63 31.88
CA LEU F 32 -3.63 -17.76 32.73
C LEU F 32 -2.78 -17.29 33.90
N ASP F 33 -2.80 -18.08 34.98
CA ASP F 33 -2.07 -17.74 36.17
C ASP F 33 -0.57 -17.73 35.86
N PRO F 34 0.16 -16.67 36.22
CA PRO F 34 1.60 -16.63 35.90
C PRO F 34 2.38 -17.82 36.43
N ALA F 35 1.94 -18.43 37.53
CA ALA F 35 2.65 -19.58 38.07
C ALA F 35 2.69 -20.75 37.09
N LEU F 36 1.81 -20.77 36.10
CA LEU F 36 1.76 -21.84 35.11
C LEU F 36 2.65 -21.57 33.91
N ALA F 37 3.27 -20.40 33.81
CA ALA F 37 4.03 -20.04 32.62
C ALA F 37 5.38 -20.75 32.63
N ASP F 38 5.61 -21.57 31.60
CA ASP F 38 6.85 -22.34 31.46
C ASP F 38 7.84 -21.52 30.65
N THR F 39 8.95 -21.12 31.27
CA THR F 39 9.92 -20.23 30.65
C THR F 39 11.21 -20.95 30.23
N ARG F 40 11.22 -22.27 30.27
CA ARG F 40 12.45 -23.02 30.04
C ARG F 40 12.92 -22.88 28.59
N TRP F 41 14.23 -23.00 28.40
CA TRP F 41 14.83 -23.18 27.09
C TRP F 41 15.94 -24.22 27.24
N LYS F 42 16.51 -24.62 26.10
CA LYS F 42 17.51 -25.68 26.10
C LYS F 42 18.50 -25.46 24.97
N VAL F 43 19.79 -25.60 25.28
CA VAL F 43 20.86 -25.55 24.30
C VAL F 43 21.73 -26.79 24.49
N GLY F 44 21.94 -27.53 23.41
CA GLY F 44 22.57 -28.83 23.55
C GLY F 44 21.72 -29.72 24.42
N ALA F 45 22.34 -30.27 25.47
CA ALA F 45 21.62 -31.05 26.47
C ALA F 45 21.39 -30.29 27.77
N ILE F 46 21.61 -28.98 27.77
CA ILE F 46 21.54 -28.17 28.98
C ILE F 46 20.20 -27.44 28.99
N GLU F 47 19.33 -27.82 29.91
CA GLU F 47 18.07 -27.13 30.12
C GLU F 47 18.26 -26.02 31.15
N ARG F 48 17.57 -24.90 30.93
CA ARG F 48 17.66 -23.75 31.81
C ARG F 48 16.25 -23.24 32.10
N GLU F 49 15.97 -22.98 33.39
CA GLU F 49 14.66 -22.46 33.76
C GLU F 49 14.49 -21.00 33.35
N ILE F 50 15.57 -20.23 33.36
CA ILE F 50 15.54 -18.82 33.01
C ILE F 50 16.08 -18.68 31.60
N PRO F 51 15.29 -18.15 30.63
CA PRO F 51 15.77 -17.99 29.25
C PRO F 51 16.62 -16.74 29.05
N ILE F 52 17.62 -16.56 29.92
CA ILE F 52 18.48 -15.38 29.91
C ILE F 52 19.94 -15.84 29.97
N ILE F 53 20.78 -15.23 29.15
CA ILE F 53 22.22 -15.45 29.16
C ILE F 53 22.91 -14.11 29.36
N ALA F 54 23.88 -14.05 30.27
CA ALA F 54 24.67 -12.84 30.46
C ALA F 54 25.72 -12.71 29.37
N SER F 55 25.78 -11.52 28.75
CA SER F 55 26.71 -11.29 27.65
C SER F 55 28.16 -11.51 28.09
N ALA F 56 28.99 -11.88 27.12
CA ALA F 56 30.43 -12.08 27.35
C ALA F 56 31.13 -10.72 27.33
N MET F 57 30.95 -9.97 28.43
CA MET F 57 31.49 -8.61 28.57
C MET F 57 32.07 -8.49 29.97
N ASP F 58 33.21 -7.82 30.06
CA ASP F 58 34.00 -7.82 31.28
C ASP F 58 33.33 -7.07 32.41
N GLY F 59 32.40 -6.17 32.09
CA GLY F 59 31.64 -5.52 33.14
C GLY F 59 30.48 -6.33 33.67
N VAL F 60 30.16 -7.44 33.01
CA VAL F 60 28.98 -8.24 33.30
C VAL F 60 29.36 -9.56 33.96
N VAL F 61 30.28 -10.31 33.35
CA VAL F 61 30.53 -11.69 33.75
C VAL F 61 31.99 -11.86 34.12
N ASP F 62 32.23 -12.31 35.34
CA ASP F 62 33.49 -12.91 35.77
C ASP F 62 33.16 -14.32 36.26
N SER F 63 34.15 -14.98 36.87
CA SER F 63 33.92 -16.36 37.31
C SER F 63 32.81 -16.46 38.34
N ARG F 64 32.78 -15.55 39.32
CA ARG F 64 31.73 -15.60 40.33
C ARG F 64 30.36 -15.36 39.72
N MET F 65 30.22 -14.34 38.87
CA MET F 65 28.93 -14.06 38.26
C MET F 65 28.42 -15.27 37.48
N ALA F 66 29.30 -15.92 36.73
CA ALA F 66 28.90 -17.10 35.97
C ALA F 66 28.33 -18.18 36.88
N VAL F 67 28.92 -18.35 38.07
CA VAL F 67 28.44 -19.34 39.01
C VAL F 67 27.10 -18.91 39.60
N LEU F 68 27.01 -17.65 40.04
CA LEU F 68 25.75 -17.16 40.58
C LEU F 68 24.62 -17.30 39.59
N LEU F 69 24.87 -16.96 38.32
CA LEU F 69 23.83 -17.08 37.30
C LEU F 69 23.41 -18.53 37.12
N SER F 70 24.39 -19.45 37.06
CA SER F 70 24.06 -20.86 36.87
CA SER F 70 24.06 -20.86 36.88
C SER F 70 23.22 -21.38 38.02
N GLU F 71 23.49 -20.90 39.22
CA GLU F 71 22.74 -21.33 40.39
C GLU F 71 21.27 -20.94 40.30
N LEU F 72 20.99 -19.77 39.75
CA LEU F 72 19.62 -19.28 39.67
C LEU F 72 18.85 -19.89 38.51
N GLY F 73 19.49 -20.65 37.64
CA GLY F 73 18.85 -21.21 36.48
C GLY F 73 19.15 -20.51 35.18
N ALA F 74 20.12 -19.60 35.15
CA ALA F 74 20.49 -18.89 33.93
C ALA F 74 21.91 -19.26 33.51
N LEU F 75 22.55 -18.39 32.73
CA LEU F 75 23.88 -18.66 32.21
C LEU F 75 24.67 -17.36 32.13
N GLY F 76 25.98 -17.49 32.23
CA GLY F 76 26.88 -16.38 31.99
C GLY F 76 28.05 -16.83 31.14
N VAL F 77 28.44 -15.97 30.20
CA VAL F 77 29.52 -16.28 29.25
C VAL F 77 30.74 -15.45 29.61
N VAL F 78 31.87 -16.11 29.82
CA VAL F 78 33.15 -15.44 30.05
C VAL F 78 33.82 -15.19 28.71
N ASN F 79 34.20 -13.94 28.46
CA ASN F 79 34.89 -13.57 27.24
C ASN F 79 36.37 -13.92 27.38
N LEU F 80 36.83 -14.90 26.59
CA LEU F 80 38.19 -15.37 26.71
C LEU F 80 39.21 -14.46 26.03
N GLU F 81 38.77 -13.38 25.40
CA GLU F 81 39.69 -12.39 24.83
C GLU F 81 39.64 -11.07 25.60
N GLY F 82 39.02 -11.04 26.76
CA GLY F 82 39.01 -9.88 27.61
C GLY F 82 40.05 -9.96 28.71
N ILE F 83 39.85 -9.15 29.74
CA ILE F 83 40.86 -9.06 30.80
C ILE F 83 40.95 -10.35 31.61
N GLN F 84 39.89 -11.17 31.62
CA GLN F 84 39.87 -12.34 32.49
C GLN F 84 40.97 -13.32 32.12
N THR F 85 41.38 -13.34 30.86
CA THR F 85 42.47 -14.21 30.41
C THR F 85 43.78 -13.45 30.22
N ARG F 86 43.78 -12.13 30.38
CA ARG F 86 44.99 -11.34 30.24
C ARG F 86 45.62 -10.97 31.58
N TYR F 87 44.89 -11.07 32.68
CA TYR F 87 45.41 -10.72 34.00
C TYR F 87 45.00 -11.80 35.00
N GLU F 88 45.96 -12.22 35.83
CA GLU F 88 45.64 -13.19 36.88
C GLU F 88 44.65 -12.60 37.87
N ASP F 89 44.84 -11.35 38.27
CA ASP F 89 43.94 -10.65 39.19
C ASP F 89 43.30 -9.49 38.45
N PRO F 90 42.08 -9.66 37.90
CA PRO F 90 41.48 -8.55 37.12
C PRO F 90 40.99 -7.40 37.97
N ASN F 91 40.85 -7.56 39.29
CA ASN F 91 40.18 -6.53 40.09
C ASN F 91 40.87 -5.18 39.99
N PRO F 92 42.19 -5.08 40.19
CA PRO F 92 42.84 -3.76 40.04
C PRO F 92 42.62 -3.17 38.66
N ILE F 93 42.51 -4.02 37.63
CA ILE F 93 42.25 -3.53 36.29
C ILE F 93 40.84 -2.98 36.19
N LEU F 94 39.85 -3.72 36.70
CA LEU F 94 38.49 -3.24 36.70
C LEU F 94 38.36 -1.96 37.52
N ASP F 95 39.10 -1.88 38.62
CA ASP F 95 39.09 -0.68 39.45
C ASP F 95 39.48 0.54 38.63
N ARG F 96 40.55 0.42 37.82
CA ARG F 96 41.00 1.56 37.03
C ARG F 96 39.96 1.93 35.97
N ILE F 97 39.39 0.94 35.27
CA ILE F 97 38.40 1.21 34.23
C ILE F 97 37.22 1.99 34.82
N ALA F 98 36.79 1.60 36.03
CA ALA F 98 35.67 2.29 36.66
C ALA F 98 36.10 3.62 37.30
N SER F 99 37.39 3.83 37.50
CA SER F 99 37.89 4.99 38.21
C SER F 99 38.20 6.15 37.30
N VAL F 100 38.45 5.88 36.00
CA VAL F 100 38.89 6.93 35.09
C VAL F 100 37.69 7.72 34.56
N GLY F 101 37.98 8.93 34.06
CA GLY F 101 36.93 9.81 33.59
C GLY F 101 36.43 9.49 32.19
N LYS F 102 35.39 10.22 31.78
CA LYS F 102 34.74 9.94 30.51
C LYS F 102 35.69 10.18 29.34
N THR F 103 36.55 11.20 29.46
CA THR F 103 37.44 11.56 28.38
C THR F 103 38.68 10.68 28.32
N GLU F 104 38.82 9.72 29.23
CA GLU F 104 40.04 8.94 29.37
C GLU F 104 39.85 7.44 29.21
N PHE F 105 38.62 6.93 29.29
CA PHE F 105 38.45 5.48 29.38
C PHE F 105 38.83 4.78 28.07
N VAL F 106 38.66 5.44 26.92
CA VAL F 106 39.02 4.80 25.65
C VAL F 106 40.51 4.50 25.61
N GLY F 107 41.34 5.52 25.85
CA GLY F 107 42.78 5.33 25.80
C GLY F 107 43.28 4.30 26.80
N LEU F 108 42.72 4.32 28.01
CA LEU F 108 43.11 3.35 29.02
C LEU F 108 42.80 1.92 28.58
N MET F 109 41.57 1.67 28.12
CA MET F 109 41.21 0.32 27.72
CA MET F 109 41.19 0.33 27.70
C MET F 109 42.07 -0.14 26.55
N GLN F 110 42.37 0.75 25.60
CA GLN F 110 43.28 0.39 24.52
C GLN F 110 44.62 -0.08 25.06
N GLU F 111 45.07 0.52 26.16
CA GLU F 111 46.31 0.09 26.80
C GLU F 111 46.10 -1.22 27.54
N LEU F 112 45.09 -1.27 28.40
CA LEU F 112 44.94 -2.42 29.29
C LEU F 112 44.68 -3.70 28.51
N TYR F 113 43.84 -3.63 27.48
CA TYR F 113 43.49 -4.80 26.70
C TYR F 113 44.59 -5.23 25.74
N ALA F 114 45.69 -4.48 25.66
CA ALA F 114 46.83 -4.90 24.87
C ALA F 114 47.68 -5.97 25.56
N GLU F 115 47.51 -6.15 26.86
CA GLU F 115 48.20 -7.22 27.57
C GLU F 115 47.86 -8.56 26.93
N PRO F 116 48.86 -9.36 26.55
CA PRO F 116 48.56 -10.58 25.80
C PRO F 116 47.73 -11.56 26.61
N ILE F 117 46.93 -12.36 25.90
CA ILE F 117 46.17 -13.43 26.52
C ILE F 117 47.12 -14.47 27.09
N LYS F 118 46.80 -14.98 28.27
CA LYS F 118 47.53 -16.06 28.89
C LYS F 118 46.76 -17.33 28.65
N PRO F 119 47.19 -18.22 27.74
CA PRO F 119 46.38 -19.43 27.48
C PRO F 119 46.07 -20.24 28.73
N GLU F 120 46.97 -20.23 29.71
CA GLU F 120 46.72 -20.96 30.95
C GLU F 120 45.48 -20.43 31.66
N LEU F 121 45.17 -19.14 31.51
CA LEU F 121 44.01 -18.58 32.18
C LEU F 121 42.70 -19.06 31.54
N ILE F 122 42.71 -19.36 30.24
CA ILE F 122 41.53 -19.96 29.62
C ILE F 122 41.13 -21.23 30.37
N THR F 123 42.09 -22.13 30.56
CA THR F 123 41.82 -23.35 31.32
C THR F 123 41.40 -23.01 32.75
N LYS F 124 42.10 -22.07 33.39
CA LYS F 124 41.86 -21.77 34.79
C LYS F 124 40.43 -21.27 35.00
N ARG F 125 39.99 -20.30 34.20
CA ARG F 125 38.65 -19.76 34.36
C ARG F 125 37.59 -20.84 34.20
N ILE F 126 37.71 -21.65 33.16
CA ILE F 126 36.75 -22.73 32.94
C ILE F 126 36.71 -23.66 34.13
N GLN F 127 37.89 -24.05 34.63
CA GLN F 127 37.95 -25.09 35.65
C GLN F 127 37.48 -24.56 37.00
N GLU F 128 37.78 -23.29 37.31
CA GLU F 128 37.34 -22.74 38.58
C GLU F 128 35.83 -22.51 38.60
N ILE F 129 35.24 -22.19 37.45
CA ILE F 129 33.78 -22.08 37.39
C ILE F 129 33.15 -23.44 37.64
N GLN F 130 33.64 -24.48 36.97
CA GLN F 130 33.05 -25.80 37.13
C GLN F 130 33.31 -26.35 38.53
N ALA F 131 34.49 -26.09 39.09
CA ALA F 131 34.77 -26.55 40.45
C ALA F 131 33.81 -25.94 41.45
N ALA F 132 33.35 -24.71 41.20
CA ALA F 132 32.38 -24.07 42.08
C ALA F 132 30.94 -24.48 41.78
N GLY F 133 30.73 -25.40 40.85
CA GLY F 133 29.39 -25.88 40.53
C GLY F 133 28.66 -25.11 39.45
N GLY F 134 29.35 -24.27 38.70
CA GLY F 134 28.74 -23.47 37.67
C GLY F 134 28.92 -24.08 36.29
N ILE F 135 28.04 -23.67 35.37
CA ILE F 135 28.15 -24.05 33.96
C ILE F 135 29.16 -23.13 33.30
N ALA F 136 30.20 -23.71 32.71
CA ALA F 136 31.29 -22.93 32.12
C ALA F 136 30.99 -22.69 30.65
N ALA F 137 30.53 -21.48 30.34
CA ALA F 137 30.30 -21.02 28.98
C ALA F 137 31.30 -19.93 28.67
N VAL F 138 31.97 -20.04 27.52
CA VAL F 138 33.05 -19.14 27.16
C VAL F 138 32.88 -18.70 25.71
N SER F 139 33.42 -17.52 25.40
CA SER F 139 33.29 -16.95 24.07
C SER F 139 34.65 -16.66 23.46
N LEU F 140 34.73 -16.78 22.15
CA LEU F 140 35.89 -16.41 21.37
C LEU F 140 35.42 -15.77 20.06
N THR F 141 36.23 -14.87 19.53
CA THR F 141 36.00 -14.40 18.16
C THR F 141 36.41 -15.50 17.18
N PRO F 142 35.96 -15.41 15.94
CA PRO F 142 36.41 -16.40 14.94
C PRO F 142 37.93 -16.52 14.86
N VAL F 143 38.63 -15.39 14.86
CA VAL F 143 40.09 -15.44 14.86
C VAL F 143 40.61 -16.09 16.14
N GLY F 144 39.98 -15.75 17.25
CA GLY F 144 40.38 -16.35 18.52
C GLY F 144 40.19 -17.85 18.55
N ALA F 145 39.11 -18.34 17.94
CA ALA F 145 38.86 -19.78 17.91
C ALA F 145 39.97 -20.52 17.16
N SER F 146 40.45 -19.94 16.06
CA SER F 146 41.53 -20.59 15.31
C SER F 146 42.76 -20.80 16.17
N LYS F 147 42.94 -19.98 17.21
CA LYS F 147 44.13 -20.06 18.05
C LYS F 147 43.90 -20.84 19.34
N TYR F 148 42.71 -20.74 19.93
CA TYR F 148 42.48 -21.23 21.28
C TYR F 148 41.34 -22.25 21.39
N ALA F 149 40.70 -22.62 20.29
CA ALA F 149 39.56 -23.54 20.38
C ALA F 149 39.99 -24.88 20.99
N SER F 150 41.16 -25.39 20.60
CA SER F 150 41.62 -26.66 21.16
C SER F 150 41.87 -26.54 22.65
N THR F 151 42.34 -25.38 23.11
CA THR F 151 42.50 -25.15 24.55
C THR F 151 41.16 -25.23 25.27
N VAL F 152 40.12 -24.64 24.69
CA VAL F 152 38.80 -24.72 25.30
C VAL F 152 38.31 -26.16 25.35
N ALA F 153 38.50 -26.91 24.26
CA ALA F 153 38.08 -28.31 24.24
C ALA F 153 38.82 -29.12 25.28
N GLU F 154 40.16 -28.97 25.35
CA GLU F 154 40.92 -29.71 26.34
C GLU F 154 40.51 -29.35 27.76
N ALA F 155 40.12 -28.09 27.99
CA ALA F 155 39.68 -27.68 29.32
C ALA F 155 38.31 -28.24 29.66
N GLY F 156 37.52 -28.61 28.65
CA GLY F 156 36.22 -29.20 28.89
C GLY F 156 35.12 -28.22 29.20
N ALA F 157 35.09 -27.08 28.53
CA ALA F 157 34.01 -26.12 28.73
C ALA F 157 32.67 -26.74 28.38
N ASP F 158 31.62 -26.26 29.05
CA ASP F 158 30.28 -26.77 28.81
C ASP F 158 29.67 -26.19 27.54
N LEU F 159 29.97 -24.94 27.22
CA LEU F 159 29.47 -24.29 26.03
C LEU F 159 30.55 -23.38 25.45
N LEU F 160 30.64 -23.36 24.13
CA LEU F 160 31.52 -22.45 23.41
C LEU F 160 30.67 -21.52 22.57
N PHE F 161 30.87 -20.21 22.75
CA PHE F 161 30.22 -19.18 21.96
C PHE F 161 31.25 -18.60 21.02
N ILE F 162 31.03 -18.74 19.72
CA ILE F 162 31.82 -18.03 18.72
C ILE F 162 31.03 -16.78 18.34
N GLN F 163 31.55 -15.61 18.72
CA GLN F 163 30.81 -14.36 18.58
C GLN F 163 31.69 -13.31 17.92
N ALA F 164 31.26 -12.84 16.76
CA ALA F 164 31.79 -11.65 16.13
C ALA F 164 30.65 -10.67 15.93
N THR F 165 30.98 -9.38 15.81
CA THR F 165 29.95 -8.38 15.54
C THR F 165 29.09 -8.80 14.35
N VAL F 166 29.73 -9.26 13.28
CA VAL F 166 29.04 -9.80 12.11
C VAL F 166 29.79 -11.04 11.65
N VAL F 167 29.12 -12.19 11.65
CA VAL F 167 29.74 -13.44 11.25
C VAL F 167 28.98 -14.00 10.06
N SER F 168 29.69 -14.76 9.23
CA SER F 168 29.10 -15.55 8.16
C SER F 168 29.89 -16.85 8.04
N THR F 169 29.26 -17.85 7.43
CA THR F 169 29.99 -19.08 7.12
C THR F 169 31.00 -18.87 6.00
N ALA F 170 30.84 -17.81 5.21
CA ALA F 170 31.74 -17.49 4.10
C ALA F 170 32.47 -16.21 4.48
N HIS F 171 33.78 -16.31 4.65
CA HIS F 171 34.61 -15.16 4.98
C HIS F 171 35.83 -15.15 4.07
N LEU F 172 36.10 -14.01 3.43
CA LEU F 172 37.23 -13.88 2.47
C LEU F 172 38.47 -13.36 3.23
N SER F 173 39.36 -14.25 3.64
CA SER F 173 40.62 -13.88 4.35
C SER F 173 41.67 -13.42 3.33
N PRO F 174 42.68 -12.62 3.71
CA PRO F 174 43.75 -12.22 2.79
C PRO F 174 44.47 -13.43 2.20
N GLU F 175 44.90 -13.35 0.93
CA GLU F 175 45.62 -14.45 0.24
C GLU F 175 46.35 -15.31 1.27
N GLU F 178 43.92 -18.60 5.95
CA GLU F 178 42.83 -19.57 5.97
C GLU F 178 41.73 -19.17 6.96
N SER F 179 40.52 -18.95 6.44
CA SER F 179 39.39 -18.59 7.26
C SER F 179 38.93 -19.77 8.13
N LEU F 180 38.31 -19.43 9.26
CA LEU F 180 37.79 -20.45 10.17
C LEU F 180 36.70 -21.27 9.50
N ASP F 181 36.88 -22.59 9.49
CA ASP F 181 35.89 -23.52 8.96
C ASP F 181 34.89 -23.86 10.06
N LEU F 182 33.73 -23.22 10.04
CA LEU F 182 32.76 -23.43 11.10
C LEU F 182 32.19 -24.84 11.07
N VAL F 183 32.09 -25.45 9.89
CA VAL F 183 31.62 -26.82 9.81
C VAL F 183 32.54 -27.76 10.57
N LYS F 184 33.85 -27.66 10.31
CA LYS F 184 34.82 -28.49 11.02
C LYS F 184 34.80 -28.19 12.51
N LEU F 185 34.68 -26.91 12.88
CA LEU F 185 34.72 -26.54 14.30
C LEU F 185 33.61 -27.24 15.08
N CYS F 186 32.36 -27.14 14.60
CA CYS F 186 31.25 -27.74 15.33
C CYS F 186 31.37 -29.25 15.39
N GLN F 187 31.90 -29.87 14.33
CA GLN F 187 32.07 -31.31 14.32
C GLN F 187 33.16 -31.74 15.29
N GLU F 188 34.23 -30.96 15.42
CA GLU F 188 35.38 -31.39 16.21
C GLU F 188 35.28 -31.04 17.67
N MET F 189 34.63 -29.94 17.98
CA MET F 189 34.54 -29.52 19.38
C MET F 189 33.64 -30.46 20.16
N PRO F 190 34.04 -30.94 21.38
CA PRO F 190 33.20 -31.91 22.09
C PRO F 190 31.95 -31.37 22.72
N MET F 191 31.76 -30.05 22.73
CA MET F 191 30.58 -29.46 23.36
C MET F 191 29.76 -28.67 22.35
N PRO F 192 28.54 -28.24 22.71
CA PRO F 192 27.75 -27.40 21.78
C PRO F 192 28.45 -26.07 21.49
N VAL F 193 28.30 -25.61 20.25
CA VAL F 193 28.93 -24.37 19.79
C VAL F 193 27.83 -23.44 19.32
N VAL F 194 27.72 -22.28 19.97
CA VAL F 194 26.80 -21.23 19.58
C VAL F 194 27.55 -20.25 18.68
N LEU F 195 26.88 -19.82 17.61
CA LEU F 195 27.51 -18.99 16.58
C LEU F 195 26.75 -17.69 16.41
N GLY F 196 27.49 -16.60 16.21
CA GLY F 196 26.90 -15.31 15.95
C GLY F 196 27.97 -14.28 15.67
N ASN F 197 27.53 -13.05 15.38
CA ASN F 197 26.13 -12.68 15.31
C ASN F 197 25.66 -12.45 13.88
N CYS F 198 24.35 -12.58 13.66
CA CYS F 198 23.74 -12.35 12.36
C CYS F 198 22.39 -11.68 12.55
N VAL F 199 21.79 -11.27 11.44
CA VAL F 199 20.46 -10.66 11.50
C VAL F 199 19.62 -11.07 10.31
N THR F 200 20.10 -12.00 9.49
CA THR F 200 19.39 -12.38 8.28
C THR F 200 19.04 -13.86 8.28
N TYR F 201 17.92 -14.18 7.62
CA TYR F 201 17.53 -15.56 7.39
C TYR F 201 18.65 -16.36 6.73
N GLU F 202 19.26 -15.79 5.68
CA GLU F 202 20.22 -16.54 4.89
C GLU F 202 21.42 -16.98 5.73
N VAL F 203 21.98 -16.07 6.52
CA VAL F 203 23.17 -16.40 7.29
C VAL F 203 22.83 -17.35 8.43
N SER F 204 21.76 -17.05 9.16
CA SER F 204 21.39 -17.91 10.29
C SER F 204 21.15 -19.34 9.82
N LEU F 205 20.50 -19.51 8.67
CA LEU F 205 20.27 -20.86 8.16
C LEU F 205 21.58 -21.58 7.89
N GLU F 206 22.56 -20.89 7.32
CA GLU F 206 23.85 -21.53 7.06
C GLU F 206 24.58 -21.86 8.35
N LEU F 207 24.48 -20.98 9.37
CA LEU F 207 25.08 -21.30 10.66
C LEU F 207 24.47 -22.56 11.24
N MET F 208 23.15 -22.72 11.14
CA MET F 208 22.51 -23.93 11.63
C MET F 208 22.97 -25.14 10.83
N ARG F 209 23.02 -25.02 9.50
CA ARG F 209 23.51 -26.11 8.67
C ARG F 209 24.96 -26.43 8.97
N ALA F 210 25.73 -25.46 9.46
CA ALA F 210 27.12 -25.71 9.83
C ALA F 210 27.24 -26.49 11.13
N GLY F 211 26.16 -26.58 11.91
CA GLY F 211 26.16 -27.37 13.12
C GLY F 211 25.99 -26.57 14.40
N ALA F 212 25.53 -25.33 14.28
CA ALA F 212 25.36 -24.50 15.46
C ALA F 212 24.34 -25.11 16.42
N ALA F 213 24.66 -25.06 17.72
CA ALA F 213 23.70 -25.42 18.74
C ALA F 213 22.71 -24.30 19.05
N ALA F 214 23.04 -23.08 18.65
CA ALA F 214 22.19 -21.91 18.81
C ALA F 214 22.79 -20.79 17.97
N VAL F 215 21.97 -19.80 17.65
CA VAL F 215 22.39 -18.65 16.85
C VAL F 215 22.10 -17.38 17.63
N LEU F 216 23.08 -16.47 17.65
CA LEU F 216 22.95 -15.19 18.31
C LEU F 216 22.55 -14.13 17.28
N VAL F 217 21.45 -13.43 17.54
CA VAL F 217 20.87 -12.48 16.62
C VAL F 217 21.04 -11.08 17.18
N GLY F 218 21.62 -10.18 16.37
CA GLY F 218 21.71 -8.79 16.75
C GLY F 218 23.00 -8.14 16.31
N ILE F 219 22.92 -6.97 15.68
CA ILE F 219 24.09 -6.19 15.30
C ILE F 219 23.85 -4.75 15.75
N GLY F 220 24.46 -4.37 16.87
CA GLY F 220 24.50 -3.00 17.30
C GLY F 220 23.39 -2.46 18.20
N PRO F 221 22.45 -3.31 18.65
CA PRO F 221 21.40 -2.78 19.55
C PRO F 221 21.88 -2.53 20.97
N GLY F 222 23.10 -2.93 21.31
CA GLY F 222 23.51 -2.93 22.71
C GLY F 222 23.61 -1.54 23.32
N ALA F 223 23.45 -1.52 24.64
CA ALA F 223 23.43 -0.25 25.36
C ALA F 223 24.78 0.46 25.32
N ALA F 224 25.88 -0.30 25.26
CA ALA F 224 27.23 0.27 25.22
C ALA F 224 27.91 0.02 23.87
N CYS F 225 27.12 -0.12 22.81
CA CYS F 225 27.63 -0.42 21.48
CA CYS F 225 27.63 -0.42 21.48
C CYS F 225 27.45 0.78 20.56
N THR F 226 28.47 1.03 19.73
CA THR F 226 28.43 2.13 18.77
C THR F 226 28.68 1.66 17.34
N SER F 227 28.65 0.35 17.09
CA SER F 227 28.89 -0.17 15.73
C SER F 227 27.93 0.42 14.72
N ARG F 228 26.68 0.69 15.11
CA ARG F 228 25.73 1.26 14.17
C ARG F 228 26.14 2.66 13.74
N GLY F 229 26.72 3.43 14.66
CA GLY F 229 27.20 4.76 14.33
C GLY F 229 28.52 4.74 13.58
N VAL F 230 29.38 3.78 13.92
CA VAL F 230 30.70 3.71 13.30
C VAL F 230 30.60 3.14 11.89
N LEU F 231 29.75 2.14 11.70
CA LEU F 231 29.69 1.39 10.46
C LEU F 231 28.39 1.57 9.69
N GLY F 232 27.33 2.00 10.34
CA GLY F 232 26.05 2.11 9.69
C GLY F 232 25.35 0.79 9.44
N VAL F 233 25.83 -0.29 10.06
CA VAL F 233 25.31 -1.64 9.83
C VAL F 233 24.37 -2.02 10.96
N GLY F 234 23.26 -2.65 10.60
CA GLY F 234 22.33 -3.18 11.60
C GLY F 234 20.90 -3.36 11.10
N VAL F 235 20.20 -4.31 11.72
CA VAL F 235 18.78 -4.52 11.47
C VAL F 235 18.10 -4.53 12.84
N PRO F 236 17.09 -3.70 13.08
CA PRO F 236 16.42 -3.71 14.40
C PRO F 236 15.96 -5.11 14.80
N GLN F 237 15.88 -5.31 16.12
CA GLN F 237 15.84 -6.68 16.65
C GLN F 237 14.58 -7.43 16.27
N PRO F 238 13.36 -6.90 16.46
CA PRO F 238 12.17 -7.69 16.08
C PRO F 238 12.25 -8.29 14.68
N THR F 239 12.67 -7.49 13.69
CA THR F 239 12.80 -8.01 12.33
C THR F 239 13.90 -9.06 12.24
N ALA F 240 15.07 -8.78 12.81
CA ALA F 240 16.16 -9.73 12.77
C ALA F 240 15.77 -11.04 13.46
N ILE F 241 15.13 -10.94 14.63
CA ILE F 241 14.72 -12.14 15.36
C ILE F 241 13.76 -12.96 14.53
N ALA F 242 12.75 -12.32 13.95
CA ALA F 242 11.75 -13.03 13.17
C ALA F 242 12.38 -13.73 11.95
N ASP F 243 13.27 -13.02 11.24
CA ASP F 243 13.92 -13.63 10.09
C ASP F 243 14.72 -14.86 10.48
N CYS F 244 15.43 -14.80 11.61
CA CYS F 244 16.25 -15.92 12.02
C CYS F 244 15.41 -17.04 12.64
N ALA F 245 14.29 -16.72 13.28
CA ALA F 245 13.38 -17.76 13.73
C ALA F 245 12.77 -18.51 12.55
N ALA F 246 12.53 -17.82 11.43
CA ALA F 246 12.04 -18.50 10.23
C ALA F 246 13.07 -19.49 9.73
N ALA F 247 14.36 -19.14 9.80
CA ALA F 247 15.40 -20.07 9.40
C ALA F 247 15.41 -21.29 10.30
N ARG F 248 15.27 -21.07 11.61
CA ARG F 248 15.16 -22.18 12.55
C ARG F 248 14.04 -23.13 12.16
N ASP F 249 12.86 -22.59 11.85
CA ASP F 249 11.72 -23.44 11.55
C ASP F 249 11.93 -24.21 10.24
N ASP F 250 12.58 -23.56 9.26
CA ASP F 250 12.88 -24.25 8.02
C ASP F 250 13.96 -25.31 8.21
N TYR F 251 14.98 -25.00 9.01
CA TYR F 251 16.01 -25.98 9.29
C TYR F 251 15.44 -27.18 10.05
N LEU F 252 14.52 -26.92 10.99
CA LEU F 252 13.85 -28.00 11.70
C LEU F 252 13.09 -28.91 10.75
N GLN F 253 12.35 -28.32 9.81
CA GLN F 253 11.62 -29.11 8.82
C GLN F 253 12.58 -29.93 7.97
N GLU F 254 13.72 -29.34 7.60
CA GLU F 254 14.66 -30.04 6.74
C GLU F 254 15.32 -31.21 7.46
N THR F 255 15.74 -31.00 8.71
CA THR F 255 16.61 -31.96 9.39
C THR F 255 16.01 -32.57 10.66
N GLY F 256 14.98 -31.97 11.24
CA GLY F 256 14.47 -32.41 12.52
C GLY F 256 15.25 -31.92 13.72
N ARG F 257 16.28 -31.10 13.52
CA ARG F 257 17.09 -30.57 14.60
C ARG F 257 16.64 -29.16 14.93
N TYR F 258 16.46 -28.88 16.22
CA TYR F 258 16.00 -27.58 16.70
C TYR F 258 17.19 -26.74 17.13
N VAL F 259 17.36 -25.58 16.52
CA VAL F 259 18.46 -24.67 16.86
C VAL F 259 17.88 -23.40 17.47
N PRO F 260 17.94 -23.23 18.79
CA PRO F 260 17.30 -22.04 19.39
C PRO F 260 17.90 -20.74 18.87
N VAL F 261 17.06 -19.72 18.83
CA VAL F 261 17.43 -18.37 18.40
C VAL F 261 17.54 -17.49 19.64
N ILE F 262 18.69 -16.85 19.81
CA ILE F 262 18.98 -16.02 20.99
C ILE F 262 19.01 -14.57 20.56
N ALA F 263 18.09 -13.77 21.09
CA ALA F 263 18.06 -12.33 20.84
C ALA F 263 19.10 -11.64 21.72
N ASP F 264 20.07 -10.99 21.09
CA ASP F 264 21.26 -10.50 21.79
C ASP F 264 21.31 -8.98 21.78
N GLY F 265 21.05 -8.37 22.93
CA GLY F 265 21.39 -6.99 23.20
C GLY F 265 20.20 -6.05 23.07
N GLY F 266 20.37 -4.86 23.62
CA GLY F 266 19.37 -3.81 23.54
C GLY F 266 18.20 -3.96 24.48
N ILE F 267 18.26 -4.88 25.43
CA ILE F 267 17.16 -5.15 26.34
C ILE F 267 17.44 -4.45 27.66
N ILE F 268 16.46 -3.69 28.15
CA ILE F 268 16.56 -3.01 29.42
C ILE F 268 15.56 -3.56 30.43
N THR F 269 14.34 -3.84 30.00
CA THR F 269 13.24 -4.19 30.88
C THR F 269 12.72 -5.58 30.57
N GLY F 270 11.90 -6.10 31.50
CA GLY F 270 11.20 -7.35 31.22
C GLY F 270 10.33 -7.26 29.98
N GLY F 271 9.73 -6.09 29.76
CA GLY F 271 8.91 -5.91 28.57
C GLY F 271 9.70 -6.08 27.29
N ASP F 272 10.92 -5.56 27.26
CA ASP F 272 11.79 -5.76 26.11
C ASP F 272 12.06 -7.24 25.87
N ILE F 273 12.26 -8.02 26.95
CA ILE F 273 12.46 -9.45 26.81
C ILE F 273 11.23 -10.08 26.15
N CYS F 274 10.04 -9.77 26.67
CA CYS F 274 8.82 -10.39 26.17
C CYS F 274 8.60 -10.06 24.70
N LYS F 275 8.88 -8.82 24.31
CA LYS F 275 8.77 -8.45 22.90
C LYS F 275 9.68 -9.31 22.03
N CYS F 276 10.90 -9.57 22.49
CA CYS F 276 11.82 -10.37 21.70
C CYS F 276 11.34 -11.81 21.59
N ILE F 277 10.83 -12.39 22.66
CA ILE F 277 10.29 -13.75 22.60
C ILE F 277 9.13 -13.81 21.62
N ALA F 278 8.22 -12.83 21.69
CA ALA F 278 7.05 -12.84 20.81
C ALA F 278 7.45 -12.84 19.34
N CYS F 279 8.61 -12.28 19.01
CA CYS F 279 9.06 -12.23 17.63
C CYS F 279 9.81 -13.49 17.20
N GLY F 280 10.01 -14.44 18.12
CA GLY F 280 10.55 -15.73 17.74
C GLY F 280 11.73 -16.22 18.56
N ALA F 281 12.22 -15.39 19.47
CA ALA F 281 13.41 -15.76 20.23
C ALA F 281 13.07 -16.87 21.23
N ASP F 282 14.00 -17.82 21.37
CA ASP F 282 13.91 -18.86 22.39
C ASP F 282 14.55 -18.43 23.72
N ALA F 283 15.45 -17.46 23.69
CA ALA F 283 16.09 -16.94 24.89
C ALA F 283 16.69 -15.59 24.52
N VAL F 284 17.16 -14.87 25.53
CA VAL F 284 17.79 -13.57 25.32
C VAL F 284 19.18 -13.57 25.95
N MET F 285 20.08 -12.82 25.32
CA MET F 285 21.39 -12.50 25.87
C MET F 285 21.40 -11.02 26.22
N ILE F 286 21.66 -10.70 27.49
CA ILE F 286 21.60 -9.34 27.97
C ILE F 286 22.85 -9.03 28.79
N GLY F 287 23.28 -7.77 28.71
CA GLY F 287 24.45 -7.33 29.45
C GLY F 287 24.15 -6.24 30.45
N SER F 288 23.65 -5.11 29.98
CA SER F 288 23.48 -3.96 30.85
C SER F 288 22.57 -4.24 32.04
N PRO F 289 21.45 -4.97 31.91
CA PRO F 289 20.61 -5.22 33.10
C PRO F 289 21.33 -6.01 34.18
N ILE F 290 22.30 -6.85 33.80
CA ILE F 290 23.05 -7.65 34.76
C ILE F 290 24.28 -6.91 35.26
N ALA F 291 24.82 -5.98 34.47
CA ALA F 291 25.90 -5.14 34.95
C ALA F 291 25.47 -4.27 36.13
N ARG F 292 24.17 -4.12 36.35
CA ARG F 292 23.64 -3.37 37.49
C ARG F 292 23.56 -4.20 38.76
N ALA F 293 24.02 -5.45 38.74
CA ALA F 293 23.99 -6.30 39.92
C ALA F 293 25.11 -5.91 40.88
N ALA F 294 24.84 -6.09 42.18
CA ALA F 294 25.87 -5.80 43.18
C ALA F 294 27.13 -6.62 42.95
N GLU F 295 26.99 -7.82 42.41
CA GLU F 295 28.12 -8.71 42.18
C GLU F 295 28.79 -8.50 40.83
N ALA F 296 28.31 -7.57 40.02
CA ALA F 296 28.86 -7.40 38.67
C ALA F 296 30.29 -6.85 38.74
N PRO F 297 31.22 -7.39 37.94
CA PRO F 297 32.61 -6.90 37.99
C PRO F 297 32.78 -5.47 37.50
N GLY F 298 31.78 -4.90 36.83
CA GLY F 298 31.91 -3.57 36.27
C GLY F 298 31.90 -2.44 37.29
N ARG F 299 31.58 -2.73 38.55
CA ARG F 299 31.56 -1.71 39.60
C ARG F 299 30.61 -0.57 39.22
N GLY F 300 29.49 -0.92 38.59
CA GLY F 300 28.52 0.06 38.18
C GLY F 300 28.70 0.60 36.77
N PHE F 301 29.76 0.20 36.08
CA PHE F 301 30.00 0.60 34.71
C PHE F 301 29.84 -0.60 33.77
N HIS F 302 29.62 -0.31 32.50
CA HIS F 302 29.33 -1.31 31.48
C HIS F 302 29.89 -0.80 30.17
N TRP F 303 30.78 -1.57 29.55
CA TRP F 303 31.45 -1.14 28.34
C TRP F 303 31.45 -2.23 27.28
N GLY F 304 31.43 -1.79 26.02
CA GLY F 304 31.49 -2.72 24.91
C GLY F 304 32.88 -3.30 24.75
N MET F 305 32.93 -4.57 24.35
CA MET F 305 34.20 -5.27 24.18
C MET F 305 34.93 -4.88 22.91
N ALA F 306 34.37 -4.01 22.10
CA ALA F 306 35.08 -3.40 20.99
C ALA F 306 35.58 -2.00 21.33
N THR F 307 35.22 -1.47 22.50
CA THR F 307 35.79 -0.21 22.96
C THR F 307 37.31 -0.23 22.96
N PRO F 308 37.99 -1.31 23.37
CA PRO F 308 39.46 -1.28 23.45
C PRO F 308 40.17 -1.39 22.10
N SER F 309 39.46 -1.40 20.98
CA SER F 309 40.13 -1.49 19.69
C SER F 309 41.18 -0.40 19.57
N PRO F 310 42.44 -0.73 19.27
CA PRO F 310 43.47 0.32 19.16
C PRO F 310 43.31 1.21 17.94
N VAL F 311 42.49 0.83 16.95
CA VAL F 311 42.42 1.61 15.72
C VAL F 311 41.02 2.19 15.50
N LEU F 312 39.98 1.48 15.94
CA LEU F 312 38.60 1.89 15.67
C LEU F 312 37.68 1.35 16.75
N PRO F 313 37.57 2.05 17.87
CA PRO F 313 36.60 1.64 18.91
C PRO F 313 35.18 1.61 18.35
N ARG F 314 34.45 0.55 18.69
CA ARG F 314 33.05 0.41 18.33
C ARG F 314 32.17 0.18 19.55
N GLY F 315 32.62 0.60 20.73
CA GLY F 315 31.82 0.58 21.93
C GLY F 315 32.18 1.76 22.81
N THR F 316 31.42 1.92 23.89
CA THR F 316 31.67 2.96 24.86
C THR F 316 31.48 2.40 26.27
N ARG F 317 31.83 3.20 27.27
CA ARG F 317 31.65 2.86 28.68
C ARG F 317 30.54 3.73 29.25
N ILE F 318 29.46 3.10 29.69
CA ILE F 318 28.34 3.82 30.28
C ILE F 318 28.27 3.51 31.77
N ASN F 319 27.65 4.43 32.51
CA ASN F 319 27.41 4.28 33.94
C ASN F 319 25.98 3.77 34.12
N VAL F 320 25.84 2.48 34.43
CA VAL F 320 24.52 1.89 34.65
C VAL F 320 24.15 1.84 36.12
N GLY F 321 25.11 2.03 37.03
CA GLY F 321 24.83 1.98 38.45
C GLY F 321 24.64 0.57 38.97
N THR F 322 24.23 0.49 40.23
CA THR F 322 24.00 -0.76 40.93
C THR F 322 22.65 -0.66 41.64
N THR F 323 21.69 -1.49 41.22
CA THR F 323 20.32 -1.38 41.69
C THR F 323 19.89 -2.54 42.59
N GLY F 324 20.65 -3.62 42.65
CA GLY F 324 20.29 -4.73 43.51
C GLY F 324 21.21 -5.91 43.27
N THR F 325 20.91 -7.00 43.96
CA THR F 325 21.62 -8.24 43.75
C THR F 325 21.17 -8.90 42.45
N ILE F 326 22.02 -9.78 41.92
CA ILE F 326 21.67 -10.51 40.71
C ILE F 326 20.42 -11.35 40.94
N ARG F 327 20.25 -11.87 42.16
CA ARG F 327 19.02 -12.59 42.49
C ARG F 327 17.80 -11.69 42.36
N GLU F 328 17.85 -10.49 42.95
CA GLU F 328 16.71 -9.59 42.83
C GLU F 328 16.44 -9.25 41.37
N ILE F 329 17.50 -9.04 40.58
CA ILE F 329 17.31 -8.65 39.18
C ILE F 329 16.62 -9.77 38.41
N LEU F 330 17.00 -11.02 38.66
CA LEU F 330 16.45 -12.11 37.87
C LEU F 330 15.15 -12.68 38.42
N VAL F 331 15.05 -12.90 39.73
CA VAL F 331 13.91 -13.58 40.32
C VAL F 331 13.25 -12.79 41.44
N GLY F 332 13.69 -11.57 41.71
CA GLY F 332 13.01 -10.71 42.65
C GLY F 332 13.22 -11.12 44.10
N PRO F 333 12.36 -10.61 44.99
CA PRO F 333 11.25 -9.66 44.73
C PRO F 333 11.74 -8.31 44.21
N ALA F 334 10.96 -7.66 43.37
CA ALA F 334 11.37 -6.40 42.75
C ALA F 334 11.10 -5.24 43.69
N LYS F 335 12.13 -4.41 43.92
CA LYS F 335 11.99 -3.19 44.69
C LYS F 335 11.67 -1.98 43.83
N LEU F 336 11.71 -2.12 42.51
CA LEU F 336 11.59 -1.00 41.59
C LEU F 336 10.29 -1.03 40.82
N ASP F 337 9.97 0.12 40.21
CA ASP F 337 8.73 0.33 39.50
C ASP F 337 8.87 0.22 37.98
N ASP F 338 10.06 -0.10 37.47
CA ASP F 338 10.35 0.06 36.05
C ASP F 338 10.57 -1.26 35.34
N GLY F 339 10.37 -2.39 36.00
CA GLY F 339 10.49 -3.66 35.34
C GLY F 339 11.91 -4.09 35.03
N THR F 340 12.91 -3.51 35.70
CA THR F 340 14.28 -3.94 35.52
C THR F 340 14.71 -4.97 36.57
N HIS F 341 13.86 -5.27 37.55
CA HIS F 341 14.09 -6.33 38.51
C HIS F 341 13.05 -7.42 38.32
N ASN F 342 13.34 -8.59 38.90
CA ASN F 342 12.47 -9.76 38.78
C ASN F 342 12.08 -10.01 37.32
N LEU F 343 13.11 -10.12 36.48
CA LEU F 343 12.89 -10.29 35.05
C LEU F 343 12.11 -11.57 34.76
N LEU F 344 12.40 -12.65 35.48
CA LEU F 344 11.65 -13.88 35.30
C LEU F 344 10.18 -13.68 35.65
N GLY F 345 9.91 -13.02 36.78
CA GLY F 345 8.53 -12.73 37.14
C GLY F 345 7.83 -11.87 36.10
N ALA F 346 8.55 -10.94 35.50
CA ALA F 346 7.96 -10.13 34.44
C ALA F 346 7.58 -10.98 33.24
N ILE F 347 8.48 -11.89 32.83
CA ILE F 347 8.19 -12.77 31.71
C ILE F 347 6.94 -13.61 32.00
N LYS F 348 6.91 -14.26 33.16
CA LYS F 348 5.79 -15.15 33.48
C LYS F 348 4.49 -14.35 33.60
N THR F 349 4.56 -13.17 34.21
CA THR F 349 3.38 -12.32 34.33
C THR F 349 2.88 -11.88 32.96
N SER F 350 3.79 -11.48 32.08
CA SER F 350 3.39 -11.11 30.72
C SER F 350 2.73 -12.28 30.00
N MET F 351 3.39 -13.44 30.03
CA MET F 351 2.81 -14.64 29.46
C MET F 351 1.42 -14.90 30.04
N GLY F 352 1.25 -14.63 31.34
CA GLY F 352 -0.06 -14.78 31.96
C GLY F 352 -1.12 -13.88 31.34
N THR F 353 -0.79 -12.60 31.20
CA THR F 353 -1.77 -11.67 30.62
C THR F 353 -2.10 -12.03 29.18
N LEU F 354 -1.17 -12.70 28.49
CA LEU F 354 -1.35 -13.04 27.09
C LEU F 354 -1.89 -14.44 26.87
N GLY F 355 -1.97 -15.25 27.92
CA GLY F 355 -2.45 -16.61 27.79
C GLY F 355 -1.45 -17.57 27.20
N ALA F 356 -0.15 -17.27 27.29
CA ALA F 356 0.89 -18.11 26.73
C ALA F 356 1.37 -19.08 27.80
N LYS F 357 1.12 -20.37 27.59
CA LYS F 357 1.47 -21.38 28.58
C LYS F 357 2.96 -21.67 28.59
N ASP F 358 3.65 -21.54 27.46
CA ASP F 358 5.08 -21.79 27.39
C ASP F 358 5.69 -20.86 26.35
N MET F 359 7.02 -20.94 26.20
CA MET F 359 7.74 -20.00 25.34
C MET F 359 7.30 -20.13 23.89
N LYS F 360 7.01 -21.34 23.42
CA LYS F 360 6.55 -21.50 22.04
C LYS F 360 5.20 -20.82 21.82
N GLU F 361 4.30 -20.91 22.80
CA GLU F 361 3.05 -20.15 22.71
C GLU F 361 3.32 -18.65 22.79
N MET F 362 4.32 -18.24 23.56
CA MET F 362 4.68 -16.83 23.62
C MET F 362 5.13 -16.32 22.27
N GLN F 363 5.85 -17.15 21.51
CA GLN F 363 6.30 -16.77 20.18
C GLN F 363 5.15 -16.60 19.20
N GLN F 364 3.94 -17.03 19.57
CA GLN F 364 2.78 -16.94 18.69
C GLN F 364 1.85 -15.79 19.04
N VAL F 365 2.19 -14.97 20.04
CA VAL F 365 1.28 -13.91 20.45
C VAL F 365 1.20 -12.84 19.37
N ASP F 366 0.02 -12.21 19.25
CA ASP F 366 -0.18 -11.16 18.27
C ASP F 366 0.59 -9.90 18.64
N VAL F 367 1.08 -9.20 17.62
CA VAL F 367 1.90 -8.02 17.80
C VAL F 367 1.26 -6.86 17.05
N VAL F 368 1.37 -5.65 17.63
CA VAL F 368 0.95 -4.44 16.94
C VAL F 368 2.18 -3.55 16.76
N ILE F 369 2.19 -2.82 15.64
CA ILE F 369 3.12 -1.71 15.45
C ILE F 369 2.53 -0.51 16.16
N ALA F 370 3.16 -0.10 17.25
CA ALA F 370 2.56 0.87 18.17
C ALA F 370 3.65 1.72 18.78
N PRO F 371 4.20 2.68 18.01
CA PRO F 371 5.17 3.62 18.58
C PRO F 371 4.63 4.37 19.78
N SER F 372 3.32 4.52 19.89
CA SER F 372 2.71 5.25 21.00
C SER F 372 2.69 4.44 22.30
N LEU F 373 3.10 3.18 22.28
CA LEU F 373 3.10 2.38 23.50
C LEU F 373 3.91 3.07 24.61
N LEU F 374 5.04 3.67 24.27
CA LEU F 374 5.94 4.25 25.24
C LEU F 374 5.73 5.75 25.44
N THR F 375 4.76 6.35 24.76
CA THR F 375 4.51 7.78 24.88
C THR F 375 3.14 8.11 25.47
N GLU F 376 2.13 7.29 25.18
CA GLU F 376 0.77 7.58 25.64
C GLU F 376 0.69 7.78 27.15
N GLY F 377 0.34 8.99 27.56
CA GLY F 377 0.08 9.30 28.95
C GLY F 377 1.29 9.38 29.85
N LYS F 378 2.50 9.25 29.30
CA LYS F 378 3.70 9.14 30.13
C LYS F 378 4.43 10.46 30.31
N VAL F 379 3.72 11.59 30.14
CA VAL F 379 4.38 12.89 30.24
C VAL F 379 4.94 13.10 31.63
N TYR F 380 4.18 12.74 32.67
CA TYR F 380 4.69 12.92 34.03
C TYR F 380 5.89 12.02 34.29
N GLN F 381 5.80 10.74 33.90
CA GLN F 381 6.91 9.82 34.12
C GLN F 381 8.16 10.30 33.42
N LYS F 382 8.04 10.81 32.19
CA LYS F 382 9.20 11.32 31.47
C LYS F 382 9.77 12.55 32.18
N ALA F 383 8.91 13.49 32.56
CA ALA F 383 9.39 14.73 33.17
C ALA F 383 10.03 14.47 34.53
N GLN F 384 9.47 13.55 35.31
CA GLN F 384 9.95 13.29 36.66
C GLN F 384 10.88 12.08 36.73
N GLN F 385 11.21 11.48 35.60
CA GLN F 385 12.16 10.37 35.54
C GLN F 385 11.76 9.26 36.51
N LEU F 386 10.51 8.81 36.39
CA LEU F 386 9.97 7.72 37.17
C LEU F 386 9.38 6.67 36.25
N GLY F 387 9.36 5.43 36.73
CA GLY F 387 8.79 4.33 35.96
C GLY F 387 9.41 4.19 34.58
N MET F 388 8.58 4.32 33.54
CA MET F 388 9.05 4.16 32.17
C MET F 388 9.87 5.34 31.67
N GLY F 389 9.95 6.44 32.43
CA GLY F 389 10.69 7.60 32.02
C GLY F 389 12.08 7.74 32.60
N LYS F 390 12.63 6.69 33.21
CA LYS F 390 13.94 6.78 33.84
C LYS F 390 15.09 6.66 32.82
N GLY G 1 -4.52 -13.77 15.33
CA GLY G 1 -4.56 -13.48 13.88
C GLY G 1 -5.35 -12.22 13.60
N SER G 2 -5.07 -11.63 12.44
CA SER G 2 -5.75 -10.41 12.01
C SER G 2 -5.74 -10.35 10.48
N HIS G 3 -6.69 -9.58 9.95
CA HIS G 3 -6.72 -9.36 8.51
C HIS G 3 -5.72 -8.32 8.04
N MET G 4 -5.02 -7.67 8.95
CA MET G 4 -3.94 -6.76 8.61
C MET G 4 -2.64 -7.41 9.08
N ASN G 5 -1.64 -7.53 8.19
CA ASN G 5 -0.43 -8.31 8.54
C ASN G 5 0.81 -7.59 7.96
N ILE G 6 1.17 -6.46 8.55
CA ILE G 6 2.42 -5.82 8.20
C ILE G 6 3.52 -6.80 8.53
N THR G 7 4.58 -6.83 7.74
CA THR G 7 5.65 -7.81 7.94
C THR G 7 6.68 -7.24 8.91
N ILE G 8 6.84 -7.90 10.05
CA ILE G 8 7.99 -7.64 10.90
C ILE G 8 9.21 -8.39 10.38
N GLY G 9 9.04 -9.68 10.12
CA GLY G 9 10.04 -10.49 9.45
C GLY G 9 9.35 -11.70 8.86
N ARG G 10 10.14 -12.57 8.24
CA ARG G 10 9.57 -13.79 7.69
C ARG G 10 8.81 -14.53 8.77
N GLY G 11 7.54 -14.83 8.49
CA GLY G 11 6.74 -15.59 9.44
C GLY G 11 6.25 -14.83 10.66
N LYS G 12 6.43 -13.51 10.70
CA LYS G 12 5.91 -12.71 11.80
C LYS G 12 5.29 -11.43 11.24
N THR G 13 4.00 -11.27 11.46
CA THR G 13 3.26 -10.10 10.97
C THR G 13 2.74 -9.29 12.15
N ALA G 14 2.21 -8.11 11.85
CA ALA G 14 1.65 -7.22 12.86
C ALA G 14 0.64 -6.31 12.19
N ARG G 15 -0.16 -5.65 13.00
CA ARG G 15 -1.08 -4.63 12.52
C ARG G 15 -0.77 -3.30 13.19
N ARG G 16 -0.97 -2.21 12.45
CA ARG G 16 -0.69 -0.88 12.93
C ARG G 16 -1.79 -0.43 13.89
N ALA G 17 -1.39 0.09 15.04
CA ALA G 17 -2.31 0.67 16.02
C ALA G 17 -1.89 2.11 16.28
N TYR G 18 -2.88 2.99 16.39
CA TYR G 18 -2.65 4.42 16.47
C TYR G 18 -2.99 4.93 17.88
N GLY G 19 -2.13 5.81 18.39
CA GLY G 19 -2.33 6.36 19.71
C GLY G 19 -3.08 7.68 19.70
N ILE G 20 -3.51 8.08 20.90
CA ILE G 20 -4.24 9.34 21.03
C ILE G 20 -3.45 10.49 20.42
N ASP G 21 -2.13 10.50 20.61
CA ASP G 21 -1.31 11.60 20.12
C ASP G 21 -1.06 11.54 18.62
N GLU G 22 -1.64 10.59 17.91
CA GLU G 22 -1.41 10.45 16.47
C GLU G 22 -2.60 10.85 15.62
N ILE G 23 -3.75 11.18 16.22
CA ILE G 23 -4.97 11.43 15.45
C ILE G 23 -5.50 12.82 15.78
N ALA G 24 -6.42 13.28 14.95
CA ALA G 24 -7.09 14.57 15.11
C ALA G 24 -8.47 14.47 14.47
N LEU G 25 -9.35 15.38 14.87
CA LEU G 25 -10.73 15.39 14.42
C LEU G 25 -10.95 16.47 13.37
N VAL G 26 -11.77 16.15 12.37
CA VAL G 26 -11.96 17.01 11.20
C VAL G 26 -13.36 17.61 11.27
N PRO G 27 -13.51 18.92 11.08
CA PRO G 27 -14.87 19.48 11.01
C PRO G 27 -15.70 18.79 9.95
N GLY G 28 -17.01 18.75 10.19
CA GLY G 28 -17.97 18.16 9.29
C GLY G 28 -18.66 19.19 8.43
N VAL G 29 -19.92 18.91 8.11
CA VAL G 29 -20.66 19.79 7.21
C VAL G 29 -21.25 20.98 7.92
N ARG G 30 -21.38 20.94 9.24
CA ARG G 30 -22.01 22.02 9.98
C ARG G 30 -21.31 22.22 11.32
N THR G 31 -21.53 23.41 11.89
CA THR G 31 -21.19 23.73 13.26
C THR G 31 -22.47 23.90 14.07
N LEU G 32 -22.35 23.88 15.39
CA LEU G 32 -23.51 24.13 16.24
C LEU G 32 -23.07 24.74 17.55
N ASP G 33 -24.00 25.43 18.18
CA ASP G 33 -23.72 26.08 19.45
C ASP G 33 -23.37 25.05 20.52
N PRO G 34 -22.29 25.24 21.27
CA PRO G 34 -21.92 24.23 22.28
C PRO G 34 -23.02 23.92 23.27
N ALA G 35 -23.89 24.88 23.57
CA ALA G 35 -24.97 24.65 24.53
C ALA G 35 -25.92 23.55 24.07
N LEU G 36 -25.94 23.24 22.78
CA LEU G 36 -26.80 22.20 22.25
C LEU G 36 -26.18 20.81 22.28
N ALA G 37 -24.91 20.70 22.66
CA ALA G 37 -24.22 19.42 22.61
C ALA G 37 -24.66 18.54 23.77
N ASP G 38 -25.26 17.40 23.45
CA ASP G 38 -25.76 16.45 24.45
C ASP G 38 -24.63 15.46 24.77
N THR G 39 -24.15 15.51 26.01
CA THR G 39 -22.99 14.72 26.42
C THR G 39 -23.35 13.53 27.30
N ARG G 40 -24.64 13.21 27.41
CA ARG G 40 -25.06 12.16 28.34
C ARG G 40 -24.59 10.78 27.91
N TRP G 41 -24.42 9.91 28.90
CA TRP G 41 -24.28 8.48 28.68
C TRP G 41 -25.10 7.77 29.75
N LYS G 42 -25.20 6.45 29.63
CA LYS G 42 -26.02 5.66 30.55
C LYS G 42 -25.40 4.29 30.73
N VAL G 43 -25.35 3.84 31.99
CA VAL G 43 -24.92 2.50 32.35
C VAL G 43 -25.99 1.89 33.26
N GLY G 44 -26.48 0.73 32.89
CA GLY G 44 -27.64 0.18 33.59
C GLY G 44 -28.81 1.12 33.42
N ALA G 45 -29.41 1.51 34.54
CA ALA G 45 -30.48 2.50 34.54
C ALA G 45 -30.00 3.87 35.00
N ILE G 46 -28.70 4.07 35.09
CA ILE G 46 -28.13 5.30 35.62
C ILE G 46 -27.71 6.19 34.45
N GLU G 47 -28.41 7.30 34.28
CA GLU G 47 -28.04 8.32 33.31
C GLU G 47 -27.11 9.33 33.97
N ARG G 48 -26.11 9.78 33.21
CA ARG G 48 -25.13 10.75 33.70
C ARG G 48 -24.94 11.84 32.66
N GLU G 49 -24.98 13.10 33.09
CA GLU G 49 -24.78 14.21 32.18
C GLU G 49 -23.33 14.33 31.73
N ILE G 50 -22.39 13.98 32.60
CA ILE G 50 -20.97 14.07 32.30
C ILE G 50 -20.46 12.67 32.00
N PRO G 51 -19.92 12.40 30.78
CA PRO G 51 -19.46 11.06 30.42
C PRO G 51 -18.05 10.75 30.93
N ILE G 52 -17.83 11.00 32.22
CA ILE G 52 -16.53 10.83 32.86
C ILE G 52 -16.70 10.02 34.13
N ILE G 53 -15.81 9.06 34.33
CA ILE G 53 -15.76 8.24 35.54
C ILE G 53 -14.37 8.41 36.14
N ALA G 54 -14.33 8.68 37.44
CA ALA G 54 -13.05 8.75 38.14
C ALA G 54 -12.53 7.34 38.39
N SER G 55 -11.26 7.11 38.05
CA SER G 55 -10.66 5.78 38.22
C SER G 55 -10.70 5.36 39.68
N ALA G 56 -10.76 4.05 39.90
CA ALA G 56 -10.74 3.45 41.24
C ALA G 56 -9.30 3.40 41.73
N MET G 57 -8.80 4.55 42.15
CA MET G 57 -7.42 4.71 42.57
C MET G 57 -7.42 5.54 43.84
N ASP G 58 -6.58 5.15 44.80
CA ASP G 58 -6.62 5.73 46.13
C ASP G 58 -6.22 7.19 46.17
N GLY G 59 -5.48 7.66 45.17
CA GLY G 59 -5.17 9.07 45.06
C GLY G 59 -6.27 9.89 44.44
N VAL G 60 -7.28 9.24 43.88
CA VAL G 60 -8.32 9.90 43.09
C VAL G 60 -9.65 9.91 43.84
N VAL G 61 -10.10 8.75 44.31
CA VAL G 61 -11.47 8.61 44.82
C VAL G 61 -11.44 8.10 46.26
N ASP G 62 -12.04 8.86 47.15
CA ASP G 62 -12.49 8.39 48.46
C ASP G 62 -14.00 8.64 48.53
N SER G 63 -14.57 8.46 49.72
CA SER G 63 -16.02 8.60 49.84
C SER G 63 -16.48 10.02 49.49
N ARG G 64 -15.76 11.04 49.98
CA ARG G 64 -16.18 12.41 49.68
C ARG G 64 -16.11 12.68 48.18
N MET G 65 -15.00 12.33 47.54
CA MET G 65 -14.86 12.56 46.11
C MET G 65 -15.99 11.90 45.33
N ALA G 66 -16.32 10.66 45.70
CA ALA G 66 -17.40 9.96 45.02
C ALA G 66 -18.71 10.74 45.07
N VAL G 67 -19.00 11.35 46.21
CA VAL G 67 -20.23 12.13 46.35
C VAL G 67 -20.15 13.40 45.51
N LEU G 68 -19.04 14.13 45.60
CA LEU G 68 -18.89 15.35 44.82
C LEU G 68 -19.02 15.06 43.32
N LEU G 69 -18.42 13.98 42.85
CA LEU G 69 -18.54 13.63 41.44
C LEU G 69 -19.99 13.34 41.08
N SER G 70 -20.69 12.58 41.92
CA SER G 70 -22.09 12.29 41.67
CA SER G 70 -22.10 12.30 41.67
C SER G 70 -22.92 13.58 41.60
N GLU G 71 -22.64 14.53 42.49
CA GLU G 71 -23.41 15.76 42.53
C GLU G 71 -23.25 16.55 41.23
N LEU G 72 -22.06 16.51 40.65
CA LEU G 72 -21.77 17.27 39.43
C LEU G 72 -22.31 16.58 38.18
N GLY G 73 -22.77 15.34 38.29
CA GLY G 73 -23.25 14.61 37.14
C GLY G 73 -22.28 13.57 36.60
N ALA G 74 -21.22 13.25 37.33
CA ALA G 74 -20.24 12.27 36.91
C ALA G 74 -20.28 11.10 37.89
N LEU G 75 -19.19 10.34 37.94
CA LEU G 75 -19.13 9.16 38.78
C LEU G 75 -17.72 8.97 39.31
N GLY G 76 -17.63 8.36 40.48
CA GLY G 76 -16.34 7.95 41.03
C GLY G 76 -16.45 6.53 41.56
N VAL G 77 -15.40 5.76 41.33
CA VAL G 77 -15.36 4.35 41.74
C VAL G 77 -14.39 4.22 42.91
N VAL G 78 -14.87 3.65 44.01
CA VAL G 78 -14.04 3.36 45.17
C VAL G 78 -13.43 1.97 44.97
N ASN G 79 -12.10 1.88 45.09
CA ASN G 79 -11.41 0.60 45.00
C ASN G 79 -11.55 -0.14 46.32
N LEU G 80 -12.28 -1.24 46.33
CA LEU G 80 -12.54 -1.99 47.55
C LEU G 80 -11.35 -2.84 48.00
N GLU G 81 -10.27 -2.84 47.24
CA GLU G 81 -9.05 -3.53 47.62
C GLU G 81 -7.91 -2.57 47.96
N GLY G 82 -8.22 -1.28 48.08
CA GLY G 82 -7.25 -0.27 48.42
C GLY G 82 -7.29 0.09 49.89
N ILE G 83 -6.75 1.27 50.21
CA ILE G 83 -6.64 1.71 51.60
C ILE G 83 -8.00 2.00 52.22
N GLN G 84 -9.02 2.27 51.39
CA GLN G 84 -10.32 2.67 51.93
C GLN G 84 -11.02 1.56 52.68
N THR G 85 -10.74 0.31 52.33
CA THR G 85 -11.35 -0.83 53.02
C THR G 85 -10.38 -1.53 53.98
N ARG G 86 -9.12 -1.10 53.99
CA ARG G 86 -8.12 -1.66 54.88
C ARG G 86 -7.89 -0.82 56.13
N TYR G 87 -8.33 0.44 56.13
CA TYR G 87 -8.12 1.32 57.27
C TYR G 87 -9.40 2.09 57.55
N GLU G 88 -9.78 2.17 58.82
CA GLU G 88 -10.95 2.96 59.19
C GLU G 88 -10.72 4.43 58.87
N ASP G 89 -9.52 4.92 59.19
CA ASP G 89 -9.15 6.31 58.90
C ASP G 89 -8.00 6.30 57.87
N PRO G 90 -8.27 6.46 56.58
CA PRO G 90 -7.17 6.41 55.59
C PRO G 90 -6.27 7.62 55.60
N ASN G 91 -6.67 8.73 56.22
CA ASN G 91 -5.92 9.98 56.06
C ASN G 91 -4.47 9.86 56.51
N PRO G 92 -4.16 9.32 57.69
CA PRO G 92 -2.74 9.16 58.06
C PRO G 92 -1.97 8.29 57.08
N ILE G 93 -2.63 7.31 56.47
CA ILE G 93 -1.98 6.47 55.47
C ILE G 93 -1.68 7.28 54.22
N LEU G 94 -2.67 8.03 53.75
CA LEU G 94 -2.45 8.88 52.57
C LEU G 94 -1.39 9.94 52.85
N ASP G 95 -1.36 10.47 54.06
CA ASP G 95 -0.33 11.44 54.43
C ASP G 95 1.07 10.86 54.23
N ARG G 96 1.29 9.63 54.69
CA ARG G 96 2.60 9.01 54.59
C ARG G 96 2.99 8.79 53.13
N ILE G 97 2.06 8.30 52.31
CA ILE G 97 2.36 8.04 50.90
C ILE G 97 2.82 9.33 50.21
N ALA G 98 2.19 10.44 50.55
CA ALA G 98 2.54 11.70 49.90
C ALA G 98 3.82 12.32 50.46
N SER G 99 4.25 11.94 51.67
CA SER G 99 5.38 12.59 52.31
C SER G 99 6.72 11.93 52.03
N VAL G 100 6.73 10.66 51.67
CA VAL G 100 8.00 9.95 51.48
C VAL G 100 8.57 10.24 50.09
N GLY G 101 9.88 9.99 49.94
CA GLY G 101 10.63 10.36 48.76
C GLY G 101 10.49 9.40 47.59
N LYS G 102 11.15 9.78 46.49
CA LYS G 102 11.01 9.04 45.24
C LYS G 102 11.50 7.60 45.38
N THR G 103 12.61 7.39 46.10
CA THR G 103 13.23 6.06 46.17
C THR G 103 12.60 5.16 47.22
N GLU G 104 11.57 5.62 47.93
CA GLU G 104 11.02 4.89 49.06
C GLU G 104 9.55 4.56 48.93
N PHE G 105 8.80 5.19 48.00
CA PHE G 105 7.35 5.00 48.04
C PHE G 105 6.95 3.58 47.69
N VAL G 106 7.72 2.91 46.83
CA VAL G 106 7.35 1.54 46.44
C VAL G 106 7.37 0.64 47.66
N GLY G 107 8.48 0.66 48.39
CA GLY G 107 8.59 -0.17 49.58
C GLY G 107 7.52 0.17 50.61
N LEU G 108 7.20 1.45 50.75
CA LEU G 108 6.18 1.83 51.72
C LEU G 108 4.80 1.27 51.33
N MET G 109 4.42 1.45 50.07
CA MET G 109 3.12 0.95 49.62
CA MET G 109 3.12 0.95 49.62
C MET G 109 3.02 -0.56 49.77
N GLN G 110 4.10 -1.28 49.45
CA GLN G 110 4.09 -2.73 49.63
C GLN G 110 3.78 -3.09 51.07
N GLU G 111 4.27 -2.28 52.02
CA GLU G 111 3.96 -2.50 53.43
C GLU G 111 2.53 -2.09 53.75
N LEU G 112 2.14 -0.88 53.38
CA LEU G 112 0.85 -0.34 53.79
C LEU G 112 -0.31 -1.15 53.25
N TYR G 113 -0.24 -1.58 51.99
CA TYR G 113 -1.37 -2.28 51.40
C TYR G 113 -1.48 -3.72 51.84
N ALA G 114 -0.56 -4.21 52.68
CA ALA G 114 -0.69 -5.54 53.25
C ALA G 114 -1.69 -5.62 54.40
N GLU G 115 -2.07 -4.49 54.98
CA GLU G 115 -3.10 -4.48 56.02
C GLU G 115 -4.38 -5.14 55.48
N PRO G 116 -4.94 -6.11 56.17
CA PRO G 116 -6.04 -6.87 55.58
C PRO G 116 -7.27 -6.03 55.28
N ILE G 117 -8.01 -6.46 54.26
CA ILE G 117 -9.28 -5.83 53.93
C ILE G 117 -10.28 -6.12 55.04
N LYS G 118 -11.03 -5.07 55.46
CA LYS G 118 -12.09 -5.30 56.44
C LYS G 118 -13.45 -5.29 55.74
N PRO G 119 -14.15 -6.47 55.68
CA PRO G 119 -15.41 -6.49 54.95
C PRO G 119 -16.40 -5.46 55.43
N GLU G 120 -16.38 -5.15 56.72
CA GLU G 120 -17.31 -4.15 57.25
C GLU G 120 -17.10 -2.78 56.61
N LEU G 121 -15.86 -2.46 56.23
CA LEU G 121 -15.60 -1.17 55.60
C LEU G 121 -16.14 -1.14 54.17
N ILE G 122 -16.19 -2.28 53.49
CA ILE G 122 -16.87 -2.34 52.19
C ILE G 122 -18.29 -1.83 52.34
N THR G 123 -19.03 -2.38 53.30
CA THR G 123 -20.40 -1.95 53.56
C THR G 123 -20.43 -0.48 53.94
N LYS G 124 -19.53 -0.06 54.84
CA LYS G 124 -19.57 1.31 55.33
C LYS G 124 -19.34 2.32 54.21
N ARG G 125 -18.30 2.11 53.39
CA ARG G 125 -18.00 3.07 52.33
C ARG G 125 -19.19 3.22 51.39
N ILE G 126 -19.79 2.10 50.97
CA ILE G 126 -20.94 2.15 50.09
C ILE G 126 -22.06 2.97 50.72
N GLN G 127 -22.40 2.66 51.97
CA GLN G 127 -23.58 3.27 52.59
C GLN G 127 -23.34 4.72 52.99
N GLU G 128 -22.12 5.09 53.38
CA GLU G 128 -21.86 6.49 53.70
C GLU G 128 -21.90 7.35 52.44
N ILE G 129 -21.50 6.79 51.30
CA ILE G 129 -21.63 7.51 50.04
C ILE G 129 -23.10 7.71 49.69
N GLN G 130 -23.90 6.65 49.80
CA GLN G 130 -25.31 6.74 49.46
C GLN G 130 -26.06 7.62 50.44
N ALA G 131 -25.73 7.54 51.73
CA ALA G 131 -26.40 8.39 52.71
C ALA G 131 -26.16 9.87 52.42
N ALA G 132 -25.00 10.20 51.85
CA ALA G 132 -24.71 11.58 51.47
C ALA G 132 -25.31 11.97 50.14
N GLY G 133 -26.10 11.09 49.53
CA GLY G 133 -26.76 11.39 48.27
C GLY G 133 -25.97 11.03 47.03
N GLY G 134 -24.90 10.26 47.16
CA GLY G 134 -24.06 9.91 46.03
C GLY G 134 -24.34 8.54 45.47
N ILE G 135 -23.93 8.34 44.22
CA ILE G 135 -24.00 7.03 43.58
C ILE G 135 -22.78 6.23 44.00
N ALA G 136 -23.02 5.05 44.57
CA ALA G 136 -21.94 4.21 45.11
C ALA G 136 -21.50 3.24 44.02
N ALA G 137 -20.36 3.52 43.40
CA ALA G 137 -19.73 2.64 42.43
C ALA G 137 -18.44 2.11 43.03
N VAL G 138 -18.23 0.79 42.98
CA VAL G 138 -17.12 0.14 43.66
C VAL G 138 -16.47 -0.86 42.72
N SER G 139 -15.18 -1.11 42.92
CA SER G 139 -14.43 -2.00 42.06
C SER G 139 -13.79 -3.13 42.86
N LEU G 140 -13.65 -4.27 42.21
CA LEU G 140 -12.93 -5.42 42.73
C LEU G 140 -12.17 -6.07 41.58
N THR G 141 -11.03 -6.69 41.93
CA THR G 141 -10.37 -7.56 40.98
C THR G 141 -11.17 -8.86 40.85
N PRO G 142 -10.92 -9.64 39.80
CA PRO G 142 -11.64 -10.94 39.69
C PRO G 142 -11.52 -11.79 40.95
N VAL G 143 -10.32 -11.88 41.52
CA VAL G 143 -10.18 -12.64 42.77
C VAL G 143 -10.96 -11.96 43.89
N GLY G 144 -10.93 -10.62 43.92
CA GLY G 144 -11.72 -9.91 44.93
C GLY G 144 -13.20 -10.20 44.81
N ALA G 145 -13.70 -10.33 43.58
CA ALA G 145 -15.11 -10.64 43.39
C ALA G 145 -15.45 -12.00 43.97
N SER G 146 -14.55 -12.97 43.80
CA SER G 146 -14.79 -14.30 44.34
C SER G 146 -14.96 -14.28 45.86
N LYS G 147 -14.38 -13.29 46.52
CA LYS G 147 -14.41 -13.20 47.97
C LYS G 147 -15.47 -12.24 48.49
N TYR G 148 -15.74 -11.14 47.79
CA TYR G 148 -16.53 -10.06 48.35
C TYR G 148 -17.75 -9.66 47.53
N ALA G 149 -18.03 -10.34 46.42
CA ALA G 149 -19.15 -9.94 45.58
C ALA G 149 -20.47 -9.97 46.36
N SER G 150 -20.66 -11.01 47.19
CA SER G 150 -21.90 -11.08 47.97
C SER G 150 -21.98 -9.94 48.98
N THR G 151 -20.84 -9.53 49.55
CA THR G 151 -20.84 -8.39 50.46
C THR G 151 -21.29 -7.12 49.73
N VAL G 152 -20.79 -6.91 48.51
CA VAL G 152 -21.19 -5.73 47.74
C VAL G 152 -22.68 -5.78 47.44
N ALA G 153 -23.20 -6.95 47.07
CA ALA G 153 -24.62 -7.09 46.81
C ALA G 153 -25.43 -6.82 48.07
N GLU G 154 -25.01 -7.41 49.20
CA GLU G 154 -25.74 -7.22 50.46
C GLU G 154 -25.71 -5.75 50.88
N ALA G 155 -24.61 -5.05 50.60
CA ALA G 155 -24.54 -3.64 50.94
C ALA G 155 -25.40 -2.78 50.02
N GLY G 156 -25.72 -3.28 48.83
CA GLY G 156 -26.58 -2.54 47.91
C GLY G 156 -25.86 -1.48 47.11
N ALA G 157 -24.65 -1.76 46.65
CA ALA G 157 -23.95 -0.80 45.80
C ALA G 157 -24.72 -0.57 44.50
N ASP G 158 -24.57 0.63 43.95
CA ASP G 158 -25.27 0.98 42.72
C ASP G 158 -24.60 0.41 41.48
N LEU G 159 -23.27 0.32 41.49
CA LEU G 159 -22.53 -0.22 40.35
C LEU G 159 -21.35 -1.03 40.88
N LEU G 160 -21.06 -2.15 40.22
CA LEU G 160 -19.89 -2.96 40.51
C LEU G 160 -18.99 -2.99 39.28
N PHE G 161 -17.72 -2.63 39.48
CA PHE G 161 -16.69 -2.69 38.46
C PHE G 161 -15.76 -3.86 38.77
N ILE G 162 -15.69 -4.83 37.87
CA ILE G 162 -14.70 -5.89 37.95
C ILE G 162 -13.56 -5.50 37.03
N GLN G 163 -12.40 -5.20 37.59
CA GLN G 163 -11.31 -4.62 36.82
C GLN G 163 -10.01 -5.34 37.14
N ALA G 164 -9.40 -5.94 36.10
CA ALA G 164 -8.04 -6.43 36.13
C ALA G 164 -7.25 -5.73 35.02
N THR G 165 -5.93 -5.69 35.16
CA THR G 165 -5.10 -5.10 34.11
C THR G 165 -5.43 -5.70 32.76
N VAL G 166 -5.57 -7.02 32.70
CA VAL G 166 -6.00 -7.71 31.49
C VAL G 166 -7.01 -8.78 31.92
N VAL G 167 -8.24 -8.68 31.44
CA VAL G 167 -9.28 -9.63 31.80
C VAL G 167 -9.73 -10.35 30.54
N SER G 168 -10.19 -11.59 30.73
CA SER G 168 -10.87 -12.36 29.70
C SER G 168 -11.95 -13.19 30.37
N THR G 169 -12.93 -13.62 29.57
CA THR G 169 -13.92 -14.58 30.07
C THR G 169 -13.31 -15.95 30.29
N ALA G 170 -12.16 -16.23 29.66
CA ALA G 170 -11.48 -17.50 29.77
C ALA G 170 -10.17 -17.28 30.52
N HIS G 171 -10.06 -17.89 31.71
CA HIS G 171 -8.86 -17.79 32.54
C HIS G 171 -8.49 -19.17 33.04
N LEU G 172 -7.23 -19.56 32.82
CA LEU G 172 -6.72 -20.90 33.23
C LEU G 172 -6.12 -20.80 34.64
N SER G 173 -6.84 -21.23 35.66
CA SER G 173 -6.35 -21.23 37.06
C SER G 173 -5.52 -22.50 37.31
N PRO G 174 -4.60 -22.53 38.29
CA PRO G 174 -3.85 -23.75 38.60
C PRO G 174 -4.77 -24.83 39.18
N SER G 176 -6.63 -27.15 40.95
CA SER G 176 -7.64 -27.24 42.02
C SER G 176 -8.36 -25.91 42.26
N VAL G 177 -7.98 -24.89 41.50
CA VAL G 177 -8.52 -23.53 41.67
C VAL G 177 -9.61 -23.30 40.65
N GLU G 178 -10.69 -22.66 41.07
CA GLU G 178 -11.84 -22.38 40.22
C GLU G 178 -11.80 -20.92 39.78
N SER G 179 -11.73 -20.70 38.46
CA SER G 179 -11.73 -19.35 37.93
C SER G 179 -13.09 -18.69 38.13
N LEU G 180 -13.08 -17.36 38.22
CA LEU G 180 -14.31 -16.59 38.38
C LEU G 180 -15.21 -16.75 37.16
N ASP G 181 -16.45 -17.19 37.39
CA ASP G 181 -17.46 -17.33 36.34
C ASP G 181 -18.15 -15.99 36.15
N LEU G 182 -17.74 -15.25 35.12
CA LEU G 182 -18.29 -13.92 34.91
C LEU G 182 -19.76 -13.96 34.50
N VAL G 183 -20.18 -15.02 33.80
CA VAL G 183 -21.60 -15.15 33.46
C VAL G 183 -22.44 -15.25 34.72
N LYS G 184 -22.04 -16.13 35.66
CA LYS G 184 -22.79 -16.27 36.90
C LYS G 184 -22.78 -14.98 37.70
N LEU G 185 -21.63 -14.29 37.76
CA LEU G 185 -21.55 -13.05 38.52
C LEU G 185 -22.57 -12.04 38.02
N CYS G 186 -22.60 -11.79 36.72
CA CYS G 186 -23.53 -10.79 36.19
C CYS G 186 -24.98 -11.21 36.41
N GLN G 187 -25.27 -12.50 36.33
CA GLN G 187 -26.64 -12.97 36.56
C GLN G 187 -27.03 -12.85 38.03
N GLU G 188 -26.11 -13.13 38.94
CA GLU G 188 -26.43 -13.16 40.36
C GLU G 188 -26.37 -11.78 41.01
N MET G 189 -25.52 -10.87 40.52
CA MET G 189 -25.44 -9.54 41.10
C MET G 189 -26.71 -8.75 40.82
N PRO G 190 -27.31 -8.10 41.83
CA PRO G 190 -28.54 -7.33 41.58
C PRO G 190 -28.32 -5.99 40.89
N MET G 191 -27.08 -5.56 40.69
CA MET G 191 -26.80 -4.26 40.08
C MET G 191 -26.00 -4.44 38.79
N PRO G 192 -25.86 -3.38 37.98
CA PRO G 192 -25.03 -3.51 36.77
C PRO G 192 -23.59 -3.82 37.13
N VAL G 193 -22.96 -4.64 36.30
CA VAL G 193 -21.58 -5.06 36.49
C VAL G 193 -20.76 -4.63 35.28
N VAL G 194 -19.79 -3.77 35.50
CA VAL G 194 -18.85 -3.33 34.46
C VAL G 194 -17.63 -4.22 34.52
N LEU G 195 -17.12 -4.63 33.35
CA LEU G 195 -16.02 -5.59 33.27
C LEU G 195 -14.88 -5.02 32.46
N GLY G 196 -13.65 -5.29 32.91
CA GLY G 196 -12.47 -4.86 32.18
C GLY G 196 -11.22 -5.37 32.86
N ASN G 197 -10.06 -5.07 32.27
CA ASN G 197 -9.94 -4.29 31.04
C ASN G 197 -9.54 -5.17 29.85
N CYS G 198 -9.85 -4.71 28.64
CA CYS G 198 -9.52 -5.41 27.41
C CYS G 198 -9.15 -4.39 26.35
N VAL G 199 -8.67 -4.88 25.20
CA VAL G 199 -8.35 -3.98 24.10
C VAL G 199 -8.70 -4.60 22.75
N THR G 200 -9.35 -5.77 22.75
CA THR G 200 -9.65 -6.47 21.51
C THR G 200 -11.15 -6.67 21.31
N TYR G 201 -11.54 -6.70 20.04
CA TYR G 201 -12.90 -7.05 19.66
C TYR G 201 -13.34 -8.37 20.29
N GLU G 202 -12.48 -9.39 20.22
CA GLU G 202 -12.89 -10.73 20.62
C GLU G 202 -13.25 -10.77 22.11
N VAL G 203 -12.42 -10.16 22.95
CA VAL G 203 -12.66 -10.24 24.39
C VAL G 203 -13.85 -9.36 24.78
N SER G 204 -13.89 -8.14 24.25
CA SER G 204 -14.98 -7.24 24.60
C SER G 204 -16.33 -7.86 24.23
N LEU G 205 -16.41 -8.51 23.07
CA LEU G 205 -17.66 -9.14 22.69
C LEU G 205 -18.06 -10.24 23.67
N GLU G 206 -17.08 -11.03 24.13
CA GLU G 206 -17.41 -12.10 25.07
C GLU G 206 -17.81 -11.53 26.43
N LEU G 207 -17.17 -10.43 26.86
CA LEU G 207 -17.59 -9.77 28.09
C LEU G 207 -19.02 -9.29 27.98
N MET G 208 -19.39 -8.75 26.83
CA MET G 208 -20.77 -8.35 26.59
C MET G 208 -21.73 -9.52 26.67
N ARG G 209 -21.38 -10.61 25.99
CA ARG G 209 -22.22 -11.79 25.99
C ARG G 209 -22.32 -12.40 27.38
N ALA G 210 -21.33 -12.17 28.25
CA ALA G 210 -21.41 -12.65 29.62
C ALA G 210 -22.37 -11.83 30.47
N GLY G 211 -22.75 -10.65 30.02
CA GLY G 211 -23.73 -9.85 30.74
C GLY G 211 -23.21 -8.51 31.25
N ALA G 212 -22.08 -8.06 30.71
CA ALA G 212 -21.51 -6.79 31.17
C ALA G 212 -22.45 -5.64 30.89
N ALA G 213 -22.55 -4.72 31.86
CA ALA G 213 -23.27 -3.47 31.66
C ALA G 213 -22.43 -2.45 30.91
N ALA G 214 -21.12 -2.63 30.88
CA ALA G 214 -20.18 -1.76 30.16
C ALA G 214 -18.84 -2.47 30.17
N VAL G 215 -17.96 -2.07 29.25
CA VAL G 215 -16.63 -2.64 29.14
C VAL G 215 -15.60 -1.52 29.24
N LEU G 216 -14.55 -1.78 30.01
CA LEU G 216 -13.45 -0.84 30.18
C LEU G 216 -12.33 -1.19 29.22
N VAL G 217 -11.92 -0.22 28.41
CA VAL G 217 -10.95 -0.44 27.33
C VAL G 217 -9.67 0.30 27.71
N GLY G 218 -8.57 -0.44 27.72
CA GLY G 218 -7.26 0.15 27.92
C GLY G 218 -6.32 -0.72 28.72
N ILE G 219 -5.10 -0.90 28.23
CA ILE G 219 -4.05 -1.65 28.93
C ILE G 219 -2.80 -0.79 28.90
N GLY G 220 -2.49 -0.12 30.00
CA GLY G 220 -1.23 0.55 30.19
C GLY G 220 -1.07 1.99 29.73
N PRO G 221 -2.14 2.64 29.23
CA PRO G 221 -1.97 4.05 28.82
C PRO G 221 -1.90 5.02 29.99
N GLY G 222 -2.12 4.56 31.22
CA GLY G 222 -2.31 5.46 32.33
C GLY G 222 -1.04 6.23 32.69
N ALA G 223 -1.25 7.41 33.27
CA ALA G 223 -0.14 8.29 33.60
C ALA G 223 0.76 7.71 34.68
N ALA G 224 0.20 6.90 35.58
CA ALA G 224 0.96 6.31 36.67
C ALA G 224 1.14 4.80 36.49
N CYS G 225 1.02 4.31 35.26
CA CYS G 225 1.08 2.89 34.96
CA CYS G 225 1.09 2.90 34.95
C CYS G 225 2.41 2.56 34.27
N THR G 226 2.93 1.37 34.57
CA THR G 226 4.17 0.89 33.97
C THR G 226 4.03 -0.51 33.39
N SER G 227 2.81 -1.03 33.28
CA SER G 227 2.63 -2.38 32.75
C SER G 227 3.21 -2.54 31.35
N ARG G 228 3.14 -1.49 30.53
CA ARG G 228 3.68 -1.60 29.17
C ARG G 228 5.19 -1.79 29.19
N GLY G 229 5.88 -1.17 30.14
CA GLY G 229 7.31 -1.34 30.24
C GLY G 229 7.70 -2.66 30.91
N VAL G 230 6.90 -3.08 31.87
CA VAL G 230 7.23 -4.30 32.62
C VAL G 230 6.92 -5.54 31.79
N LEU G 231 5.80 -5.51 31.05
CA LEU G 231 5.31 -6.68 30.35
C LEU G 231 5.36 -6.57 28.83
N GLY G 232 5.44 -5.36 28.28
CA GLY G 232 5.39 -5.18 26.85
C GLY G 232 4.02 -5.33 26.24
N VAL G 233 2.97 -5.36 27.05
CA VAL G 233 1.60 -5.59 26.59
C VAL G 233 0.86 -4.27 26.50
N GLY G 234 0.09 -4.11 25.43
CA GLY G 234 -0.76 -2.95 25.28
C GLY G 234 -1.14 -2.64 23.85
N VAL G 235 -2.30 -2.01 23.66
CA VAL G 235 -2.74 -1.52 22.36
C VAL G 235 -3.12 -0.05 22.50
N PRO G 236 -2.56 0.85 21.69
CA PRO G 236 -2.92 2.27 21.81
C PRO G 236 -4.43 2.47 21.79
N GLN G 237 -4.88 3.53 22.46
CA GLN G 237 -6.30 3.64 22.79
C GLN G 237 -7.20 3.78 21.57
N PRO G 238 -6.95 4.71 20.63
CA PRO G 238 -7.87 4.82 19.48
C PRO G 238 -8.17 3.48 18.82
N THR G 239 -7.14 2.68 18.57
CA THR G 239 -7.35 1.38 17.96
C THR G 239 -8.14 0.46 18.89
N ALA G 240 -7.75 0.42 20.16
CA ALA G 240 -8.47 -0.42 21.11
C ALA G 240 -9.94 -0.01 21.22
N ILE G 241 -10.20 1.30 21.31
CA ILE G 241 -11.57 1.78 21.46
C ILE G 241 -12.40 1.38 20.25
N ALA G 242 -11.86 1.60 19.05
CA ALA G 242 -12.62 1.31 17.84
C ALA G 242 -12.95 -0.16 17.75
N ASP G 243 -11.99 -1.04 18.05
CA ASP G 243 -12.26 -2.47 17.99
C ASP G 243 -13.37 -2.87 18.95
N CYS G 244 -13.36 -2.31 20.17
CA CYS G 244 -14.36 -2.68 21.16
C CYS G 244 -15.70 -2.02 20.88
N ALA G 245 -15.70 -0.82 20.29
CA ALA G 245 -16.96 -0.24 19.83
C ALA G 245 -17.58 -1.08 18.72
N ALA G 246 -16.75 -1.69 17.87
CA ALA G 246 -17.27 -2.60 16.84
C ALA G 246 -17.97 -3.79 17.46
N ALA G 247 -17.39 -4.34 18.54
CA ALA G 247 -18.05 -5.43 19.26
C ALA G 247 -19.39 -4.97 19.84
N ARG G 248 -19.42 -3.77 20.43
CA ARG G 248 -20.66 -3.21 20.95
C ARG G 248 -21.74 -3.19 19.88
N ASP G 249 -21.40 -2.70 18.69
CA ASP G 249 -22.40 -2.56 17.63
C ASP G 249 -22.87 -3.93 17.15
N ASP G 250 -21.97 -4.91 17.08
CA ASP G 250 -22.37 -6.25 16.68
C ASP G 250 -23.22 -6.91 17.75
N TYR G 251 -22.86 -6.72 19.03
CA TYR G 251 -23.66 -7.27 20.11
C TYR G 251 -25.04 -6.64 20.13
N LEU G 252 -25.13 -5.33 19.86
CA LEU G 252 -26.42 -4.68 19.75
C LEU G 252 -27.25 -5.29 18.63
N GLN G 253 -26.63 -5.54 17.48
CA GLN G 253 -27.35 -6.17 16.37
C GLN G 253 -27.85 -7.56 16.76
N GLU G 254 -27.02 -8.32 17.49
CA GLU G 254 -27.38 -9.68 17.83
C GLU G 254 -28.52 -9.72 18.84
N THR G 255 -28.46 -8.88 19.88
CA THR G 255 -29.34 -9.00 21.03
C THR G 255 -30.25 -7.81 21.26
N GLY G 256 -29.96 -6.65 20.67
CA GLY G 256 -30.70 -5.45 20.98
C GLY G 256 -30.28 -4.75 22.26
N ARG G 257 -29.27 -5.26 22.95
CA ARG G 257 -28.78 -4.67 24.19
C ARG G 257 -27.55 -3.83 23.90
N TYR G 258 -27.53 -2.61 24.43
CA TYR G 258 -26.44 -1.66 24.23
C TYR G 258 -25.49 -1.71 25.43
N VAL G 259 -24.23 -2.01 25.18
CA VAL G 259 -23.21 -2.09 26.22
C VAL G 259 -22.18 -0.99 26.00
N PRO G 260 -22.22 0.10 26.76
CA PRO G 260 -21.29 1.21 26.49
C PRO G 260 -19.83 0.81 26.61
N VAL G 261 -19.00 1.48 25.81
CA VAL G 261 -17.55 1.28 25.80
C VAL G 261 -16.91 2.45 26.54
N ILE G 262 -16.10 2.16 27.55
CA ILE G 262 -15.48 3.17 28.38
C ILE G 262 -13.98 3.18 28.10
N ALA G 263 -13.48 4.28 27.56
CA ALA G 263 -12.05 4.44 27.31
C ALA G 263 -11.36 4.80 28.63
N ASP G 264 -10.45 3.95 29.07
CA ASP G 264 -9.89 4.01 30.42
C ASP G 264 -8.40 4.34 30.36
N GLY G 265 -8.06 5.57 30.72
CA GLY G 265 -6.69 5.92 31.02
C GLY G 265 -6.00 6.66 29.90
N GLY G 266 -4.88 7.30 30.24
CA GLY G 266 -4.07 8.02 29.29
C GLY G 266 -4.62 9.36 28.87
N ILE G 267 -5.65 9.86 29.54
CA ILE G 267 -6.30 11.11 29.17
C ILE G 267 -5.78 12.20 30.09
N ILE G 268 -5.31 13.30 29.50
CA ILE G 268 -4.83 14.46 30.24
C ILE G 268 -5.70 15.68 30.02
N THR G 269 -6.15 15.89 28.79
CA THR G 269 -6.85 17.09 28.36
C THR G 269 -8.23 16.77 27.83
N GLY G 270 -9.04 17.82 27.67
CA GLY G 270 -10.31 17.65 26.99
C GLY G 270 -10.16 17.12 25.57
N GLY G 271 -9.09 17.54 24.89
CA GLY G 271 -8.85 17.04 23.54
C GLY G 271 -8.64 15.53 23.52
N ASP G 272 -7.92 15.00 24.51
CA ASP G 272 -7.77 13.55 24.60
C ASP G 272 -9.13 12.87 24.75
N ILE G 273 -10.01 13.45 25.57
CA ILE G 273 -11.35 12.88 25.73
C ILE G 273 -12.09 12.84 24.39
N CYS G 274 -12.10 13.98 23.69
CA CYS G 274 -12.86 14.06 22.44
C CYS G 274 -12.34 13.05 21.44
N LYS G 275 -11.03 12.88 21.36
CA LYS G 275 -10.46 11.89 20.46
C LYS G 275 -10.96 10.48 20.80
N CYS G 276 -11.04 10.16 22.09
CA CYS G 276 -11.50 8.84 22.48
C CYS G 276 -12.97 8.63 22.11
N ILE G 277 -13.79 9.66 22.32
CA ILE G 277 -15.20 9.56 21.93
C ILE G 277 -15.32 9.37 20.42
N ALA G 278 -14.54 10.16 19.66
CA ALA G 278 -14.62 10.09 18.21
C ALA G 278 -14.29 8.70 17.69
N CYS G 279 -13.47 7.95 18.41
CA CYS G 279 -13.12 6.59 18.00
C CYS G 279 -14.12 5.54 18.49
N GLY G 280 -15.16 5.95 19.21
CA GLY G 280 -16.24 5.04 19.55
C GLY G 280 -16.61 4.98 21.02
N ALA G 281 -15.87 5.68 21.88
CA ALA G 281 -16.15 5.59 23.31
C ALA G 281 -17.46 6.28 23.65
N ASP G 282 -18.23 5.64 24.53
CA ASP G 282 -19.43 6.24 25.11
C ASP G 282 -19.14 7.07 26.35
N ALA G 283 -18.02 6.82 27.02
CA ALA G 283 -17.61 7.57 28.19
C ALA G 283 -16.12 7.31 28.39
N VAL G 284 -15.52 8.07 29.29
CA VAL G 284 -14.10 7.90 29.62
C VAL G 284 -13.95 7.69 31.11
N MET G 285 -12.96 6.91 31.48
CA MET G 285 -12.52 6.76 32.87
C MET G 285 -11.14 7.41 32.99
N ILE G 286 -11.02 8.39 33.88
CA ILE G 286 -9.79 9.15 34.02
C ILE G 286 -9.42 9.22 35.49
N GLY G 287 -8.11 9.23 35.75
CA GLY G 287 -7.61 9.31 37.10
C GLY G 287 -6.77 10.54 37.37
N SER G 288 -5.67 10.67 36.64
CA SER G 288 -4.74 11.75 36.94
C SER G 288 -5.37 13.13 36.83
N PRO G 289 -6.24 13.44 35.86
CA PRO G 289 -6.84 14.78 35.83
C PRO G 289 -7.67 15.10 37.07
N ILE G 290 -8.24 14.08 37.71
CA ILE G 290 -9.06 14.30 38.91
C ILE G 290 -8.21 14.26 40.17
N ALA G 291 -7.08 13.55 40.15
CA ALA G 291 -6.15 13.62 41.27
C ALA G 291 -5.61 15.03 41.47
N ARG G 292 -5.76 15.90 40.47
CA ARG G 292 -5.31 17.28 40.59
C ARG G 292 -6.33 18.17 41.28
N ALA G 293 -7.45 17.62 41.75
CA ALA G 293 -8.45 18.41 42.45
C ALA G 293 -8.02 18.68 43.88
N ALA G 294 -8.44 19.85 44.39
CA ALA G 294 -8.15 20.19 45.78
C ALA G 294 -8.71 19.14 46.73
N GLU G 295 -9.82 18.52 46.38
CA GLU G 295 -10.45 17.52 47.23
C GLU G 295 -9.89 16.12 47.04
N ALA G 296 -8.92 15.94 46.14
CA ALA G 296 -8.43 14.61 45.84
C ALA G 296 -7.67 14.05 47.04
N PRO G 297 -7.89 12.77 47.39
CA PRO G 297 -7.19 12.19 48.54
C PRO G 297 -5.68 12.04 48.34
N GLY G 298 -5.18 12.16 47.11
CA GLY G 298 -3.77 11.95 46.86
C GLY G 298 -2.85 13.05 47.35
N ARG G 299 -3.41 14.17 47.80
CA ARG G 299 -2.62 15.31 48.27
C ARG G 299 -1.63 15.78 47.20
N GLY G 300 -2.06 15.74 45.95
CA GLY G 300 -1.22 16.14 44.84
C GLY G 300 -0.44 15.02 44.20
N PHE G 301 -0.51 13.81 44.74
CA PHE G 301 0.16 12.65 44.18
C PHE G 301 -0.87 11.69 43.59
N HIS G 302 -0.38 10.83 42.70
CA HIS G 302 -1.23 9.91 41.94
C HIS G 302 -0.41 8.67 41.67
N TRP G 303 -0.89 7.51 42.13
CA TRP G 303 -0.13 6.27 41.99
C TRP G 303 -1.01 5.15 41.46
N GLY G 304 -0.36 4.24 40.74
CA GLY G 304 -1.06 3.07 40.23
C GLY G 304 -1.33 2.06 41.34
N MET G 305 -2.47 1.37 41.22
CA MET G 305 -2.89 0.40 42.23
C MET G 305 -2.15 -0.93 42.10
N ALA G 306 -1.25 -1.06 41.12
CA ALA G 306 -0.34 -2.19 41.07
C ALA G 306 1.06 -1.84 41.59
N THR G 307 1.30 -0.58 41.91
CA THR G 307 2.55 -0.22 42.58
C THR G 307 2.80 -1.04 43.84
N PRO G 308 1.81 -1.33 44.68
CA PRO G 308 2.07 -2.05 45.93
C PRO G 308 2.34 -3.54 45.76
N SER G 309 2.42 -4.04 44.54
CA SER G 309 2.67 -5.46 44.33
C SER G 309 3.93 -5.87 45.10
N PRO G 310 3.86 -6.90 45.95
CA PRO G 310 5.05 -7.26 46.73
C PRO G 310 6.18 -7.87 45.91
N VAL G 311 5.91 -8.31 44.67
CA VAL G 311 6.94 -9.00 43.89
C VAL G 311 7.27 -8.29 42.59
N LEU G 312 6.30 -7.60 42.00
CA LEU G 312 6.48 -6.98 40.69
C LEU G 312 5.56 -5.79 40.56
N PRO G 313 5.98 -4.63 41.06
CA PRO G 313 5.18 -3.41 40.86
C PRO G 313 4.98 -3.11 39.38
N ARG G 314 3.75 -2.76 39.04
CA ARG G 314 3.40 -2.33 37.68
C ARG G 314 2.79 -0.93 37.67
N GLY G 315 3.10 -0.13 38.69
CA GLY G 315 2.72 1.28 38.71
C GLY G 315 3.79 2.07 39.42
N THR G 316 3.63 3.40 39.37
CA THR G 316 4.54 4.31 40.05
C THR G 316 3.70 5.41 40.70
N ARG G 317 4.37 6.25 41.50
CA ARG G 317 3.75 7.42 42.11
C ARG G 317 4.30 8.67 41.44
N ILE G 318 3.42 9.44 40.81
CA ILE G 318 3.81 10.68 40.15
C ILE G 318 3.23 11.85 40.93
N ASN G 319 3.87 13.00 40.78
CA ASN G 319 3.42 14.25 41.38
C ASN G 319 2.64 15.03 40.33
N VAL G 320 1.32 15.04 40.46
CA VAL G 320 0.47 15.79 39.53
C VAL G 320 0.11 17.18 40.06
N GLY G 321 0.31 17.45 41.34
CA GLY G 321 -0.03 18.74 41.89
C GLY G 321 -1.53 18.91 42.08
N THR G 322 -1.90 20.14 42.43
CA THR G 322 -3.28 20.53 42.66
C THR G 322 -3.54 21.83 41.92
N THR G 323 -4.44 21.77 40.93
CA THR G 323 -4.65 22.90 40.02
C THR G 323 -5.99 23.59 40.20
N GLY G 324 -6.92 22.99 40.93
CA GLY G 324 -8.22 23.60 41.13
C GLY G 324 -9.16 22.64 41.84
N THR G 325 -10.39 23.11 42.01
CA THR G 325 -11.43 22.26 42.59
C THR G 325 -11.93 21.26 41.55
N ILE G 326 -12.54 20.17 42.04
CA ILE G 326 -13.12 19.19 41.13
C ILE G 326 -14.21 19.85 40.29
N ARG G 327 -14.94 20.81 40.85
CA ARG G 327 -15.93 21.54 40.06
C ARG G 327 -15.25 22.28 38.90
N GLU G 328 -14.19 23.03 39.19
CA GLU G 328 -13.48 23.73 38.13
C GLU G 328 -12.93 22.75 37.09
N ILE G 329 -12.40 21.62 37.54
CA ILE G 329 -11.83 20.65 36.62
C ILE G 329 -12.89 20.10 35.67
N LEU G 330 -14.08 19.83 36.20
CA LEU G 330 -15.10 19.18 35.37
C LEU G 330 -15.97 20.16 34.60
N VAL G 331 -16.43 21.25 35.24
CA VAL G 331 -17.38 22.17 34.62
C VAL G 331 -16.90 23.61 34.62
N GLY G 332 -15.68 23.88 35.08
CA GLY G 332 -15.11 25.21 35.00
C GLY G 332 -15.72 26.18 36.00
N PRO G 333 -15.53 27.49 35.77
CA PRO G 333 -14.77 28.09 34.66
C PRO G 333 -13.30 27.72 34.70
N ALA G 334 -12.66 27.59 33.53
CA ALA G 334 -11.27 27.18 33.46
C ALA G 334 -10.34 28.38 33.64
N LYS G 335 -9.39 28.26 34.57
CA LYS G 335 -8.36 29.28 34.76
C LYS G 335 -7.09 29.00 33.98
N LEU G 336 -6.99 27.84 33.33
CA LEU G 336 -5.76 27.39 32.70
C LEU G 336 -5.87 27.42 31.19
N ASP G 337 -4.71 27.36 30.52
CA ASP G 337 -4.61 27.48 29.07
C ASP G 337 -4.43 26.14 28.37
N ASP G 338 -4.46 25.02 29.10
CA ASP G 338 -4.03 23.74 28.55
C ASP G 338 -5.16 22.73 28.41
N GLY G 339 -6.40 23.13 28.67
CA GLY G 339 -7.50 22.22 28.48
C GLY G 339 -7.63 21.14 29.53
N THR G 340 -7.02 21.31 30.70
CA THR G 340 -7.16 20.35 31.79
C THR G 340 -8.24 20.74 32.78
N HIS G 341 -8.86 21.91 32.61
CA HIS G 341 -10.00 22.33 33.40
C HIS G 341 -11.22 22.44 32.50
N ASN G 342 -12.39 22.48 33.13
CA ASN G 342 -13.66 22.54 32.41
C ASN G 342 -13.73 21.50 31.31
N LEU G 343 -13.49 20.24 31.70
CA LEU G 343 -13.48 19.16 30.73
C LEU G 343 -14.82 19.02 30.02
N LEU G 344 -15.91 19.18 30.76
CA LEU G 344 -17.22 19.11 30.11
C LEU G 344 -17.39 20.20 29.08
N GLY G 345 -16.98 21.43 29.42
CA GLY G 345 -17.04 22.52 28.47
C GLY G 345 -16.17 22.27 27.25
N ALA G 346 -15.04 21.60 27.44
CA ALA G 346 -14.19 21.25 26.31
C ALA G 346 -14.89 20.29 25.37
N ILE G 347 -15.55 19.26 25.93
CA ILE G 347 -16.27 18.29 25.10
C ILE G 347 -17.35 19.00 24.30
N LYS G 348 -18.18 19.80 24.98
CA LYS G 348 -19.27 20.49 24.30
C LYS G 348 -18.75 21.47 23.25
N THR G 349 -17.67 22.19 23.56
CA THR G 349 -17.11 23.11 22.58
C THR G 349 -16.59 22.36 21.37
N SER G 350 -15.89 21.25 21.60
CA SER G 350 -15.38 20.45 20.49
C SER G 350 -16.53 19.92 19.64
N MET G 351 -17.53 19.30 20.28
CA MET G 351 -18.72 18.85 19.58
C MET G 351 -19.34 19.99 18.77
N GLY G 352 -19.30 21.20 19.31
CA GLY G 352 -19.81 22.34 18.58
C GLY G 352 -19.07 22.58 17.29
N THR G 353 -17.74 22.62 17.36
CA THR G 353 -16.94 22.88 16.16
C THR G 353 -17.12 21.79 15.12
N LEU G 354 -17.47 20.59 15.55
CA LEU G 354 -17.61 19.45 14.66
C LEU G 354 -19.04 19.22 14.21
N GLY G 355 -20.02 19.91 14.78
CA GLY G 355 -21.39 19.71 14.39
C GLY G 355 -22.02 18.45 14.94
N ALA G 356 -21.52 17.94 16.06
CA ALA G 356 -22.05 16.72 16.68
C ALA G 356 -23.08 17.11 17.72
N LYS G 357 -24.35 16.76 17.48
CA LYS G 357 -25.42 17.13 18.39
C LYS G 357 -25.41 16.29 19.67
N ASP G 358 -24.94 15.05 19.58
CA ASP G 358 -24.90 14.18 20.75
C ASP G 358 -23.69 13.26 20.63
N MET G 359 -23.49 12.44 21.66
CA MET G 359 -22.29 11.60 21.72
C MET G 359 -22.24 10.62 20.55
N LYS G 360 -23.39 10.10 20.13
CA LYS G 360 -23.38 9.17 19.00
C LYS G 360 -22.90 9.87 17.73
N GLU G 361 -23.31 11.12 17.52
CA GLU G 361 -22.80 11.88 16.39
C GLU G 361 -21.32 12.17 16.54
N MET G 362 -20.86 12.41 17.77
CA MET G 362 -19.43 12.61 18.00
C MET G 362 -18.62 11.38 17.60
N GLN G 363 -19.18 10.18 17.83
CA GLN G 363 -18.51 8.95 17.43
C GLN G 363 -18.41 8.79 15.92
N GLN G 364 -19.10 9.60 15.15
CA GLN G 364 -19.08 9.52 13.69
C GLN G 364 -18.23 10.60 13.03
N VAL G 365 -17.55 11.46 13.81
CA VAL G 365 -16.78 12.53 13.19
C VAL G 365 -15.57 11.94 12.45
N ASP G 366 -15.17 12.60 11.38
CA ASP G 366 -14.03 12.17 10.58
C ASP G 366 -12.73 12.37 11.36
N VAL G 367 -11.79 11.47 11.14
CA VAL G 367 -10.51 11.46 11.83
C VAL G 367 -9.39 11.49 10.81
N VAL G 368 -8.30 12.19 11.13
CA VAL G 368 -7.09 12.15 10.33
C VAL G 368 -5.97 11.56 11.17
N ILE G 369 -5.06 10.83 10.51
CA ILE G 369 -3.79 10.47 11.10
C ILE G 369 -2.88 11.67 10.96
N ALA G 370 -2.54 12.32 12.07
CA ALA G 370 -1.87 13.63 12.05
C ALA G 370 -0.91 13.73 13.22
N PRO G 371 0.23 13.04 13.14
CA PRO G 371 1.24 13.19 14.20
C PRO G 371 1.69 14.63 14.40
N SER G 372 1.57 15.47 13.37
CA SER G 372 1.97 16.88 13.47
C SER G 372 0.97 17.73 14.25
N LEU G 373 -0.17 17.16 14.65
CA LEU G 373 -1.15 17.95 15.40
C LEU G 373 -0.53 18.59 16.64
N LEU G 374 0.37 17.87 17.30
CA LEU G 374 0.95 18.31 18.56
C LEU G 374 2.30 19.00 18.38
N THR G 375 2.78 19.13 17.15
CA THR G 375 4.08 19.75 16.90
C THR G 375 4.01 21.01 16.07
N GLU G 376 3.08 21.10 15.11
CA GLU G 376 3.01 22.25 14.22
C GLU G 376 2.94 23.55 15.00
N GLY G 377 3.99 24.37 14.85
CA GLY G 377 4.01 25.70 15.41
C GLY G 377 4.21 25.79 16.90
N LYS G 378 4.45 24.67 17.59
CA LYS G 378 4.46 24.64 19.05
C LYS G 378 5.87 24.76 19.63
N VAL G 379 6.82 25.30 18.88
CA VAL G 379 8.19 25.37 19.37
C VAL G 379 8.27 26.22 20.64
N TYR G 380 7.59 27.37 20.66
CA TYR G 380 7.64 28.22 21.85
C TYR G 380 6.97 27.55 23.04
N GLN G 381 5.78 26.99 22.83
CA GLN G 381 5.06 26.35 23.93
C GLN G 381 5.88 25.23 24.54
N LYS G 382 6.55 24.42 23.71
CA LYS G 382 7.39 23.36 24.23
C LYS G 382 8.56 23.92 25.04
N ALA G 383 9.24 24.93 24.49
CA ALA G 383 10.43 25.47 25.15
C ALA G 383 10.07 26.14 26.47
N GLN G 384 8.94 26.83 26.52
CA GLN G 384 8.54 27.60 27.69
C GLN G 384 7.57 26.87 28.59
N GLN G 385 7.25 25.62 28.27
CA GLN G 385 6.36 24.79 29.08
C GLN G 385 5.03 25.50 29.31
N LEU G 386 4.41 25.94 28.22
CA LEU G 386 3.13 26.63 28.27
C LEU G 386 2.13 25.93 27.37
N GLY G 387 0.85 26.05 27.70
CA GLY G 387 -0.21 25.47 26.91
C GLY G 387 -0.04 23.98 26.67
N MET G 388 0.05 23.60 25.39
CA MET G 388 0.20 22.19 25.03
C MET G 388 1.58 21.65 25.36
N GLY G 389 2.50 22.50 25.79
CA GLY G 389 3.84 22.06 26.15
C GLY G 389 4.06 21.84 27.62
N LYS G 390 3.00 21.80 28.42
CA LYS G 390 3.18 21.67 29.86
C LYS G 390 3.42 20.21 30.24
N GLY H 1 -16.88 11.41 5.58
CA GLY H 1 -16.34 10.33 4.70
C GLY H 1 -15.24 10.83 3.79
N SER H 2 -14.42 9.90 3.30
CA SER H 2 -13.29 10.25 2.45
C SER H 2 -12.97 9.08 1.53
N HIS H 3 -12.28 9.37 0.43
CA HIS H 3 -11.82 8.34 -0.49
C HIS H 3 -10.57 7.64 0.01
N MET H 4 -9.97 8.09 1.11
CA MET H 4 -8.88 7.41 1.77
C MET H 4 -9.33 6.95 3.15
N ASN H 5 -9.08 5.67 3.46
CA ASN H 5 -9.57 5.06 4.70
C ASN H 5 -8.54 4.12 5.32
N ILE H 6 -7.47 4.71 5.88
CA ILE H 6 -6.60 3.97 6.78
C ILE H 6 -7.41 3.48 7.97
N THR H 7 -7.06 2.29 8.46
CA THR H 7 -7.82 1.66 9.53
C THR H 7 -7.23 2.02 10.90
N ILE H 8 -8.03 2.68 11.73
CA ILE H 8 -7.70 2.83 13.14
C ILE H 8 -8.09 1.56 13.89
N GLY H 9 -9.32 1.10 13.69
CA GLY H 9 -9.79 -0.16 14.21
C GLY H 9 -11.00 -0.58 13.39
N ARG H 10 -11.58 -1.72 13.77
CA ARG H 10 -12.79 -2.19 13.09
C ARG H 10 -13.84 -1.09 13.11
N GLY H 11 -14.34 -0.74 11.93
CA GLY H 11 -15.39 0.25 11.83
C GLY H 11 -14.97 1.69 12.04
N LYS H 12 -13.68 1.99 12.14
CA LYS H 12 -13.22 3.36 12.25
C LYS H 12 -12.02 3.56 11.35
N THR H 13 -12.15 4.45 10.37
CA THR H 13 -11.09 4.74 9.42
C THR H 13 -10.63 6.19 9.56
N ALA H 14 -9.53 6.51 8.89
CA ALA H 14 -8.98 7.85 8.90
C ALA H 14 -8.17 8.04 7.63
N ARG H 15 -7.83 9.28 7.33
CA ARG H 15 -6.93 9.60 6.24
C ARG H 15 -5.69 10.32 6.77
N ARG H 16 -4.57 10.05 6.12
CA ARG H 16 -3.30 10.64 6.53
C ARG H 16 -3.24 12.09 6.10
N ALA H 17 -2.88 12.96 7.04
CA ALA H 17 -2.69 14.38 6.78
C ALA H 17 -1.27 14.74 7.19
N TYR H 18 -0.62 15.58 6.39
CA TYR H 18 0.79 15.88 6.55
C TYR H 18 0.97 17.33 7.01
N GLY H 19 1.89 17.50 7.96
CA GLY H 19 2.16 18.81 8.52
C GLY H 19 3.28 19.55 7.81
N ILE H 20 3.39 20.84 8.12
CA ILE H 20 4.42 21.68 7.52
C ILE H 20 5.79 21.07 7.74
N ASP H 21 6.02 20.51 8.93
CA ASP H 21 7.32 19.96 9.29
C ASP H 21 7.59 18.60 8.66
N GLU H 22 6.70 18.10 7.81
CA GLU H 22 6.87 16.79 7.21
C GLU H 22 7.22 16.82 5.72
N ILE H 23 7.22 18.00 5.09
CA ILE H 23 7.39 18.08 3.65
C ILE H 23 8.56 18.98 3.29
N ALA H 24 8.98 18.89 2.02
CA ALA H 24 10.05 19.71 1.48
C ALA H 24 9.83 19.90 -0.01
N LEU H 25 10.48 20.92 -0.58
CA LEU H 25 10.29 21.29 -1.97
C LEU H 25 11.45 20.80 -2.81
N VAL H 26 11.16 20.35 -4.02
CA VAL H 26 12.14 19.72 -4.90
C VAL H 26 12.44 20.66 -6.06
N PRO H 27 13.71 20.91 -6.39
CA PRO H 27 14.01 21.71 -7.58
C PRO H 27 13.35 21.12 -8.82
N GLY H 28 13.03 21.99 -9.75
CA GLY H 28 12.42 21.62 -11.02
C GLY H 28 13.44 21.50 -12.13
N VAL H 29 13.00 21.84 -13.34
CA VAL H 29 13.87 21.69 -14.50
C VAL H 29 14.82 22.88 -14.65
N ARG H 30 14.51 24.03 -14.03
CA ARG H 30 15.31 25.24 -14.21
C ARG H 30 15.37 26.03 -12.91
N THR H 31 16.36 26.91 -12.83
CA THR H 31 16.46 27.93 -11.81
C THR H 31 16.24 29.30 -12.47
N LEU H 32 16.02 30.32 -11.63
CA LEU H 32 15.86 31.68 -12.12
C LEU H 32 16.34 32.66 -11.06
N ASP H 33 16.69 33.86 -11.52
CA ASP H 33 17.18 34.90 -10.64
C ASP H 33 16.08 35.34 -9.68
N PRO H 34 16.35 35.41 -8.37
CA PRO H 34 15.29 35.79 -7.42
C PRO H 34 14.60 37.10 -7.76
N ALA H 35 15.31 38.03 -8.40
CA ALA H 35 14.71 39.32 -8.75
C ALA H 35 13.53 39.16 -9.70
N LEU H 36 13.45 38.04 -10.40
CA LEU H 36 12.36 37.80 -11.35
C LEU H 36 11.15 37.15 -10.72
N ALA H 37 11.22 36.77 -9.44
CA ALA H 37 10.14 36.03 -8.80
C ALA H 37 9.00 36.98 -8.47
N ASP H 38 7.82 36.74 -9.04
CA ASP H 38 6.64 37.56 -8.82
C ASP H 38 5.87 36.99 -7.65
N THR H 39 5.78 37.75 -6.56
CA THR H 39 5.16 37.28 -5.32
C THR H 39 3.80 37.90 -5.08
N ARG H 40 3.24 38.58 -6.07
CA ARG H 40 2.00 39.33 -5.86
C ARG H 40 0.83 38.39 -5.60
N TRP H 41 -0.14 38.89 -4.84
CA TRP H 41 -1.46 38.29 -4.74
C TRP H 41 -2.47 39.42 -4.74
N LYS H 42 -3.76 39.06 -4.83
CA LYS H 42 -4.81 40.06 -4.91
C LYS H 42 -6.07 39.51 -4.25
N VAL H 43 -6.69 40.38 -3.44
CA VAL H 43 -7.96 40.08 -2.78
C VAL H 43 -8.91 41.23 -3.11
N GLY H 44 -10.07 40.90 -3.64
CA GLY H 44 -10.93 41.94 -4.17
C GLY H 44 -10.22 42.66 -5.29
N ALA H 45 -10.15 44.00 -5.19
CA ALA H 45 -9.40 44.81 -6.13
C ALA H 45 -8.08 45.29 -5.54
N ILE H 46 -7.65 44.74 -4.41
CA ILE H 46 -6.46 45.19 -3.71
C ILE H 46 -5.31 44.25 -4.06
N GLU H 47 -4.34 44.74 -4.83
CA GLU H 47 -3.13 43.99 -5.13
C GLU H 47 -2.08 44.29 -4.07
N ARG H 48 -1.31 43.27 -3.71
CA ARG H 48 -0.28 43.38 -2.70
C ARG H 48 0.99 42.71 -3.22
N GLU H 49 2.12 43.41 -3.09
CA GLU H 49 3.39 42.83 -3.52
C GLU H 49 3.86 41.72 -2.58
N ILE H 50 3.55 41.83 -1.30
CA ILE H 50 3.96 40.85 -0.29
C ILE H 50 2.75 39.97 0.03
N PRO H 51 2.81 38.64 -0.22
CA PRO H 51 1.67 37.76 0.04
C PRO H 51 1.55 37.34 1.51
N ILE H 52 1.61 38.32 2.41
CA ILE H 52 1.59 38.09 3.85
C ILE H 52 0.57 39.01 4.49
N ILE H 53 -0.24 38.45 5.39
CA ILE H 53 -1.20 39.20 6.19
C ILE H 53 -0.89 38.98 7.65
N ALA H 54 -0.83 40.07 8.43
CA ALA H 54 -0.65 39.95 9.87
C ALA H 54 -1.95 39.54 10.54
N SER H 55 -1.87 38.53 11.41
CA SER H 55 -3.06 38.01 12.07
C SER H 55 -3.75 39.09 12.90
N ALA H 56 -5.07 38.93 13.08
CA ALA H 56 -5.88 39.82 13.89
C ALA H 56 -5.71 39.44 15.36
N MET H 57 -4.55 39.82 15.92
CA MET H 57 -4.18 39.46 17.27
C MET H 57 -3.56 40.66 17.96
N ASP H 58 -3.91 40.87 19.23
CA ASP H 58 -3.58 42.11 19.90
C ASP H 58 -2.09 42.27 20.15
N GLY H 59 -1.33 41.18 20.16
CA GLY H 59 0.12 41.29 20.24
C GLY H 59 0.80 41.59 18.93
N VAL H 60 0.06 41.52 17.83
CA VAL H 60 0.63 41.60 16.48
C VAL H 60 0.28 42.93 15.81
N VAL H 61 -1.00 43.29 15.79
CA VAL H 61 -1.48 44.40 14.98
C VAL H 61 -2.20 45.41 15.87
N ASP H 62 -1.74 46.64 15.85
CA ASP H 62 -2.50 47.80 16.28
C ASP H 62 -2.60 48.76 15.08
N SER H 63 -3.10 49.96 15.33
CA SER H 63 -3.27 50.90 14.23
C SER H 63 -1.94 51.23 13.58
N ARG H 64 -0.89 51.44 14.38
CA ARG H 64 0.42 51.77 13.83
C ARG H 64 0.94 50.64 12.95
N MET H 65 0.91 49.41 13.47
CA MET H 65 1.42 48.28 12.69
C MET H 65 0.65 48.11 11.38
N ALA H 66 -0.67 48.28 11.42
CA ALA H 66 -1.47 48.12 10.20
C ALA H 66 -0.99 49.06 9.11
N VAL H 67 -0.64 50.31 9.47
CA VAL H 67 -0.18 51.27 8.47
C VAL H 67 1.20 50.87 7.96
N LEU H 68 2.11 50.52 8.87
CA LEU H 68 3.45 50.10 8.45
C LEU H 68 3.38 48.92 7.49
N LEU H 69 2.53 47.95 7.78
CA LEU H 69 2.41 46.78 6.91
C LEU H 69 1.90 47.18 5.53
N SER H 70 0.86 48.02 5.47
CA SER H 70 0.36 48.47 4.18
CA SER H 70 0.36 48.48 4.18
C SER H 70 1.46 49.17 3.38
N GLU H 71 2.27 49.99 4.05
CA GLU H 71 3.28 50.76 3.34
C GLU H 71 4.31 49.83 2.69
N LEU H 72 4.62 48.72 3.36
CA LEU H 72 5.61 47.78 2.86
C LEU H 72 5.08 46.88 1.76
N GLY H 73 3.78 46.91 1.49
CA GLY H 73 3.19 46.04 0.51
C GLY H 73 2.45 44.84 1.06
N ALA H 74 2.23 44.80 2.37
CA ALA H 74 1.51 43.70 2.99
C ALA H 74 0.22 44.21 3.59
N LEU H 75 -0.33 43.48 4.57
CA LEU H 75 -1.60 43.83 5.18
C LEU H 75 -1.58 43.47 6.65
N GLY H 76 -2.35 44.21 7.43
CA GLY H 76 -2.56 43.88 8.84
C GLY H 76 -4.03 44.00 9.18
N VAL H 77 -4.52 43.05 9.97
CA VAL H 77 -5.93 42.99 10.32
C VAL H 77 -6.06 43.34 11.80
N VAL H 78 -6.88 44.34 12.10
CA VAL H 78 -7.18 44.71 13.49
C VAL H 78 -8.37 43.90 13.97
N ASN H 79 -8.21 43.23 15.12
CA ASN H 79 -9.29 42.47 15.72
C ASN H 79 -10.23 43.44 16.45
N LEU H 80 -11.45 43.56 15.94
CA LEU H 80 -12.41 44.50 16.51
C LEU H 80 -13.05 44.00 17.79
N GLU H 81 -12.69 42.81 18.27
CA GLU H 81 -13.19 42.30 19.54
C GLU H 81 -12.08 42.18 20.58
N GLY H 82 -10.91 42.76 20.32
CA GLY H 82 -9.81 42.78 21.25
C GLY H 82 -9.69 44.08 22.02
N ILE H 83 -8.50 44.31 22.56
CA ILE H 83 -8.28 45.49 23.39
C ILE H 83 -8.39 46.78 22.60
N GLN H 84 -8.19 46.72 21.29
CA GLN H 84 -8.19 47.95 20.51
C GLN H 84 -9.55 48.63 20.50
N THR H 85 -10.63 47.87 20.64
CA THR H 85 -11.98 48.43 20.69
C THR H 85 -12.55 48.47 22.10
N ARG H 86 -11.82 47.93 23.08
CA ARG H 86 -12.25 47.94 24.46
C ARG H 86 -11.57 49.02 25.28
N TYR H 87 -10.48 49.60 24.79
CA TYR H 87 -9.76 50.64 25.50
C TYR H 87 -9.38 51.74 24.53
N GLU H 88 -9.63 52.99 24.93
CA GLU H 88 -9.22 54.13 24.11
C GLU H 88 -7.71 54.19 23.98
N ASP H 89 -7.01 53.93 25.10
CA ASP H 89 -5.54 53.88 25.13
C ASP H 89 -5.15 52.45 25.50
N PRO H 90 -4.85 51.59 24.52
CA PRO H 90 -4.53 50.19 24.87
C PRO H 90 -3.17 50.02 25.53
N ASN H 91 -2.30 51.02 25.47
CA ASN H 91 -0.91 50.83 25.88
C ASN H 91 -0.76 50.39 27.33
N PRO H 92 -1.40 51.03 28.31
CA PRO H 92 -1.28 50.53 29.69
C PRO H 92 -1.74 49.09 29.82
N ILE H 93 -2.73 48.69 29.02
CA ILE H 93 -3.23 47.31 29.09
C ILE H 93 -2.19 46.35 28.54
N LEU H 94 -1.60 46.69 27.40
CA LEU H 94 -0.56 45.85 26.81
C LEU H 94 0.64 45.71 27.75
N ASP H 95 0.99 46.79 28.46
CA ASP H 95 2.08 46.70 29.42
C ASP H 95 1.79 45.66 30.48
N ARG H 96 0.56 45.69 31.01
CA ARG H 96 0.19 44.75 32.07
C ARG H 96 0.27 43.32 31.57
N ILE H 97 -0.26 43.07 30.38
CA ILE H 97 -0.25 41.73 29.82
C ILE H 97 1.18 41.23 29.69
N ALA H 98 2.09 42.12 29.31
CA ALA H 98 3.49 41.75 29.10
C ALA H 98 4.28 41.65 30.39
N SER H 99 3.85 42.30 31.47
CA SER H 99 4.64 42.33 32.69
C SER H 99 4.30 41.21 33.67
N VAL H 100 3.11 40.62 33.58
CA VAL H 100 2.69 39.62 34.55
C VAL H 100 3.32 38.26 34.21
N GLY H 101 3.33 37.37 35.22
CA GLY H 101 3.99 36.10 35.12
C GLY H 101 3.20 35.03 34.39
N LYS H 102 3.85 33.88 34.24
CA LYS H 102 3.27 32.77 33.47
C LYS H 102 2.00 32.25 34.13
N THR H 103 1.94 32.25 35.47
CA THR H 103 0.79 31.70 36.18
C THR H 103 -0.33 32.71 36.34
N GLU H 104 -0.20 33.92 35.80
CA GLU H 104 -1.16 34.99 36.06
C GLU H 104 -1.81 35.57 34.82
N PHE H 105 -1.25 35.35 33.62
CA PHE H 105 -1.76 36.09 32.47
C PHE H 105 -3.16 35.65 32.06
N VAL H 106 -3.52 34.38 32.25
CA VAL H 106 -4.85 33.92 31.87
C VAL H 106 -5.92 34.68 32.64
N GLY H 107 -5.81 34.66 33.97
CA GLY H 107 -6.78 35.37 34.79
C GLY H 107 -6.79 36.86 34.50
N LEU H 108 -5.60 37.44 34.24
CA LEU H 108 -5.53 38.86 33.95
C LEU H 108 -6.32 39.17 32.68
N MET H 109 -6.10 38.40 31.61
CA MET H 109 -6.76 38.67 30.34
CA MET H 109 -6.76 38.65 30.34
C MET H 109 -8.26 38.43 30.45
N GLN H 110 -8.68 37.35 31.13
CA GLN H 110 -10.11 37.13 31.31
C GLN H 110 -10.78 38.37 31.88
N GLU H 111 -10.08 39.07 32.79
CA GLU H 111 -10.60 40.31 33.34
C GLU H 111 -10.51 41.45 32.34
N LEU H 112 -9.33 41.67 31.77
CA LEU H 112 -9.13 42.84 30.92
C LEU H 112 -10.03 42.81 29.69
N TYR H 113 -10.20 41.64 29.07
CA TYR H 113 -11.02 41.51 27.89
C TYR H 113 -12.51 41.53 28.20
N ALA H 114 -12.88 41.62 29.48
CA ALA H 114 -14.28 41.77 29.86
C ALA H 114 -14.77 43.21 29.69
N GLU H 115 -13.86 44.18 29.56
CA GLU H 115 -14.26 45.55 29.29
C GLU H 115 -15.09 45.58 28.01
N PRO H 116 -16.30 46.14 28.03
CA PRO H 116 -17.16 46.04 26.84
C PRO H 116 -16.56 46.73 25.64
N ILE H 117 -16.92 46.22 24.45
CA ILE H 117 -16.54 46.87 23.21
C ILE H 117 -17.24 48.22 23.10
N LYS H 118 -16.50 49.23 22.65
CA LYS H 118 -17.03 50.55 22.39
C LYS H 118 -17.20 50.73 20.88
N PRO H 119 -18.43 50.72 20.36
CA PRO H 119 -18.59 50.81 18.89
C PRO H 119 -17.90 51.99 18.26
N GLU H 120 -17.81 53.13 18.96
CA GLU H 120 -17.14 54.28 18.39
C GLU H 120 -15.68 53.99 18.07
N LEU H 121 -15.06 53.09 18.83
CA LEU H 121 -13.68 52.73 18.59
C LEU H 121 -13.52 51.91 17.31
N ILE H 122 -14.54 51.14 16.93
CA ILE H 122 -14.50 50.45 15.64
C ILE H 122 -14.27 51.46 14.52
N THR H 123 -15.08 52.51 14.49
CA THR H 123 -14.93 53.54 13.46
C THR H 123 -13.57 54.22 13.57
N LYS H 124 -13.14 54.55 14.79
CA LYS H 124 -11.91 55.31 14.95
C LYS H 124 -10.71 54.55 14.40
N ARG H 125 -10.58 53.27 14.76
CA ARG H 125 -9.43 52.49 14.29
C ARG H 125 -9.40 52.45 12.76
N ILE H 126 -10.56 52.21 12.14
CA ILE H 126 -10.63 52.17 10.68
C ILE H 126 -10.16 53.51 10.10
N GLN H 127 -10.68 54.61 10.64
CA GLN H 127 -10.42 55.91 10.01
C GLN H 127 -9.01 56.42 10.28
N GLU H 128 -8.45 56.14 11.47
CA GLU H 128 -7.09 56.59 11.73
C GLU H 128 -6.08 55.81 10.91
N ILE H 129 -6.37 54.55 10.59
CA ILE H 129 -5.50 53.79 9.70
C ILE H 129 -5.53 54.40 8.30
N GLN H 130 -6.73 54.65 7.78
CA GLN H 130 -6.87 55.19 6.44
C GLN H 130 -6.35 56.62 6.36
N ALA H 131 -6.61 57.42 7.39
CA ALA H 131 -6.12 58.80 7.38
C ALA H 131 -4.60 58.82 7.30
N ALA H 132 -3.93 57.81 7.85
CA ALA H 132 -2.48 57.70 7.75
C ALA H 132 -2.04 57.07 6.44
N GLY H 133 -2.97 56.77 5.54
CA GLY H 133 -2.64 56.21 4.25
C GLY H 133 -2.59 54.71 4.18
N GLY H 134 -3.11 54.01 5.20
CA GLY H 134 -3.07 52.57 5.24
C GLY H 134 -4.35 51.88 4.79
N ILE H 135 -4.22 50.61 4.43
CA ILE H 135 -5.36 49.76 4.12
C ILE H 135 -5.96 49.26 5.43
N ALA H 136 -7.25 49.54 5.64
CA ALA H 136 -7.93 49.19 6.88
C ALA H 136 -8.59 47.83 6.71
N ALA H 137 -7.98 46.81 7.29
CA ALA H 137 -8.54 45.47 7.34
C ALA H 137 -8.89 45.14 8.78
N VAL H 138 -10.11 44.65 9.00
CA VAL H 138 -10.63 44.42 10.34
C VAL H 138 -11.31 43.06 10.39
N SER H 139 -11.33 42.47 11.56
CA SER H 139 -11.90 41.13 11.75
C SER H 139 -12.99 41.14 12.81
N LEU H 140 -13.97 40.27 12.60
CA LEU H 140 -15.02 40.00 13.57
C LEU H 140 -15.32 38.52 13.56
N THR H 141 -15.75 37.99 14.70
CA THR H 141 -16.31 36.66 14.74
C THR H 141 -17.71 36.68 14.11
N PRO H 142 -18.23 35.52 13.71
CA PRO H 142 -19.62 35.50 13.19
C PRO H 142 -20.61 36.18 14.11
N VAL H 143 -20.53 35.91 15.41
CA VAL H 143 -21.41 36.59 16.36
C VAL H 143 -21.15 38.09 16.37
N GLY H 144 -19.88 38.48 16.31
CA GLY H 144 -19.54 39.89 16.26
C GLY H 144 -20.09 40.57 15.02
N ALA H 145 -20.05 39.87 13.88
CA ALA H 145 -20.55 40.44 12.65
C ALA H 145 -22.04 40.73 12.73
N SER H 146 -22.80 39.84 13.37
CA SER H 146 -24.24 40.06 13.51
C SER H 146 -24.53 41.36 14.24
N LYS H 147 -23.59 41.84 15.07
CA LYS H 147 -23.80 43.03 15.87
C LYS H 147 -23.15 44.27 15.26
N TYR H 148 -22.00 44.14 14.61
CA TYR H 148 -21.21 45.30 14.22
C TYR H 148 -20.90 45.39 12.74
N ALA H 149 -21.40 44.48 11.90
CA ALA H 149 -21.05 44.53 10.49
C ALA H 149 -21.48 45.85 9.86
N SER H 150 -22.66 46.34 10.22
CA SER H 150 -23.12 47.62 9.68
C SER H 150 -22.24 48.77 10.13
N THR H 151 -21.72 48.69 11.35
CA THR H 151 -20.78 49.70 11.82
C THR H 151 -19.53 49.71 10.95
N VAL H 152 -19.03 48.53 10.60
CA VAL H 152 -17.85 48.43 9.74
C VAL H 152 -18.15 49.00 8.37
N ALA H 153 -19.33 48.67 7.82
CA ALA H 153 -19.70 49.19 6.51
C ALA H 153 -19.80 50.72 6.54
N GLU H 154 -20.50 51.26 7.55
CA GLU H 154 -20.64 52.71 7.63
C GLU H 154 -19.29 53.38 7.79
N ALA H 155 -18.36 52.74 8.49
CA ALA H 155 -17.03 53.33 8.65
C ALA H 155 -16.21 53.27 7.38
N GLY H 156 -16.55 52.37 6.45
CA GLY H 156 -15.86 52.30 5.18
C GLY H 156 -14.55 51.55 5.22
N ALA H 157 -14.49 50.44 5.96
CA ALA H 157 -13.29 49.62 5.99
C ALA H 157 -12.98 49.07 4.59
N ASP H 158 -11.69 48.84 4.35
CA ASP H 158 -11.27 48.31 3.05
C ASP H 158 -11.49 46.80 2.95
N LEU H 159 -11.33 46.07 4.04
CA LEU H 159 -11.52 44.63 4.06
C LEU H 159 -12.15 44.21 5.37
N LEU H 160 -13.07 43.26 5.30
CA LEU H 160 -13.69 42.66 6.46
C LEU H 160 -13.34 41.18 6.52
N PHE H 161 -12.78 40.74 7.64
CA PHE H 161 -12.47 39.34 7.87
C PHE H 161 -13.48 38.78 8.87
N ILE H 162 -14.27 37.80 8.45
CA ILE H 162 -15.11 37.04 9.35
C ILE H 162 -14.32 35.79 9.71
N GLN H 163 -13.88 35.70 10.97
CA GLN H 163 -12.97 34.64 11.38
C GLN H 163 -13.45 34.01 12.68
N ALA H 164 -13.74 32.72 12.62
CA ALA H 164 -13.96 31.90 13.79
C ALA H 164 -12.96 30.75 13.76
N THR H 165 -12.69 30.18 14.93
CA THR H 165 -11.78 29.03 14.99
C THR H 165 -12.22 27.96 13.98
N VAL H 166 -13.52 27.68 13.92
CA VAL H 166 -14.09 26.76 12.93
C VAL H 166 -15.38 27.38 12.43
N VAL H 167 -15.45 27.66 11.13
CA VAL H 167 -16.63 28.29 10.54
C VAL H 167 -17.22 27.35 9.49
N SER H 168 -18.53 27.47 9.30
CA SER H 168 -19.22 26.81 8.21
C SER H 168 -20.36 27.70 7.73
N THR H 169 -20.83 27.44 6.51
CA THR H 169 -22.03 28.11 6.02
C THR H 169 -23.28 27.62 6.75
N ALA H 170 -23.22 26.44 7.37
CA ALA H 170 -24.34 25.84 8.08
C ALA H 170 -24.00 25.83 9.57
N HIS H 171 -24.76 26.61 10.35
CA HIS H 171 -24.56 26.67 11.79
C HIS H 171 -25.92 26.55 12.48
N LEU H 172 -26.01 25.65 13.48
CA LEU H 172 -27.26 25.40 14.23
C LEU H 172 -27.25 26.25 15.50
N SER H 173 -27.81 27.47 15.47
CA SER H 173 -27.90 28.35 16.65
C SER H 173 -28.99 27.83 17.60
N PRO H 174 -28.99 28.23 18.89
CA PRO H 174 -30.06 27.82 19.81
C PRO H 174 -31.45 28.27 19.33
N GLU H 175 -32.52 27.63 19.80
CA GLU H 175 -33.90 27.95 19.38
C GLU H 175 -34.17 29.45 19.52
N SER H 176 -34.80 30.08 18.52
CA SER H 176 -35.15 31.51 18.54
C SER H 176 -33.91 32.37 18.29
N VAL H 177 -32.79 31.76 17.88
CA VAL H 177 -31.52 32.49 17.58
C VAL H 177 -31.23 32.30 16.09
N GLU H 178 -31.05 33.40 15.34
CA GLU H 178 -30.81 33.36 13.87
C GLU H 178 -29.30 33.37 13.60
N SER H 179 -28.76 32.32 12.98
CA SER H 179 -27.35 32.24 12.64
C SER H 179 -27.01 33.26 11.56
N LEU H 180 -25.74 33.67 11.54
CA LEU H 180 -25.29 34.62 10.53
C LEU H 180 -25.44 34.05 9.13
N ASP H 181 -26.16 34.76 8.29
CA ASP H 181 -26.33 34.40 6.88
C ASP H 181 -25.15 34.94 6.09
N LEU H 182 -24.19 34.07 5.80
CA LEU H 182 -22.96 34.52 5.14
C LEU H 182 -23.22 34.98 3.70
N VAL H 183 -24.20 34.37 3.03
CA VAL H 183 -24.54 34.82 1.68
C VAL H 183 -25.03 36.27 1.70
N LYS H 184 -25.98 36.56 2.61
CA LYS H 184 -26.49 37.92 2.72
C LYS H 184 -25.37 38.89 3.13
N LEU H 185 -24.51 38.48 4.05
CA LEU H 185 -23.43 39.35 4.48
C LEU H 185 -22.56 39.77 3.31
N CYS H 186 -22.09 38.81 2.52
CA CYS H 186 -21.23 39.14 1.40
C CYS H 186 -21.95 40.00 0.37
N GLN H 187 -23.24 39.76 0.18
CA GLN H 187 -24.01 40.55 -0.78
C GLN H 187 -24.19 41.99 -0.32
N GLU H 188 -24.43 42.20 0.97
CA GLU H 188 -24.74 43.53 1.48
C GLU H 188 -23.52 44.35 1.83
N MET H 189 -22.41 43.72 2.22
CA MET H 189 -21.20 44.47 2.55
C MET H 189 -20.64 45.15 1.31
N PRO H 190 -20.29 46.44 1.39
CA PRO H 190 -19.74 47.12 0.21
C PRO H 190 -18.28 46.78 -0.09
N MET H 191 -17.60 46.03 0.79
CA MET H 191 -16.19 45.71 0.57
C MET H 191 -16.03 44.20 0.49
N PRO H 192 -14.87 43.69 0.06
CA PRO H 192 -14.66 42.24 0.06
C PRO H 192 -14.69 41.67 1.48
N VAL H 193 -15.23 40.46 1.60
CA VAL H 193 -15.37 39.79 2.88
C VAL H 193 -14.61 38.48 2.81
N VAL H 194 -13.60 38.33 3.66
CA VAL H 194 -12.83 37.10 3.80
C VAL H 194 -13.43 36.26 4.90
N LEU H 195 -13.54 34.95 4.67
CA LEU H 195 -14.23 34.05 5.59
C LEU H 195 -13.30 32.94 6.04
N GLY H 196 -13.41 32.56 7.30
CA GLY H 196 -12.64 31.45 7.84
C GLY H 196 -13.01 31.21 9.29
N ASN H 197 -12.39 30.19 9.88
CA ASN H 197 -11.42 29.33 9.24
C ASN H 197 -12.00 27.94 8.95
N CYS H 198 -11.42 27.25 7.97
CA CYS H 198 -11.83 25.90 7.59
C CYS H 198 -10.59 25.10 7.22
N VAL H 199 -10.79 23.81 6.99
CA VAL H 199 -9.68 22.95 6.57
C VAL H 199 -10.12 21.90 5.56
N THR H 200 -11.36 21.97 5.10
CA THR H 200 -11.90 20.94 4.22
C THR H 200 -12.33 21.54 2.89
N TYR H 201 -12.23 20.71 1.84
CA TYR H 201 -12.77 21.05 0.52
C TYR H 201 -14.23 21.45 0.60
N GLU H 202 -15.03 20.66 1.32
CA GLU H 202 -16.48 20.87 1.32
C GLU H 202 -16.84 22.25 1.88
N VAL H 203 -16.23 22.62 3.00
CA VAL H 203 -16.58 23.90 3.63
C VAL H 203 -16.04 25.08 2.82
N SER H 204 -14.77 25.00 2.40
CA SER H 204 -14.20 26.11 1.64
C SER H 204 -14.98 26.37 0.36
N LEU H 205 -15.41 25.30 -0.32
CA LEU H 205 -16.20 25.49 -1.54
C LEU H 205 -17.50 26.21 -1.24
N GLU H 206 -18.16 25.88 -0.13
CA GLU H 206 -19.40 26.56 0.20
C GLU H 206 -19.16 28.01 0.59
N LEU H 207 -18.05 28.29 1.28
CA LEU H 207 -17.69 29.67 1.59
C LEU H 207 -17.46 30.47 0.32
N MET H 208 -16.81 29.86 -0.69
CA MET H 208 -16.63 30.53 -1.98
C MET H 208 -17.98 30.77 -2.65
N ARG H 209 -18.85 29.76 -2.66
CA ARG H 209 -20.16 29.93 -3.26
C ARG H 209 -21.00 30.97 -2.53
N ALA H 210 -20.74 31.17 -1.23
CA ALA H 210 -21.46 32.19 -0.49
C ALA H 210 -21.02 33.60 -0.85
N GLY H 211 -19.87 33.75 -1.52
CA GLY H 211 -19.42 35.05 -1.96
C GLY H 211 -18.13 35.51 -1.32
N ALA H 212 -17.38 34.60 -0.71
CA ALA H 212 -16.14 34.98 -0.06
C ALA H 212 -15.16 35.57 -1.06
N ALA H 213 -14.48 36.64 -0.67
CA ALA H 213 -13.37 37.17 -1.46
C ALA H 213 -12.09 36.39 -1.25
N ALA H 214 -12.01 35.63 -0.17
CA ALA H 214 -10.86 34.77 0.15
C ALA H 214 -11.28 33.87 1.31
N VAL H 215 -10.56 32.78 1.47
CA VAL H 215 -10.84 31.79 2.52
C VAL H 215 -9.58 31.60 3.35
N LEU H 216 -9.75 31.60 4.68
CA LEU H 216 -8.67 31.37 5.62
C LEU H 216 -8.64 29.91 6.02
N VAL H 217 -7.47 29.28 5.86
CA VAL H 217 -7.30 27.85 6.08
C VAL H 217 -6.41 27.65 7.30
N GLY H 218 -6.91 26.89 8.27
CA GLY H 218 -6.12 26.51 9.43
C GLY H 218 -6.92 26.45 10.71
N ILE H 219 -6.75 25.36 11.46
CA ILE H 219 -7.38 25.19 12.77
C ILE H 219 -6.30 24.72 13.74
N GLY H 220 -5.77 25.62 14.55
CA GLY H 220 -4.91 25.26 15.64
C GLY H 220 -3.41 25.15 15.40
N PRO H 221 -2.90 25.45 14.20
CA PRO H 221 -1.44 25.37 14.01
C PRO H 221 -0.68 26.51 14.67
N GLY H 222 -1.36 27.52 15.19
CA GLY H 222 -0.68 28.73 15.62
C GLY H 222 0.24 28.53 16.81
N ALA H 223 1.24 29.43 16.88
CA ALA H 223 2.26 29.33 17.92
C ALA H 223 1.69 29.58 19.30
N ALA H 224 0.62 30.38 19.42
CA ALA H 224 0.01 30.68 20.70
C ALA H 224 -1.38 30.07 20.83
N CYS H 225 -1.66 29.02 20.06
CA CYS H 225 -2.98 28.39 20.05
CA CYS H 225 -2.98 28.40 20.04
C CYS H 225 -2.93 27.05 20.75
N THR H 226 -3.98 26.75 21.50
CA THR H 226 -4.10 25.48 22.20
C THR H 226 -5.40 24.76 21.87
N SER H 227 -6.15 25.21 20.85
CA SER H 227 -7.40 24.55 20.49
C SER H 227 -7.21 23.07 20.17
N ARG H 228 -6.08 22.71 19.59
CA ARG H 228 -5.85 21.30 19.28
C ARG H 228 -5.74 20.46 20.55
N GLY H 229 -5.18 21.02 21.61
CA GLY H 229 -5.09 20.32 22.88
C GLY H 229 -6.40 20.35 23.65
N VAL H 230 -7.13 21.45 23.54
CA VAL H 230 -8.38 21.60 24.28
C VAL H 230 -9.50 20.81 23.63
N LEU H 231 -9.55 20.79 22.29
CA LEU H 231 -10.66 20.21 21.57
C LEU H 231 -10.29 18.98 20.75
N GLY H 232 -9.02 18.80 20.43
CA GLY H 232 -8.61 17.70 19.57
C GLY H 232 -8.93 17.89 18.11
N VAL H 233 -9.30 19.10 17.70
CA VAL H 233 -9.74 19.39 16.35
C VAL H 233 -8.59 20.00 15.56
N GLY H 234 -8.43 19.57 14.31
CA GLY H 234 -7.46 20.16 13.43
C GLY H 234 -7.01 19.26 12.30
N VAL H 235 -6.59 19.88 11.20
CA VAL H 235 -5.97 19.18 10.09
C VAL H 235 -4.65 19.87 9.76
N PRO H 236 -3.51 19.16 9.73
CA PRO H 236 -2.24 19.81 9.42
C PRO H 236 -2.31 20.63 8.13
N GLN H 237 -1.47 21.66 8.06
CA GLN H 237 -1.68 22.72 7.08
C GLN H 237 -1.52 22.26 5.64
N PRO H 238 -0.43 21.59 5.26
CA PRO H 238 -0.31 21.17 3.84
C PRO H 238 -1.55 20.47 3.30
N THR H 239 -2.09 19.52 4.06
CA THR H 239 -3.29 18.81 3.61
C THR H 239 -4.49 19.75 3.54
N ALA H 240 -4.68 20.56 4.58
CA ALA H 240 -5.81 21.50 4.58
C ALA H 240 -5.70 22.48 3.43
N ILE H 241 -4.51 23.04 3.21
CA ILE H 241 -4.32 24.02 2.14
C ILE H 241 -4.65 23.39 0.79
N ALA H 242 -4.12 22.19 0.54
CA ALA H 242 -4.33 21.54 -0.74
C ALA H 242 -5.80 21.25 -0.98
N ASP H 243 -6.50 20.74 0.05
CA ASP H 243 -7.92 20.47 -0.10
C ASP H 243 -8.70 21.73 -0.44
N CYS H 244 -8.37 22.85 0.21
CA CYS H 244 -9.09 24.08 -0.04
C CYS H 244 -8.65 24.74 -1.34
N ALA H 245 -7.39 24.57 -1.75
CA ALA H 245 -6.98 25.01 -3.08
C ALA H 245 -7.71 24.23 -4.17
N ALA H 246 -7.99 22.95 -3.94
CA ALA H 246 -8.77 22.18 -4.91
C ALA H 246 -10.18 22.75 -5.05
N ALA H 247 -10.79 23.16 -3.93
CA ALA H 247 -12.10 23.80 -3.98
C ALA H 247 -12.05 25.09 -4.78
N ARG H 248 -11.01 25.90 -4.56
CA ARG H 248 -10.83 27.12 -5.35
C ARG H 248 -10.82 26.80 -6.84
N ASP H 249 -10.05 25.78 -7.23
CA ASP H 249 -9.92 25.47 -8.65
C ASP H 249 -11.23 24.96 -9.24
N ASP H 250 -12.00 24.19 -8.47
CA ASP H 250 -13.29 23.73 -8.94
C ASP H 250 -14.29 24.88 -9.00
N TYR H 251 -14.27 25.76 -8.00
CA TYR H 251 -15.15 26.93 -8.03
C TYR H 251 -14.79 27.85 -9.19
N LEU H 252 -13.49 28.00 -9.48
CA LEU H 252 -13.08 28.80 -10.63
C LEU H 252 -13.65 28.24 -11.93
N GLN H 253 -13.55 26.93 -12.11
CA GLN H 253 -14.11 26.30 -13.29
C GLN H 253 -15.62 26.50 -13.36
N GLU H 254 -16.29 26.39 -12.21
CA GLU H 254 -17.74 26.49 -12.20
C GLU H 254 -18.21 27.89 -12.56
N THR H 255 -17.57 28.91 -11.98
CA THR H 255 -18.08 30.27 -12.05
C THR H 255 -17.16 31.25 -12.75
N GLY H 256 -15.88 30.93 -12.90
CA GLY H 256 -14.94 31.89 -13.42
C GLY H 256 -14.41 32.88 -12.40
N ARG H 257 -14.81 32.76 -11.14
CA ARG H 257 -14.37 33.65 -10.08
C ARG H 257 -13.23 32.99 -9.30
N TYR H 258 -12.16 33.74 -9.07
CA TYR H 258 -10.98 33.25 -8.37
C TYR H 258 -11.04 33.68 -6.91
N VAL H 259 -11.03 32.72 -6.00
CA VAL H 259 -11.09 33.00 -4.57
C VAL H 259 -9.78 32.58 -3.91
N PRO H 260 -8.90 33.52 -3.59
CA PRO H 260 -7.59 33.13 -3.04
C PRO H 260 -7.71 32.35 -1.74
N VAL H 261 -6.77 31.44 -1.55
CA VAL H 261 -6.68 30.61 -0.36
C VAL H 261 -5.54 31.13 0.50
N ILE H 262 -5.84 31.43 1.76
CA ILE H 262 -4.87 32.01 2.69
C ILE H 262 -4.54 30.95 3.74
N ALA H 263 -3.27 30.53 3.78
CA ALA H 263 -2.80 29.61 4.81
C ALA H 263 -2.54 30.40 6.09
N ASP H 264 -3.24 30.05 7.16
CA ASP H 264 -3.29 30.86 8.37
C ASP H 264 -2.64 30.11 9.54
N GLY H 265 -1.46 30.55 9.93
CA GLY H 265 -0.90 30.18 11.22
C GLY H 265 0.15 29.08 11.12
N GLY H 266 0.92 28.96 12.20
CA GLY H 266 1.92 27.92 12.30
C GLY H 266 3.20 28.16 11.54
N ILE H 267 3.39 29.36 11.02
CA ILE H 267 4.53 29.70 10.18
C ILE H 267 5.55 30.43 11.06
N ILE H 268 6.79 29.97 11.03
CA ILE H 268 7.88 30.60 11.79
C ILE H 268 8.92 31.21 10.86
N THR H 269 9.26 30.50 9.79
CA THR H 269 10.36 30.86 8.91
C THR H 269 9.86 31.08 7.48
N GLY H 270 10.71 31.68 6.66
CA GLY H 270 10.42 31.77 5.24
C GLY H 270 10.20 30.42 4.60
N GLY H 271 10.92 29.40 5.06
CA GLY H 271 10.71 28.06 4.53
C GLY H 271 9.31 27.56 4.79
N ASP H 272 8.77 27.85 5.96
CA ASP H 272 7.38 27.48 6.26
C ASP H 272 6.42 28.17 5.29
N ILE H 273 6.68 29.44 4.97
CA ILE H 273 5.83 30.15 4.01
C ILE H 273 5.87 29.44 2.66
N CYS H 274 7.08 29.15 2.17
CA CYS H 274 7.23 28.55 0.85
C CYS H 274 6.53 27.20 0.79
N LYS H 275 6.64 26.40 1.84
CA LYS H 275 5.94 25.12 1.85
C LYS H 275 4.44 25.30 1.72
N CYS H 276 3.88 26.32 2.37
CA CYS H 276 2.44 26.55 2.30
C CYS H 276 2.02 26.98 0.90
N ILE H 277 2.78 27.85 0.24
CA ILE H 277 2.46 28.24 -1.12
C ILE H 277 2.52 27.03 -2.05
N ALA H 278 3.55 26.19 -1.89
CA ALA H 278 3.70 25.02 -2.75
C ALA H 278 2.51 24.10 -2.68
N CYS H 279 1.81 24.08 -1.55
CA CYS H 279 0.64 23.24 -1.37
C CYS H 279 -0.64 23.89 -1.88
N GLY H 280 -0.56 25.13 -2.36
CA GLY H 280 -1.70 25.76 -3.01
C GLY H 280 -2.08 27.13 -2.50
N ALA H 281 -1.44 27.62 -1.45
CA ALA H 281 -1.82 28.90 -0.87
C ALA H 281 -1.45 30.05 -1.80
N ASP H 282 -2.36 31.02 -1.90
CA ASP H 282 -2.09 32.27 -2.61
C ASP H 282 -1.42 33.31 -1.73
N ALA H 283 -1.58 33.19 -0.41
CA ALA H 283 -0.96 34.09 0.55
C ALA H 283 -0.98 33.40 1.90
N VAL H 284 -0.27 33.98 2.86
CA VAL H 284 -0.22 33.44 4.21
C VAL H 284 -0.62 34.53 5.20
N MET H 285 -1.27 34.11 6.28
CA MET H 285 -1.54 34.96 7.44
C MET H 285 -0.68 34.46 8.59
N ILE H 286 0.14 35.34 9.14
CA ILE H 286 1.09 34.97 10.19
C ILE H 286 0.98 35.95 11.34
N GLY H 287 1.21 35.44 12.54
CA GLY H 287 1.16 36.26 13.74
C GLY H 287 2.47 36.33 14.49
N SER H 288 2.98 35.19 14.94
CA SER H 288 4.17 35.19 15.79
C SER H 288 5.38 35.82 15.12
N PRO H 289 5.64 35.61 13.83
CA PRO H 289 6.83 36.24 13.22
C PRO H 289 6.78 37.76 13.25
N ILE H 290 5.58 38.34 13.23
CA ILE H 290 5.44 39.80 13.23
C ILE H 290 5.35 40.33 14.66
N ALA H 291 4.87 39.53 15.61
CA ALA H 291 4.92 39.93 17.00
C ALA H 291 6.35 40.17 17.48
N ARG H 292 7.34 39.67 16.73
CA ARG H 292 8.74 39.88 17.06
C ARG H 292 9.26 41.22 16.54
N ALA H 293 8.41 42.04 15.93
CA ALA H 293 8.83 43.33 15.42
C ALA H 293 8.95 44.35 16.55
N ALA H 294 9.90 45.27 16.37
CA ALA H 294 10.06 46.34 17.35
C ALA H 294 8.78 47.13 17.53
N GLU H 295 7.98 47.28 16.48
CA GLU H 295 6.74 48.04 16.53
C GLU H 295 5.54 47.21 17.00
N ALA H 296 5.73 45.94 17.31
CA ALA H 296 4.60 45.09 17.66
C ALA H 296 4.00 45.51 19.00
N PRO H 297 2.67 45.60 19.11
CA PRO H 297 2.07 46.00 20.39
C PRO H 297 2.28 44.99 21.51
N GLY H 298 2.70 43.76 21.20
CA GLY H 298 2.88 42.74 22.21
C GLY H 298 4.07 42.93 23.11
N ARG H 299 4.95 43.87 22.80
CA ARG H 299 6.14 44.14 23.62
C ARG H 299 6.98 42.89 23.78
N GLY H 300 7.06 42.08 22.73
CA GLY H 300 7.80 40.84 22.77
C GLY H 300 7.00 39.62 23.16
N PHE H 301 5.72 39.79 23.51
CA PHE H 301 4.83 38.68 23.83
C PHE H 301 3.78 38.53 22.73
N HIS H 302 3.19 37.34 22.69
CA HIS H 302 2.25 36.95 21.64
C HIS H 302 1.25 35.98 22.25
N TRP H 303 -0.03 36.30 22.17
CA TRP H 303 -1.06 35.48 22.81
C TRP H 303 -2.22 35.23 21.88
N GLY H 304 -2.84 34.08 22.05
CA GLY H 304 -4.03 33.74 21.28
C GLY H 304 -5.24 34.51 21.74
N MET H 305 -6.10 34.84 20.79
CA MET H 305 -7.28 35.64 21.08
C MET H 305 -8.38 34.85 21.74
N ALA H 306 -8.20 33.55 21.94
CA ALA H 306 -9.09 32.75 22.76
C ALA H 306 -8.55 32.53 24.16
N THR H 307 -7.33 32.99 24.43
CA THR H 307 -6.82 32.97 25.80
C THR H 307 -7.75 33.67 26.78
N PRO H 308 -8.36 34.81 26.45
CA PRO H 308 -9.21 35.52 27.43
C PRO H 308 -10.58 34.90 27.66
N SER H 309 -10.88 33.75 27.07
CA SER H 309 -12.19 33.13 27.26
C SER H 309 -12.49 33.00 28.76
N PRO H 310 -13.63 33.52 29.23
CA PRO H 310 -13.91 33.42 30.68
C PRO H 310 -14.21 32.00 31.15
N VAL H 311 -14.48 31.07 30.24
CA VAL H 311 -14.89 29.72 30.64
C VAL H 311 -13.91 28.66 30.16
N LEU H 312 -13.29 28.87 29.01
CA LEU H 312 -12.44 27.84 28.39
C LEU H 312 -11.40 28.49 27.51
N PRO H 313 -10.27 28.91 28.09
CA PRO H 313 -9.18 29.45 27.27
C PRO H 313 -8.70 28.43 26.24
N ARG H 314 -8.54 28.90 24.99
CA ARG H 314 -7.99 28.08 23.92
C ARG H 314 -6.76 28.71 23.29
N GLY H 315 -6.07 29.57 24.05
CA GLY H 315 -4.80 30.12 23.63
C GLY H 315 -3.93 30.31 24.85
N THR H 316 -2.68 30.70 24.59
CA THR H 316 -1.71 30.96 25.64
C THR H 316 -0.91 32.21 25.26
N ARG H 317 -0.10 32.69 26.21
CA ARG H 317 0.79 33.81 25.98
C ARG H 317 2.22 33.29 25.94
N ILE H 318 2.90 33.47 24.82
CA ILE H 318 4.27 33.02 24.68
C ILE H 318 5.19 34.24 24.61
N ASN H 319 6.46 34.02 24.93
CA ASN H 319 7.48 35.05 24.83
C ASN H 319 8.23 34.83 23.52
N VAL H 320 7.95 35.67 22.52
CA VAL H 320 8.62 35.55 21.23
C VAL H 320 9.82 36.47 21.10
N GLY H 321 9.96 37.46 21.98
CA GLY H 321 11.07 38.38 21.92
C GLY H 321 10.89 39.40 20.81
N THR H 322 11.94 40.21 20.62
CA THR H 322 11.97 41.27 19.63
C THR H 322 13.28 41.17 18.86
N THR H 323 13.20 40.89 17.57
CA THR H 323 14.37 40.58 16.78
C THR H 323 14.73 41.63 15.75
N GLY H 324 13.84 42.57 15.46
CA GLY H 324 14.13 43.59 14.49
C GLY H 324 12.89 44.40 14.18
N THR H 325 13.06 45.34 13.25
CA THR H 325 11.93 46.14 12.79
C THR H 325 11.07 45.29 11.86
N ILE H 326 9.82 45.71 11.70
CA ILE H 326 8.93 44.99 10.80
C ILE H 326 9.46 45.05 9.38
N ARG H 327 10.16 46.14 9.04
CA ARG H 327 10.85 46.23 7.75
C ARG H 327 11.86 45.10 7.60
N GLU H 328 12.75 44.96 8.59
CA GLU H 328 13.76 43.90 8.53
C GLU H 328 13.11 42.53 8.44
N ILE H 329 12.02 42.32 9.19
CA ILE H 329 11.37 41.02 9.20
C ILE H 329 10.80 40.69 7.82
N LEU H 330 10.22 41.68 7.15
CA LEU H 330 9.54 41.41 5.90
C LEU H 330 10.47 41.50 4.68
N VAL H 331 11.32 42.54 4.61
CA VAL H 331 12.14 42.77 3.43
C VAL H 331 13.62 42.91 3.76
N GLY H 332 14.02 42.73 5.02
CA GLY H 332 15.41 42.72 5.38
C GLY H 332 16.03 44.12 5.37
N PRO H 333 17.37 44.18 5.36
CA PRO H 333 18.31 43.05 5.36
C PRO H 333 18.20 42.17 6.60
N ALA H 334 18.44 40.88 6.46
CA ALA H 334 18.30 39.94 7.57
C ALA H 334 19.58 39.93 8.42
N LYS H 335 19.41 40.11 9.73
CA LYS H 335 20.52 40.00 10.66
C LYS H 335 20.67 38.60 11.24
N LEU H 336 19.74 37.69 10.96
CA LEU H 336 19.69 36.40 11.62
C LEU H 336 19.99 35.26 10.65
N ASP H 337 20.28 34.10 11.23
CA ASP H 337 20.68 32.92 10.49
C ASP H 337 19.56 31.90 10.31
N ASP H 338 18.36 32.21 10.76
CA ASP H 338 17.31 31.20 10.91
C ASP H 338 16.12 31.40 9.99
N GLY H 339 16.20 32.35 9.06
CA GLY H 339 15.12 32.54 8.11
C GLY H 339 13.88 33.19 8.68
N THR H 340 13.98 33.86 9.82
CA THR H 340 12.86 34.58 10.40
C THR H 340 12.85 36.05 10.02
N HIS H 341 13.87 36.52 9.32
CA HIS H 341 13.93 37.88 8.78
C HIS H 341 13.94 37.82 7.25
N ASN H 342 13.65 38.98 6.65
CA ASN H 342 13.55 39.12 5.20
C ASN H 342 12.72 37.99 4.59
N LEU H 343 11.50 37.87 5.10
CA LEU H 343 10.60 36.81 4.65
C LEU H 343 10.34 36.91 3.15
N LEU H 344 10.16 38.12 2.64
CA LEU H 344 9.95 38.27 1.20
C LEU H 344 11.18 37.81 0.42
N GLY H 345 12.37 38.18 0.88
CA GLY H 345 13.58 37.72 0.22
C GLY H 345 13.72 36.21 0.22
N ALA H 346 13.26 35.57 1.31
CA ALA H 346 13.28 34.12 1.37
C ALA H 346 12.34 33.52 0.33
N ILE H 347 11.14 34.09 0.19
CA ILE H 347 10.19 33.57 -0.79
C ILE H 347 10.78 33.66 -2.19
N LYS H 348 11.29 34.85 -2.57
CA LYS H 348 11.81 35.02 -3.92
C LYS H 348 13.05 34.16 -4.14
N THR H 349 13.91 34.05 -3.13
CA THR H 349 15.09 33.19 -3.25
C THR H 349 14.69 31.73 -3.42
N SER H 350 13.71 31.28 -2.62
CA SER H 350 13.22 29.92 -2.74
C SER H 350 12.62 29.68 -4.12
N MET H 351 11.73 30.57 -4.56
CA MET H 351 11.19 30.48 -5.91
C MET H 351 12.30 30.41 -6.95
N GLY H 352 13.38 31.17 -6.73
CA GLY H 352 14.50 31.13 -7.65
C GLY H 352 15.12 29.75 -7.77
N THR H 353 15.39 29.12 -6.62
CA THR H 353 16.01 27.79 -6.64
C THR H 353 15.10 26.77 -7.30
N LEU H 354 13.80 27.01 -7.28
CA LEU H 354 12.81 26.06 -7.81
C LEU H 354 12.38 26.38 -9.23
N GLY H 355 12.76 27.52 -9.78
CA GLY H 355 12.35 27.89 -11.12
C GLY H 355 10.93 28.38 -11.23
N ALA H 356 10.35 28.89 -10.14
CA ALA H 356 8.98 29.37 -10.14
C ALA H 356 8.98 30.87 -10.41
N LYS H 357 8.43 31.26 -11.56
CA LYS H 357 8.42 32.67 -11.94
C LYS H 357 7.39 33.47 -11.15
N ASP H 358 6.30 32.84 -10.74
CA ASP H 358 5.25 33.54 -9.99
C ASP H 358 4.62 32.58 -9.00
N MET H 359 3.67 33.11 -8.23
CA MET H 359 3.09 32.32 -7.15
C MET H 359 2.35 31.09 -7.68
N LYS H 360 1.66 31.22 -8.81
CA LYS H 360 0.96 30.08 -9.39
C LYS H 360 1.94 28.97 -9.78
N GLU H 361 3.10 29.35 -10.34
CA GLU H 361 4.12 28.35 -10.63
C GLU H 361 4.69 27.75 -9.34
N MET H 362 4.81 28.55 -8.27
CA MET H 362 5.26 28.03 -6.99
C MET H 362 4.27 26.98 -6.46
N GLN H 363 2.99 27.18 -6.71
CA GLN H 363 1.99 26.19 -6.28
C GLN H 363 2.11 24.86 -7.02
N GLN H 364 2.90 24.80 -8.08
CA GLN H 364 3.06 23.59 -8.87
C GLN H 364 4.37 22.85 -8.59
N VAL H 365 5.19 23.33 -7.65
CA VAL H 365 6.51 22.73 -7.43
C VAL H 365 6.33 21.33 -6.84
N ASP H 366 7.27 20.44 -7.18
CA ASP H 366 7.20 19.08 -6.65
C ASP H 366 7.54 19.06 -5.17
N VAL H 367 6.86 18.17 -4.43
CA VAL H 367 6.98 18.09 -2.98
C VAL H 367 7.37 16.66 -2.61
N VAL H 368 8.21 16.53 -1.58
CA VAL H 368 8.54 15.23 -1.00
C VAL H 368 8.05 15.19 0.44
N ILE H 369 7.65 13.99 0.87
CA ILE H 369 7.45 13.70 2.28
C ILE H 369 8.83 13.40 2.86
N ALA H 370 9.33 14.29 3.72
CA ALA H 370 10.73 14.24 4.15
C ALA H 370 10.84 14.76 5.58
N PRO H 371 10.42 13.95 6.56
CA PRO H 371 10.62 14.35 7.96
C PRO H 371 12.08 14.63 8.30
N SER H 372 13.02 14.03 7.58
CA SER H 372 14.44 14.24 7.86
C SER H 372 14.94 15.60 7.39
N LEU H 373 14.11 16.38 6.69
CA LEU H 373 14.53 17.71 6.26
C LEU H 373 15.02 18.54 7.44
N LEU H 374 14.37 18.41 8.59
CA LEU H 374 14.67 19.25 9.74
C LEU H 374 15.62 18.60 10.73
N THR H 375 16.06 17.37 10.47
CA THR H 375 16.95 16.66 11.39
C THR H 375 18.29 16.31 10.78
N GLU H 376 18.33 15.99 9.48
CA GLU H 376 19.57 15.56 8.85
C GLU H 376 20.69 16.54 9.10
N GLY H 377 21.72 16.08 9.81
CA GLY H 377 22.92 16.85 10.03
C GLY H 377 22.83 17.99 11.02
N LYS H 378 21.69 18.15 11.69
CA LYS H 378 21.45 19.35 12.51
C LYS H 378 21.75 19.12 13.99
N VAL H 379 22.58 18.13 14.32
CA VAL H 379 22.84 17.83 15.73
C VAL H 379 23.47 19.02 16.44
N TYR H 380 24.45 19.68 15.81
CA TYR H 380 25.08 20.83 16.45
C TYR H 380 24.10 21.98 16.59
N GLN H 381 23.34 22.28 15.52
CA GLN H 381 22.39 23.38 15.57
C GLN H 381 21.36 23.19 16.67
N LYS H 382 20.86 21.96 16.83
CA LYS H 382 19.89 21.69 17.89
C LYS H 382 20.53 21.85 19.26
N ALA H 383 21.72 21.29 19.46
CA ALA H 383 22.35 21.33 20.77
C ALA H 383 22.74 22.75 21.17
N GLN H 384 23.19 23.55 20.21
CA GLN H 384 23.66 24.90 20.49
C GLN H 384 22.62 25.97 20.22
N GLN H 385 21.40 25.59 19.86
CA GLN H 385 20.30 26.51 19.60
C GLN H 385 20.73 27.59 18.60
N LEU H 386 21.22 27.14 17.46
CA LEU H 386 21.63 28.03 16.38
C LEU H 386 20.92 27.63 15.09
N GLY H 387 20.75 28.60 14.21
CA GLY H 387 20.13 28.35 12.92
C GLY H 387 18.77 27.69 13.04
N MET H 388 18.63 26.49 12.47
CA MET H 388 17.34 25.80 12.48
C MET H 388 17.01 25.22 13.84
N GLY H 389 17.91 25.26 14.81
CA GLY H 389 17.65 24.73 16.13
C GLY H 389 17.21 25.75 17.16
N LYS H 390 16.85 26.96 16.76
CA LYS H 390 16.48 27.98 17.75
C LYS H 390 15.02 27.80 18.15
#